data_6KOO
#
_entry.id   6KOO
#
_cell.length_a   125.033
_cell.length_b   162.314
_cell.length_c   128.482
_cell.angle_alpha   90.000
_cell.angle_beta   117.030
_cell.angle_gamma   90.000
#
_symmetry.space_group_name_H-M   'P 1 21 1'
#
loop_
_entity.id
_entity.type
_entity.pdbx_description
1 polymer 'DNA-directed RNA polymerase subunit alpha'
2 polymer 'DNA-directed RNA polymerase subunit beta'
3 polymer "DNA-directed RNA polymerase subunit beta'"
4 polymer 'DNA-directed RNA polymerase subunit omega'
5 polymer 'ECF RNA polymerase sigma factor SigH'
6 polymer "DNA (5'-D(*TP*TP*GP*TP*GP*GP*GP*AP*GP*CP*TP*GP*TP*CP*AP*CP*GP*GP*AP*TP*GP*CP*A)-3')"
7 polymer "DNA (5'-D(*TP*GP*CP*AP*TP*CP*CP*GP*TP*GP*AP*GP*TP*CP*GP*AP*GP*GP*GP*TP*G)-3')"
8 polymer "RNA (5'-R(*CP*CP*CP*UP*CP*GP*A)-3')"
9 non-polymer 'ZINC ION'
10 non-polymer 'MAGNESIUM ION'
11 water water
#
loop_
_entity_poly.entity_id
_entity_poly.type
_entity_poly.pdbx_seq_one_letter_code
_entity_poly.pdbx_strand_id
1 'polypeptide(L)'
;MGHHHHHHHHHHSSGHIEGRHMLISQRPTLSEDVLTDNRSQFVIEPLEPGFGYTLGNSLRRTLLSSIPGAAVTSIRIDGV
LHEFTTVPGVKEDVTEIILNLKSLVVSSEEDEPVTMYLRKQGPGEVTAGDIVPPAGVTVHNPGMHIATLNDKGKLEVELV
VERGRGYVPAVQNRASGAEIGRIPVDSIYSPVLKVTYKVDATRVEQRTDFDKLILDVETKNSISPRDALASAGKTLVELF
GLARELNVEAEGIEIGPSPAEADHIASFALPIDDLDLTVRSYNCLKREGVHTVGELVARTESDLLDIRNFGQKSIDEVKI
KLHQLGLSLKDSPPSFDPSEVAGYDVATGTWSTEGAYDEQDYAETEQL
;
A,B
2 'polypeptide(L)'
;MVLADSRQSKTAASPSPSRPQSSSNNSVPGAPNRVSFAKLREPLEVPGLLDVQTDSFEWLIGSPRWRESAAERGDVNPVG
GLEEVLYELSPIEDFSGSMSLSFSDPRFDDVKAPVDECKDKDMTYAAPLFVTAEFINNNTGEIKSQTVFMGDFPMMTEKG
TFIINGTERVVVSQLVRSPGVYFDETIDKSTDKTLHSVKVIPSRGAWLEFDVDKRDTVGVRIDRKRRQPVTVLLKALGWT
SEQIVERFGFSEIMRSTLEKDNTVGTDEALLDIYRKLRPGEPPTKESAQTLLENLFFKEKRYDLARVGRYKVNKKLGLHV
GEPITSSTLTEEDVVATIEYLVRLHEGQTTMTVPGGVEVPVETDDIDHFGNRRLRTVGELIQNQIRVGMSRMERVVRERM
TTQDVEAITPQTLINIRPVVAAIKEFFGTSQLSQFMDQNNPLSGLTHKRRLSALGPGGLSRERAGLEVRDVHPSHYGRMC
PIETPEGPNIGLIGSLSVYARVNPFGFIETPYRKVVDGVVSDEIVYLTADEEDRHVVAQANSPIDADGRFVEPRVLVRRK
AGEVEYVPSSEVDYMDVSPRQMVSVATAMIPFLEHDDANRALMGANMQRQAVPLVRSEAPLVGTGMELRAAIDAGDVVVA
EESGVIEEVSADYITVMHDNGTRRTYRMRKFARSNHGTCANQCPIVDAGDRVEAGQVIADGPCTDDGEMALGKNLLVAIM
PWEGHNYEDAIILSNRLVEEDVLTSIHIEEHEIDARDTKLGAEEITRDIPNISDEVLADLDERGIVRIGAEVRDGDILVG
KVTPKGETELTPEERLLRAIFGEKAREVRDTSLKVPHGESGKVIGIRVFSREDEDELPAGVNELVRVYVAQKRKISDGDK
LAGRHGNKGVIGKILPVEDMPFLADGTPVDIILNTHGVPRRMNIGQILETHLGWCAHSGWKVDAAKGVPDWAARLPDELL
EAQPNAIVSTPVFDGAQEAELQGLLSCTLPNRDGDVLVDADGKAMLFDGRSGEPFPYPVTVGYMYIMKLHHLVDDKIHAR
STGPYSMITQQPLGGKAQFGGQRFGEMECWAMQAYGAAYTLQELLTIKSDDTVGRVKVYEAIVKGENIPEPGIPESFKVL
LKELQSLCLNVEVLSSDGAAIELREGEDEDLERAAANLGINLSRNESASVEDLA
;
C
3 'polypeptide(L)'
;MVLDVNFFDELRIGLATAEDIRQWSYGEVKKPETINYRTLKPEKDGLFCEKIFGPTRDWECYCGKYKRVRFKGIICERCG
VEVTRAKVRRERMGHIELAAPVTHIWYFKGVPSRLGYLLDLAPKDLEKIIYFAAYVITSVDEEMRHNELSTLEAEMAVER
KAVEDQRDGELEARAQKLEADLAELEAEGAKADARRKVRDGGEREMRQIRDRAQRELDRLEDIWSTFTKLAPKQLIVDEN
LYRELVDRYGEYFTGAMGAESIQKLIENFDIDAEAESLRDVIRNGKGQKKLRALKRLKVVAAFQQSGNSPMGMVLDAVPV
IPPELRPMVQLDGGRFATSDLNDLYRRVINRNNRLKRLIDLGAPEIIVNNEKRMLQESVDALFDNGRRGRPVTGPGNRPL
KSLSDLLKGKQGRFRQNLLGKRVDYSGRSVIVVGPQLKLHQCGLPKLMALELFKPFVMKRLVDLNHAQNIKSAKRMVERQ
RPQVWDVLEEVIAEHPVLLNRAPTLHRLGIQAFEPMLVEGKAIQLHPLVCEAFNADFDGDQMAVHLPLSAEAQAEARILM
LSSNNILSPASGRPLAMPRLDMVTGLYYLTTEVPGDTGEYQPASGDHPETGVYSSPAEAIMAADRGVLSVRAKIKVRLTQ
LRPPVEIEAELFGHSGWQPGDAWMAETTLGRVMFNELLPLGYPFVNKQMHKKVQAAIINDLAERYPMIVVAQTVDKLKDA
GFYWATRSGVTVSMADVLVPPRKKEILDHYEERADKVEKQFQRGALNHDERNEALVEIWKEATDEVGQALREHYPDDNPI
ITIVDSGATGNFTQTRTLAGMKGLVTNPKGEFIPRPVKSSFREGLTVLEYFINTHGARKGLADTALRTADSGYLTRRLVD
VSQDVIVREHDCQTERGIVVELAERAPDGTLIRDPYIETSAYARTLGTDAVDEAGNVIVERGQDLGDPEIDALLAAGITQ
VKVRSVLTCATSTGVCATCYGRSMATGKLVDIGEAVGIVAAQSIGEPGTQLTMRTFHQGGVGEDITGGLPRVQELFEARV
PRGKAPIADVTGRVRLEDGERFYKITIVPDDGGEEVVYDKISKRQRLRVFKHEDGSERVLSDGDHVEVGQQLMEGSADPH
EVLRVQGPREVQIHLVREVQEVYRAQGVSIHDKHIEVIVRQMLRRVTIIDSGSTEFLPGSLIDRAEFEAENRRVVAEGGE
PAAGRPVLMGITKASLATDSWLSAASFQETTRVLTDAAINCRSDKLNGLKENVIIGKLIPAGTGINRYRNIAVQPTEEAR
AAAYTIPSYEDQYYSPDFGAATGAAVPLDDYGYSDYR
;
D
4 'polypeptide(L)'
;MSISQSDASLAAVPAVDQFDPSSGASGGYDTPLGITNPPIDELLDRVSSKYALVIYAAKRARQINDYYNQLGEGILEYVG
PLVEPGLQEKPLSIALREIHADLLEHTEGE
;
E
5 'polypeptide(L)'
;GAMADIDGVTGSAGLQPGPSEETDEELTARFERDAIPLLDQLYGGALRMTRNPADAEDLLQETMVKAYAGFRSFRHGTNL
KAWLYRILTNTYINSYRKKQRQPAEYPTEQITDWQLASNAEHSSTGLRSAEVEALEALPDTEIKEALQALPEEFRMAVYY
ADVEGFPYKEIAEIMDTPIGTVMSRLHRGRRQLRGLLADVARDRGFARGEQAHEGVSS
;
F
6 'polydeoxyribonucleotide'
;(DT)(DT)(DG)(DT)(DG)(DG)(DG)(DA)(DG)(DC)(DT)(DG)(DT)(DC)(DA)(DC)(DG)(DG)(DA)(DT)
(DG)(DC)(DA)
;
G
7 'polydeoxyribonucleotide'
;(DT)(DG)(DC)(DA)(DT)(DC)(DC)(DG)(DT)(DG)(DA)(DG)(DT)(DC)(DG)(DA)(DG)(DG)(DG)(DT)
(DG)
;
H
8 'polyribonucleotide' CCCUCGA I
#
loop_
_chem_comp.id
_chem_comp.type
_chem_comp.name
_chem_comp.formula
A RNA linking ADENOSINE-5'-MONOPHOSPHATE 'C10 H14 N5 O7 P'
C RNA linking CYTIDINE-5'-MONOPHOSPHATE 'C9 H14 N3 O8 P'
DA DNA linking 2'-DEOXYADENOSINE-5'-MONOPHOSPHATE 'C10 H14 N5 O6 P'
DC DNA linking 2'-DEOXYCYTIDINE-5'-MONOPHOSPHATE 'C9 H14 N3 O7 P'
DG DNA linking 2'-DEOXYGUANOSINE-5'-MONOPHOSPHATE 'C10 H14 N5 O7 P'
DT DNA linking THYMIDINE-5'-MONOPHOSPHATE 'C10 H15 N2 O8 P'
G RNA linking GUANOSINE-5'-MONOPHOSPHATE 'C10 H14 N5 O8 P'
MG non-polymer 'MAGNESIUM ION' 'Mg 2'
U RNA linking URIDINE-5'-MONOPHOSPHATE 'C9 H13 N2 O9 P'
ZN non-polymer 'ZINC ION' 'Zn 2'
#
# COMPACT_ATOMS: atom_id res chain seq x y z
N SER A 25 33.15 56.68 -21.35
CA SER A 25 32.93 55.86 -20.15
C SER A 25 33.23 56.65 -18.88
N GLN A 26 32.18 56.90 -18.10
CA GLN A 26 32.31 57.51 -16.79
C GLN A 26 32.43 56.43 -15.72
N ARG A 27 33.31 56.66 -14.75
CA ARG A 27 33.47 55.70 -13.66
C ARG A 27 32.18 55.61 -12.85
N PRO A 28 31.81 54.43 -12.38
CA PRO A 28 30.55 54.30 -11.62
C PRO A 28 30.72 54.76 -10.18
N THR A 29 29.67 55.40 -9.65
CA THR A 29 29.67 55.86 -8.27
C THR A 29 28.54 55.20 -7.50
N LEU A 30 28.78 55.06 -6.20
CA LEU A 30 27.83 54.54 -5.23
C LEU A 30 27.54 55.63 -4.21
N SER A 31 26.25 55.98 -4.07
CA SER A 31 25.81 57.07 -3.20
C SER A 31 24.72 56.55 -2.27
N GLU A 32 24.93 56.73 -0.96
CA GLU A 32 23.98 56.27 0.03
C GLU A 32 22.84 57.28 0.22
N ASP A 33 21.74 56.80 0.78
CA ASP A 33 20.55 57.62 1.01
C ASP A 33 19.82 56.99 2.20
N VAL A 34 19.95 57.62 3.37
CA VAL A 34 19.36 57.06 4.58
C VAL A 34 17.85 57.24 4.54
N LEU A 35 17.11 56.16 4.86
CA LEU A 35 15.67 56.21 5.01
C LEU A 35 15.24 56.22 6.48
N THR A 36 15.75 55.27 7.26
CA THR A 36 15.61 55.23 8.71
C THR A 36 16.96 54.87 9.29
N ASP A 37 17.01 54.71 10.61
CA ASP A 37 18.28 54.38 11.26
C ASP A 37 18.79 53.01 10.86
N ASN A 38 17.90 52.15 10.35
CA ASN A 38 18.27 50.80 9.98
C ASN A 38 17.87 50.48 8.54
N ARG A 39 17.72 51.49 7.70
CA ARG A 39 17.40 51.26 6.29
C ARG A 39 18.08 52.31 5.43
N SER A 40 18.70 51.88 4.35
CA SER A 40 19.34 52.79 3.42
C SER A 40 19.18 52.29 1.98
N GLN A 41 19.00 53.22 1.06
CA GLN A 41 19.09 52.93 -0.36
C GLN A 41 20.47 53.32 -0.86
N PHE A 42 20.89 52.66 -1.92
CA PHE A 42 22.25 52.78 -2.43
C PHE A 42 22.17 52.86 -3.95
N VAL A 43 22.50 54.02 -4.52
CA VAL A 43 22.39 54.25 -5.94
C VAL A 43 23.76 54.05 -6.57
N ILE A 44 23.83 53.14 -7.53
CA ILE A 44 25.06 52.83 -8.25
C ILE A 44 24.82 53.13 -9.72
N GLU A 45 25.63 54.03 -10.27
CA GLU A 45 25.47 54.39 -11.68
C GLU A 45 26.71 55.11 -12.16
N PRO A 46 27.03 55.05 -13.47
CA PRO A 46 26.28 54.31 -14.49
C PRO A 46 26.74 52.86 -14.66
N LEU A 47 25.83 51.98 -15.02
CA LEU A 47 26.14 50.58 -15.24
C LEU A 47 25.78 50.20 -16.67
N GLU A 48 26.49 49.20 -17.19
CA GLU A 48 26.22 48.67 -18.52
C GLU A 48 24.74 48.28 -18.63
N PRO A 49 24.13 48.45 -19.80
CA PRO A 49 22.72 48.04 -19.95
C PRO A 49 22.56 46.54 -19.76
N GLY A 50 21.49 46.17 -19.05
CA GLY A 50 21.22 44.79 -18.69
C GLY A 50 22.01 44.26 -17.51
N PHE A 51 22.87 45.07 -16.91
CA PHE A 51 23.78 44.61 -15.88
C PHE A 51 23.31 44.92 -14.46
N GLY A 52 22.38 45.86 -14.29
CA GLY A 52 22.02 46.28 -12.95
C GLY A 52 21.45 45.15 -12.10
N TYR A 53 20.49 44.41 -12.66
CA TYR A 53 19.83 43.33 -11.91
C TYR A 53 20.83 42.35 -11.33
N THR A 54 21.79 41.91 -12.15
CA THR A 54 22.74 40.91 -11.68
C THR A 54 23.62 41.44 -10.56
N LEU A 55 24.04 42.70 -10.67
CA LEU A 55 24.89 43.29 -9.63
C LEU A 55 24.13 43.41 -8.31
N GLY A 56 22.93 44.00 -8.37
CA GLY A 56 22.10 44.07 -7.19
C GLY A 56 21.83 42.70 -6.58
N ASN A 57 21.66 41.68 -7.43
CA ASN A 57 21.37 40.36 -6.88
C ASN A 57 22.61 39.73 -6.25
N SER A 58 23.79 39.92 -6.84
CA SER A 58 25.00 39.45 -6.18
C SER A 58 25.12 40.06 -4.79
N LEU A 59 24.83 41.36 -4.69
CA LEU A 59 24.87 42.01 -3.39
C LEU A 59 23.80 41.45 -2.45
N ARG A 60 22.58 41.24 -2.95
CA ARG A 60 21.51 40.73 -2.10
C ARG A 60 21.82 39.33 -1.59
N ARG A 61 22.33 38.48 -2.47
CA ARG A 61 22.64 37.11 -2.07
C ARG A 61 23.79 37.07 -1.08
N THR A 62 24.74 37.99 -1.20
CA THR A 62 25.78 38.05 -0.18
C THR A 62 25.25 38.58 1.14
N LEU A 63 24.38 39.61 1.09
CA LEU A 63 23.88 40.23 2.31
C LEU A 63 23.01 39.28 3.10
N LEU A 64 22.10 38.57 2.43
CA LEU A 64 21.20 37.65 3.11
C LEU A 64 21.93 36.50 3.78
N SER A 65 23.13 36.17 3.33
CA SER A 65 23.76 34.93 3.73
C SER A 65 25.07 35.09 4.49
N SER A 66 25.88 36.12 4.21
CA SER A 66 27.27 36.09 4.64
C SER A 66 27.69 37.32 5.45
N ILE A 67 26.76 38.09 5.99
CA ILE A 67 27.07 39.25 6.83
C ILE A 67 27.28 38.75 8.25
N PRO A 68 28.44 38.97 8.86
CA PRO A 68 28.69 38.43 10.19
C PRO A 68 27.83 39.09 11.25
N GLY A 69 27.63 38.36 12.34
CA GLY A 69 26.84 38.85 13.44
C GLY A 69 27.19 38.14 14.72
N ALA A 70 26.34 38.32 15.72
CA ALA A 70 26.45 37.57 16.95
C ALA A 70 25.04 37.12 17.35
N ALA A 71 24.99 36.07 18.14
CA ALA A 71 23.72 35.52 18.58
C ALA A 71 23.99 34.57 19.74
N VAL A 72 22.93 34.06 20.31
CA VAL A 72 23.03 33.15 21.44
C VAL A 72 23.27 31.74 20.92
N THR A 73 24.19 31.03 21.56
CA THR A 73 24.56 29.65 21.26
C THR A 73 23.76 28.67 22.12
N SER A 74 23.80 28.84 23.44
CA SER A 74 23.14 27.92 24.36
C SER A 74 22.64 28.73 25.54
N ILE A 75 21.76 28.12 26.33
CA ILE A 75 21.29 28.73 27.57
C ILE A 75 21.22 27.65 28.64
N ARG A 76 21.24 28.11 29.89
CA ARG A 76 21.19 27.26 31.07
C ARG A 76 20.18 27.88 32.02
N ILE A 77 19.17 27.12 32.40
CA ILE A 77 18.13 27.62 33.29
C ILE A 77 18.22 26.85 34.60
N ASP A 78 17.89 27.53 35.69
CA ASP A 78 18.24 27.05 37.02
C ASP A 78 17.65 25.69 37.33
N GLY A 79 16.33 25.60 37.43
CA GLY A 79 15.78 24.33 37.84
C GLY A 79 15.55 23.31 36.75
N VAL A 80 15.96 23.60 35.52
CA VAL A 80 15.60 22.79 34.36
C VAL A 80 16.84 22.07 33.85
N LEU A 81 16.67 20.83 33.40
CA LEU A 81 17.73 20.03 32.81
C LEU A 81 17.56 19.83 31.31
N HIS A 82 16.42 20.21 30.76
CA HIS A 82 16.17 20.02 29.34
C HIS A 82 15.05 20.96 28.91
N GLU A 83 14.88 21.02 27.60
CA GLU A 83 13.97 21.97 26.96
C GLU A 83 12.52 21.78 27.41
N PHE A 84 12.11 20.53 27.61
CA PHE A 84 10.68 20.17 27.53
C PHE A 84 10.07 20.09 28.93
N THR A 85 9.84 21.26 29.52
CA THR A 85 9.45 21.32 30.92
C THR A 85 9.04 22.75 31.24
N THR A 86 8.71 22.99 32.50
CA THR A 86 8.27 24.29 32.96
C THR A 86 9.10 24.75 34.16
N VAL A 87 9.21 26.06 34.31
CA VAL A 87 9.78 26.69 35.49
C VAL A 87 8.61 27.06 36.40
N PRO A 88 8.73 26.91 37.71
CA PRO A 88 7.61 27.26 38.59
C PRO A 88 7.25 28.74 38.50
N GLY A 89 5.95 29.03 38.54
CA GLY A 89 5.47 30.39 38.55
C GLY A 89 5.65 31.20 37.29
N VAL A 90 6.41 30.72 36.31
CA VAL A 90 6.52 31.40 35.02
C VAL A 90 5.39 30.92 34.12
N LYS A 91 4.93 31.80 33.22
CA LYS A 91 3.78 31.46 32.39
C LYS A 91 4.18 30.62 31.18
N GLU A 92 5.32 30.93 30.59
CA GLU A 92 5.79 30.24 29.40
C GLU A 92 6.62 29.03 29.77
N ASP A 93 6.42 27.92 29.06
CA ASP A 93 7.33 26.79 29.27
C ASP A 93 8.68 27.10 28.61
N VAL A 94 9.66 26.23 28.86
CA VAL A 94 11.03 26.53 28.43
C VAL A 94 11.11 26.61 26.90
N THR A 95 10.33 25.80 26.19
CA THR A 95 10.30 25.89 24.73
C THR A 95 9.81 27.27 24.28
N GLU A 96 8.73 27.77 24.90
CA GLU A 96 8.24 29.08 24.53
C GLU A 96 9.24 30.18 24.91
N ILE A 97 9.93 30.01 26.04
CA ILE A 97 10.95 30.98 26.42
C ILE A 97 12.06 31.01 25.38
N ILE A 98 12.53 29.84 24.94
CA ILE A 98 13.60 29.80 23.94
C ILE A 98 13.13 30.40 22.63
N LEU A 99 11.86 30.16 22.28
CA LEU A 99 11.31 30.77 21.07
C LEU A 99 11.30 32.29 21.17
N ASN A 100 10.95 32.81 22.35
CA ASN A 100 11.01 34.25 22.55
C ASN A 100 12.44 34.75 22.46
N LEU A 101 13.38 33.99 23.04
CA LEU A 101 14.80 34.31 22.94
C LEU A 101 15.33 34.20 21.52
N LYS A 102 14.56 33.66 20.59
CA LYS A 102 15.01 33.70 19.19
C LYS A 102 14.95 35.12 18.63
N SER A 103 13.94 35.91 19.05
CA SER A 103 13.79 37.27 18.55
C SER A 103 14.85 38.22 19.07
N LEU A 104 15.69 37.77 20.00
CA LEU A 104 16.67 38.63 20.64
C LEU A 104 17.78 39.02 19.67
N VAL A 105 18.07 40.32 19.59
CA VAL A 105 19.16 40.84 18.76
C VAL A 105 20.27 41.36 19.67
N VAL A 106 21.51 41.06 19.31
CA VAL A 106 22.66 41.24 20.19
C VAL A 106 23.90 41.48 19.34
N SER A 107 24.85 42.24 19.90
CA SER A 107 26.16 42.45 19.28
C SER A 107 27.24 41.95 20.23
N SER A 108 28.37 41.53 19.65
CA SER A 108 29.53 41.14 20.43
C SER A 108 30.79 41.47 19.65
N GLU A 109 31.82 41.90 20.36
CA GLU A 109 33.14 42.15 19.79
C GLU A 109 34.17 41.15 20.28
N GLU A 110 33.75 40.17 21.09
CA GLU A 110 34.68 39.28 21.78
C GLU A 110 35.07 38.04 20.99
N ASP A 111 34.31 37.69 19.95
CA ASP A 111 34.63 36.64 18.98
C ASP A 111 35.02 35.32 19.64
N GLU A 112 34.73 35.21 20.93
CA GLU A 112 34.96 34.03 21.74
C GLU A 112 33.77 33.90 22.69
N PRO A 113 33.37 32.69 23.05
CA PRO A 113 32.11 32.53 23.78
C PRO A 113 32.14 33.36 25.06
N VAL A 114 31.06 34.09 25.31
CA VAL A 114 30.94 34.90 26.50
C VAL A 114 29.55 34.68 27.08
N THR A 115 29.39 34.97 28.37
CA THR A 115 28.16 34.61 29.05
C THR A 115 27.41 35.86 29.51
N MET A 116 26.12 35.90 29.22
CA MET A 116 25.17 36.83 29.83
C MET A 116 24.44 36.12 30.96
N TYR A 117 23.87 36.91 31.86
CA TYR A 117 23.13 36.39 32.99
C TYR A 117 21.80 37.10 33.10
N LEU A 118 20.81 36.40 33.67
CA LEU A 118 19.45 36.92 33.79
C LEU A 118 18.87 36.37 35.09
N ARG A 119 18.88 37.20 36.13
CA ARG A 119 18.24 36.88 37.40
C ARG A 119 17.05 37.80 37.58
N LYS A 120 15.89 37.22 37.91
CA LYS A 120 14.73 38.05 38.14
C LYS A 120 13.73 37.27 38.99
N GLN A 121 13.10 37.96 39.93
CA GLN A 121 12.05 37.39 40.78
C GLN A 121 10.75 38.12 40.51
N GLY A 122 9.65 37.37 40.46
CA GLY A 122 8.37 37.94 40.16
C GLY A 122 7.76 38.61 41.36
N PRO A 123 6.60 39.25 41.14
CA PRO A 123 5.81 39.29 39.91
C PRO A 123 6.35 40.27 38.88
N GLY A 124 6.10 40.01 37.60
CA GLY A 124 6.44 40.98 36.58
C GLY A 124 6.90 40.41 35.26
N GLU A 125 7.13 41.27 34.27
CA GLU A 125 7.70 40.83 33.01
C GLU A 125 9.21 40.66 33.13
N VAL A 126 9.73 39.65 32.48
CA VAL A 126 11.15 39.55 32.19
C VAL A 126 11.29 39.93 30.73
N THR A 127 11.96 41.05 30.48
CA THR A 127 12.29 41.49 29.14
C THR A 127 13.79 41.34 28.90
N ALA A 128 14.21 41.59 27.67
CA ALA A 128 15.62 41.47 27.35
C ALA A 128 16.45 42.48 28.12
N GLY A 129 15.85 43.63 28.46
CA GLY A 129 16.57 44.63 29.22
C GLY A 129 17.07 44.13 30.57
N ASP A 130 16.41 43.12 31.12
CA ASP A 130 16.84 42.49 32.37
C ASP A 130 18.06 41.60 32.20
N ILE A 131 18.57 41.44 30.98
CA ILE A 131 19.76 40.63 30.77
C ILE A 131 20.98 41.47 31.12
N VAL A 132 21.90 40.88 31.88
CA VAL A 132 23.15 41.55 32.25
C VAL A 132 24.26 41.06 31.33
N PRO A 133 24.61 41.80 30.29
CA PRO A 133 25.65 41.35 29.36
C PRO A 133 27.02 41.74 29.86
N PRO A 134 28.05 41.00 29.48
CA PRO A 134 29.41 41.41 29.79
C PRO A 134 29.87 42.52 28.86
N ALA A 135 30.87 43.27 29.32
CA ALA A 135 31.45 44.32 28.52
C ALA A 135 31.85 43.79 27.15
N GLY A 136 31.57 44.57 26.11
CA GLY A 136 31.83 44.17 24.76
C GLY A 136 30.59 43.67 24.02
N VAL A 137 29.62 43.10 24.74
CA VAL A 137 28.41 42.61 24.10
C VAL A 137 27.23 43.47 24.55
N THR A 138 26.29 43.69 23.62
CA THR A 138 25.25 44.69 23.74
C THR A 138 23.90 44.09 23.38
N VAL A 139 22.88 44.35 24.21
CA VAL A 139 21.51 43.93 23.95
C VAL A 139 20.76 45.11 23.33
N HIS A 140 20.18 44.91 22.15
CA HIS A 140 19.69 46.03 21.38
C HIS A 140 18.19 46.29 21.49
N ASN A 141 17.39 45.30 21.86
CA ASN A 141 15.93 45.51 22.00
C ASN A 141 15.53 45.16 23.43
N PRO A 142 15.72 46.08 24.37
CA PRO A 142 15.39 45.79 25.78
C PRO A 142 13.91 45.61 26.02
N GLY A 143 13.03 46.11 25.14
CA GLY A 143 11.61 45.96 25.39
C GLY A 143 11.09 44.56 25.14
N MET A 144 11.84 43.76 24.39
CA MET A 144 11.37 42.45 23.92
C MET A 144 10.96 41.56 25.08
N HIS A 145 9.80 40.92 24.94
CA HIS A 145 9.27 40.08 26.00
C HIS A 145 9.97 38.73 26.04
N ILE A 146 10.38 38.32 27.23
CA ILE A 146 11.00 37.01 27.44
C ILE A 146 10.10 36.08 28.23
N ALA A 147 9.61 36.51 29.38
CA ALA A 147 8.77 35.63 30.18
C ALA A 147 7.87 36.46 31.09
N THR A 148 6.89 35.81 31.68
CA THR A 148 6.02 36.45 32.64
C THR A 148 6.07 35.68 33.94
N LEU A 149 6.41 36.37 35.03
CA LEU A 149 6.55 35.75 36.34
C LEU A 149 5.44 36.24 37.25
N ASN A 150 5.06 35.38 38.18
CA ASN A 150 4.09 35.73 39.20
C ASN A 150 4.76 35.67 40.58
N ASP A 151 3.94 35.77 41.62
CA ASP A 151 4.43 35.74 43.01
C ASP A 151 5.48 34.66 43.22
N LYS A 152 5.24 33.45 42.72
CA LYS A 152 6.06 32.29 43.07
C LYS A 152 7.18 32.01 42.07
N GLY A 153 7.39 32.88 41.08
CA GLY A 153 8.25 32.57 39.96
C GLY A 153 9.57 33.31 40.01
N LYS A 154 10.66 32.55 39.83
CA LYS A 154 12.00 33.11 39.80
C LYS A 154 12.75 32.50 38.62
N LEU A 155 13.36 33.35 37.80
CA LEU A 155 14.04 32.93 36.59
C LEU A 155 15.52 33.26 36.69
N GLU A 156 16.37 32.28 36.40
CA GLU A 156 17.81 32.36 36.67
C GLU A 156 18.53 31.68 35.50
N VAL A 157 18.91 32.47 34.51
CA VAL A 157 19.31 32.00 33.18
C VAL A 157 20.72 32.48 32.86
N GLU A 158 21.48 31.65 32.16
CA GLU A 158 22.75 32.02 31.56
C GLU A 158 22.66 31.84 30.05
N LEU A 159 23.22 32.79 29.29
CA LEU A 159 23.09 32.82 27.83
C LEU A 159 24.47 32.98 27.20
N VAL A 160 24.97 31.96 26.52
CA VAL A 160 26.26 32.11 25.86
C VAL A 160 26.05 32.81 24.52
N VAL A 161 26.91 33.78 24.23
CA VAL A 161 26.91 34.55 22.99
C VAL A 161 28.23 34.33 22.29
N GLU A 162 28.17 34.04 20.98
CA GLU A 162 29.33 33.89 20.13
C GLU A 162 29.11 34.69 18.86
N ARG A 163 30.18 34.84 18.08
CA ARG A 163 30.15 35.54 16.82
C ARG A 163 30.24 34.53 15.68
N GLY A 164 29.31 34.65 14.73
CA GLY A 164 29.31 33.78 13.57
C GLY A 164 28.55 34.41 12.42
N ARG A 165 28.28 33.60 11.41
CA ARG A 165 27.53 34.08 10.26
C ARG A 165 26.58 33.00 9.78
N GLY A 166 25.52 33.44 9.13
CA GLY A 166 24.52 32.52 8.61
C GLY A 166 23.60 32.03 9.70
N TYR A 167 23.02 30.86 9.47
CA TYR A 167 22.15 30.21 10.43
C TYR A 167 22.74 28.84 10.75
N VAL A 168 23.10 28.65 12.02
CA VAL A 168 23.71 27.42 12.47
C VAL A 168 22.74 26.77 13.45
N PRO A 169 22.21 25.59 13.17
CA PRO A 169 21.30 24.93 14.11
C PRO A 169 22.01 24.63 15.42
N ALA A 170 21.19 24.27 16.41
CA ALA A 170 21.69 23.89 17.72
C ALA A 170 22.83 22.88 17.60
N VAL A 171 23.95 23.18 18.24
CA VAL A 171 25.12 22.31 18.22
C VAL A 171 24.92 21.20 19.24
N GLN A 172 24.95 19.95 18.75
CA GLN A 172 24.65 18.78 19.58
C GLN A 172 25.52 18.76 20.83
N ASN A 173 25.00 18.11 21.89
CA ASN A 173 25.74 18.02 23.15
C ASN A 173 26.92 17.07 23.07
N ARG A 174 26.97 16.20 22.05
CA ARG A 174 28.11 15.31 21.85
C ARG A 174 29.15 15.87 20.90
N ALA A 175 28.81 16.90 20.12
CA ALA A 175 29.81 17.58 19.31
C ALA A 175 30.69 18.48 20.18
N SER A 176 30.08 19.42 20.90
CA SER A 176 30.76 20.06 22.00
C SER A 176 30.90 19.08 23.16
N GLY A 177 31.65 19.48 24.18
CA GLY A 177 31.77 18.63 25.36
C GLY A 177 30.70 18.91 26.39
N ALA A 178 29.53 19.37 25.92
CA ALA A 178 28.52 19.92 26.81
C ALA A 178 27.99 18.87 27.78
N GLU A 179 27.69 19.31 29.00
CA GLU A 179 27.07 18.46 30.00
C GLU A 179 25.55 18.61 29.97
N ILE A 180 24.88 17.75 30.73
CA ILE A 180 23.45 17.50 30.50
C ILE A 180 22.62 18.75 30.71
N GLY A 181 23.08 19.69 31.53
CA GLY A 181 22.27 20.88 31.80
C GLY A 181 22.13 21.84 30.63
N ARG A 182 23.11 21.83 29.72
CA ARG A 182 23.17 22.85 28.68
C ARG A 182 22.10 22.64 27.62
N ILE A 183 21.35 23.69 27.31
CA ILE A 183 20.31 23.67 26.28
C ILE A 183 20.79 24.40 25.03
N PRO A 184 21.28 23.69 24.01
CA PRO A 184 21.67 24.38 22.77
C PRO A 184 20.46 24.96 22.06
N VAL A 185 20.72 25.99 21.26
CA VAL A 185 19.68 26.84 20.67
C VAL A 185 20.08 27.13 19.23
N ASP A 186 19.08 27.20 18.35
CA ASP A 186 19.34 27.61 16.97
C ASP A 186 19.79 29.06 16.92
N SER A 187 20.81 29.34 16.10
CA SER A 187 21.49 30.63 16.08
C SER A 187 21.29 31.32 14.74
N ILE A 188 20.58 32.43 14.74
CA ILE A 188 20.39 33.27 13.55
C ILE A 188 21.38 34.42 13.66
N TYR A 189 22.54 34.26 13.03
CA TYR A 189 23.58 35.28 13.13
C TYR A 189 23.30 36.49 12.26
N SER A 190 22.67 36.31 11.11
CA SER A 190 22.55 37.38 10.12
C SER A 190 21.92 38.63 10.74
N PRO A 191 22.60 39.78 10.68
CA PRO A 191 22.04 41.02 11.22
C PRO A 191 21.23 41.83 10.23
N VAL A 192 21.17 41.42 8.96
CA VAL A 192 20.40 42.13 7.94
C VAL A 192 19.00 41.53 7.90
N LEU A 193 18.01 42.38 7.66
CA LEU A 193 16.60 42.00 7.71
C LEU A 193 15.99 41.78 6.32
N LYS A 194 16.12 42.75 5.42
CA LYS A 194 15.42 42.62 4.15
C LYS A 194 16.15 43.43 3.07
N VAL A 195 16.35 42.81 1.92
CA VAL A 195 17.14 43.40 0.84
C VAL A 195 16.37 43.31 -0.47
N THR A 196 16.35 44.40 -1.22
CA THR A 196 15.70 44.38 -2.52
C THR A 196 16.44 45.35 -3.42
N TYR A 197 15.99 45.43 -4.66
CA TYR A 197 16.59 46.39 -5.57
C TYR A 197 15.60 46.72 -6.67
N LYS A 198 15.90 47.79 -7.39
CA LYS A 198 15.24 48.06 -8.65
C LYS A 198 16.24 48.74 -9.55
N VAL A 199 16.09 48.56 -10.86
CA VAL A 199 16.95 49.27 -11.79
C VAL A 199 16.09 50.21 -12.63
N ASP A 200 16.69 51.34 -12.98
CA ASP A 200 16.14 52.28 -13.95
C ASP A 200 16.99 52.20 -15.21
N ALA A 201 16.39 51.75 -16.30
CA ALA A 201 17.09 51.54 -17.56
C ALA A 201 16.81 52.72 -18.48
N THR A 202 17.86 53.42 -18.89
CA THR A 202 17.75 54.49 -19.89
C THR A 202 18.22 53.94 -21.22
N ARG A 203 17.33 53.92 -22.21
CA ARG A 203 17.60 53.39 -23.53
C ARG A 203 16.99 54.27 -24.62
N ARG A 207 23.90 56.15 -29.38
CA ARG A 207 22.95 56.27 -28.28
C ARG A 207 23.46 55.57 -27.03
N THR A 208 23.83 56.37 -26.03
CA THR A 208 24.44 55.86 -24.80
C THR A 208 23.36 55.43 -23.83
N ASP A 209 23.15 54.12 -23.74
CA ASP A 209 22.20 53.55 -22.79
C ASP A 209 22.93 53.15 -21.51
N PHE A 210 22.18 53.12 -20.40
CA PHE A 210 22.81 52.74 -19.14
C PHE A 210 21.76 52.29 -18.14
N ASP A 211 22.24 51.63 -17.08
CA ASP A 211 21.39 51.11 -16.01
C ASP A 211 21.80 51.76 -14.69
N LYS A 212 20.80 52.27 -13.95
CA LYS A 212 21.02 52.79 -12.61
C LYS A 212 20.44 51.78 -11.61
N LEU A 213 21.27 51.31 -10.69
CA LEU A 213 20.86 50.32 -9.71
C LEU A 213 20.56 50.97 -8.38
N ILE A 214 19.45 50.56 -7.76
CA ILE A 214 19.00 51.12 -6.49
C ILE A 214 18.82 49.94 -5.53
N LEU A 215 19.83 49.71 -4.69
CA LEU A 215 19.74 48.72 -3.62
C LEU A 215 19.00 49.29 -2.43
N ASP A 216 18.23 48.46 -1.75
CA ASP A 216 17.46 48.87 -0.59
C ASP A 216 17.73 47.84 0.50
N VAL A 217 18.37 48.27 1.59
CA VAL A 217 18.84 47.36 2.63
C VAL A 217 18.28 47.79 3.97
N GLU A 218 17.66 46.85 4.69
CA GLU A 218 17.19 47.08 6.05
C GLU A 218 17.81 46.04 6.98
N THR A 219 18.33 46.52 8.13
CA THR A 219 19.05 45.72 9.11
C THR A 219 18.26 45.61 10.42
N LYS A 220 18.89 44.99 11.43
CA LYS A 220 18.22 44.61 12.67
C LYS A 220 18.72 45.39 13.89
N ASN A 221 19.25 46.60 13.70
CA ASN A 221 19.78 47.43 14.78
C ASN A 221 21.10 46.91 15.35
N SER A 222 21.56 45.76 14.89
CA SER A 222 22.90 45.30 15.28
C SER A 222 23.99 46.04 14.51
N ILE A 223 23.76 46.29 13.23
CA ILE A 223 24.65 47.12 12.41
C ILE A 223 23.80 47.99 11.51
N SER A 224 24.43 48.92 10.85
CA SER A 224 23.81 49.85 9.91
C SER A 224 23.87 49.29 8.49
N PRO A 225 22.87 49.65 7.67
CA PRO A 225 22.92 49.24 6.25
C PRO A 225 24.28 49.44 5.61
N ARG A 226 24.89 50.60 5.85
CA ARG A 226 26.20 50.91 5.29
C ARG A 226 27.24 49.88 5.70
N ASP A 227 27.27 49.51 6.99
CA ASP A 227 28.27 48.55 7.47
C ASP A 227 28.05 47.17 6.84
N ALA A 228 26.79 46.71 6.81
CA ALA A 228 26.51 45.43 6.18
C ALA A 228 26.91 45.43 4.71
N LEU A 229 26.59 46.50 3.99
CA LEU A 229 26.94 46.56 2.58
C LEU A 229 28.45 46.60 2.40
N ALA A 230 29.18 47.25 3.31
CA ALA A 230 30.63 47.23 3.26
C ALA A 230 31.16 45.82 3.44
N SER A 231 30.54 45.05 4.34
CA SER A 231 30.95 43.67 4.57
C SER A 231 30.69 42.81 3.33
N ALA A 232 29.50 42.97 2.74
CA ALA A 232 29.18 42.24 1.53
C ALA A 232 30.16 42.57 0.42
N GLY A 233 30.53 43.86 0.30
CA GLY A 233 31.48 44.26 -0.71
C GLY A 233 32.87 43.71 -0.50
N LYS A 234 33.33 43.65 0.76
CA LYS A 234 34.62 43.01 1.03
C LYS A 234 34.60 41.54 0.62
N THR A 235 33.57 40.81 1.06
CA THR A 235 33.47 39.39 0.69
C THR A 235 33.47 39.22 -0.83
N LEU A 236 32.68 40.05 -1.54
CA LEU A 236 32.59 39.93 -2.98
C LEU A 236 33.90 40.30 -3.67
N VAL A 237 34.60 41.34 -3.20
CA VAL A 237 35.88 41.70 -3.79
C VAL A 237 36.88 40.57 -3.62
N GLU A 238 36.95 40.01 -2.42
CA GLU A 238 37.92 38.94 -2.18
C GLU A 238 37.55 37.67 -2.92
N LEU A 239 36.27 37.45 -3.26
CA LEU A 239 35.92 36.27 -4.05
C LEU A 239 36.09 36.49 -5.56
N PHE A 240 35.88 37.70 -6.05
CA PHE A 240 36.07 37.99 -7.47
C PHE A 240 37.53 38.20 -7.85
N GLY A 241 38.40 38.50 -6.88
CA GLY A 241 39.82 38.56 -7.17
C GLY A 241 40.41 37.24 -7.67
N LEU A 242 39.60 36.17 -7.68
CA LEU A 242 40.09 34.86 -8.08
C LEU A 242 40.38 34.79 -9.58
N ALA A 243 39.42 35.25 -10.39
CA ALA A 243 39.61 35.25 -11.84
C ALA A 243 40.69 36.22 -12.29
N ARG A 244 40.97 37.26 -11.51
CA ARG A 244 41.95 38.28 -11.87
C ARG A 244 43.39 37.75 -11.87
N MET B 22 32.07 35.92 10.18
CA MET B 22 33.12 35.76 11.17
C MET B 22 34.30 34.99 10.57
N LEU B 23 34.62 33.84 11.17
CA LEU B 23 35.77 33.04 10.76
C LEU B 23 35.71 32.73 9.26
N ILE B 24 36.86 32.45 8.65
CA ILE B 24 36.98 32.47 7.20
C ILE B 24 37.40 31.10 6.67
N SER B 25 36.95 30.79 5.45
CA SER B 25 37.38 29.60 4.72
C SER B 25 38.06 30.04 3.43
N GLN B 26 39.15 29.35 3.06
CA GLN B 26 40.09 29.83 2.07
C GLN B 26 40.20 28.99 0.80
N ARG B 27 39.52 27.85 0.74
CA ARG B 27 39.77 26.80 -0.24
C ARG B 27 39.47 27.08 -1.72
N PRO B 28 38.57 28.00 -2.09
CA PRO B 28 38.25 28.16 -3.53
C PRO B 28 39.49 28.31 -4.41
N THR B 29 39.51 27.52 -5.49
CA THR B 29 40.55 27.56 -6.51
C THR B 29 39.92 27.66 -7.89
N LEU B 30 40.75 27.97 -8.88
CA LEU B 30 40.32 28.25 -10.24
C LEU B 30 41.21 27.49 -11.22
N SER B 31 40.60 26.59 -12.00
CA SER B 31 41.32 25.79 -12.98
C SER B 31 40.72 26.00 -14.36
N GLU B 32 41.50 25.66 -15.39
CA GLU B 32 41.15 25.91 -16.77
C GLU B 32 41.42 24.68 -17.63
N ASP B 33 40.45 24.31 -18.45
CA ASP B 33 40.62 23.34 -19.53
C ASP B 33 40.39 24.07 -20.84
N VAL B 34 41.40 24.10 -21.70
CA VAL B 34 41.34 24.85 -22.94
C VAL B 34 40.79 23.93 -24.02
N LEU B 35 39.56 24.20 -24.49
CA LEU B 35 38.93 23.33 -25.49
C LEU B 35 39.48 23.61 -26.88
N THR B 36 39.43 24.87 -27.30
CA THR B 36 40.07 25.35 -28.53
C THR B 36 40.91 26.59 -28.18
N ASP B 37 41.62 27.13 -29.17
CA ASP B 37 42.50 28.27 -28.92
C ASP B 37 41.73 29.50 -28.46
N ASN B 38 40.42 29.57 -28.74
CA ASN B 38 39.58 30.71 -28.37
C ASN B 38 38.38 30.29 -27.53
N ARG B 39 38.41 29.11 -26.93
CA ARG B 39 37.32 28.62 -26.09
C ARG B 39 37.90 27.86 -24.91
N SER B 40 37.47 28.23 -23.71
CA SER B 40 37.98 27.59 -22.49
C SER B 40 36.83 27.36 -21.51
N GLN B 41 36.98 26.33 -20.70
CA GLN B 41 36.13 26.07 -19.56
C GLN B 41 36.90 26.33 -18.28
N PHE B 42 36.33 27.13 -17.39
CA PHE B 42 36.93 27.46 -16.11
C PHE B 42 36.08 26.89 -14.99
N VAL B 43 36.73 26.30 -13.99
CA VAL B 43 36.06 25.77 -12.81
C VAL B 43 36.54 26.55 -11.59
N ILE B 44 35.60 26.99 -10.77
CA ILE B 44 35.88 27.64 -9.50
C ILE B 44 35.23 26.81 -8.42
N GLU B 45 36.05 26.26 -7.54
CA GLU B 45 35.59 25.28 -6.56
C GLU B 45 36.65 25.09 -5.49
N PRO B 46 36.25 24.81 -4.24
CA PRO B 46 34.86 24.74 -3.82
C PRO B 46 34.35 26.05 -3.22
N LEU B 47 33.19 26.51 -3.69
CA LEU B 47 32.58 27.72 -3.18
C LEU B 47 31.62 27.39 -2.05
N GLU B 48 31.58 28.28 -1.05
CA GLU B 48 30.61 28.12 0.04
C GLU B 48 29.20 28.15 -0.53
N PRO B 49 28.27 27.36 0.01
CA PRO B 49 27.02 27.07 -0.71
C PRO B 49 26.27 28.34 -1.06
N GLY B 50 25.71 28.36 -2.28
CA GLY B 50 24.99 29.49 -2.80
C GLY B 50 25.83 30.44 -3.64
N PHE B 51 27.14 30.48 -3.44
CA PHE B 51 27.98 31.48 -4.09
C PHE B 51 28.20 31.17 -5.57
N GLY B 52 27.99 29.92 -6.00
CA GLY B 52 28.06 29.63 -7.42
C GLY B 52 27.12 30.50 -8.23
N TYR B 53 25.93 30.76 -7.70
CA TYR B 53 24.96 31.61 -8.39
C TYR B 53 25.16 33.10 -8.11
N THR B 54 25.80 33.47 -7.00
CA THR B 54 26.02 34.90 -6.77
C THR B 54 27.13 35.45 -7.65
N LEU B 55 28.02 34.58 -8.15
CA LEU B 55 29.04 35.01 -9.10
C LEU B 55 29.00 34.24 -10.40
N GLY B 56 27.95 33.46 -10.64
CA GLY B 56 27.75 32.85 -11.94
C GLY B 56 27.27 33.87 -12.95
N ASN B 57 26.06 34.40 -12.73
CA ASN B 57 25.48 35.33 -13.69
C ASN B 57 26.28 36.63 -13.77
N SER B 58 26.85 37.07 -12.64
CA SER B 58 27.57 38.34 -12.63
C SER B 58 28.84 38.25 -13.47
N LEU B 59 29.65 37.20 -13.26
CA LEU B 59 30.82 37.00 -14.10
C LEU B 59 30.42 36.92 -15.57
N ARG B 60 29.32 36.24 -15.87
CA ARG B 60 28.92 36.08 -17.27
C ARG B 60 28.59 37.43 -17.91
N ARG B 61 27.75 38.23 -17.25
CA ARG B 61 27.35 39.49 -17.87
C ARG B 61 28.52 40.47 -17.91
N THR B 62 29.45 40.41 -16.95
CA THR B 62 30.65 41.23 -17.06
C THR B 62 31.50 40.80 -18.25
N LEU B 63 31.63 39.49 -18.46
CA LEU B 63 32.36 38.98 -19.62
C LEU B 63 31.72 39.47 -20.92
N LEU B 64 30.39 39.51 -20.97
CA LEU B 64 29.72 39.83 -22.23
C LEU B 64 29.73 41.33 -22.51
N SER B 65 29.26 42.15 -21.56
CA SER B 65 28.95 43.54 -21.87
C SER B 65 30.01 44.54 -21.42
N SER B 66 31.03 44.12 -20.69
CA SER B 66 31.91 45.07 -20.01
C SER B 66 33.34 45.06 -20.53
N ILE B 67 33.67 44.20 -21.49
CA ILE B 67 35.02 44.20 -22.05
C ILE B 67 35.04 45.06 -23.31
N PRO B 68 35.93 46.04 -23.39
CA PRO B 68 35.95 46.93 -24.56
C PRO B 68 36.55 46.25 -25.79
N GLY B 69 35.99 46.58 -26.95
CA GLY B 69 36.46 46.02 -28.21
C GLY B 69 35.99 46.83 -29.39
N ALA B 70 36.62 46.61 -30.53
CA ALA B 70 36.33 47.36 -31.75
C ALA B 70 35.43 46.55 -32.67
N ALA B 71 34.54 47.25 -33.37
CA ALA B 71 33.65 46.58 -34.31
C ALA B 71 33.14 47.58 -35.35
N VAL B 72 32.50 47.05 -36.38
CA VAL B 72 31.95 47.87 -37.46
C VAL B 72 30.60 48.42 -37.04
N THR B 73 30.41 49.73 -37.22
CA THR B 73 29.16 50.42 -36.93
C THR B 73 28.29 50.61 -38.18
N SER B 74 28.90 50.90 -39.33
CA SER B 74 28.14 51.12 -40.56
C SER B 74 29.05 50.90 -41.76
N ILE B 75 28.44 50.52 -42.88
CA ILE B 75 29.16 50.34 -44.13
C ILE B 75 28.49 51.16 -45.22
N ARG B 76 29.28 51.50 -46.24
CA ARG B 76 28.76 52.08 -47.47
C ARG B 76 29.32 51.30 -48.64
N ILE B 77 28.44 50.82 -49.52
CA ILE B 77 28.81 50.01 -50.66
C ILE B 77 28.44 50.77 -51.92
N ASP B 78 29.43 51.32 -52.61
CA ASP B 78 29.19 52.03 -53.84
C ASP B 78 28.83 51.05 -54.96
N GLY B 79 28.18 51.58 -56.00
CA GLY B 79 27.72 50.79 -57.12
C GLY B 79 26.23 50.47 -57.06
N VAL B 80 25.68 50.33 -55.86
CA VAL B 80 24.24 50.11 -55.69
C VAL B 80 23.80 50.83 -54.42
N LEU B 81 23.01 51.90 -54.58
CA LEU B 81 22.43 52.62 -53.46
C LEU B 81 20.91 52.67 -53.52
N HIS B 82 20.30 52.38 -54.67
CA HIS B 82 18.85 52.44 -54.81
C HIS B 82 18.19 51.20 -54.19
N GLU B 83 18.45 50.04 -54.79
CA GLU B 83 17.77 48.80 -54.42
C GLU B 83 18.68 48.01 -53.48
N PHE B 84 18.32 47.98 -52.20
CA PHE B 84 19.06 47.19 -51.24
C PHE B 84 18.94 45.71 -51.59
N THR B 85 19.59 44.88 -50.77
CA THR B 85 19.61 43.42 -50.87
C THR B 85 19.79 42.93 -52.31
N THR B 86 20.63 43.62 -53.08
CA THR B 86 21.07 43.14 -54.39
C THR B 86 22.33 43.91 -54.78
N VAL B 87 23.29 43.22 -55.40
CA VAL B 87 24.54 43.83 -55.83
C VAL B 87 24.94 43.28 -57.21
N PRO B 88 25.37 44.13 -58.15
CA PRO B 88 25.77 43.64 -59.47
C PRO B 88 27.16 43.02 -59.45
N GLY B 89 27.30 41.93 -60.21
CA GLY B 89 28.58 41.26 -60.34
C GLY B 89 29.03 40.48 -59.12
N VAL B 90 28.14 40.26 -58.15
CA VAL B 90 28.46 39.54 -56.92
C VAL B 90 27.39 38.49 -56.68
N LYS B 91 27.81 37.25 -56.46
CA LYS B 91 26.87 36.18 -56.12
C LYS B 91 26.33 36.30 -54.70
N GLU B 92 26.93 37.15 -53.86
CA GLU B 92 26.51 37.34 -52.49
C GLU B 92 25.46 38.45 -52.38
N ASP B 93 24.43 38.18 -51.59
CA ASP B 93 23.43 39.18 -51.28
C ASP B 93 24.04 40.32 -50.48
N VAL B 94 23.30 41.43 -50.36
CA VAL B 94 23.73 42.51 -49.49
C VAL B 94 23.61 42.10 -48.01
N THR B 95 22.50 41.44 -47.66
CA THR B 95 22.35 40.94 -46.30
C THR B 95 23.47 39.97 -45.94
N GLU B 96 23.90 39.15 -46.90
CA GLU B 96 25.00 38.23 -46.63
C GLU B 96 26.32 38.96 -46.47
N ILE B 97 26.52 40.04 -47.22
CA ILE B 97 27.73 40.84 -47.05
C ILE B 97 27.75 41.48 -45.66
N ILE B 98 26.60 41.98 -45.20
CA ILE B 98 26.53 42.53 -43.85
C ILE B 98 26.80 41.45 -42.81
N LEU B 99 26.21 40.26 -42.99
CA LEU B 99 26.44 39.15 -42.05
C LEU B 99 27.91 38.79 -41.97
N ASN B 100 28.61 38.81 -43.12
CA ASN B 100 30.04 38.57 -43.08
C ASN B 100 30.78 39.70 -42.36
N LEU B 101 30.56 40.94 -42.79
CA LEU B 101 31.31 42.06 -42.21
C LEU B 101 31.06 42.22 -40.72
N LYS B 102 29.94 41.72 -40.20
CA LYS B 102 29.73 41.70 -38.76
C LYS B 102 30.68 40.72 -38.09
N SER B 103 30.96 39.59 -38.74
CA SER B 103 31.85 38.59 -38.19
C SER B 103 33.32 38.88 -38.46
N LEU B 104 33.65 40.13 -38.77
CA LEU B 104 35.03 40.56 -38.98
C LEU B 104 35.61 41.04 -37.66
N VAL B 105 36.61 40.34 -37.14
CA VAL B 105 37.20 40.66 -35.85
C VAL B 105 38.26 41.75 -36.02
N VAL B 106 38.10 42.85 -35.30
CA VAL B 106 38.91 44.03 -35.47
C VAL B 106 39.25 44.59 -34.08
N SER B 107 40.48 45.08 -33.93
CA SER B 107 40.90 45.80 -32.74
C SER B 107 41.50 47.14 -33.15
N SER B 108 41.18 48.18 -32.39
CA SER B 108 41.58 49.54 -32.73
C SER B 108 41.90 50.32 -31.46
N GLU B 109 42.77 51.32 -31.61
CA GLU B 109 43.18 52.15 -30.48
C GLU B 109 42.54 53.54 -30.48
N GLU B 110 41.83 53.90 -31.55
CA GLU B 110 41.30 55.25 -31.68
C GLU B 110 40.07 55.45 -30.79
N ASP B 111 40.02 56.59 -30.11
CA ASP B 111 38.83 56.96 -29.35
C ASP B 111 37.71 57.50 -30.24
N GLU B 112 38.02 57.86 -31.48
CA GLU B 112 37.06 58.32 -32.48
C GLU B 112 36.80 57.24 -33.51
N PRO B 113 35.71 57.34 -34.25
CA PRO B 113 35.49 56.43 -35.38
C PRO B 113 36.65 56.48 -36.37
N VAL B 114 36.88 55.34 -37.02
CA VAL B 114 37.92 55.18 -38.03
C VAL B 114 37.27 54.58 -39.26
N THR B 115 37.83 54.84 -40.43
CA THR B 115 37.29 54.34 -41.69
C THR B 115 38.30 53.44 -42.38
N MET B 116 37.84 52.27 -42.81
CA MET B 116 38.57 51.36 -43.67
C MET B 116 37.91 51.31 -45.05
N TYR B 117 38.67 50.85 -46.03
CA TYR B 117 38.19 50.74 -47.38
C TYR B 117 38.60 49.39 -47.97
N LEU B 118 37.65 48.70 -48.61
CA LEU B 118 37.92 47.46 -49.32
C LEU B 118 37.57 47.63 -50.79
N ARG B 119 38.55 47.42 -51.67
CA ARG B 119 38.34 47.48 -53.10
C ARG B 119 39.14 46.37 -53.77
N LYS B 120 38.44 45.55 -54.54
CA LYS B 120 39.08 44.51 -55.33
C LYS B 120 38.21 44.19 -56.54
N GLN B 121 38.84 44.05 -57.70
CA GLN B 121 38.13 43.83 -58.95
C GLN B 121 38.45 42.44 -59.49
N GLY B 122 37.86 42.14 -60.65
CA GLY B 122 38.15 40.92 -61.38
C GLY B 122 37.56 39.69 -60.74
N PRO B 123 37.29 38.67 -61.55
CA PRO B 123 36.83 37.38 -61.00
C PRO B 123 37.83 36.82 -60.00
N GLY B 124 37.35 36.54 -58.80
CA GLY B 124 38.21 36.05 -57.74
C GLY B 124 37.43 35.94 -56.44
N GLU B 125 38.17 35.87 -55.33
CA GLU B 125 37.58 35.73 -53.99
C GLU B 125 38.19 36.78 -53.08
N VAL B 126 37.35 37.64 -52.51
CA VAL B 126 37.79 38.68 -51.58
C VAL B 126 37.85 38.10 -50.17
N THR B 127 38.86 38.50 -49.40
CA THR B 127 38.98 38.06 -48.03
C THR B 127 39.12 39.25 -47.09
N ALA B 128 39.43 39.00 -45.82
CA ALA B 128 39.50 40.08 -44.85
C ALA B 128 40.82 40.85 -44.93
N GLY B 129 41.94 40.13 -45.06
CA GLY B 129 43.21 40.81 -45.27
C GLY B 129 43.28 41.57 -46.58
N ASP B 130 42.30 41.34 -47.46
CA ASP B 130 42.21 42.01 -48.76
C ASP B 130 41.85 43.48 -48.58
N ILE B 131 41.65 43.90 -47.33
CA ILE B 131 41.31 45.28 -47.01
C ILE B 131 42.54 45.95 -46.45
N VAL B 132 42.62 47.27 -46.64
CA VAL B 132 43.76 48.07 -46.21
C VAL B 132 43.43 48.66 -44.84
N PRO B 133 44.06 48.19 -43.75
CA PRO B 133 43.73 48.70 -42.43
C PRO B 133 44.44 50.00 -42.15
N PRO B 134 43.69 51.09 -41.93
CA PRO B 134 44.32 52.34 -41.50
C PRO B 134 45.18 52.18 -40.25
N ALA B 135 45.95 53.20 -39.91
CA ALA B 135 46.93 53.08 -38.84
C ALA B 135 46.24 52.80 -37.51
N GLY B 136 46.82 51.86 -36.76
CA GLY B 136 46.33 51.53 -35.43
C GLY B 136 45.39 50.33 -35.38
N VAL B 137 44.49 50.23 -36.35
CA VAL B 137 43.55 49.12 -36.39
C VAL B 137 44.23 47.89 -37.00
N THR B 138 43.68 46.72 -36.68
CA THR B 138 44.22 45.46 -37.16
C THR B 138 43.09 44.55 -37.56
N VAL B 139 43.36 43.65 -38.50
CA VAL B 139 42.41 42.65 -38.96
C VAL B 139 42.96 41.28 -38.57
N HIS B 140 42.25 40.61 -37.65
CA HIS B 140 42.79 39.40 -37.03
C HIS B 140 42.46 38.12 -37.77
N ASN B 141 41.41 38.11 -38.60
CA ASN B 141 41.02 36.92 -39.37
C ASN B 141 41.15 37.21 -40.87
N PRO B 142 42.37 37.43 -41.37
CA PRO B 142 42.51 37.90 -42.75
C PRO B 142 42.06 36.89 -43.79
N GLY B 143 41.99 35.61 -43.44
CA GLY B 143 41.59 34.59 -44.39
C GLY B 143 40.09 34.36 -44.43
N MET B 144 39.32 35.31 -43.91
CA MET B 144 37.88 35.17 -43.81
C MET B 144 37.22 35.55 -45.12
N HIS B 145 36.49 34.61 -45.73
CA HIS B 145 35.79 34.90 -46.97
C HIS B 145 34.70 35.92 -46.75
N ILE B 146 34.64 36.92 -47.63
CA ILE B 146 33.61 37.96 -47.57
C ILE B 146 32.72 37.96 -48.81
N ALA B 147 33.28 37.70 -49.99
CA ALA B 147 32.49 37.67 -51.23
C ALA B 147 33.32 37.04 -52.34
N THR B 148 32.60 36.60 -53.38
CA THR B 148 33.21 36.11 -54.61
C THR B 148 32.74 36.97 -55.77
N LEU B 149 33.66 37.26 -56.70
CA LEU B 149 33.40 38.13 -57.83
C LEU B 149 33.53 37.35 -59.13
N ASN B 150 32.57 37.55 -60.03
CA ASN B 150 32.60 36.93 -61.35
C ASN B 150 33.40 37.80 -62.32
N ASP B 151 33.43 37.40 -63.59
CA ASP B 151 34.05 38.20 -64.62
C ASP B 151 33.42 39.59 -64.65
N LYS B 152 34.24 40.61 -64.91
CA LYS B 152 33.82 42.02 -64.89
C LYS B 152 33.33 42.46 -63.51
N GLY B 153 33.76 41.76 -62.46
CA GLY B 153 33.34 42.09 -61.11
C GLY B 153 34.29 43.07 -60.43
N LYS B 154 33.73 43.94 -59.60
CA LYS B 154 34.50 44.96 -58.90
C LYS B 154 33.76 45.34 -57.61
N LEU B 155 34.52 45.47 -56.52
CA LEU B 155 33.97 45.82 -55.21
C LEU B 155 34.70 47.04 -54.67
N GLU B 156 33.92 48.04 -54.27
CA GLU B 156 34.40 49.22 -53.57
C GLU B 156 33.43 49.49 -52.44
N VAL B 157 33.88 49.33 -51.19
CA VAL B 157 33.00 49.38 -50.03
C VAL B 157 33.73 50.02 -48.86
N GLU B 158 33.02 50.85 -48.10
CA GLU B 158 33.57 51.61 -46.98
C GLU B 158 33.05 51.03 -45.68
N LEU B 159 33.93 50.93 -44.67
CA LEU B 159 33.60 50.32 -43.39
C LEU B 159 34.00 51.27 -42.26
N VAL B 160 33.16 51.37 -41.24
CA VAL B 160 33.40 52.26 -40.11
C VAL B 160 33.65 51.41 -38.87
N VAL B 161 34.79 51.62 -38.21
CA VAL B 161 35.16 50.88 -37.00
C VAL B 161 35.14 51.83 -35.82
N GLU B 162 34.51 51.41 -34.73
CA GLU B 162 34.47 52.17 -33.50
C GLU B 162 34.81 51.25 -32.33
N ARG B 163 35.11 51.88 -31.20
CA ARG B 163 35.27 51.17 -29.94
C ARG B 163 33.96 51.17 -29.17
N GLY B 164 33.71 50.08 -28.46
CA GLY B 164 32.49 49.96 -27.69
C GLY B 164 32.54 48.77 -26.77
N ARG B 165 31.36 48.42 -26.24
CA ARG B 165 31.22 47.32 -25.30
C ARG B 165 29.92 46.58 -25.54
N GLY B 166 29.99 45.25 -25.52
CA GLY B 166 28.81 44.42 -25.66
C GLY B 166 28.28 44.30 -27.07
N TYR B 167 27.01 44.67 -27.26
CA TYR B 167 26.32 44.48 -28.53
C TYR B 167 25.23 45.53 -28.63
N VAL B 168 25.36 46.45 -29.58
CA VAL B 168 24.38 47.50 -29.81
C VAL B 168 23.76 47.27 -31.19
N PRO B 169 22.42 47.31 -31.31
CA PRO B 169 21.79 47.08 -32.61
C PRO B 169 22.03 48.23 -33.59
N ALA B 170 21.41 48.16 -34.75
CA ALA B 170 21.51 49.21 -35.75
C ALA B 170 21.21 50.58 -35.12
N VAL B 171 22.22 51.43 -35.12
CA VAL B 171 22.15 52.77 -34.53
C VAL B 171 22.10 53.77 -35.68
N GLN B 172 20.90 54.30 -35.96
CA GLN B 172 20.71 55.25 -37.04
C GLN B 172 20.57 56.67 -36.51
N GLY B 177 20.93 59.25 -40.32
CA GLY B 177 20.89 60.55 -40.97
C GLY B 177 20.27 60.55 -42.36
N ALA B 178 20.76 61.45 -43.22
CA ALA B 178 20.27 61.57 -44.58
C ALA B 178 21.36 61.32 -45.62
N GLU B 179 22.52 60.81 -45.21
CA GLU B 179 23.57 60.43 -46.16
C GLU B 179 23.09 59.23 -46.97
N ILE B 180 22.81 59.45 -48.25
CA ILE B 180 22.20 58.43 -49.09
C ILE B 180 23.19 57.30 -49.33
N GLY B 181 22.89 56.11 -48.82
CA GLY B 181 23.68 54.92 -49.07
C GLY B 181 24.44 54.39 -47.88
N ARG B 182 24.29 54.96 -46.69
CA ARG B 182 25.03 54.52 -45.50
C ARG B 182 24.16 53.51 -44.74
N ILE B 183 24.58 52.25 -44.72
CA ILE B 183 23.83 51.17 -44.09
C ILE B 183 24.40 50.96 -42.69
N PRO B 184 23.65 51.25 -41.63
CA PRO B 184 24.12 50.92 -40.28
C PRO B 184 23.94 49.43 -40.01
N VAL B 185 24.88 48.87 -39.26
CA VAL B 185 24.86 47.44 -38.95
C VAL B 185 24.80 47.24 -37.44
N ASP B 186 24.73 45.98 -37.02
CA ASP B 186 24.80 45.64 -35.60
C ASP B 186 26.26 45.56 -35.18
N SER B 187 26.60 46.16 -34.05
CA SER B 187 27.99 46.25 -33.61
C SER B 187 28.24 45.20 -32.54
N ILE B 188 28.94 44.13 -32.91
CA ILE B 188 29.38 43.13 -31.93
C ILE B 188 30.72 43.64 -31.39
N TYR B 189 30.62 44.58 -30.46
CA TYR B 189 31.83 45.14 -29.87
C TYR B 189 32.55 44.11 -29.00
N SER B 190 31.79 43.30 -28.27
CA SER B 190 32.37 42.46 -27.24
C SER B 190 33.37 41.49 -27.86
N PRO B 191 34.61 41.45 -27.35
CA PRO B 191 35.55 40.44 -27.82
C PRO B 191 35.07 39.02 -27.58
N VAL B 192 34.24 38.80 -26.57
CA VAL B 192 33.75 37.47 -26.25
C VAL B 192 32.48 37.22 -27.05
N LEU B 193 32.30 35.96 -27.44
CA LEU B 193 31.22 35.56 -28.34
C LEU B 193 30.08 34.84 -27.62
N LYS B 194 30.41 33.82 -26.83
CA LYS B 194 29.39 33.03 -26.14
C LYS B 194 29.90 32.69 -24.75
N VAL B 195 29.02 32.81 -23.75
CA VAL B 195 29.34 32.41 -22.39
C VAL B 195 28.14 31.70 -21.80
N THR B 196 28.38 30.53 -21.20
CA THR B 196 27.40 29.83 -20.40
C THR B 196 28.01 29.45 -19.07
N TYR B 197 27.17 29.08 -18.10
CA TYR B 197 27.69 28.62 -16.82
C TYR B 197 26.72 27.62 -16.20
N LYS B 198 27.28 26.73 -15.38
CA LYS B 198 26.51 25.77 -14.61
C LYS B 198 27.09 25.66 -13.19
N VAL B 199 26.21 25.44 -12.22
CA VAL B 199 26.61 25.30 -10.82
C VAL B 199 26.33 23.85 -10.40
N ASP B 200 27.38 23.13 -10.03
CA ASP B 200 27.29 21.75 -9.54
C ASP B 200 27.63 21.71 -8.05
N ALA B 201 27.63 20.50 -7.49
CA ALA B 201 27.78 20.32 -6.05
C ALA B 201 28.96 19.41 -5.75
N THR B 202 29.89 19.91 -4.95
CA THR B 202 30.95 19.14 -4.30
C THR B 202 31.36 19.92 -3.05
N ARG B 203 31.67 19.21 -1.97
CA ARG B 203 31.98 19.88 -0.71
C ARG B 203 33.03 19.09 0.06
N VAL B 204 33.21 19.46 1.33
CA VAL B 204 34.22 18.85 2.19
C VAL B 204 33.66 17.65 2.94
N ARG B 207 29.12 17.09 4.12
CA ARG B 207 28.68 18.17 3.24
C ARG B 207 28.86 17.79 1.78
N THR B 208 27.76 17.86 1.01
CA THR B 208 27.77 17.60 -0.42
C THR B 208 27.04 18.71 -1.17
N ASP B 209 27.02 19.92 -0.60
CA ASP B 209 26.20 21.00 -1.08
C ASP B 209 26.95 22.29 -1.37
N PHE B 210 28.25 22.37 -1.10
CA PHE B 210 29.03 23.51 -1.54
C PHE B 210 28.94 23.63 -3.06
N ASP B 211 29.12 24.85 -3.56
CA ASP B 211 28.88 25.15 -4.97
C ASP B 211 30.17 25.08 -5.78
N LYS B 212 30.02 24.65 -7.03
CA LYS B 212 31.12 24.52 -8.00
C LYS B 212 30.68 25.22 -9.28
N LEU B 213 31.35 26.34 -9.61
CA LEU B 213 30.97 27.12 -10.78
C LEU B 213 31.78 26.68 -11.98
N ILE B 214 31.10 26.51 -13.12
CA ILE B 214 31.75 26.12 -14.37
C ILE B 214 31.33 27.11 -15.45
N LEU B 215 32.28 27.88 -15.96
CA LEU B 215 32.07 28.88 -17.00
C LEU B 215 32.63 28.36 -18.32
N ASP B 216 31.80 28.37 -19.35
CA ASP B 216 32.20 27.99 -20.71
C ASP B 216 32.21 29.26 -21.55
N VAL B 217 33.41 29.75 -21.87
CA VAL B 217 33.58 31.05 -22.51
C VAL B 217 34.33 30.84 -23.82
N GLU B 218 33.69 31.23 -24.93
CA GLU B 218 34.28 31.20 -26.26
C GLU B 218 34.37 32.62 -26.79
N THR B 219 35.58 33.06 -27.12
CA THR B 219 35.87 34.43 -27.49
C THR B 219 36.27 34.52 -28.96
N LYS B 220 36.70 35.71 -29.37
CA LYS B 220 37.20 35.97 -30.71
C LYS B 220 38.72 35.78 -30.72
N ASN B 221 39.36 36.27 -31.79
CA ASN B 221 40.81 36.24 -31.91
C ASN B 221 41.46 37.47 -31.29
N SER B 222 40.69 38.39 -30.71
CA SER B 222 41.25 39.58 -30.10
C SER B 222 42.01 39.25 -28.81
N ILE B 223 41.41 38.44 -27.93
CA ILE B 223 42.04 38.05 -26.68
C ILE B 223 41.68 36.62 -26.35
N SER B 224 42.56 35.96 -25.60
CA SER B 224 42.28 34.61 -25.15
C SER B 224 41.18 34.65 -24.09
N PRO B 225 40.49 33.52 -23.88
CA PRO B 225 39.53 33.45 -22.76
C PRO B 225 40.17 33.83 -21.43
N ARG B 226 41.44 33.47 -21.22
CA ARG B 226 42.14 33.88 -20.00
C ARG B 226 42.06 35.38 -19.79
N ASP B 227 42.45 36.15 -20.81
CA ASP B 227 42.48 37.60 -20.68
C ASP B 227 41.07 38.15 -20.49
N ALA B 228 40.07 37.56 -21.15
CA ALA B 228 38.69 38.00 -20.97
C ALA B 228 38.26 37.83 -19.51
N LEU B 229 38.54 36.65 -18.94
CA LEU B 229 38.18 36.40 -17.54
C LEU B 229 38.93 37.37 -16.62
N ALA B 230 40.21 37.64 -16.91
CA ALA B 230 40.98 38.52 -16.04
C ALA B 230 40.46 39.95 -16.08
N SER B 231 40.11 40.43 -17.27
CA SER B 231 39.57 41.78 -17.39
C SER B 231 38.20 41.88 -16.70
N ALA B 232 37.38 40.83 -16.81
CA ALA B 232 36.10 40.83 -16.12
C ALA B 232 36.27 40.85 -14.61
N GLY B 233 37.20 40.02 -14.10
CA GLY B 233 37.51 40.05 -12.69
C GLY B 233 37.99 41.41 -12.22
N LYS B 234 38.77 42.10 -13.06
CA LYS B 234 39.23 43.44 -12.72
C LYS B 234 38.05 44.42 -12.59
N THR B 235 37.19 44.48 -13.61
CA THR B 235 36.06 45.39 -13.55
C THR B 235 35.15 45.08 -12.36
N LEU B 236 34.98 43.79 -12.04
CA LEU B 236 34.11 43.43 -10.92
C LEU B 236 34.76 43.76 -9.57
N VAL B 237 36.08 43.58 -9.46
CA VAL B 237 36.78 43.95 -8.23
C VAL B 237 36.63 45.44 -7.97
N GLU B 238 36.79 46.27 -9.03
CA GLU B 238 36.54 47.70 -8.87
C GLU B 238 35.09 47.97 -8.45
N LEU B 239 34.14 47.28 -9.10
CA LEU B 239 32.73 47.55 -8.83
C LEU B 239 32.37 47.25 -7.38
N PHE B 240 32.80 46.10 -6.86
CA PHE B 240 32.47 45.79 -5.48
C PHE B 240 33.38 46.50 -4.48
N GLY B 241 34.55 46.97 -4.92
CA GLY B 241 35.32 47.86 -4.08
C GLY B 241 34.59 49.16 -3.86
N LEU B 242 33.80 49.59 -4.85
CA LEU B 242 32.90 50.72 -4.64
C LEU B 242 32.10 50.55 -3.35
N ALA B 243 31.56 49.35 -3.13
CA ALA B 243 30.74 49.08 -1.94
C ALA B 243 31.59 48.92 -0.69
N ARG B 244 32.71 48.21 -0.81
CA ARG B 244 33.62 48.06 0.33
C ARG B 244 34.11 49.41 0.85
N GLU B 245 34.17 50.38 -0.02
CA GLU B 245 34.66 51.67 0.32
C GLU B 245 33.84 52.39 1.33
N LEU B 246 32.63 51.95 1.57
CA LEU B 246 31.79 52.64 2.50
C LEU B 246 32.34 52.67 3.87
N ASN B 247 32.95 51.59 4.31
CA ASN B 247 33.55 51.57 5.61
C ASN B 247 34.33 50.33 5.54
N VAL B 248 35.63 50.35 5.30
CA VAL B 248 36.34 49.07 5.23
C VAL B 248 36.15 48.39 6.56
N GLU B 249 35.69 47.15 6.47
CA GLU B 249 35.36 46.29 7.61
C GLU B 249 35.23 44.79 7.45
N ALA B 250 34.91 44.11 8.53
CA ALA B 250 34.99 42.64 8.61
C ALA B 250 34.12 41.92 7.58
N GLU B 251 34.72 40.92 6.93
CA GLU B 251 34.02 40.06 5.97
C GLU B 251 34.90 38.85 5.66
N GLY B 252 34.32 37.87 4.98
CA GLY B 252 34.97 36.60 4.70
C GLY B 252 36.26 36.70 3.91
N ILE B 253 37.35 36.13 4.44
CA ILE B 253 38.68 36.26 3.84
C ILE B 253 39.16 34.87 3.42
N GLU B 254 40.19 34.84 2.57
CA GLU B 254 40.87 33.63 2.16
C GLU B 254 42.36 33.72 2.52
N ILE B 255 43.01 32.58 2.50
CA ILE B 255 44.47 32.51 2.65
C ILE B 255 45.16 32.61 1.30
N GLY B 256 44.76 31.76 0.36
CA GLY B 256 45.31 31.77 -0.98
C GLY B 256 44.37 32.40 -1.98
N PRO B 257 44.93 33.17 -2.93
CA PRO B 257 44.19 33.86 -3.98
C PRO B 257 44.07 33.03 -5.27
N SER C 23 -21.42 36.43 11.18
CA SER C 23 -20.54 37.58 11.37
C SER C 23 -19.74 37.48 12.67
N SER C 24 -20.45 37.63 13.80
CA SER C 24 -19.79 37.70 15.10
C SER C 24 -19.45 36.32 15.66
N ASN C 25 -20.28 35.31 15.42
CA ASN C 25 -20.09 33.96 15.95
C ASN C 25 -19.96 33.99 17.48
N ASN C 26 -20.68 34.91 18.11
CA ASN C 26 -20.47 35.21 19.52
C ASN C 26 -21.20 34.26 20.45
N SER C 27 -21.66 33.11 19.96
CA SER C 27 -22.20 32.09 20.86
C SER C 27 -21.12 31.50 21.75
N VAL C 28 -19.85 31.75 21.47
CA VAL C 28 -18.72 31.30 22.28
C VAL C 28 -18.05 32.54 22.86
N PRO C 29 -17.85 32.62 24.18
CA PRO C 29 -17.26 33.82 24.77
C PRO C 29 -15.76 33.91 24.53
N GLY C 30 -15.30 35.14 24.25
CA GLY C 30 -13.89 35.39 24.00
C GLY C 30 -13.36 34.85 22.69
N ALA C 31 -14.21 34.23 21.87
CA ALA C 31 -13.74 33.63 20.62
C ALA C 31 -13.29 34.71 19.65
N PRO C 32 -12.19 34.49 18.93
CA PRO C 32 -11.68 35.54 18.03
C PRO C 32 -12.71 35.96 17.01
N ASN C 33 -12.50 37.16 16.46
CA ASN C 33 -13.47 37.76 15.55
C ASN C 33 -13.16 37.32 14.12
N ARG C 34 -13.72 36.19 13.73
CA ARG C 34 -13.60 35.69 12.36
C ARG C 34 -14.81 36.17 11.58
N VAL C 35 -14.60 37.17 10.72
CA VAL C 35 -15.66 37.78 9.93
C VAL C 35 -16.03 36.85 8.77
N SER C 36 -17.33 36.68 8.55
CA SER C 36 -17.85 35.62 7.69
C SER C 36 -18.41 36.20 6.40
N PHE C 37 -18.01 35.62 5.26
CA PHE C 37 -18.59 35.94 3.97
C PHE C 37 -19.99 35.40 3.80
N ALA C 38 -20.48 34.59 4.74
CA ALA C 38 -21.77 33.94 4.60
C ALA C 38 -22.87 34.96 4.41
N LYS C 39 -23.89 34.57 3.65
CA LYS C 39 -25.05 35.41 3.43
C LYS C 39 -26.33 34.85 4.02
N LEU C 40 -26.45 33.53 4.09
CA LEU C 40 -27.57 32.90 4.75
C LEU C 40 -27.35 32.89 6.26
N ARG C 41 -28.46 32.93 7.00
CA ARG C 41 -28.39 32.92 8.46
C ARG C 41 -28.59 31.49 8.95
N GLU C 42 -27.81 31.11 9.96
CA GLU C 42 -27.94 29.80 10.57
C GLU C 42 -29.03 29.84 11.62
N PRO C 43 -30.19 29.22 11.41
CA PRO C 43 -31.24 29.24 12.43
C PRO C 43 -31.01 28.26 13.57
N LEU C 44 -30.00 27.40 13.47
CA LEU C 44 -29.73 26.37 14.47
C LEU C 44 -28.22 26.28 14.67
N GLU C 45 -27.83 25.84 15.86
CA GLU C 45 -26.43 25.75 16.20
C GLU C 45 -25.96 24.31 16.08
N VAL C 46 -24.67 24.14 15.80
CA VAL C 46 -24.08 22.80 15.74
C VAL C 46 -24.25 22.13 17.11
N PRO C 47 -24.83 20.94 17.18
CA PRO C 47 -24.98 20.27 18.47
C PRO C 47 -23.62 19.89 19.04
N GLY C 48 -23.64 19.45 20.29
CA GLY C 48 -22.44 18.91 20.90
C GLY C 48 -21.89 17.82 20.00
N LEU C 49 -20.68 18.02 19.49
CA LEU C 49 -20.16 17.08 18.50
C LEU C 49 -19.83 15.73 19.11
N LEU C 50 -19.62 15.66 20.43
CA LEU C 50 -19.42 14.40 21.14
C LEU C 50 -20.73 13.78 21.62
N ASP C 51 -21.88 14.40 21.33
CA ASP C 51 -23.15 13.90 21.85
C ASP C 51 -23.43 12.48 21.43
N VAL C 52 -22.91 12.06 20.26
CA VAL C 52 -23.17 10.70 19.79
C VAL C 52 -22.66 9.67 20.80
N GLN C 53 -21.55 9.98 21.49
CA GLN C 53 -21.01 9.06 22.48
C GLN C 53 -21.53 9.34 23.89
N THR C 54 -21.62 10.62 24.29
CA THR C 54 -22.09 10.92 25.64
C THR C 54 -23.55 10.53 25.83
N ASP C 55 -24.42 10.84 24.86
CA ASP C 55 -25.82 10.41 24.95
C ASP C 55 -25.91 8.91 25.15
N SER C 56 -25.17 8.15 24.36
CA SER C 56 -25.21 6.70 24.42
C SER C 56 -24.77 6.18 25.78
N PHE C 57 -23.61 6.65 26.26
CA PHE C 57 -23.08 6.09 27.50
C PHE C 57 -23.88 6.55 28.71
N GLU C 58 -24.32 7.81 28.71
CA GLU C 58 -25.15 8.32 29.79
C GLU C 58 -26.53 7.67 29.80
N TRP C 59 -27.00 7.15 28.66
CA TRP C 59 -28.15 6.27 28.70
C TRP C 59 -27.80 4.95 29.39
N LEU C 60 -26.74 4.30 28.91
CA LEU C 60 -26.32 3.02 29.49
C LEU C 60 -26.22 3.09 31.01
N ILE C 61 -25.70 4.19 31.53
CA ILE C 61 -25.45 4.33 32.96
C ILE C 61 -26.69 4.78 33.72
N GLY C 62 -27.54 5.60 33.09
CA GLY C 62 -28.70 6.13 33.76
C GLY C 62 -28.39 7.39 34.54
N SER C 63 -27.57 8.27 33.95
CA SER C 63 -27.13 9.48 34.63
C SER C 63 -28.30 10.43 34.88
N PRO C 64 -28.13 11.29 35.84
CA PRO C 64 -29.16 12.24 36.20
C PRO C 64 -29.43 13.07 35.01
N ARG C 65 -28.39 13.41 34.30
CA ARG C 65 -28.54 14.24 33.15
C ARG C 65 -29.47 13.57 32.17
N TRP C 66 -29.24 12.30 31.96
CA TRP C 66 -30.05 11.57 31.04
C TRP C 66 -31.46 11.63 31.52
N ARG C 67 -31.69 11.52 32.79
CA ARG C 67 -33.07 11.52 33.22
C ARG C 67 -33.81 12.78 32.89
N GLU C 68 -33.18 13.90 33.15
CA GLU C 68 -33.81 15.16 32.92
C GLU C 68 -34.19 15.24 31.50
N SER C 69 -33.32 14.73 30.65
CA SER C 69 -33.57 14.80 29.25
C SER C 69 -34.81 14.03 28.95
N ALA C 70 -34.97 12.91 29.64
CA ALA C 70 -36.14 12.05 29.45
C ALA C 70 -37.43 12.76 29.83
N ALA C 71 -37.39 13.53 30.90
CA ALA C 71 -38.56 14.28 31.36
C ALA C 71 -39.02 15.28 30.31
N GLU C 72 -38.08 15.94 29.67
CA GLU C 72 -38.39 16.92 28.64
C GLU C 72 -39.09 16.24 27.47
N ARG C 73 -38.61 15.06 27.11
CA ARG C 73 -39.19 14.29 26.01
C ARG C 73 -40.63 13.89 26.33
N ASN C 77 -41.33 7.02 30.74
CA ASN C 77 -40.82 5.66 30.89
C ASN C 77 -39.33 5.69 30.72
N PRO C 78 -38.59 5.90 31.87
CA PRO C 78 -37.16 5.97 31.64
C PRO C 78 -36.42 4.83 32.24
N VAL C 79 -35.67 4.11 31.42
CA VAL C 79 -34.91 3.02 31.93
C VAL C 79 -33.58 3.10 31.32
N GLY C 80 -32.57 2.60 32.00
CA GLY C 80 -31.23 2.68 31.51
C GLY C 80 -30.76 1.41 30.95
N GLY C 81 -29.67 1.48 30.25
CA GLY C 81 -29.19 0.24 29.66
C GLY C 81 -29.00 -0.84 30.69
N LEU C 82 -28.36 -0.49 31.81
CA LEU C 82 -28.18 -1.44 32.90
C LEU C 82 -29.52 -1.84 33.51
N GLU C 83 -30.36 -0.86 33.84
CA GLU C 83 -31.69 -1.17 34.35
C GLU C 83 -32.43 -2.12 33.42
N GLU C 84 -32.27 -1.93 32.12
CA GLU C 84 -32.92 -2.80 31.15
C GLU C 84 -32.41 -4.23 31.26
N VAL C 85 -31.08 -4.40 31.30
CA VAL C 85 -30.52 -5.75 31.48
C VAL C 85 -31.08 -6.38 32.75
N LEU C 86 -31.14 -5.60 33.84
CA LEU C 86 -31.52 -6.14 35.14
C LEU C 86 -32.99 -6.56 35.16
N TYR C 87 -33.87 -5.74 34.60
CA TYR C 87 -35.28 -6.11 34.57
C TYR C 87 -35.53 -7.28 33.62
N GLU C 88 -34.79 -7.37 32.51
CA GLU C 88 -34.94 -8.54 31.65
C GLU C 88 -34.49 -9.80 32.37
N LEU C 89 -33.46 -9.70 33.20
CA LEU C 89 -32.88 -10.89 33.83
C LEU C 89 -33.65 -11.32 35.07
N SER C 90 -34.23 -10.42 35.75
CA SER C 90 -34.93 -10.70 36.99
C SER C 90 -36.44 -10.77 36.75
N PRO C 91 -37.17 -11.63 37.49
CA PRO C 91 -36.67 -12.48 38.57
C PRO C 91 -36.07 -13.78 38.09
N ILE C 92 -35.15 -14.33 38.86
CA ILE C 92 -34.51 -15.60 38.55
C ILE C 92 -35.16 -16.66 39.44
N GLU C 93 -36.06 -17.44 38.86
CA GLU C 93 -36.72 -18.53 39.57
C GLU C 93 -35.96 -19.83 39.37
N ASP C 94 -36.09 -20.73 40.34
CA ASP C 94 -35.56 -22.07 40.20
C ASP C 94 -36.57 -22.96 39.47
N PHE C 95 -36.14 -24.18 39.14
CA PHE C 95 -36.99 -25.09 38.36
C PHE C 95 -38.29 -25.43 39.08
N SER C 96 -38.34 -25.26 40.40
CA SER C 96 -39.53 -25.54 41.20
C SER C 96 -40.34 -24.30 41.53
N GLY C 97 -39.91 -23.12 41.10
CA GLY C 97 -40.61 -21.89 41.41
C GLY C 97 -40.55 -21.50 42.87
N SER C 98 -39.61 -22.05 43.63
CA SER C 98 -39.54 -21.84 45.06
C SER C 98 -38.85 -20.53 45.42
N MET C 99 -37.58 -20.41 45.05
CA MET C 99 -36.73 -19.31 45.45
C MET C 99 -36.44 -18.41 44.25
N SER C 100 -36.59 -17.10 44.45
CA SER C 100 -36.45 -16.12 43.37
C SER C 100 -35.41 -15.08 43.76
N LEU C 101 -34.51 -14.79 42.82
CA LEU C 101 -33.51 -13.73 42.97
C LEU C 101 -33.78 -12.66 41.93
N SER C 102 -33.81 -11.40 42.36
CA SER C 102 -34.15 -10.31 41.46
C SER C 102 -33.23 -9.12 41.72
N PHE C 103 -32.70 -8.56 40.63
CA PHE C 103 -31.77 -7.44 40.69
C PHE C 103 -32.54 -6.14 40.52
N SER C 104 -32.33 -5.20 41.43
CA SER C 104 -33.23 -4.06 41.57
C SER C 104 -32.61 -2.74 41.14
N ASP C 105 -31.48 -2.35 41.72
CA ASP C 105 -30.97 -0.99 41.51
C ASP C 105 -29.50 -1.04 41.12
N PRO C 106 -29.13 -0.45 39.97
CA PRO C 106 -27.71 -0.22 39.66
C PRO C 106 -27.23 1.15 40.11
N ARG C 107 -26.11 1.17 40.84
CA ARG C 107 -25.51 2.40 41.35
C ARG C 107 -24.00 2.31 41.13
N PHE C 108 -23.35 3.46 41.16
CA PHE C 108 -21.91 3.55 40.95
C PHE C 108 -21.21 4.22 42.12
N ASP C 109 -20.03 3.72 42.45
CA ASP C 109 -19.16 4.36 43.42
C ASP C 109 -18.35 5.45 42.71
N ASP C 110 -17.35 6.02 43.38
CA ASP C 110 -16.48 6.95 42.70
C ASP C 110 -15.45 6.22 41.86
N VAL C 111 -14.79 6.96 40.98
CA VAL C 111 -13.73 6.39 40.16
C VAL C 111 -12.55 6.01 41.04
N LYS C 112 -11.92 4.87 40.72
CA LYS C 112 -10.80 4.38 41.51
C LYS C 112 -9.58 5.30 41.40
N ALA C 113 -9.36 5.90 40.23
CA ALA C 113 -8.16 6.70 40.00
C ALA C 113 -8.43 7.65 38.84
N PRO C 114 -7.82 8.84 38.83
CA PRO C 114 -8.04 9.77 37.73
C PRO C 114 -7.45 9.27 36.41
N VAL C 115 -7.77 9.98 35.34
CA VAL C 115 -7.44 9.51 33.99
C VAL C 115 -5.92 9.42 33.81
N ASP C 116 -5.23 10.50 34.14
CA ASP C 116 -3.78 10.53 33.95
C ASP C 116 -3.10 9.50 34.83
N GLU C 117 -3.67 9.23 36.01
CA GLU C 117 -3.11 8.19 36.86
C GLU C 117 -3.30 6.81 36.24
N CYS C 118 -4.45 6.58 35.60
CA CYS C 118 -4.64 5.32 34.88
C CYS C 118 -3.68 5.20 33.71
N LYS C 119 -3.42 6.32 33.02
CA LYS C 119 -2.50 6.31 31.89
C LYS C 119 -1.08 6.00 32.33
N ASP C 120 -0.66 6.57 33.47
CA ASP C 120 0.70 6.40 33.94
C ASP C 120 0.96 4.97 34.39
N LYS C 121 -0.05 4.31 34.97
CA LYS C 121 0.11 3.03 35.65
C LYS C 121 -0.50 1.86 34.89
N ASP C 122 -0.88 2.05 33.63
CA ASP C 122 -1.45 0.99 32.79
C ASP C 122 -2.70 0.37 33.42
N MET C 123 -3.58 1.22 33.93
CA MET C 123 -4.83 0.82 34.57
C MET C 123 -6.01 0.99 33.61
N THR C 124 -7.21 0.71 34.11
CA THR C 124 -8.44 0.96 33.39
C THR C 124 -9.29 1.94 34.19
N TYR C 125 -9.68 3.04 33.57
CA TYR C 125 -10.48 4.07 34.23
C TYR C 125 -11.90 3.52 34.44
N ALA C 126 -12.17 3.03 35.65
CA ALA C 126 -13.40 2.32 35.96
C ALA C 126 -13.99 2.82 37.28
N ALA C 127 -15.28 2.61 37.44
CA ALA C 127 -15.99 2.87 38.68
C ALA C 127 -16.69 1.58 39.15
N PRO C 128 -16.72 1.33 40.46
CA PRO C 128 -17.36 0.10 40.95
C PRO C 128 -18.87 0.15 40.80
N LEU C 129 -19.44 -0.98 40.33
CA LEU C 129 -20.85 -1.09 40.04
C LEU C 129 -21.52 -1.94 41.11
N PHE C 130 -22.49 -1.37 41.82
CA PHE C 130 -23.28 -2.10 42.79
C PHE C 130 -24.69 -2.29 42.24
N VAL C 131 -25.34 -3.38 42.67
CA VAL C 131 -26.75 -3.60 42.41
C VAL C 131 -27.40 -4.09 43.70
N THR C 132 -28.73 -3.90 43.75
CA THR C 132 -29.53 -4.34 44.89
C THR C 132 -30.10 -5.73 44.61
N ALA C 133 -29.58 -6.75 45.30
CA ALA C 133 -29.94 -8.14 45.05
C ALA C 133 -30.87 -8.65 46.15
N GLU C 134 -32.11 -8.97 45.80
CA GLU C 134 -33.15 -9.37 46.74
C GLU C 134 -33.52 -10.83 46.49
N PHE C 135 -33.24 -11.69 47.48
CA PHE C 135 -33.56 -13.11 47.39
C PHE C 135 -34.80 -13.44 48.23
N ILE C 136 -35.75 -14.14 47.63
CA ILE C 136 -36.97 -14.56 48.32
C ILE C 136 -37.01 -16.07 48.36
N ASN C 137 -37.46 -16.61 49.48
CA ASN C 137 -37.76 -18.04 49.63
C ASN C 137 -39.23 -18.17 50.00
N ASN C 138 -40.04 -18.63 49.05
CA ASN C 138 -41.48 -18.75 49.27
C ASN C 138 -41.83 -19.94 50.15
N ASN C 139 -41.01 -20.99 50.14
CA ASN C 139 -41.27 -22.16 50.98
C ASN C 139 -41.15 -21.82 52.46
N THR C 140 -40.15 -21.02 52.83
CA THR C 140 -40.04 -20.51 54.18
C THR C 140 -40.50 -19.06 54.32
N GLY C 141 -40.83 -18.40 53.20
CA GLY C 141 -41.35 -17.05 53.22
C GLY C 141 -40.36 -15.96 53.55
N GLU C 142 -39.07 -16.25 53.57
CA GLU C 142 -38.08 -15.28 54.04
C GLU C 142 -37.57 -14.41 52.90
N ILE C 143 -37.02 -13.24 53.27
CA ILE C 143 -36.51 -12.27 52.31
C ILE C 143 -35.16 -11.77 52.80
N LYS C 144 -34.15 -11.82 51.93
CA LYS C 144 -32.81 -11.33 52.23
C LYS C 144 -32.41 -10.34 51.14
N SER C 145 -32.46 -9.05 51.45
CA SER C 145 -31.90 -8.04 50.57
C SER C 145 -30.40 -7.91 50.83
N GLN C 146 -29.71 -7.21 49.91
CA GLN C 146 -28.27 -7.06 50.02
C GLN C 146 -27.75 -6.15 48.91
N THR C 147 -26.63 -5.47 49.17
CA THR C 147 -25.93 -4.70 48.14
C THR C 147 -24.77 -5.55 47.63
N VAL C 148 -24.83 -5.94 46.36
CA VAL C 148 -23.84 -6.84 45.77
C VAL C 148 -23.00 -6.07 44.76
N PHE C 149 -21.70 -6.27 44.83
CA PHE C 149 -20.74 -5.63 43.94
C PHE C 149 -20.60 -6.44 42.66
N MET C 150 -20.74 -5.77 41.52
CA MET C 150 -20.75 -6.44 40.23
C MET C 150 -19.40 -6.44 39.53
N GLY C 151 -18.60 -5.41 39.73
CA GLY C 151 -17.31 -5.35 39.08
C GLY C 151 -16.90 -3.91 38.87
N ASP C 152 -15.69 -3.74 38.36
CA ASP C 152 -15.16 -2.42 38.06
C ASP C 152 -15.53 -2.07 36.62
N PHE C 153 -16.61 -1.33 36.48
CA PHE C 153 -17.19 -0.97 35.19
C PHE C 153 -16.40 0.14 34.53
N PRO C 154 -15.79 -0.09 33.36
CA PRO C 154 -14.99 0.98 32.72
C PRO C 154 -15.86 2.20 32.40
N MET C 155 -15.26 3.37 32.57
CA MET C 155 -15.99 4.64 32.46
C MET C 155 -15.54 5.44 31.25
N MET C 156 -16.50 6.12 30.63
CA MET C 156 -16.21 7.07 29.58
C MET C 156 -15.75 8.39 30.20
N THR C 157 -14.76 9.00 29.58
CA THR C 157 -14.22 10.26 30.07
C THR C 157 -15.15 11.41 29.71
N GLU C 158 -14.71 12.63 30.04
CA GLU C 158 -15.41 13.82 29.55
C GLU C 158 -15.20 14.01 28.05
N LYS C 159 -14.11 13.47 27.50
CA LYS C 159 -13.78 13.56 26.09
C LYS C 159 -14.42 12.46 25.26
N GLY C 160 -15.27 11.64 25.87
CA GLY C 160 -15.94 10.58 25.14
C GLY C 160 -15.09 9.37 24.83
N THR C 161 -14.09 9.07 25.67
CA THR C 161 -13.21 7.93 25.43
C THR C 161 -13.15 7.03 26.66
N PHE C 162 -12.33 5.99 26.55
CA PHE C 162 -12.09 5.05 27.62
C PHE C 162 -10.59 4.90 27.82
N ILE C 163 -10.15 4.64 29.04
CA ILE C 163 -8.77 4.24 29.29
C ILE C 163 -8.82 2.76 29.63
N ILE C 164 -8.12 1.96 28.86
CA ILE C 164 -8.12 0.51 28.99
C ILE C 164 -6.66 0.07 29.06
N ASN C 165 -6.29 -0.57 30.16
CA ASN C 165 -4.93 -1.04 30.38
C ASN C 165 -3.91 0.05 30.07
N GLY C 166 -4.27 1.30 30.37
CA GLY C 166 -3.39 2.43 30.22
C GLY C 166 -3.58 3.25 28.97
N THR C 167 -4.09 2.66 27.89
CA THR C 167 -4.19 3.36 26.62
C THR C 167 -5.60 3.88 26.37
N GLU C 168 -5.67 5.02 25.68
CA GLU C 168 -6.95 5.67 25.41
C GLU C 168 -7.59 5.10 24.15
N ARG C 169 -8.90 4.91 24.19
CA ARG C 169 -9.62 4.15 23.18
C ARG C 169 -10.99 4.77 22.93
N VAL C 170 -11.51 4.52 21.73
CA VAL C 170 -12.82 4.99 21.32
C VAL C 170 -13.64 3.78 20.87
N VAL C 171 -14.93 3.78 21.19
CA VAL C 171 -15.85 2.78 20.69
C VAL C 171 -16.61 3.39 19.53
N VAL C 172 -16.32 2.93 18.32
CA VAL C 172 -16.92 3.47 17.11
C VAL C 172 -18.33 2.93 16.96
N SER C 173 -19.25 3.77 16.52
CA SER C 173 -20.62 3.33 16.27
C SER C 173 -20.66 2.40 15.07
N GLN C 174 -21.48 1.35 15.16
CA GLN C 174 -21.49 0.28 14.16
C GLN C 174 -22.78 0.28 13.34
N LEU C 175 -22.64 0.29 12.02
CA LEU C 175 -23.79 0.27 11.11
C LEU C 175 -24.29 -1.15 10.94
N VAL C 176 -25.49 -1.42 11.46
CA VAL C 176 -26.12 -2.73 11.39
C VAL C 176 -27.47 -2.56 10.73
N ARG C 177 -28.03 -3.68 10.27
CA ARG C 177 -29.39 -3.64 9.74
C ARG C 177 -30.38 -3.78 10.89
N SER C 178 -31.34 -2.87 10.94
CA SER C 178 -32.28 -2.81 12.04
C SER C 178 -33.07 -4.10 12.13
N PRO C 179 -33.44 -4.53 13.33
CA PRO C 179 -34.40 -5.62 13.46
C PRO C 179 -35.65 -5.32 12.65
N GLY C 180 -36.18 -6.34 11.98
CA GLY C 180 -37.38 -6.16 11.20
C GLY C 180 -37.64 -7.33 10.27
N VAL C 181 -38.33 -7.04 9.18
CA VAL C 181 -38.69 -8.03 8.18
C VAL C 181 -38.43 -7.40 6.81
N TYR C 182 -37.62 -8.08 5.99
CA TYR C 182 -37.10 -7.47 4.78
C TYR C 182 -37.32 -8.35 3.56
N PHE C 183 -37.92 -7.77 2.53
CA PHE C 183 -38.26 -8.46 1.29
C PHE C 183 -37.36 -7.96 0.17
N ASP C 184 -36.75 -8.89 -0.58
CA ASP C 184 -36.01 -8.51 -1.77
C ASP C 184 -36.41 -9.40 -2.94
N GLU C 185 -36.14 -8.88 -4.14
CA GLU C 185 -36.45 -9.53 -5.41
C GLU C 185 -35.14 -9.83 -6.13
N THR C 186 -34.88 -11.11 -6.36
CA THR C 186 -33.71 -11.57 -7.10
C THR C 186 -34.16 -12.42 -8.27
N ILE C 187 -33.65 -12.10 -9.46
CA ILE C 187 -34.00 -12.87 -10.64
C ILE C 187 -33.40 -14.27 -10.55
N ASP C 188 -34.12 -15.25 -11.09
CA ASP C 188 -33.71 -16.64 -10.94
C ASP C 188 -32.41 -16.91 -11.68
N LYS C 189 -31.62 -17.83 -11.13
CA LYS C 189 -30.32 -18.15 -11.71
C LYS C 189 -30.48 -18.61 -13.16
N SER C 190 -31.17 -19.72 -13.38
CA SER C 190 -31.34 -20.27 -14.72
C SER C 190 -32.63 -19.77 -15.38
N THR C 191 -33.77 -20.05 -14.74
CA THR C 191 -35.07 -19.85 -15.37
C THR C 191 -35.35 -18.40 -15.76
N ASP C 192 -34.54 -17.45 -15.32
CA ASP C 192 -34.77 -16.03 -15.57
C ASP C 192 -36.12 -15.57 -15.02
N LYS C 193 -36.55 -16.18 -13.92
CA LYS C 193 -37.80 -15.85 -13.27
C LYS C 193 -37.54 -14.91 -12.10
N THR C 194 -38.49 -14.01 -11.84
CA THR C 194 -38.34 -13.05 -10.75
C THR C 194 -38.73 -13.72 -9.43
N LEU C 195 -37.73 -14.05 -8.62
CA LEU C 195 -37.94 -14.69 -7.33
C LEU C 195 -37.98 -13.66 -6.21
N HIS C 196 -38.67 -14.01 -5.13
CA HIS C 196 -38.77 -13.13 -3.98
C HIS C 196 -38.38 -13.88 -2.71
N SER C 197 -37.67 -13.18 -1.83
CA SER C 197 -37.25 -13.73 -0.55
C SER C 197 -37.55 -12.73 0.55
N VAL C 198 -37.74 -13.22 1.76
CA VAL C 198 -37.98 -12.38 2.92
C VAL C 198 -37.24 -12.96 4.12
N LYS C 199 -36.59 -12.07 4.87
CA LYS C 199 -35.84 -12.46 6.07
C LYS C 199 -36.42 -11.72 7.27
N VAL C 200 -36.89 -12.49 8.25
CA VAL C 200 -37.32 -11.97 9.54
C VAL C 200 -36.12 -12.05 10.48
N ILE C 201 -35.58 -10.89 10.83
CA ILE C 201 -34.30 -10.78 11.53
C ILE C 201 -34.50 -9.97 12.81
N PRO C 202 -34.34 -10.59 13.99
CA PRO C 202 -34.54 -9.87 15.26
C PRO C 202 -33.25 -9.29 15.81
N SER C 203 -33.34 -8.56 16.93
CA SER C 203 -32.16 -8.09 17.62
C SER C 203 -31.46 -9.18 18.43
N ARG C 204 -32.15 -10.29 18.71
CA ARG C 204 -31.53 -11.44 19.37
C ARG C 204 -32.42 -12.67 19.22
N GLY C 205 -31.83 -13.81 18.88
CA GLY C 205 -32.61 -15.02 18.72
C GLY C 205 -32.28 -15.83 17.49
N ALA C 206 -33.28 -16.46 16.89
CA ALA C 206 -33.09 -17.27 15.70
C ALA C 206 -33.66 -16.56 14.49
N TRP C 207 -33.00 -16.74 13.35
CA TRP C 207 -33.46 -16.15 12.11
C TRP C 207 -34.67 -16.91 11.56
N LEU C 208 -35.48 -16.21 10.77
CA LEU C 208 -36.54 -16.86 10.01
C LEU C 208 -36.45 -16.40 8.56
N GLU C 209 -36.71 -17.30 7.61
CA GLU C 209 -36.62 -16.93 6.21
C GLU C 209 -37.74 -17.60 5.43
N PHE C 210 -38.21 -16.91 4.39
CA PHE C 210 -39.21 -17.48 3.51
C PHE C 210 -38.82 -17.19 2.07
N ASP C 211 -38.85 -18.22 1.24
CA ASP C 211 -38.28 -18.17 -0.09
C ASP C 211 -39.14 -18.95 -1.06
N VAL C 212 -39.40 -18.36 -2.24
CA VAL C 212 -40.06 -19.04 -3.34
C VAL C 212 -38.99 -19.52 -4.31
N ASP C 213 -39.13 -20.77 -4.78
CA ASP C 213 -38.08 -21.44 -5.53
C ASP C 213 -38.28 -21.25 -7.03
N LYS C 214 -37.47 -21.94 -7.82
CA LYS C 214 -37.71 -22.02 -9.27
C LYS C 214 -39.09 -22.60 -9.55
N ARG C 215 -39.36 -23.79 -9.01
CA ARG C 215 -40.73 -24.27 -8.90
C ARG C 215 -41.50 -23.36 -7.95
N ASP C 216 -42.83 -23.42 -8.03
CA ASP C 216 -43.67 -22.44 -7.34
C ASP C 216 -44.07 -22.87 -5.94
N THR C 217 -43.21 -23.61 -5.24
CA THR C 217 -43.46 -23.93 -3.84
C THR C 217 -42.94 -22.80 -2.95
N VAL C 218 -43.78 -22.35 -2.02
CA VAL C 218 -43.35 -21.40 -1.00
C VAL C 218 -42.70 -22.17 0.13
N GLY C 219 -41.56 -21.69 0.61
CA GLY C 219 -40.80 -22.44 1.60
C GLY C 219 -40.32 -21.59 2.76
N VAL C 220 -40.14 -22.25 3.91
CA VAL C 220 -39.60 -21.64 5.11
C VAL C 220 -38.24 -22.26 5.40
N ARG C 221 -37.25 -21.41 5.56
CA ARG C 221 -35.89 -21.81 5.94
C ARG C 221 -35.64 -21.23 7.33
N ILE C 222 -35.41 -22.11 8.30
CA ILE C 222 -35.25 -21.69 9.69
C ILE C 222 -33.84 -22.09 10.15
N ASP C 223 -32.99 -21.09 10.36
CA ASP C 223 -31.61 -21.29 10.82
C ASP C 223 -30.81 -22.15 9.85
N ARG C 224 -30.80 -21.74 8.58
CA ARG C 224 -30.06 -22.37 7.48
C ARG C 224 -30.49 -23.82 7.22
N LYS C 225 -31.53 -24.30 7.88
CA LYS C 225 -32.02 -25.65 7.62
C LYS C 225 -32.63 -25.73 6.21
N ARG C 226 -32.96 -26.95 5.80
CA ARG C 226 -33.54 -27.14 4.49
C ARG C 226 -34.88 -26.41 4.39
N ARG C 227 -35.28 -26.09 3.16
CA ARG C 227 -36.51 -25.34 2.93
C ARG C 227 -37.69 -26.30 3.00
N GLN C 228 -38.39 -26.30 4.13
CA GLN C 228 -39.66 -26.98 4.24
C GLN C 228 -40.77 -26.13 3.62
N PRO C 229 -41.85 -26.74 3.16
CA PRO C 229 -42.99 -25.95 2.71
C PRO C 229 -43.52 -25.08 3.84
N VAL C 230 -43.97 -23.87 3.48
CA VAL C 230 -44.55 -22.97 4.48
C VAL C 230 -45.79 -23.60 5.11
N THR C 231 -46.46 -24.49 4.38
CA THR C 231 -47.62 -25.19 4.93
C THR C 231 -47.25 -26.02 6.15
N VAL C 232 -46.02 -26.54 6.22
CA VAL C 232 -45.58 -27.30 7.39
C VAL C 232 -45.67 -26.46 8.64
N LEU C 233 -45.09 -25.25 8.58
CA LEU C 233 -45.14 -24.34 9.73
C LEU C 233 -46.55 -23.86 10.00
N LEU C 234 -47.33 -23.58 8.94
CA LEU C 234 -48.69 -23.11 9.14
C LEU C 234 -49.54 -24.15 9.87
N LYS C 235 -49.37 -25.42 9.54
CA LYS C 235 -50.11 -26.48 10.23
C LYS C 235 -49.51 -26.79 11.60
N ALA C 236 -48.21 -26.55 11.79
CA ALA C 236 -47.63 -26.75 13.11
C ALA C 236 -48.09 -25.68 14.10
N LEU C 237 -48.43 -24.49 13.61
CA LEU C 237 -48.92 -23.43 14.48
C LEU C 237 -50.35 -23.66 14.96
N GLY C 238 -51.07 -24.60 14.35
CA GLY C 238 -52.46 -24.87 14.67
C GLY C 238 -53.41 -24.70 13.52
N TRP C 239 -53.03 -23.96 12.47
CA TRP C 239 -53.88 -23.76 11.32
C TRP C 239 -54.15 -25.09 10.63
N THR C 240 -55.42 -25.40 10.43
CA THR C 240 -55.82 -26.61 9.72
C THR C 240 -55.83 -26.35 8.21
N SER C 241 -55.99 -27.44 7.45
CA SER C 241 -55.87 -27.35 5.99
C SER C 241 -56.90 -26.40 5.40
N GLU C 242 -58.16 -26.52 5.83
CA GLU C 242 -59.19 -25.62 5.32
C GLU C 242 -58.98 -24.20 5.82
N GLN C 243 -58.50 -24.06 7.07
CA GLN C 243 -58.19 -22.74 7.62
C GLN C 243 -57.05 -22.08 6.85
N ILE C 244 -56.21 -22.86 6.18
CA ILE C 244 -55.14 -22.31 5.36
C ILE C 244 -55.65 -21.98 3.96
N VAL C 245 -56.39 -22.91 3.35
CA VAL C 245 -56.92 -22.69 2.01
C VAL C 245 -57.86 -21.49 1.97
N GLU C 246 -58.54 -21.20 3.08
CA GLU C 246 -59.43 -20.05 3.11
C GLU C 246 -58.65 -18.75 2.92
N ARG C 247 -57.53 -18.59 3.62
CA ARG C 247 -56.81 -17.32 3.58
C ARG C 247 -55.91 -17.21 2.36
N PHE C 248 -55.11 -18.25 2.09
CA PHE C 248 -54.11 -18.21 1.04
C PHE C 248 -54.62 -18.82 -0.27
N GLY C 249 -55.92 -19.03 -0.40
CA GLY C 249 -56.45 -19.63 -1.61
C GLY C 249 -56.36 -18.74 -2.83
N PHE C 250 -56.40 -17.41 -2.63
CA PHE C 250 -56.37 -16.50 -3.76
C PHE C 250 -55.05 -16.62 -4.53
N SER C 251 -53.97 -16.96 -3.85
CA SER C 251 -52.67 -17.15 -4.48
C SER C 251 -52.54 -18.63 -4.84
N GLU C 252 -52.57 -18.93 -6.15
CA GLU C 252 -52.42 -20.30 -6.62
C GLU C 252 -51.04 -20.86 -6.34
N ILE C 253 -50.15 -20.05 -5.76
CA ILE C 253 -48.85 -20.53 -5.33
C ILE C 253 -48.98 -21.34 -4.04
N MET C 254 -49.79 -20.85 -3.10
CA MET C 254 -49.99 -21.57 -1.86
C MET C 254 -50.83 -22.83 -2.07
N ARG C 255 -51.84 -22.76 -2.94
CA ARG C 255 -52.62 -23.96 -3.26
C ARG C 255 -51.76 -24.99 -3.98
N SER C 256 -50.88 -24.54 -4.88
CA SER C 256 -49.98 -25.46 -5.56
C SER C 256 -49.01 -26.11 -4.57
N THR C 257 -48.48 -25.34 -3.62
CA THR C 257 -47.52 -25.91 -2.67
C THR C 257 -48.20 -26.73 -1.57
N LEU C 258 -49.51 -26.56 -1.35
CA LEU C 258 -50.23 -27.42 -0.43
C LEU C 258 -50.67 -28.72 -1.10
N GLU C 259 -51.08 -28.65 -2.37
CA GLU C 259 -51.32 -29.87 -3.13
C GLU C 259 -50.04 -30.69 -3.27
N LYS C 260 -48.90 -30.02 -3.39
CA LYS C 260 -47.59 -30.68 -3.40
C LYS C 260 -47.06 -30.95 -2.00
N ASP C 261 -47.80 -30.58 -0.95
CA ASP C 261 -47.33 -30.83 0.40
C ASP C 261 -47.30 -32.32 0.70
N ASN C 262 -46.34 -32.74 1.53
CA ASN C 262 -46.13 -34.16 1.79
C ASN C 262 -47.20 -34.73 2.72
N THR C 263 -47.38 -34.12 3.89
CA THR C 263 -48.35 -34.58 4.87
C THR C 263 -49.23 -33.42 5.32
N VAL C 264 -50.39 -33.77 5.88
CA VAL C 264 -51.42 -32.81 6.26
C VAL C 264 -51.87 -33.13 7.68
N GLY C 265 -51.61 -32.20 8.61
CA GLY C 265 -51.97 -32.38 10.00
C GLY C 265 -51.15 -31.45 10.87
N THR C 266 -51.49 -31.45 12.17
CA THR C 266 -50.90 -30.51 13.10
C THR C 266 -49.68 -31.08 13.82
N ASP C 267 -49.87 -32.16 14.59
CA ASP C 267 -48.77 -32.71 15.36
C ASP C 267 -47.77 -33.45 14.47
N GLU C 268 -48.22 -33.99 13.35
CA GLU C 268 -47.27 -34.50 12.36
C GLU C 268 -46.40 -33.37 11.82
N ALA C 269 -46.99 -32.17 11.67
CA ALA C 269 -46.21 -31.02 11.23
C ALA C 269 -45.18 -30.62 12.27
N LEU C 270 -45.58 -30.57 13.54
CA LEU C 270 -44.61 -30.32 14.61
C LEU C 270 -43.51 -31.39 14.63
N LEU C 271 -43.89 -32.64 14.38
CA LEU C 271 -42.93 -33.74 14.34
C LEU C 271 -41.90 -33.52 13.24
N ASP C 272 -42.35 -33.14 12.04
CA ASP C 272 -41.43 -32.89 10.94
C ASP C 272 -40.57 -31.66 11.21
N ILE C 273 -41.13 -30.64 11.87
CA ILE C 273 -40.34 -29.49 12.29
C ILE C 273 -39.18 -29.93 13.16
N TYR C 274 -39.47 -30.70 14.21
CA TYR C 274 -38.43 -31.18 15.11
C TYR C 274 -37.44 -32.06 14.39
N ARG C 275 -37.92 -32.95 13.51
CA ARG C 275 -37.04 -33.85 12.78
C ARG C 275 -36.03 -33.06 11.94
N LYS C 276 -36.51 -32.07 11.20
CA LYS C 276 -35.60 -31.25 10.40
C LYS C 276 -34.76 -30.32 11.26
N LEU C 277 -35.17 -30.06 12.50
CA LEU C 277 -34.44 -29.12 13.35
C LEU C 277 -33.29 -29.77 14.11
N ARG C 278 -33.37 -31.07 14.37
CA ARG C 278 -32.29 -31.79 15.06
C ARG C 278 -31.96 -33.07 14.31
N PRO C 279 -30.83 -33.13 13.61
CA PRO C 279 -30.44 -34.37 12.94
C PRO C 279 -29.87 -35.38 13.94
N GLY C 280 -29.99 -36.66 13.58
CA GLY C 280 -29.54 -37.73 14.46
C GLY C 280 -30.22 -37.71 15.82
N GLU C 281 -31.52 -37.40 15.85
CA GLU C 281 -32.24 -37.18 17.08
C GLU C 281 -33.61 -37.86 17.00
N PRO C 282 -34.00 -38.61 18.03
CA PRO C 282 -35.35 -39.19 18.04
C PRO C 282 -36.40 -38.12 18.28
N PRO C 283 -37.33 -37.94 17.35
CA PRO C 283 -38.31 -36.86 17.49
C PRO C 283 -39.36 -37.20 18.55
N THR C 284 -39.93 -36.15 19.14
CA THR C 284 -41.01 -36.28 20.10
C THR C 284 -41.97 -35.11 19.91
N LYS C 285 -43.27 -35.39 20.02
CA LYS C 285 -44.28 -34.39 19.68
C LYS C 285 -44.28 -33.24 20.70
N GLU C 286 -44.29 -33.57 21.98
CA GLU C 286 -44.41 -32.53 23.01
C GLU C 286 -43.14 -31.68 23.09
N SER C 287 -41.96 -32.31 22.97
CA SER C 287 -40.73 -31.54 22.97
C SER C 287 -40.59 -30.70 21.71
N ALA C 288 -41.15 -31.15 20.59
CA ALA C 288 -41.23 -30.31 19.40
C ALA C 288 -42.08 -29.08 19.66
N GLN C 289 -43.25 -29.27 20.27
CA GLN C 289 -44.09 -28.14 20.67
C GLN C 289 -43.31 -27.15 21.54
N THR C 290 -42.59 -27.66 22.55
CA THR C 290 -41.87 -26.80 23.48
C THR C 290 -40.74 -26.05 22.77
N LEU C 291 -39.95 -26.76 21.95
CA LEU C 291 -38.84 -26.13 21.24
C LEU C 291 -39.34 -25.02 20.32
N LEU C 292 -40.40 -25.30 19.56
CA LEU C 292 -40.90 -24.31 18.62
C LEU C 292 -41.49 -23.09 19.34
N GLU C 293 -42.21 -23.32 20.45
CA GLU C 293 -42.71 -22.17 21.20
C GLU C 293 -41.59 -21.40 21.88
N ASN C 294 -40.45 -22.04 22.13
CA ASN C 294 -39.31 -21.34 22.72
C ASN C 294 -38.51 -20.56 21.68
N LEU C 295 -38.55 -20.97 20.41
CA LEU C 295 -37.68 -20.36 19.41
C LEU C 295 -38.08 -18.92 19.09
N PHE C 296 -39.37 -18.65 18.90
CA PHE C 296 -39.75 -17.34 18.38
C PHE C 296 -40.75 -16.60 19.26
N PHE C 297 -41.68 -17.30 19.91
CA PHE C 297 -42.73 -16.63 20.66
C PHE C 297 -42.39 -16.50 22.14
N LYS C 298 -41.41 -17.25 22.63
CA LYS C 298 -41.02 -17.19 24.04
C LYS C 298 -39.98 -16.09 24.22
N GLU C 299 -40.30 -15.11 25.07
CA GLU C 299 -39.46 -13.94 25.28
C GLU C 299 -38.13 -14.25 25.94
N LYS C 300 -37.90 -15.50 26.36
CA LYS C 300 -36.65 -15.84 27.02
C LYS C 300 -35.45 -15.64 26.08
N ARG C 301 -35.41 -16.40 24.99
CA ARG C 301 -34.23 -16.41 24.13
C ARG C 301 -34.48 -15.81 22.75
N TYR C 302 -35.61 -15.12 22.56
CA TYR C 302 -35.90 -14.45 21.29
C TYR C 302 -36.47 -13.08 21.57
N ASP C 303 -35.88 -12.06 20.95
CA ASP C 303 -36.29 -10.68 21.18
C ASP C 303 -35.91 -9.84 19.97
N LEU C 304 -36.91 -9.30 19.28
CA LEU C 304 -36.72 -8.14 18.42
C LEU C 304 -37.08 -6.91 19.26
N ALA C 305 -36.17 -5.96 19.34
CA ALA C 305 -36.36 -4.87 20.30
C ALA C 305 -37.52 -3.99 19.87
N ARG C 306 -37.72 -2.89 20.61
CA ARG C 306 -38.73 -1.92 20.23
C ARG C 306 -38.53 -1.43 18.80
N VAL C 307 -37.27 -1.38 18.33
CA VAL C 307 -37.01 -1.06 16.93
C VAL C 307 -37.67 -2.08 16.01
N GLY C 308 -37.43 -3.37 16.27
CA GLY C 308 -38.01 -4.39 15.41
C GLY C 308 -39.52 -4.42 15.50
N ARG C 309 -40.08 -4.22 16.69
CA ARG C 309 -41.53 -4.21 16.82
C ARG C 309 -42.14 -3.06 16.02
N TYR C 310 -41.59 -1.85 16.17
CA TYR C 310 -42.11 -0.71 15.42
C TYR C 310 -41.94 -0.93 13.91
N LYS C 311 -40.80 -1.50 13.52
CA LYS C 311 -40.54 -1.73 12.10
C LYS C 311 -41.54 -2.70 11.49
N VAL C 312 -41.76 -3.84 12.15
CA VAL C 312 -42.69 -4.82 11.59
C VAL C 312 -44.13 -4.30 11.65
N ASN C 313 -44.48 -3.53 12.70
CA ASN C 313 -45.84 -3.04 12.80
C ASN C 313 -46.13 -2.00 11.73
N LYS C 314 -45.18 -1.11 11.43
CA LYS C 314 -45.36 -0.18 10.32
C LYS C 314 -45.22 -0.87 8.97
N LYS C 315 -44.52 -2.00 8.91
CA LYS C 315 -44.27 -2.68 7.63
C LYS C 315 -45.50 -3.46 7.19
N LEU C 316 -46.20 -4.12 8.11
CA LEU C 316 -47.36 -4.92 7.76
C LEU C 316 -48.69 -4.30 8.17
N GLY C 317 -48.68 -3.26 9.02
CA GLY C 317 -49.90 -2.60 9.43
C GLY C 317 -50.54 -3.14 10.70
N LEU C 318 -49.83 -3.92 11.50
CA LEU C 318 -50.40 -4.48 12.71
C LEU C 318 -50.29 -3.50 13.87
N HIS C 319 -51.27 -3.58 14.78
CA HIS C 319 -51.22 -2.87 16.06
C HIS C 319 -50.93 -1.38 15.86
N VAL C 320 -51.85 -0.69 15.21
CA VAL C 320 -51.64 0.72 14.87
C VAL C 320 -52.27 1.62 15.93
N GLY C 321 -52.72 1.00 17.03
CA GLY C 321 -53.20 1.76 18.17
C GLY C 321 -52.04 2.08 19.10
N GLU C 322 -50.82 1.97 18.57
CA GLU C 322 -49.58 2.22 19.33
C GLU C 322 -49.44 1.39 20.60
N PRO C 323 -49.72 0.05 20.57
CA PRO C 323 -49.34 -0.78 21.71
C PRO C 323 -47.92 -1.30 21.59
N ILE C 324 -47.08 -1.00 22.58
CA ILE C 324 -45.68 -1.43 22.57
C ILE C 324 -45.44 -2.35 23.76
N THR C 325 -46.47 -3.12 24.13
CA THR C 325 -46.39 -3.96 25.32
C THR C 325 -45.29 -5.01 25.20
N SER C 326 -45.45 -5.94 24.26
CA SER C 326 -44.50 -7.02 24.07
C SER C 326 -43.77 -6.85 22.74
N SER C 327 -42.54 -7.35 22.69
CA SER C 327 -41.70 -7.30 21.49
C SER C 327 -41.21 -8.71 21.21
N THR C 328 -42.06 -9.49 20.54
CA THR C 328 -41.75 -10.88 20.21
C THR C 328 -42.43 -11.21 18.89
N LEU C 329 -41.94 -12.27 18.24
CA LEU C 329 -42.57 -12.73 17.02
C LEU C 329 -43.91 -13.36 17.36
N THR C 330 -44.99 -12.75 16.88
CA THR C 330 -46.33 -13.27 17.07
C THR C 330 -46.73 -14.13 15.87
N GLU C 331 -47.70 -15.02 16.10
CA GLU C 331 -48.21 -15.85 15.00
C GLU C 331 -48.79 -14.98 13.89
N GLU C 332 -49.59 -13.97 14.27
CA GLU C 332 -50.22 -13.10 13.27
C GLU C 332 -49.17 -12.37 12.45
N ASP C 333 -48.03 -12.04 13.04
CA ASP C 333 -46.95 -11.43 12.28
C ASP C 333 -46.40 -12.41 11.24
N VAL C 334 -46.25 -13.68 11.61
CA VAL C 334 -45.78 -14.69 10.66
C VAL C 334 -46.75 -14.82 9.51
N VAL C 335 -48.05 -14.87 9.81
CA VAL C 335 -49.05 -15.01 8.76
C VAL C 335 -49.04 -13.78 7.86
N ALA C 336 -48.90 -12.59 8.46
CA ALA C 336 -48.89 -11.36 7.68
C ALA C 336 -47.67 -11.31 6.75
N THR C 337 -46.51 -11.75 7.24
CA THR C 337 -45.32 -11.76 6.38
C THR C 337 -45.45 -12.78 5.26
N ILE C 338 -46.03 -13.94 5.53
CA ILE C 338 -46.23 -14.94 4.48
C ILE C 338 -47.16 -14.39 3.40
N GLU C 339 -48.26 -13.76 3.82
CA GLU C 339 -49.18 -13.19 2.85
C GLU C 339 -48.56 -12.03 2.08
N TYR C 340 -47.74 -11.21 2.77
CA TYR C 340 -47.01 -10.14 2.10
C TYR C 340 -46.09 -10.69 1.04
N LEU C 341 -45.40 -11.79 1.33
CA LEU C 341 -44.50 -12.39 0.35
C LEU C 341 -45.29 -12.91 -0.86
N VAL C 342 -46.36 -13.66 -0.60
CA VAL C 342 -47.08 -14.26 -1.72
C VAL C 342 -47.79 -13.19 -2.55
N ARG C 343 -48.17 -12.06 -1.93
CA ARG C 343 -48.80 -10.99 -2.69
C ARG C 343 -47.76 -10.12 -3.40
N LEU C 344 -46.54 -10.04 -2.85
CA LEU C 344 -45.45 -9.38 -3.56
C LEU C 344 -45.02 -10.19 -4.78
N HIS C 345 -45.22 -11.50 -4.74
CA HIS C 345 -44.97 -12.29 -5.95
C HIS C 345 -45.88 -11.86 -7.08
N GLU C 346 -47.06 -11.30 -6.77
CA GLU C 346 -47.87 -10.62 -7.76
C GLU C 346 -47.56 -9.13 -7.85
N GLY C 347 -46.98 -8.54 -6.81
CA GLY C 347 -46.52 -7.17 -6.89
C GLY C 347 -47.59 -6.12 -6.82
N GLN C 348 -48.79 -6.47 -6.37
CA GLN C 348 -49.83 -5.47 -6.16
C GLN C 348 -49.34 -4.40 -5.21
N THR C 349 -49.61 -3.13 -5.55
CA THR C 349 -49.06 -2.02 -4.81
C THR C 349 -49.60 -1.89 -3.39
N THR C 350 -50.62 -2.67 -3.02
CA THR C 350 -51.29 -2.51 -1.73
C THR C 350 -51.48 -3.86 -1.06
N MET C 351 -51.95 -3.81 0.18
CA MET C 351 -52.29 -5.00 0.97
C MET C 351 -53.02 -4.55 2.23
N THR C 352 -53.75 -5.50 2.83
CA THR C 352 -54.45 -5.27 4.08
C THR C 352 -54.57 -6.61 4.81
N VAL C 353 -54.28 -6.60 6.10
CA VAL C 353 -54.37 -7.79 6.94
C VAL C 353 -55.65 -7.68 7.78
N PRO C 354 -56.10 -8.74 8.48
CA PRO C 354 -57.20 -8.57 9.43
C PRO C 354 -56.87 -7.47 10.43
N GLY C 355 -57.62 -6.36 10.34
CA GLY C 355 -57.26 -5.15 11.03
C GLY C 355 -56.12 -4.38 10.41
N GLY C 356 -55.58 -4.85 9.29
CA GLY C 356 -54.49 -4.16 8.63
C GLY C 356 -54.93 -2.85 8.02
N VAL C 357 -53.95 -2.03 7.67
CA VAL C 357 -54.20 -0.64 7.27
C VAL C 357 -53.37 -0.35 6.01
N GLU C 358 -53.99 -0.52 4.85
CA GLU C 358 -53.56 0.06 3.57
C GLU C 358 -52.05 0.05 3.40
N VAL C 359 -51.48 -1.15 3.47
CA VAL C 359 -50.02 -1.32 3.51
C VAL C 359 -49.46 -1.43 2.09
N PRO C 360 -48.44 -0.64 1.74
CA PRO C 360 -47.80 -0.79 0.43
C PRO C 360 -46.90 -2.00 0.35
N VAL C 361 -46.98 -2.72 -0.77
CA VAL C 361 -46.20 -3.93 -1.00
C VAL C 361 -45.02 -3.58 -1.90
N GLU C 362 -43.81 -3.78 -1.40
CA GLU C 362 -42.60 -3.41 -2.12
C GLU C 362 -41.42 -4.10 -1.48
N THR C 363 -40.35 -4.27 -2.25
CA THR C 363 -39.12 -4.78 -1.67
C THR C 363 -38.45 -3.70 -0.83
N ASP C 364 -37.45 -4.10 -0.06
CA ASP C 364 -36.77 -3.22 0.87
C ASP C 364 -35.33 -2.98 0.43
N ASP C 365 -34.87 -1.74 0.64
CA ASP C 365 -33.50 -1.35 0.33
C ASP C 365 -32.64 -1.55 1.57
N ILE C 366 -31.65 -2.43 1.46
CA ILE C 366 -30.81 -2.80 2.59
C ILE C 366 -30.00 -1.60 3.08
N ASP C 367 -29.64 -0.70 2.17
CA ASP C 367 -28.74 0.41 2.46
C ASP C 367 -29.47 1.69 2.85
N HIS C 368 -30.80 1.71 2.75
CA HIS C 368 -31.54 2.92 3.11
C HIS C 368 -31.44 3.15 4.61
N PHE C 369 -31.15 4.40 4.99
CA PHE C 369 -30.91 4.69 6.41
C PHE C 369 -32.15 4.65 7.26
N GLY C 370 -33.29 4.19 6.75
CA GLY C 370 -34.44 3.88 7.57
C GLY C 370 -34.53 2.39 7.87
N ASN C 371 -33.70 1.61 7.19
CA ASN C 371 -33.56 0.19 7.47
C ASN C 371 -32.17 -0.16 7.98
N ARG C 372 -31.25 0.80 7.99
CA ARG C 372 -29.88 0.59 8.46
C ARG C 372 -29.66 1.53 9.65
N ARG C 373 -29.62 0.96 10.84
CA ARG C 373 -29.41 1.74 12.05
C ARG C 373 -27.96 1.60 12.50
N LEU C 374 -27.61 2.27 13.58
CA LEU C 374 -26.28 2.08 14.15
C LEU C 374 -26.41 1.80 15.64
N ARG C 375 -25.65 0.81 16.09
CA ARG C 375 -25.48 0.52 17.50
C ARG C 375 -24.33 1.37 18.00
N THR C 376 -24.64 2.33 18.89
CA THR C 376 -23.64 3.23 19.45
C THR C 376 -22.89 2.51 20.58
N VAL C 377 -22.09 3.26 21.32
CA VAL C 377 -21.21 2.67 22.33
C VAL C 377 -22.04 2.01 23.44
N GLY C 378 -23.03 2.73 23.96
CA GLY C 378 -23.79 2.22 25.10
C GLY C 378 -24.52 0.93 24.78
N GLU C 379 -25.10 0.83 23.59
CA GLU C 379 -25.78 -0.41 23.21
C GLU C 379 -24.77 -1.52 22.97
N LEU C 380 -23.64 -1.20 22.34
CA LEU C 380 -22.61 -2.21 22.13
C LEU C 380 -22.16 -2.79 23.45
N ILE C 381 -22.05 -1.95 24.49
CA ILE C 381 -21.64 -2.42 25.80
C ILE C 381 -22.75 -3.24 26.44
N GLN C 382 -23.99 -2.75 26.36
CA GLN C 382 -25.13 -3.49 26.91
C GLN C 382 -25.20 -4.89 26.33
N ASN C 383 -24.92 -5.04 25.04
CA ASN C 383 -25.01 -6.36 24.42
C ASN C 383 -23.99 -7.34 24.98
N GLN C 384 -22.89 -6.86 25.54
CA GLN C 384 -21.95 -7.75 26.21
C GLN C 384 -22.26 -7.92 27.70
N ILE C 385 -22.77 -6.86 28.33
CA ILE C 385 -23.27 -6.96 29.69
C ILE C 385 -24.31 -8.06 29.77
N ARG C 386 -25.22 -8.09 28.80
CA ARG C 386 -26.29 -9.09 28.80
C ARG C 386 -25.73 -10.49 28.73
N VAL C 387 -24.72 -10.70 27.87
CA VAL C 387 -24.09 -12.01 27.74
C VAL C 387 -23.48 -12.44 29.06
N GLY C 388 -22.71 -11.54 29.68
CA GLY C 388 -22.12 -11.86 30.96
C GLY C 388 -23.16 -12.16 32.03
N MET C 389 -24.22 -11.35 32.09
CA MET C 389 -25.27 -11.53 33.08
C MET C 389 -25.96 -12.87 32.90
N SER C 390 -26.19 -13.29 31.65
CA SER C 390 -26.85 -14.58 31.43
C SER C 390 -25.92 -15.73 31.81
N ARG C 391 -24.64 -15.63 31.43
CA ARG C 391 -23.68 -16.65 31.86
C ARG C 391 -23.64 -16.73 33.39
N MET C 392 -23.84 -15.60 34.08
CA MET C 392 -23.91 -15.59 35.54
C MET C 392 -25.22 -16.17 36.05
N GLU C 393 -26.32 -15.95 35.33
CA GLU C 393 -27.61 -16.53 35.70
C GLU C 393 -27.58 -18.04 35.62
N ARG C 394 -26.80 -18.59 34.69
CA ARG C 394 -26.55 -20.03 34.69
C ARG C 394 -26.00 -20.49 36.03
N VAL C 395 -24.98 -19.79 36.53
CA VAL C 395 -24.39 -20.16 37.81
C VAL C 395 -25.34 -19.90 38.97
N VAL C 396 -26.19 -18.87 38.86
CA VAL C 396 -27.19 -18.62 39.89
C VAL C 396 -28.14 -19.81 40.01
N ARG C 397 -28.64 -20.30 38.87
CA ARG C 397 -29.53 -21.47 38.91
C ARG C 397 -28.79 -22.74 39.30
N GLU C 398 -27.47 -22.81 39.05
CA GLU C 398 -26.71 -23.98 39.47
C GLU C 398 -26.47 -23.98 40.98
N ARG C 399 -26.23 -22.82 41.56
CA ARG C 399 -25.96 -22.74 42.99
C ARG C 399 -27.22 -22.95 43.83
N MET C 400 -28.39 -22.66 43.27
CA MET C 400 -29.62 -22.75 44.06
C MET C 400 -29.98 -24.18 44.47
N THR C 401 -29.44 -25.18 43.78
CA THR C 401 -29.69 -26.58 44.13
C THR C 401 -28.59 -27.18 44.99
N THR C 402 -27.33 -26.85 44.72
CA THR C 402 -26.20 -27.47 45.42
C THR C 402 -25.92 -26.84 46.78
N GLN C 403 -26.75 -25.92 47.25
CA GLN C 403 -26.46 -25.17 48.48
C GLN C 403 -27.57 -25.35 49.50
N ASP C 404 -27.18 -25.28 50.78
CA ASP C 404 -28.14 -25.40 51.87
C ASP C 404 -29.09 -24.20 51.84
N VAL C 405 -30.39 -24.49 51.80
CA VAL C 405 -31.38 -23.48 51.41
C VAL C 405 -31.44 -22.32 52.41
N GLU C 406 -31.14 -22.57 53.68
CA GLU C 406 -31.15 -21.47 54.66
C GLU C 406 -29.79 -20.81 54.82
N ALA C 407 -28.73 -21.41 54.28
CA ALA C 407 -27.39 -20.85 54.37
C ALA C 407 -27.03 -19.94 53.20
N ILE C 408 -27.85 -19.90 52.14
CA ILE C 408 -27.52 -19.07 50.98
C ILE C 408 -27.86 -17.62 51.26
N THR C 409 -27.36 -16.74 50.42
CA THR C 409 -27.53 -15.30 50.54
C THR C 409 -27.33 -14.69 49.16
N PRO C 410 -27.85 -13.47 48.91
CA PRO C 410 -27.60 -12.82 47.61
C PRO C 410 -26.13 -12.75 47.20
N GLN C 411 -25.21 -13.10 48.09
CA GLN C 411 -23.79 -13.09 47.77
C GLN C 411 -23.26 -14.46 47.37
N THR C 412 -23.90 -15.54 47.79
CA THR C 412 -23.44 -16.88 47.43
C THR C 412 -23.89 -17.32 46.05
N LEU C 413 -24.97 -16.73 45.53
CA LEU C 413 -25.46 -17.08 44.20
C LEU C 413 -24.68 -16.36 43.11
N ILE C 414 -24.40 -15.07 43.30
CA ILE C 414 -23.92 -14.18 42.26
C ILE C 414 -22.42 -14.35 42.08
N ASN C 415 -22.02 -14.87 40.92
CA ASN C 415 -20.62 -14.97 40.52
C ASN C 415 -20.37 -13.95 39.41
N ILE C 416 -19.55 -12.93 39.70
CA ILE C 416 -19.39 -11.81 38.78
C ILE C 416 -18.20 -12.04 37.85
N ARG C 417 -17.63 -13.24 37.86
CA ARG C 417 -16.54 -13.53 36.93
C ARG C 417 -16.97 -13.42 35.46
N PRO C 418 -18.11 -13.98 35.03
CA PRO C 418 -18.45 -13.87 33.60
C PRO C 418 -18.77 -12.45 33.16
N VAL C 419 -19.35 -11.61 34.01
CA VAL C 419 -19.66 -10.25 33.62
C VAL C 419 -18.39 -9.44 33.43
N VAL C 420 -17.47 -9.52 34.40
CA VAL C 420 -16.18 -8.86 34.27
C VAL C 420 -15.43 -9.35 33.05
N ALA C 421 -15.46 -10.67 32.80
CA ALA C 421 -14.79 -11.20 31.62
C ALA C 421 -15.42 -10.69 30.34
N ALA C 422 -16.75 -10.50 30.33
CA ALA C 422 -17.42 -10.02 29.12
C ALA C 422 -17.04 -8.58 28.82
N ILE C 423 -17.06 -7.71 29.83
CA ILE C 423 -16.68 -6.32 29.62
C ILE C 423 -15.23 -6.22 29.18
N LYS C 424 -14.36 -6.97 29.86
CA LYS C 424 -12.94 -6.95 29.53
C LYS C 424 -12.73 -7.43 28.11
N GLU C 425 -13.32 -8.57 27.74
CA GLU C 425 -13.18 -9.09 26.39
C GLU C 425 -13.66 -8.08 25.35
N PHE C 426 -14.82 -7.46 25.60
CA PHE C 426 -15.34 -6.48 24.66
C PHE C 426 -14.33 -5.36 24.43
N PHE C 427 -14.01 -4.61 25.48
CA PHE C 427 -13.07 -3.50 25.31
C PHE C 427 -11.70 -3.95 24.82
N GLY C 428 -11.38 -5.24 24.92
CA GLY C 428 -10.02 -5.65 24.63
C GLY C 428 -9.81 -6.34 23.31
N THR C 429 -10.88 -6.83 22.68
CA THR C 429 -10.76 -7.55 21.41
C THR C 429 -11.75 -7.11 20.33
N SER C 430 -12.80 -6.37 20.67
CA SER C 430 -13.81 -6.01 19.68
C SER C 430 -13.20 -5.14 18.58
N GLN C 431 -13.64 -5.38 17.34
CA GLN C 431 -13.25 -4.49 16.24
C GLN C 431 -13.68 -3.06 16.51
N LEU C 432 -14.74 -2.87 17.29
CA LEU C 432 -15.31 -1.55 17.50
C LEU C 432 -14.67 -0.79 18.66
N SER C 433 -13.86 -1.44 19.49
CA SER C 433 -13.05 -0.74 20.50
C SER C 433 -11.67 -0.52 19.90
N GLN C 434 -11.36 0.73 19.56
CA GLN C 434 -10.22 1.04 18.72
C GLN C 434 -9.26 1.99 19.41
N PHE C 435 -7.98 1.78 19.15
CA PHE C 435 -6.90 2.71 19.43
C PHE C 435 -7.28 4.09 18.92
N MET C 436 -7.49 5.05 19.82
CA MET C 436 -7.87 6.39 19.39
C MET C 436 -6.71 7.01 18.64
N ASP C 437 -6.96 7.51 17.42
CA ASP C 437 -5.92 8.21 16.69
C ASP C 437 -5.87 9.65 17.16
N GLN C 438 -4.71 10.06 17.66
CA GLN C 438 -4.54 11.36 18.28
C GLN C 438 -3.44 12.16 17.61
N ASN C 439 -3.35 12.09 16.27
CA ASN C 439 -2.42 12.99 15.57
C ASN C 439 -2.66 14.42 16.01
N ASN C 440 -3.92 14.84 16.02
CA ASN C 440 -4.31 16.19 16.40
C ASN C 440 -5.76 16.11 16.88
N PRO C 441 -6.28 17.19 17.47
CA PRO C 441 -7.66 17.13 17.99
C PRO C 441 -8.70 16.69 16.97
N LEU C 442 -8.55 17.08 15.70
CA LEU C 442 -9.55 16.73 14.70
C LEU C 442 -9.59 15.22 14.47
N SER C 443 -8.43 14.57 14.51
CA SER C 443 -8.37 13.12 14.40
C SER C 443 -9.29 12.46 15.42
N GLY C 444 -9.07 12.75 16.71
CA GLY C 444 -9.90 12.15 17.74
C GLY C 444 -11.34 12.55 17.63
N LEU C 445 -11.60 13.80 17.22
CA LEU C 445 -12.98 14.25 17.11
C LEU C 445 -13.75 13.45 16.07
N THR C 446 -13.20 13.30 14.87
CA THR C 446 -13.88 12.49 13.87
C THR C 446 -13.92 11.02 14.29
N HIS C 447 -12.86 10.51 14.91
CA HIS C 447 -12.85 9.11 15.30
C HIS C 447 -14.03 8.79 16.20
N LYS C 448 -14.31 9.67 17.15
CA LYS C 448 -15.49 9.47 18.00
C LYS C 448 -16.78 9.52 17.19
N ARG C 449 -16.78 10.17 16.03
CA ARG C 449 -17.99 10.35 15.24
C ARG C 449 -18.13 9.35 14.10
N ARG C 450 -17.28 8.33 14.03
CA ARG C 450 -17.27 7.43 12.88
C ARG C 450 -18.46 6.46 12.92
N LEU C 451 -18.88 6.03 11.74
CA LEU C 451 -19.86 4.97 11.55
C LEU C 451 -19.16 3.88 10.74
N SER C 452 -18.95 2.72 11.36
CA SER C 452 -18.21 1.63 10.76
C SER C 452 -19.15 0.49 10.37
N ALA C 453 -18.93 -0.08 9.19
CA ALA C 453 -19.85 -1.09 8.66
C ALA C 453 -19.51 -2.50 9.13
N LEU C 454 -18.24 -2.77 9.41
CA LEU C 454 -17.79 -4.07 9.86
C LEU C 454 -17.95 -4.23 11.37
N GLY C 455 -17.88 -5.48 11.82
CA GLY C 455 -17.92 -5.79 13.23
C GLY C 455 -18.80 -6.99 13.51
N PRO C 456 -18.77 -7.50 14.74
CA PRO C 456 -19.64 -8.63 15.10
C PRO C 456 -21.09 -8.19 15.08
N GLY C 457 -21.92 -8.96 14.38
CA GLY C 457 -23.31 -8.62 14.18
C GLY C 457 -23.58 -7.74 12.99
N GLY C 458 -22.56 -7.09 12.44
CA GLY C 458 -22.67 -6.32 11.23
C GLY C 458 -22.41 -7.18 10.02
N LEU C 459 -21.88 -6.56 8.96
CA LEU C 459 -21.53 -7.32 7.77
C LEU C 459 -20.03 -7.57 7.73
N SER C 460 -19.65 -8.70 7.15
CA SER C 460 -18.26 -9.13 7.06
C SER C 460 -17.60 -8.56 5.83
N ARG C 461 -16.26 -8.52 5.86
CA ARG C 461 -15.50 -7.82 4.81
C ARG C 461 -15.54 -8.55 3.48
N GLU C 462 -15.57 -9.89 3.51
CA GLU C 462 -15.68 -10.63 2.26
C GLU C 462 -17.06 -10.48 1.63
N ARG C 463 -18.06 -10.06 2.40
CA ARG C 463 -19.39 -9.77 1.89
C ARG C 463 -19.63 -8.29 1.70
N ALA C 464 -18.57 -7.47 1.74
CA ALA C 464 -18.69 -6.04 1.52
C ALA C 464 -18.69 -5.80 0.02
N GLY C 465 -19.88 -5.80 -0.56
CA GLY C 465 -20.02 -5.58 -1.98
C GLY C 465 -19.60 -4.17 -2.35
N LEU C 466 -19.97 -3.77 -3.55
CA LEU C 466 -19.72 -2.39 -3.94
C LEU C 466 -20.88 -1.47 -3.60
N GLU C 467 -22.10 -2.00 -3.46
CA GLU C 467 -23.23 -1.12 -3.26
C GLU C 467 -23.37 -0.65 -1.82
N VAL C 468 -22.84 -1.40 -0.86
CA VAL C 468 -22.83 -0.90 0.51
C VAL C 468 -21.85 0.26 0.66
N ARG C 469 -20.86 0.34 -0.24
CA ARG C 469 -19.87 1.40 -0.25
C ARG C 469 -20.30 2.64 -1.01
N ASP C 470 -21.41 2.61 -1.74
CA ASP C 470 -21.80 3.79 -2.50
C ASP C 470 -22.41 4.84 -1.59
N VAL C 471 -22.38 6.09 -2.05
CA VAL C 471 -23.14 7.14 -1.39
C VAL C 471 -24.62 6.88 -1.64
N HIS C 472 -25.38 6.72 -0.59
CA HIS C 472 -26.79 6.44 -0.74
C HIS C 472 -27.61 7.71 -0.54
N PRO C 473 -28.64 7.96 -1.36
CA PRO C 473 -29.42 9.19 -1.21
C PRO C 473 -29.95 9.46 0.19
N SER C 474 -30.11 8.41 1.01
CA SER C 474 -30.57 8.62 2.39
C SER C 474 -29.45 9.06 3.33
N HIS C 475 -28.21 9.06 2.88
CA HIS C 475 -27.10 9.58 3.66
C HIS C 475 -27.14 11.10 3.79
N TYR C 476 -27.97 11.78 3.02
CA TYR C 476 -27.94 13.24 3.00
C TYR C 476 -28.21 13.82 4.38
N GLY C 477 -27.29 14.62 4.88
CA GLY C 477 -27.42 15.22 6.19
C GLY C 477 -27.14 14.30 7.35
N ARG C 478 -26.85 13.02 7.08
CA ARG C 478 -26.57 12.04 8.13
C ARG C 478 -25.12 11.56 8.07
N MET C 479 -24.69 10.98 6.96
CA MET C 479 -23.32 10.53 6.80
C MET C 479 -22.66 11.32 5.68
N CYS C 480 -21.55 11.95 6.00
CA CYS C 480 -20.89 12.84 5.05
C CYS C 480 -20.46 12.04 3.83
N PRO C 481 -20.78 12.50 2.61
CA PRO C 481 -20.40 11.76 1.41
C PRO C 481 -18.98 11.98 0.97
N ILE C 482 -18.23 12.84 1.65
CA ILE C 482 -16.85 13.16 1.28
C ILE C 482 -15.84 12.42 2.12
N GLU C 483 -16.00 12.43 3.45
CA GLU C 483 -14.99 11.87 4.33
C GLU C 483 -15.14 10.36 4.42
N THR C 484 -14.19 9.65 3.80
CA THR C 484 -14.13 8.19 3.77
C THR C 484 -12.73 7.80 3.23
N PRO C 485 -12.26 6.60 3.55
CA PRO C 485 -10.88 6.25 3.18
C PRO C 485 -10.76 5.89 1.71
N GLU C 486 -9.56 6.11 1.16
CA GLU C 486 -9.33 5.80 -0.26
C GLU C 486 -9.04 4.33 -0.48
N GLY C 487 -8.43 3.67 0.49
CA GLY C 487 -8.00 2.31 0.32
C GLY C 487 -9.10 1.31 0.61
N PRO C 488 -8.70 0.14 1.13
CA PRO C 488 -9.66 -0.98 1.22
C PRO C 488 -10.87 -0.72 2.09
N ASN C 489 -10.89 0.34 2.90
CA ASN C 489 -12.04 0.60 3.75
C ASN C 489 -13.00 1.64 3.14
N ILE C 490 -12.85 1.96 1.87
CA ILE C 490 -13.72 2.97 1.26
C ILE C 490 -15.18 2.56 1.40
N GLY C 491 -16.02 3.52 1.78
CA GLY C 491 -17.43 3.25 1.94
C GLY C 491 -17.80 2.37 3.11
N LEU C 492 -16.83 1.83 3.83
CA LEU C 492 -17.11 1.08 5.06
C LEU C 492 -16.94 1.93 6.32
N ILE C 493 -16.24 3.05 6.24
CA ILE C 493 -16.06 3.97 7.36
C ILE C 493 -16.53 5.34 6.90
N GLY C 494 -17.64 5.81 7.45
CA GLY C 494 -18.09 7.17 7.23
C GLY C 494 -18.04 7.96 8.53
N SER C 495 -18.35 9.24 8.43
CA SER C 495 -18.40 10.06 9.64
C SER C 495 -19.71 10.84 9.69
N LEU C 496 -20.23 10.99 10.91
CA LEU C 496 -21.53 11.59 11.12
C LEU C 496 -21.55 13.04 10.64
N SER C 497 -22.66 13.45 10.06
CA SER C 497 -22.79 14.81 9.55
C SER C 497 -22.96 15.79 10.70
N VAL C 498 -22.65 17.06 10.40
CA VAL C 498 -22.50 18.09 11.43
C VAL C 498 -23.75 18.16 12.32
N TYR C 499 -24.90 18.38 11.71
CA TYR C 499 -26.13 18.58 12.47
C TYR C 499 -26.86 17.29 12.79
N ALA C 500 -26.27 16.14 12.48
CA ALA C 500 -26.96 14.87 12.67
C ALA C 500 -26.95 14.45 14.13
N ARG C 501 -27.99 13.71 14.52
CA ARG C 501 -28.10 13.14 15.85
C ARG C 501 -28.77 11.77 15.73
N VAL C 502 -28.36 10.85 16.59
CA VAL C 502 -28.90 9.50 16.61
C VAL C 502 -30.10 9.47 17.55
N ASN C 503 -31.20 8.89 17.08
CA ASN C 503 -32.42 8.81 17.87
C ASN C 503 -32.35 7.59 18.79
N PRO C 504 -33.26 7.49 19.78
CA PRO C 504 -33.20 6.35 20.70
C PRO C 504 -33.39 4.99 20.03
N PHE C 505 -33.94 4.96 18.82
CA PHE C 505 -34.03 3.71 18.09
C PHE C 505 -32.74 3.36 17.34
N GLY C 506 -31.79 4.29 17.27
CA GLY C 506 -30.55 4.07 16.56
C GLY C 506 -30.56 4.54 15.12
N PHE C 507 -31.52 5.37 14.74
CA PHE C 507 -31.60 5.93 13.39
C PHE C 507 -31.09 7.36 13.42
N ILE C 508 -30.51 7.78 12.31
CA ILE C 508 -29.91 9.11 12.23
C ILE C 508 -30.95 10.09 11.71
N GLU C 509 -31.25 11.11 12.49
CA GLU C 509 -32.15 12.19 12.11
C GLU C 509 -31.33 13.41 11.71
N THR C 510 -31.97 14.33 10.98
CA THR C 510 -31.36 15.57 10.53
C THR C 510 -32.41 16.66 10.66
N PRO C 511 -32.02 17.87 11.03
CA PRO C 511 -33.01 18.93 11.23
C PRO C 511 -33.42 19.58 9.92
N TYR C 512 -34.67 20.02 9.88
CA TYR C 512 -35.23 20.75 8.76
C TYR C 512 -36.15 21.84 9.29
N ARG C 513 -36.14 22.99 8.62
CA ARG C 513 -37.11 24.04 8.90
C ARG C 513 -38.46 23.66 8.30
N LYS C 514 -39.52 23.79 9.09
CA LYS C 514 -40.85 23.52 8.61
C LYS C 514 -41.35 24.68 7.76
N VAL C 515 -41.80 24.38 6.55
CA VAL C 515 -42.27 25.39 5.60
C VAL C 515 -43.79 25.27 5.50
N VAL C 516 -44.50 26.24 6.04
CA VAL C 516 -45.96 26.20 6.12
C VAL C 516 -46.49 27.00 4.94
N ASP C 517 -46.92 26.28 3.91
CA ASP C 517 -47.71 26.85 2.82
C ASP C 517 -46.90 27.81 1.96
N GLY C 518 -45.63 28.02 2.30
CA GLY C 518 -44.80 28.91 1.51
C GLY C 518 -43.90 29.83 2.30
N VAL C 519 -44.11 29.91 3.62
CA VAL C 519 -43.24 30.69 4.50
C VAL C 519 -42.31 29.73 5.24
N VAL C 520 -41.04 30.12 5.36
CA VAL C 520 -40.05 29.31 6.04
C VAL C 520 -39.98 29.83 7.47
N SER C 521 -40.60 29.09 8.39
CA SER C 521 -40.64 29.47 9.79
C SER C 521 -39.32 29.08 10.46
N ASP C 522 -39.25 29.27 11.78
CA ASP C 522 -38.09 28.88 12.56
C ASP C 522 -38.34 27.63 13.39
N GLU C 523 -39.41 26.88 13.10
CA GLU C 523 -39.65 25.63 13.79
C GLU C 523 -38.80 24.54 13.14
N ILE C 524 -37.90 23.96 13.92
CA ILE C 524 -37.01 22.90 13.45
C ILE C 524 -37.62 21.55 13.82
N VAL C 525 -37.69 20.65 12.85
CA VAL C 525 -38.18 19.29 13.03
C VAL C 525 -37.08 18.34 12.57
N TYR C 526 -36.79 17.33 13.38
CA TYR C 526 -35.75 16.35 13.07
C TYR C 526 -36.38 15.12 12.44
N LEU C 527 -35.98 14.82 11.21
CA LEU C 527 -36.55 13.70 10.44
C LEU C 527 -35.53 12.60 10.25
N THR C 528 -35.98 11.36 10.36
CA THR C 528 -35.18 10.25 9.88
C THR C 528 -35.29 10.15 8.36
N ALA C 529 -34.45 9.30 7.78
CA ALA C 529 -34.54 9.07 6.34
C ALA C 529 -35.91 8.51 5.95
N ASP C 530 -36.57 7.76 6.86
CA ASP C 530 -37.91 7.25 6.59
C ASP C 530 -38.90 8.39 6.40
N GLU C 531 -39.11 9.18 7.46
CA GLU C 531 -40.06 10.28 7.42
C GLU C 531 -39.72 11.30 6.34
N GLU C 532 -38.51 11.26 5.79
CA GLU C 532 -38.07 12.24 4.82
C GLU C 532 -38.66 11.95 3.43
N ASP C 533 -38.76 10.68 3.05
CA ASP C 533 -39.25 10.33 1.72
C ASP C 533 -40.73 10.61 1.56
N ARG C 534 -41.47 10.76 2.65
CA ARG C 534 -42.88 11.13 2.55
C ARG C 534 -43.06 12.61 2.26
N HIS C 535 -42.07 13.45 2.62
CA HIS C 535 -42.10 14.87 2.35
C HIS C 535 -41.17 15.22 1.19
N VAL C 536 -40.99 16.51 0.94
CA VAL C 536 -40.06 17.01 -0.07
C VAL C 536 -39.27 18.16 0.53
N VAL C 537 -37.96 18.21 0.23
CA VAL C 537 -37.02 19.04 0.95
C VAL C 537 -36.36 20.03 -0.01
N ALA C 538 -36.40 21.31 0.35
CA ALA C 538 -35.77 22.38 -0.41
C ALA C 538 -34.33 22.56 0.04
N GLN C 539 -33.69 23.65 -0.39
CA GLN C 539 -32.30 23.91 -0.09
C GLN C 539 -32.13 25.15 0.78
N ALA C 540 -31.00 25.22 1.46
CA ALA C 540 -30.64 26.44 2.18
C ALA C 540 -30.43 27.61 1.23
N ASN C 541 -30.10 27.33 -0.03
CA ASN C 541 -29.94 28.36 -1.06
C ASN C 541 -31.30 28.61 -1.70
N SER C 542 -32.07 29.51 -1.10
CA SER C 542 -33.41 29.85 -1.59
C SER C 542 -33.80 31.25 -1.12
N PRO C 543 -34.01 32.19 -2.03
CA PRO C 543 -34.31 33.57 -1.62
C PRO C 543 -35.63 33.67 -0.86
N ILE C 544 -35.67 34.63 0.06
CA ILE C 544 -36.80 34.85 0.96
C ILE C 544 -36.79 36.32 1.36
N ASP C 545 -37.98 36.90 1.56
CA ASP C 545 -38.06 38.26 2.07
C ASP C 545 -37.71 38.31 3.55
N ALA C 546 -37.32 39.49 4.03
CA ALA C 546 -36.84 39.63 5.40
C ALA C 546 -37.88 39.26 6.44
N ASP C 547 -39.17 39.24 6.07
CA ASP C 547 -40.21 38.79 7.00
C ASP C 547 -40.37 37.28 7.00
N GLY C 548 -40.11 36.62 5.87
CA GLY C 548 -40.21 35.18 5.77
C GLY C 548 -41.31 34.70 4.86
N ARG C 549 -40.95 34.37 3.62
CA ARG C 549 -41.85 33.84 2.60
C ARG C 549 -41.01 33.45 1.40
N PHE C 550 -41.46 32.43 0.67
CA PHE C 550 -40.70 31.87 -0.44
C PHE C 550 -40.75 32.83 -1.63
N VAL C 551 -39.95 33.89 -1.54
CA VAL C 551 -39.83 34.85 -2.65
C VAL C 551 -39.29 34.18 -3.91
N GLU C 552 -38.59 33.06 -3.76
CA GLU C 552 -38.21 32.27 -4.91
C GLU C 552 -39.46 31.71 -5.59
N PRO C 553 -39.60 31.86 -6.90
CA PRO C 553 -40.84 31.46 -7.57
C PRO C 553 -41.00 29.96 -7.80
N ARG C 554 -39.91 29.28 -8.17
CA ARG C 554 -39.94 27.85 -8.44
C ARG C 554 -38.64 27.22 -7.93
N VAL C 555 -38.75 26.11 -7.21
CA VAL C 555 -37.65 25.55 -6.44
C VAL C 555 -37.13 24.28 -7.11
N LEU C 556 -35.90 23.91 -6.76
CA LEU C 556 -35.27 22.67 -7.20
C LEU C 556 -35.02 21.82 -5.96
N VAL C 557 -35.73 20.69 -5.86
CA VAL C 557 -35.82 19.92 -4.63
C VAL C 557 -35.49 18.45 -4.92
N ARG C 558 -35.48 17.64 -3.87
CA ARG C 558 -35.22 16.22 -3.94
C ARG C 558 -36.27 15.45 -3.13
N ARG C 559 -36.56 14.25 -3.60
CA ARG C 559 -37.40 13.30 -2.87
C ARG C 559 -36.77 11.92 -3.03
N LYS C 560 -37.53 10.88 -2.65
CA LYS C 560 -36.99 9.54 -2.49
C LYS C 560 -36.25 9.09 -3.74
N ALA C 561 -35.24 8.23 -3.54
CA ALA C 561 -34.45 7.66 -4.62
C ALA C 561 -33.71 8.75 -5.41
N GLY C 562 -33.25 9.78 -4.72
CA GLY C 562 -32.49 10.83 -5.37
C GLY C 562 -33.27 11.61 -6.40
N GLU C 563 -34.53 11.92 -6.10
CA GLU C 563 -35.32 12.76 -6.99
C GLU C 563 -34.67 14.13 -7.12
N VAL C 564 -34.87 14.78 -8.27
CA VAL C 564 -34.43 16.15 -8.47
C VAL C 564 -35.42 16.84 -9.41
N GLU C 565 -36.16 17.82 -8.90
CA GLU C 565 -37.26 18.36 -9.69
C GLU C 565 -37.59 19.78 -9.24
N TYR C 566 -38.00 20.61 -10.20
CA TYR C 566 -38.53 21.93 -9.87
C TYR C 566 -40.01 21.82 -9.52
N VAL C 567 -40.45 22.72 -8.63
CA VAL C 567 -41.75 22.58 -7.97
C VAL C 567 -42.20 23.95 -7.45
N PRO C 568 -43.50 24.23 -7.36
CA PRO C 568 -43.94 25.47 -6.74
C PRO C 568 -43.82 25.41 -5.23
N SER C 569 -43.51 26.57 -4.63
CA SER C 569 -43.23 26.64 -3.20
C SER C 569 -44.41 26.23 -2.32
N SER C 570 -45.60 26.01 -2.90
CA SER C 570 -46.74 25.57 -2.13
C SER C 570 -46.63 24.11 -1.70
N GLU C 571 -45.84 23.31 -2.42
CA GLU C 571 -45.70 21.89 -2.13
C GLU C 571 -44.48 21.57 -1.30
N VAL C 572 -43.67 22.56 -0.95
CA VAL C 572 -42.43 22.32 -0.20
C VAL C 572 -42.76 22.19 1.29
N ASP C 573 -42.46 21.04 1.86
CA ASP C 573 -42.78 20.75 3.26
C ASP C 573 -41.69 21.24 4.20
N TYR C 574 -40.44 20.88 3.92
CA TYR C 574 -39.31 21.22 4.78
C TYR C 574 -38.17 21.76 3.93
N MET C 575 -37.28 22.49 4.59
CA MET C 575 -36.10 23.05 3.95
C MET C 575 -34.88 22.75 4.82
N ASP C 576 -33.70 22.69 4.21
CA ASP C 576 -32.48 22.47 4.98
C ASP C 576 -32.24 23.60 5.98
N VAL C 577 -31.74 23.24 7.16
CA VAL C 577 -31.47 24.27 8.15
C VAL C 577 -30.23 25.06 7.80
N SER C 578 -29.29 24.46 7.09
CA SER C 578 -28.01 25.09 6.81
C SER C 578 -27.36 24.36 5.65
N PRO C 579 -26.50 25.03 4.88
CA PRO C 579 -25.58 24.27 4.03
C PRO C 579 -24.65 23.47 4.92
N ARG C 580 -23.74 22.70 4.35
CA ARG C 580 -22.79 21.93 5.15
C ARG C 580 -23.50 20.91 6.06
N GLN C 581 -24.84 20.91 5.99
CA GLN C 581 -25.66 19.96 6.71
C GLN C 581 -25.34 18.53 6.29
N MET C 582 -24.94 18.35 5.04
CA MET C 582 -24.57 17.04 4.54
C MET C 582 -23.14 16.67 4.88
N VAL C 583 -22.39 17.56 5.47
CA VAL C 583 -20.94 17.48 5.50
C VAL C 583 -20.46 17.19 6.92
N SER C 584 -19.30 16.54 7.01
CA SER C 584 -18.71 16.24 8.32
C SER C 584 -17.87 17.41 8.80
N VAL C 585 -17.39 17.30 10.05
CA VAL C 585 -16.59 18.36 10.64
C VAL C 585 -15.38 18.67 9.76
N ALA C 586 -14.55 17.65 9.50
CA ALA C 586 -13.34 17.87 8.71
C ALA C 586 -13.67 18.38 7.33
N THR C 587 -14.71 17.84 6.71
CA THR C 587 -15.09 18.31 5.38
C THR C 587 -15.56 19.76 5.43
N ALA C 588 -16.28 20.15 6.49
CA ALA C 588 -16.77 21.52 6.63
C ALA C 588 -15.65 22.52 6.91
N MET C 589 -14.41 22.07 6.99
CA MET C 589 -13.29 22.96 7.25
C MET C 589 -12.50 23.31 5.99
N ILE C 590 -12.93 22.83 4.83
CA ILE C 590 -12.24 23.10 3.57
C ILE C 590 -12.87 24.36 2.97
N PRO C 591 -12.18 25.49 2.97
CA PRO C 591 -12.72 26.68 2.28
C PRO C 591 -12.89 26.39 0.79
N PHE C 592 -13.98 26.93 0.23
CA PHE C 592 -14.28 26.76 -1.18
C PHE C 592 -14.46 25.29 -1.55
N LEU C 593 -15.02 24.50 -0.64
CA LEU C 593 -15.25 23.09 -0.90
C LEU C 593 -15.93 22.90 -2.25
N GLU C 594 -17.01 23.64 -2.48
CA GLU C 594 -17.83 23.58 -3.67
C GLU C 594 -17.07 23.91 -4.96
N HIS C 595 -15.80 24.29 -4.87
CA HIS C 595 -14.94 24.46 -6.04
C HIS C 595 -14.01 23.28 -6.24
N ASP C 596 -14.13 22.25 -5.39
CA ASP C 596 -13.24 21.10 -5.38
C ASP C 596 -14.03 19.85 -5.76
N ASP C 597 -13.49 19.05 -6.67
CA ASP C 597 -14.13 17.78 -6.96
C ASP C 597 -14.06 16.87 -5.73
N ALA C 598 -14.97 15.90 -5.68
CA ALA C 598 -15.15 15.10 -4.48
C ALA C 598 -13.92 14.24 -4.18
N ASN C 599 -13.13 13.89 -5.18
CA ASN C 599 -11.97 13.05 -4.91
C ASN C 599 -10.90 13.80 -4.14
N ARG C 600 -10.46 14.95 -4.66
CA ARG C 600 -9.48 15.72 -3.90
C ARG C 600 -10.05 16.24 -2.59
N ALA C 601 -11.38 16.42 -2.50
CA ALA C 601 -11.97 16.93 -1.28
C ALA C 601 -11.96 15.87 -0.19
N LEU C 602 -12.26 14.62 -0.56
CA LEU C 602 -12.03 13.49 0.34
C LEU C 602 -10.58 13.46 0.78
N MET C 603 -9.65 13.68 -0.16
CA MET C 603 -8.24 13.69 0.21
C MET C 603 -7.91 14.79 1.22
N GLY C 604 -8.55 15.96 1.08
CA GLY C 604 -8.28 17.04 2.00
C GLY C 604 -8.88 16.79 3.37
N ALA C 605 -10.10 16.26 3.41
CA ALA C 605 -10.69 15.89 4.69
C ALA C 605 -9.84 14.88 5.42
N ASN C 606 -9.38 13.84 4.71
CA ASN C 606 -8.55 12.83 5.35
C ASN C 606 -7.22 13.41 5.83
N MET C 607 -6.57 14.25 5.01
CA MET C 607 -5.24 14.73 5.38
C MET C 607 -5.26 15.77 6.50
N GLN C 608 -6.37 16.49 6.67
CA GLN C 608 -6.47 17.32 7.87
C GLN C 608 -6.27 16.50 9.14
N ARG C 609 -6.82 15.29 9.19
CA ARG C 609 -6.66 14.45 10.36
C ARG C 609 -5.31 13.76 10.42
N GLN C 610 -4.37 14.14 9.58
CA GLN C 610 -3.00 13.65 9.67
C GLN C 610 -2.02 14.77 9.91
N ALA C 611 -2.50 16.00 10.10
CA ALA C 611 -1.62 17.12 10.42
C ALA C 611 -0.95 16.90 11.77
N VAL C 612 0.30 17.29 11.87
CA VAL C 612 1.01 17.16 13.14
C VAL C 612 0.89 18.49 13.88
N PRO C 613 0.85 18.49 15.21
CA PRO C 613 0.96 19.75 15.94
C PRO C 613 2.37 20.31 15.82
N LEU C 614 2.45 21.61 15.56
CA LEU C 614 3.70 22.33 15.47
C LEU C 614 4.01 23.02 16.79
N VAL C 615 5.30 23.35 16.99
CA VAL C 615 5.74 23.94 18.26
C VAL C 615 4.95 25.19 18.58
N ARG C 616 4.68 26.01 17.58
CA ARG C 616 3.84 27.19 17.73
C ARG C 616 2.70 27.10 16.73
N SER C 617 1.47 27.23 17.21
CA SER C 617 0.31 27.04 16.36
C SER C 617 -0.23 28.39 15.89
N GLU C 618 -0.78 28.39 14.67
CA GLU C 618 -1.13 29.61 13.94
C GLU C 618 -2.42 29.35 13.17
N ALA C 619 -3.51 30.00 13.58
CA ALA C 619 -4.79 29.80 12.93
C ALA C 619 -4.74 30.29 11.48
N PRO C 620 -5.55 29.72 10.61
CA PRO C 620 -5.53 30.13 9.20
C PRO C 620 -6.12 31.52 9.00
N LEU C 621 -5.44 32.32 8.17
CA LEU C 621 -6.05 33.57 7.71
C LEU C 621 -7.39 33.29 7.03
N VAL C 622 -7.44 32.25 6.21
CA VAL C 622 -8.65 31.85 5.53
C VAL C 622 -9.16 30.56 6.16
N GLY C 623 -10.36 30.63 6.73
CA GLY C 623 -10.96 29.44 7.30
C GLY C 623 -12.44 29.40 7.02
N THR C 624 -13.18 28.58 7.75
CA THR C 624 -14.64 28.54 7.70
C THR C 624 -15.16 28.84 9.09
N GLY C 625 -16.46 28.76 9.28
CA GLY C 625 -16.87 28.97 10.65
C GLY C 625 -16.64 27.80 11.58
N MET C 626 -15.97 26.74 11.12
CA MET C 626 -15.96 25.47 11.82
C MET C 626 -14.77 25.26 12.73
N GLU C 627 -13.69 26.03 12.55
CA GLU C 627 -12.46 25.75 13.28
C GLU C 627 -12.70 25.81 14.79
N LEU C 628 -13.15 26.97 15.28
CA LEU C 628 -13.36 27.18 16.71
C LEU C 628 -14.18 26.05 17.32
N ARG C 629 -15.39 25.86 16.80
CA ARG C 629 -16.32 24.91 17.38
C ARG C 629 -15.82 23.48 17.27
N ALA C 630 -14.86 23.21 16.39
CA ALA C 630 -14.29 21.88 16.35
C ALA C 630 -13.20 21.71 17.40
N ALA C 631 -12.46 22.78 17.70
CA ALA C 631 -11.45 22.71 18.76
C ALA C 631 -12.09 22.49 20.11
N ILE C 632 -13.03 23.37 20.47
CA ILE C 632 -13.73 23.30 21.76
C ILE C 632 -14.27 21.89 22.00
N ASP C 633 -15.09 21.38 21.05
CA ASP C 633 -15.70 20.08 21.23
C ASP C 633 -14.71 18.93 21.15
N ALA C 634 -13.53 19.13 20.55
CA ALA C 634 -12.59 18.01 20.47
C ALA C 634 -12.04 17.65 21.84
N GLY C 635 -11.86 18.64 22.72
CA GLY C 635 -11.51 18.41 24.11
C GLY C 635 -10.08 18.74 24.48
N ASP C 636 -9.18 18.85 23.51
CA ASP C 636 -7.78 19.14 23.82
C ASP C 636 -7.57 20.59 24.23
N VAL C 637 -8.62 21.38 24.21
CA VAL C 637 -8.61 22.77 24.62
C VAL C 637 -9.20 22.84 26.02
N VAL C 638 -8.63 23.71 26.87
CA VAL C 638 -9.09 23.84 28.24
C VAL C 638 -10.10 24.96 28.31
N VAL C 639 -11.31 24.65 28.78
CA VAL C 639 -12.44 25.58 28.77
C VAL C 639 -12.90 25.82 30.19
N ALA C 640 -13.37 27.04 30.45
CA ALA C 640 -13.78 27.44 31.79
C ALA C 640 -15.17 26.89 32.10
N GLU C 641 -15.26 26.08 33.16
CA GLU C 641 -16.54 25.54 33.57
C GLU C 641 -17.47 26.62 34.08
N GLU C 642 -16.93 27.66 34.70
CA GLU C 642 -17.75 28.70 35.31
C GLU C 642 -17.02 30.04 35.21
N SER C 643 -17.80 31.12 35.16
CA SER C 643 -17.23 32.46 35.08
C SER C 643 -16.46 32.79 36.35
N GLY C 644 -15.44 33.61 36.19
CA GLY C 644 -14.62 34.00 37.33
C GLY C 644 -13.51 34.94 36.93
N VAL C 645 -12.54 35.07 37.82
CA VAL C 645 -11.33 35.87 37.59
C VAL C 645 -10.12 34.95 37.73
N ILE C 646 -9.10 35.17 36.91
CA ILE C 646 -7.92 34.32 37.01
C ILE C 646 -7.17 34.70 38.27
N GLU C 647 -7.24 33.83 39.29
CA GLU C 647 -6.49 34.06 40.51
C GLU C 647 -5.00 33.78 40.31
N GLU C 648 -4.67 32.72 39.58
CA GLU C 648 -3.25 32.48 39.34
C GLU C 648 -3.06 31.82 37.97
N VAL C 649 -1.93 32.12 37.33
CA VAL C 649 -1.59 31.49 36.06
C VAL C 649 -0.11 31.15 36.06
N SER C 650 0.18 29.88 35.76
CA SER C 650 1.52 29.39 35.54
C SER C 650 1.49 28.50 34.31
N ALA C 651 2.67 28.15 33.82
CA ALA C 651 2.72 27.11 32.80
C ALA C 651 2.13 25.82 33.31
N ASP C 652 2.16 25.61 34.63
CA ASP C 652 1.76 24.32 35.22
C ASP C 652 0.26 24.21 35.42
N TYR C 653 -0.40 25.30 35.83
CA TYR C 653 -1.85 25.24 36.03
C TYR C 653 -2.44 26.64 35.94
N ILE C 654 -3.77 26.69 35.98
CA ILE C 654 -4.52 27.93 35.94
C ILE C 654 -5.61 27.85 37.01
N THR C 655 -5.69 28.87 37.85
CA THR C 655 -6.69 28.96 38.91
C THR C 655 -7.60 30.13 38.62
N VAL C 656 -8.90 29.87 38.56
CA VAL C 656 -9.93 30.90 38.43
C VAL C 656 -10.73 30.93 39.71
N MET C 657 -10.91 32.14 40.25
CA MET C 657 -11.77 32.38 41.40
C MET C 657 -13.14 32.75 40.87
N HIS C 658 -14.11 31.86 41.01
CA HIS C 658 -15.45 32.17 40.58
C HIS C 658 -16.00 33.33 41.40
N ASP C 659 -17.09 33.93 40.90
CA ASP C 659 -17.83 34.89 41.72
C ASP C 659 -18.50 34.19 42.89
N ASN C 660 -18.67 32.87 42.81
CA ASN C 660 -19.21 32.08 43.90
C ASN C 660 -18.43 32.25 45.19
N GLY C 661 -17.13 32.55 45.09
CA GLY C 661 -16.21 32.37 46.17
C GLY C 661 -15.38 31.11 46.07
N THR C 662 -15.88 30.11 45.35
CA THR C 662 -15.13 28.88 45.13
C THR C 662 -14.02 29.11 44.10
N ARG C 663 -13.02 28.25 44.15
CA ARG C 663 -11.94 28.24 43.18
C ARG C 663 -12.11 27.07 42.24
N ARG C 664 -11.39 27.13 41.13
CA ARG C 664 -11.31 26.02 40.20
C ARG C 664 -9.94 26.06 39.55
N THR C 665 -9.27 24.91 39.49
CA THR C 665 -7.93 24.89 38.93
C THR C 665 -7.83 23.80 37.86
N TYR C 666 -7.33 24.21 36.71
CA TYR C 666 -7.14 23.36 35.55
C TYR C 666 -5.65 23.14 35.39
N ARG C 667 -5.22 21.89 35.55
CA ARG C 667 -3.82 21.54 35.36
C ARG C 667 -3.54 21.37 33.88
N MET C 668 -2.38 21.85 33.45
CA MET C 668 -2.02 21.85 32.04
C MET C 668 -1.30 20.55 31.71
N ARG C 669 -1.74 19.90 30.62
CA ARG C 669 -0.96 18.81 30.06
C ARG C 669 0.29 19.38 29.43
N LYS C 670 1.46 19.00 29.94
CA LYS C 670 2.72 19.55 29.47
C LYS C 670 3.54 18.47 28.77
N PHE C 671 3.72 18.62 27.47
CA PHE C 671 4.54 17.72 26.64
C PHE C 671 4.16 16.25 26.84
N ALA C 672 2.86 15.99 26.87
CA ALA C 672 2.38 14.61 26.90
C ALA C 672 2.55 13.97 25.53
N ARG C 673 2.77 12.65 25.53
CA ARG C 673 2.90 11.90 24.29
C ARG C 673 1.54 11.36 23.86
N SER C 674 1.13 11.68 22.63
CA SER C 674 -0.13 11.17 22.11
C SER C 674 0.02 9.71 21.72
N ASN C 675 -1.12 9.08 21.42
CA ASN C 675 -1.09 7.68 20.97
C ASN C 675 -0.26 7.51 19.72
N HIS C 676 -0.10 8.56 18.91
CA HIS C 676 0.60 8.47 17.64
C HIS C 676 1.93 9.20 17.63
N GLY C 677 2.43 9.62 18.79
CA GLY C 677 3.74 10.22 18.88
C GLY C 677 3.79 11.72 18.70
N THR C 678 2.65 12.37 18.52
CA THR C 678 2.62 13.81 18.46
C THR C 678 2.53 14.39 19.88
N CYS C 679 2.95 15.64 20.01
CA CYS C 679 3.10 16.28 21.30
C CYS C 679 1.81 16.99 21.69
N ALA C 680 1.20 16.55 22.79
CA ALA C 680 0.03 17.22 23.36
C ALA C 680 0.53 18.18 24.43
N ASN C 681 0.62 19.47 24.09
CA ASN C 681 1.13 20.49 25.00
C ASN C 681 0.10 21.61 25.11
N GLN C 682 -0.62 21.64 26.22
CA GLN C 682 -1.53 22.74 26.50
C GLN C 682 -0.75 23.96 26.99
N CYS C 683 -1.29 25.14 26.71
CA CYS C 683 -0.59 26.39 26.97
C CYS C 683 -1.64 27.42 27.37
N PRO C 684 -1.44 28.10 28.52
CA PRO C 684 -2.42 29.09 28.95
C PRO C 684 -2.47 30.29 28.01
N ILE C 685 -3.69 30.79 27.78
CA ILE C 685 -3.89 31.98 26.97
C ILE C 685 -4.54 33.10 27.77
N VAL C 686 -4.63 32.95 29.08
CA VAL C 686 -5.18 33.97 29.96
C VAL C 686 -4.07 34.57 30.81
N ASP C 687 -4.37 35.73 31.38
CA ASP C 687 -3.42 36.43 32.24
C ASP C 687 -4.06 36.64 33.60
N ALA C 688 -3.20 36.78 34.62
CA ALA C 688 -3.69 36.95 35.98
C ALA C 688 -4.48 38.25 36.11
N GLY C 689 -5.68 38.15 36.69
CA GLY C 689 -6.62 39.25 36.75
C GLY C 689 -7.70 39.21 35.68
N ASP C 690 -7.50 38.42 34.62
CA ASP C 690 -8.43 38.39 33.50
C ASP C 690 -9.82 37.91 33.91
N ARG C 691 -10.83 38.50 33.31
CA ARG C 691 -12.22 38.06 33.50
C ARG C 691 -12.57 37.06 32.41
N VAL C 692 -12.97 35.85 32.82
CA VAL C 692 -13.38 34.81 31.88
C VAL C 692 -14.79 34.34 32.22
N GLU C 693 -15.57 34.05 31.19
CA GLU C 693 -16.93 33.53 31.33
C GLU C 693 -16.94 32.02 31.11
N ALA C 694 -18.03 31.39 31.53
CA ALA C 694 -18.16 29.95 31.32
C ALA C 694 -18.23 29.66 29.83
N GLY C 695 -17.47 28.67 29.39
CA GLY C 695 -17.37 28.35 27.99
C GLY C 695 -16.22 28.99 27.26
N GLN C 696 -15.50 29.90 27.90
CA GLN C 696 -14.36 30.53 27.28
C GLN C 696 -13.14 29.62 27.35
N VAL C 697 -12.33 29.63 26.30
CA VAL C 697 -11.10 28.84 26.29
C VAL C 697 -10.06 29.55 27.14
N ILE C 698 -9.41 28.79 28.04
CA ILE C 698 -8.43 29.33 28.97
C ILE C 698 -7.05 28.97 28.50
N ALA C 699 -6.92 27.85 27.79
CA ALA C 699 -5.63 27.37 27.33
C ALA C 699 -5.77 26.65 26.00
N ASP C 700 -4.79 26.87 25.12
CA ASP C 700 -4.76 26.24 23.81
C ASP C 700 -4.20 24.82 23.91
N GLY C 701 -4.64 23.96 23.00
CA GLY C 701 -4.15 22.61 22.92
C GLY C 701 -3.13 22.41 21.81
N PRO C 702 -2.96 21.17 21.37
CA PRO C 702 -1.90 20.87 20.39
C PRO C 702 -2.05 21.61 19.06
N CYS C 703 -3.22 21.60 18.44
CA CYS C 703 -3.34 22.32 17.17
C CYS C 703 -4.41 23.38 17.25
N THR C 704 -4.38 24.18 18.31
CA THR C 704 -5.35 25.26 18.50
C THR C 704 -4.61 26.58 18.65
N ASP C 705 -5.29 27.66 18.27
CA ASP C 705 -4.75 29.02 18.38
C ASP C 705 -5.88 29.91 18.85
N ASP C 706 -5.82 30.31 20.13
CA ASP C 706 -6.81 31.21 20.74
C ASP C 706 -8.22 30.64 20.67
N GLY C 707 -8.34 29.31 20.66
CA GLY C 707 -9.62 28.65 20.67
C GLY C 707 -10.01 28.00 19.36
N GLU C 708 -9.35 28.35 18.26
CA GLU C 708 -9.70 27.82 16.95
C GLU C 708 -8.74 26.71 16.54
N MET C 709 -9.23 25.75 15.76
CA MET C 709 -8.41 24.64 15.30
C MET C 709 -7.40 25.16 14.29
N ALA C 710 -6.11 24.98 14.59
CA ALA C 710 -5.03 25.53 13.78
C ALA C 710 -4.11 24.39 13.35
N LEU C 711 -4.46 23.75 12.23
CA LEU C 711 -3.74 22.55 11.83
C LEU C 711 -2.45 22.83 11.07
N GLY C 712 -2.27 24.05 10.56
CA GLY C 712 -1.08 24.34 9.77
C GLY C 712 -0.48 25.71 9.96
N LYS C 713 -0.05 26.32 8.87
CA LYS C 713 0.60 27.62 8.88
C LYS C 713 0.17 28.39 7.66
N ASN C 714 0.21 29.72 7.74
CA ASN C 714 -0.03 30.58 6.58
C ASN C 714 1.28 30.78 5.84
N LEU C 715 1.35 30.29 4.61
CA LEU C 715 2.57 30.33 3.83
C LEU C 715 2.40 31.22 2.60
N LEU C 716 3.43 32.01 2.32
CA LEU C 716 3.49 32.81 1.11
C LEU C 716 3.83 31.86 -0.04
N VAL C 717 2.86 31.66 -0.94
CA VAL C 717 2.97 30.68 -2.02
C VAL C 717 3.06 31.39 -3.35
N ALA C 718 3.86 30.81 -4.25
CA ALA C 718 3.92 31.16 -5.67
C ALA C 718 3.53 29.95 -6.51
N ILE C 719 2.66 30.15 -7.50
CA ILE C 719 2.14 29.07 -8.34
C ILE C 719 2.90 29.08 -9.67
N MET C 720 3.92 28.23 -9.78
CA MET C 720 4.80 28.28 -10.94
C MET C 720 5.74 27.08 -10.96
N PRO C 721 6.17 26.61 -12.12
CA PRO C 721 7.25 25.62 -12.13
C PRO C 721 8.55 26.30 -11.76
N TRP C 722 9.42 25.55 -11.07
CA TRP C 722 10.72 26.10 -10.65
C TRP C 722 11.79 25.03 -10.90
N GLU C 723 12.37 25.03 -12.09
CA GLU C 723 13.56 24.26 -12.42
C GLU C 723 13.40 22.77 -12.17
N GLY C 724 12.16 22.25 -12.18
CA GLY C 724 11.91 20.84 -11.95
C GLY C 724 12.03 20.37 -10.51
N HIS C 725 12.35 21.24 -9.57
CA HIS C 725 12.42 20.76 -8.19
C HIS C 725 11.05 20.58 -7.58
N ASN C 726 10.00 21.13 -8.20
CA ASN C 726 8.63 20.86 -7.80
C ASN C 726 7.89 20.09 -8.90
N TYR C 727 8.63 19.24 -9.61
CA TYR C 727 8.07 18.45 -10.69
C TYR C 727 7.22 17.31 -10.14
N GLU C 728 6.05 17.12 -10.74
CA GLU C 728 5.23 15.93 -10.50
C GLU C 728 4.84 15.83 -9.03
N ASP C 729 4.32 16.95 -8.51
CA ASP C 729 3.78 17.18 -7.17
C ASP C 729 4.83 17.50 -6.09
N ALA C 730 6.13 17.43 -6.38
CA ALA C 730 7.10 17.84 -5.38
C ALA C 730 6.87 19.30 -4.99
N ILE C 731 7.33 19.64 -3.80
CA ILE C 731 7.15 20.97 -3.23
C ILE C 731 8.51 21.56 -2.90
N ILE C 732 8.66 22.86 -3.14
CA ILE C 732 9.87 23.61 -2.82
C ILE C 732 9.57 24.55 -1.65
N LEU C 733 10.44 24.52 -0.64
CA LEU C 733 10.30 25.32 0.56
C LEU C 733 11.44 26.31 0.71
N SER C 734 11.10 27.47 1.25
CA SER C 734 12.09 28.44 1.74
C SER C 734 12.75 27.94 3.01
N ASN C 735 14.07 28.12 3.10
CA ASN C 735 14.75 27.68 4.32
C ASN C 735 14.36 28.52 5.54
N ARG C 736 13.69 29.65 5.33
CA ARG C 736 13.08 30.36 6.45
C ARG C 736 12.24 29.42 7.30
N LEU C 737 11.44 28.56 6.68
CA LEU C 737 10.60 27.63 7.41
C LEU C 737 11.41 26.68 8.30
N VAL C 738 12.68 26.48 8.00
CA VAL C 738 13.57 25.78 8.91
C VAL C 738 14.09 26.71 9.99
N GLU C 739 14.60 27.89 9.58
CA GLU C 739 15.30 28.77 10.52
C GLU C 739 14.35 29.33 11.57
N GLU C 740 13.14 29.70 11.18
CA GLU C 740 12.17 30.26 12.11
C GLU C 740 11.22 29.23 12.67
N ASP C 741 11.52 27.93 12.52
CA ASP C 741 10.80 26.84 13.19
C ASP C 741 9.32 26.84 12.89
N VAL C 742 8.93 27.35 11.71
CA VAL C 742 7.51 27.50 11.43
C VAL C 742 6.86 26.16 11.09
N LEU C 743 7.62 25.20 10.57
CA LEU C 743 7.12 23.85 10.33
C LEU C 743 7.89 22.83 11.16
N THR C 744 8.36 23.24 12.33
CA THR C 744 9.01 22.35 13.28
C THR C 744 7.97 21.73 14.20
N SER C 745 8.11 20.43 14.47
CA SER C 745 7.19 19.73 15.33
C SER C 745 7.97 18.98 16.41
N ILE C 746 7.28 18.60 17.48
CA ILE C 746 7.89 17.83 18.56
C ILE C 746 7.30 16.43 18.53
N HIS C 747 8.16 15.41 18.62
CA HIS C 747 7.76 14.02 18.55
C HIS C 747 8.37 13.26 19.72
N ILE C 748 7.55 12.46 20.40
CA ILE C 748 7.96 11.82 21.66
C ILE C 748 7.71 10.32 21.53
N GLU C 749 8.79 9.54 21.66
CA GLU C 749 8.74 8.09 21.67
C GLU C 749 8.83 7.57 23.10
N GLU C 750 8.19 6.41 23.36
CA GLU C 750 8.18 5.77 24.67
C GLU C 750 8.83 4.41 24.57
N HIS C 751 10.08 4.29 24.99
CA HIS C 751 10.83 3.05 24.92
C HIS C 751 10.71 2.31 26.24
N GLU C 752 10.13 1.11 26.21
CA GLU C 752 9.78 0.37 27.41
C GLU C 752 10.53 -0.96 27.42
N ILE C 753 11.07 -1.32 28.59
CA ILE C 753 11.78 -2.59 28.70
C ILE C 753 11.57 -3.12 30.11
N ASP C 754 11.52 -4.45 30.24
CA ASP C 754 11.27 -5.11 31.52
C ASP C 754 12.30 -6.18 31.79
N ALA C 755 12.62 -6.35 33.08
CA ALA C 755 13.43 -7.45 33.59
C ALA C 755 12.47 -8.48 34.17
N ARG C 756 12.58 -9.71 33.67
CA ARG C 756 11.61 -10.76 33.97
C ARG C 756 12.33 -12.06 34.25
N ASP C 757 11.58 -13.02 34.78
CA ASP C 757 12.10 -14.34 35.10
C ASP C 757 12.28 -15.17 33.83
N THR C 758 13.44 -15.80 33.69
CA THR C 758 13.72 -16.63 32.52
C THR C 758 14.18 -18.01 32.96
N LYS C 759 14.35 -18.90 31.97
CA LYS C 759 14.66 -20.30 32.21
C LYS C 759 15.97 -20.48 32.98
N LEU C 760 16.86 -19.49 32.97
CA LEU C 760 18.13 -19.58 33.66
C LEU C 760 18.23 -18.60 34.83
N GLY C 761 17.10 -18.09 35.31
CA GLY C 761 17.08 -17.15 36.41
C GLY C 761 16.60 -15.78 35.96
N ALA C 762 16.35 -14.94 36.97
CA ALA C 762 15.79 -13.62 36.70
C ALA C 762 16.82 -12.70 36.06
N GLU C 763 16.36 -11.93 35.08
CA GLU C 763 17.15 -10.84 34.54
C GLU C 763 17.28 -9.72 35.55
N GLU C 764 18.28 -8.87 35.34
CA GLU C 764 18.52 -7.76 36.24
C GLU C 764 18.82 -6.51 35.43
N ILE C 765 18.15 -5.42 35.78
CA ILE C 765 18.44 -4.11 35.22
C ILE C 765 19.67 -3.57 35.96
N THR C 766 20.79 -3.47 35.26
CA THR C 766 22.06 -3.18 35.88
C THR C 766 22.87 -2.24 35.00
N ARG C 767 23.80 -1.54 35.66
CA ARG C 767 24.84 -0.78 34.98
C ARG C 767 26.05 -1.65 34.62
N ASP C 768 26.12 -2.88 35.14
CA ASP C 768 27.20 -3.83 34.85
C ASP C 768 26.85 -4.57 33.57
N ILE C 769 27.31 -4.07 32.44
CA ILE C 769 27.02 -4.64 31.13
C ILE C 769 28.27 -5.36 30.64
N PRO C 770 28.16 -6.58 30.13
CA PRO C 770 29.34 -7.27 29.61
C PRO C 770 29.77 -6.74 28.25
N ASN C 771 31.08 -6.82 28.01
CA ASN C 771 31.69 -6.43 26.74
C ASN C 771 31.52 -4.94 26.44
N ILE C 772 31.39 -4.12 27.48
CA ILE C 772 31.14 -2.70 27.33
C ILE C 772 32.13 -1.92 28.18
N SER C 773 32.65 -0.83 27.62
CA SER C 773 33.61 0.03 28.30
C SER C 773 32.89 1.07 29.15
N ASP C 774 33.65 1.63 30.11
CA ASP C 774 33.10 2.69 30.96
C ASP C 774 32.69 3.91 30.15
N GLU C 775 33.24 4.09 28.95
CA GLU C 775 32.89 5.25 28.12
C GLU C 775 31.43 5.21 27.70
N VAL C 776 30.99 4.11 27.09
CA VAL C 776 29.65 4.08 26.52
C VAL C 776 28.56 4.10 27.57
N LEU C 777 28.90 3.89 28.84
CA LEU C 777 27.95 3.99 29.93
C LEU C 777 27.95 5.35 30.60
N ALA C 778 28.67 6.33 30.04
CA ALA C 778 28.88 7.59 30.75
C ALA C 778 27.57 8.33 31.00
N ASP C 779 26.55 8.12 30.16
CA ASP C 779 25.29 8.83 30.31
C ASP C 779 24.26 8.08 31.16
N LEU C 780 24.63 6.95 31.74
CA LEU C 780 23.74 6.21 32.61
C LEU C 780 23.94 6.62 34.07
N ASP C 781 22.93 6.35 34.89
CA ASP C 781 23.03 6.66 36.31
C ASP C 781 23.54 5.41 37.04
N GLU C 782 23.41 5.40 38.37
CA GLU C 782 24.01 4.30 39.14
C GLU C 782 23.26 2.99 38.93
N ARG C 783 21.95 3.04 38.66
CA ARG C 783 21.16 1.83 38.47
C ARG C 783 21.18 1.31 37.03
N GLY C 784 21.70 2.06 36.07
CA GLY C 784 21.79 1.62 34.69
C GLY C 784 20.82 2.28 33.72
N ILE C 785 19.95 3.17 34.19
CA ILE C 785 19.04 3.91 33.34
C ILE C 785 19.73 5.18 32.86
N VAL C 786 19.50 5.55 31.61
CA VAL C 786 20.03 6.80 31.08
C VAL C 786 19.54 7.98 31.93
N ARG C 787 20.39 8.98 32.09
CA ARG C 787 20.08 10.13 32.93
C ARG C 787 19.13 11.09 32.24
N ILE C 788 18.21 11.66 33.02
CA ILE C 788 17.27 12.66 32.50
C ILE C 788 18.06 13.80 31.86
N GLY C 789 17.66 14.18 30.64
CA GLY C 789 18.27 15.29 29.94
C GLY C 789 19.40 14.92 29.01
N ALA C 790 19.73 13.64 28.89
CA ALA C 790 20.85 13.24 28.04
C ALA C 790 20.46 13.33 26.57
N GLU C 791 21.44 13.68 25.74
CA GLU C 791 21.26 13.54 24.30
C GLU C 791 21.66 12.13 23.91
N VAL C 792 20.80 11.46 23.15
CA VAL C 792 21.01 10.06 22.80
C VAL C 792 20.95 9.92 21.29
N ARG C 793 21.81 9.05 20.76
CA ARG C 793 21.95 8.75 19.34
C ARG C 793 21.70 7.26 19.13
N ASP C 794 21.82 6.82 17.88
CA ASP C 794 21.64 5.41 17.53
C ASP C 794 22.50 4.51 18.41
N GLY C 795 21.85 3.52 19.02
CA GLY C 795 22.56 2.50 19.75
C GLY C 795 22.96 2.86 21.16
N ASP C 796 22.71 4.09 21.60
CA ASP C 796 23.03 4.47 22.97
C ASP C 796 22.17 3.66 23.93
N ILE C 797 22.81 3.10 24.96
CA ILE C 797 22.04 2.40 25.99
C ILE C 797 21.05 3.38 26.59
N LEU C 798 19.79 2.96 26.68
CA LEU C 798 18.80 3.70 27.47
C LEU C 798 18.56 3.05 28.82
N VAL C 799 18.57 1.72 28.87
CA VAL C 799 18.46 0.97 30.12
C VAL C 799 19.36 -0.25 29.97
N GLY C 800 20.39 -0.33 30.81
CA GLY C 800 21.20 -1.53 30.82
C GLY C 800 20.40 -2.70 31.38
N LYS C 801 20.54 -3.86 30.72
CA LYS C 801 19.91 -5.08 31.19
C LYS C 801 20.75 -6.26 30.74
N VAL C 802 20.75 -7.32 31.55
CA VAL C 802 21.49 -8.53 31.26
C VAL C 802 20.58 -9.73 31.46
N THR C 803 20.77 -10.74 30.62
CA THR C 803 19.97 -11.94 30.67
C THR C 803 20.85 -13.14 30.96
N PRO C 804 20.45 -14.02 31.89
CA PRO C 804 21.25 -15.22 32.17
C PRO C 804 21.49 -16.05 30.92
N LYS C 805 22.74 -16.46 30.73
CA LYS C 805 23.20 -16.98 29.45
C LYS C 805 23.53 -18.47 29.48
N GLY C 806 24.37 -18.92 30.40
CA GLY C 806 24.76 -20.31 30.40
C GLY C 806 26.13 -20.53 29.80
N GLU C 807 26.97 -21.30 30.49
CA GLU C 807 28.39 -21.38 30.15
C GLU C 807 28.61 -21.87 28.73
N THR C 808 27.72 -22.73 28.21
CA THR C 808 27.88 -23.21 26.84
C THR C 808 27.72 -22.10 25.81
N GLU C 809 27.13 -20.98 26.20
CA GLU C 809 26.87 -19.87 25.28
C GLU C 809 27.90 -18.76 25.38
N LEU C 810 28.88 -18.88 26.27
CA LEU C 810 30.01 -17.95 26.26
C LEU C 810 30.86 -18.22 25.03
N THR C 811 31.25 -17.16 24.33
CA THR C 811 32.21 -17.31 23.25
C THR C 811 33.56 -17.75 23.81
N PRO C 812 34.41 -18.38 22.99
CA PRO C 812 35.75 -18.74 23.49
C PRO C 812 36.53 -17.55 24.03
N GLU C 813 36.39 -16.37 23.40
CA GLU C 813 37.02 -15.17 23.94
C GLU C 813 36.43 -14.77 25.29
N GLU C 814 35.10 -14.86 25.41
CA GLU C 814 34.45 -14.54 26.69
C GLU C 814 34.86 -15.54 27.77
N ARG C 815 35.00 -16.81 27.40
CA ARG C 815 35.41 -17.82 28.38
C ARG C 815 36.84 -17.57 28.83
N LEU C 816 37.74 -17.29 27.88
CA LEU C 816 39.11 -16.95 28.23
C LEU C 816 39.16 -15.74 29.17
N LEU C 817 38.50 -14.64 28.78
CA LEU C 817 38.51 -13.44 29.61
C LEU C 817 37.96 -13.70 31.00
N ARG C 818 36.85 -14.43 31.11
CA ARG C 818 36.28 -14.71 32.42
C ARG C 818 37.19 -15.57 33.27
N ALA C 819 37.92 -16.50 32.64
CA ALA C 819 38.81 -17.35 33.42
C ALA C 819 40.02 -16.57 33.91
N ILE C 820 40.69 -15.87 33.01
CA ILE C 820 41.92 -15.13 33.34
C ILE C 820 41.68 -14.19 34.50
N PHE C 821 40.72 -13.27 34.35
CA PHE C 821 40.44 -12.26 35.35
C PHE C 821 39.52 -12.75 36.46
N GLY C 822 39.27 -14.05 36.54
CA GLY C 822 38.54 -14.62 37.66
C GLY C 822 37.19 -13.98 37.91
N GLU C 823 36.45 -13.66 36.85
CA GLU C 823 35.12 -13.09 37.02
C GLU C 823 34.17 -14.17 37.51
N LYS C 824 33.79 -14.09 38.79
CA LYS C 824 32.85 -15.05 39.35
C LYS C 824 31.39 -14.66 39.10
N ALA C 825 31.16 -13.52 38.46
CA ALA C 825 29.81 -13.08 38.18
C ALA C 825 29.11 -14.05 37.23
N ARG C 826 27.80 -14.20 37.42
CA ARG C 826 27.00 -15.08 36.57
C ARG C 826 27.13 -14.68 35.10
N GLU C 827 27.28 -15.68 34.25
CA GLU C 827 27.39 -15.41 32.82
C GLU C 827 26.07 -14.89 32.29
N VAL C 828 26.13 -13.76 31.57
CA VAL C 828 24.96 -13.10 31.03
C VAL C 828 25.29 -12.60 29.64
N ARG C 829 24.24 -12.36 28.86
CA ARG C 829 24.37 -11.67 27.58
C ARG C 829 23.71 -10.31 27.68
N ASP C 830 24.23 -9.37 26.89
CA ASP C 830 23.75 -8.00 26.90
C ASP C 830 22.40 -7.94 26.20
N THR C 831 21.36 -7.61 26.97
CA THR C 831 20.02 -7.42 26.45
C THR C 831 19.50 -6.04 26.80
N SER C 832 20.40 -5.05 26.75
CA SER C 832 20.03 -3.69 27.08
C SER C 832 19.04 -3.15 26.06
N LEU C 833 18.21 -2.22 26.51
CA LEU C 833 17.40 -1.41 25.62
C LEU C 833 18.26 -0.30 25.04
N LYS C 834 18.45 -0.30 23.71
CA LYS C 834 19.22 0.71 23.01
C LYS C 834 18.29 1.63 22.25
N VAL C 835 18.86 2.71 21.72
CA VAL C 835 18.11 3.63 20.86
C VAL C 835 18.00 3.03 19.47
N PRO C 836 16.80 2.91 18.91
CA PRO C 836 16.65 2.29 17.59
C PRO C 836 17.24 3.12 16.47
N HIS C 837 17.62 2.44 15.40
CA HIS C 837 18.32 3.07 14.28
C HIS C 837 17.58 4.29 13.77
N GLY C 838 18.31 5.38 13.56
CA GLY C 838 17.75 6.59 13.01
C GLY C 838 16.92 7.42 13.95
N GLU C 839 16.87 7.08 15.23
CA GLU C 839 16.16 7.87 16.22
C GLU C 839 17.17 8.57 17.13
N SER C 840 16.79 9.75 17.60
CA SER C 840 17.64 10.59 18.44
C SER C 840 16.74 11.57 19.17
N GLY C 841 17.17 12.01 20.35
CA GLY C 841 16.41 13.02 21.05
C GLY C 841 16.94 13.23 22.45
N LYS C 842 16.11 13.91 23.25
CA LYS C 842 16.40 14.25 24.63
C LYS C 842 15.54 13.37 25.54
N VAL C 843 16.17 12.82 26.58
CA VAL C 843 15.40 11.99 27.51
C VAL C 843 14.51 12.90 28.34
N ILE C 844 13.20 12.81 28.13
CA ILE C 844 12.27 13.72 28.77
C ILE C 844 11.89 13.24 30.15
N GLY C 845 11.84 11.94 30.35
CA GLY C 845 11.36 11.41 31.60
C GLY C 845 11.58 9.92 31.75
N ILE C 846 11.89 9.48 32.95
CA ILE C 846 12.05 8.07 33.24
C ILE C 846 10.93 7.67 34.18
N ARG C 847 10.36 6.50 33.95
CA ARG C 847 9.33 5.95 34.83
C ARG C 847 9.65 4.49 35.08
N VAL C 848 9.64 4.07 36.34
CA VAL C 848 10.08 2.73 36.69
C VAL C 848 9.16 2.15 37.75
N PHE C 849 8.78 0.88 37.56
CA PHE C 849 7.96 0.11 38.48
C PHE C 849 8.74 -1.12 38.93
N SER C 850 8.60 -1.48 40.20
CA SER C 850 9.40 -2.54 40.80
C SER C 850 8.51 -3.59 41.44
N ARG C 851 9.02 -4.82 41.48
CA ARG C 851 8.39 -5.89 42.24
C ARG C 851 8.79 -5.81 43.72
N GLU C 852 10.02 -5.38 44.02
CA GLU C 852 10.41 -5.14 45.40
C GLU C 852 9.43 -4.19 46.07
N ASP C 853 9.06 -3.12 45.37
CA ASP C 853 7.95 -2.30 45.80
C ASP C 853 6.64 -2.94 45.35
N GLU C 854 5.54 -2.48 45.94
CA GLU C 854 4.22 -3.05 45.61
C GLU C 854 3.73 -2.36 44.33
N ASP C 855 4.06 -2.96 43.19
CA ASP C 855 3.69 -2.41 41.88
C ASP C 855 3.08 -3.51 41.03
N GLU C 856 1.85 -3.30 40.57
CA GLU C 856 1.16 -4.27 39.74
C GLU C 856 1.97 -4.55 38.48
N LEU C 857 2.49 -5.77 38.37
CA LEU C 857 3.25 -6.19 37.22
C LEU C 857 2.71 -7.53 36.74
N PRO C 858 2.90 -7.87 35.47
CA PRO C 858 2.52 -9.20 35.01
C PRO C 858 3.38 -10.27 35.67
N ALA C 859 2.90 -11.51 35.56
CA ALA C 859 3.58 -12.62 36.21
C ALA C 859 5.00 -12.77 35.67
N GLY C 860 5.93 -13.12 36.56
CA GLY C 860 7.31 -13.27 36.19
C GLY C 860 8.05 -11.99 35.87
N VAL C 861 7.37 -10.84 35.86
CA VAL C 861 7.98 -9.57 35.51
C VAL C 861 8.41 -8.87 36.78
N ASN C 862 9.70 -8.52 36.84
CA ASN C 862 10.30 -7.99 38.06
C ASN C 862 10.48 -6.48 38.04
N GLU C 863 11.05 -5.94 36.97
CA GLU C 863 11.28 -4.49 36.89
C GLU C 863 10.79 -3.97 35.55
N LEU C 864 10.16 -2.82 35.54
CA LEU C 864 9.66 -2.21 34.31
C LEU C 864 10.14 -0.77 34.22
N VAL C 865 10.61 -0.34 33.05
CA VAL C 865 11.07 1.05 32.93
C VAL C 865 10.78 1.57 31.52
N ARG C 866 10.17 2.76 31.48
CA ARG C 866 9.89 3.52 30.27
C ARG C 866 10.78 4.76 30.26
N VAL C 867 11.59 4.89 29.22
CA VAL C 867 12.32 6.11 28.91
C VAL C 867 11.53 6.84 27.84
N TYR C 868 11.26 8.13 28.07
CA TYR C 868 10.56 8.97 27.10
C TYR C 868 11.58 9.86 26.39
N VAL C 869 11.61 9.81 25.06
CA VAL C 869 12.57 10.59 24.27
C VAL C 869 11.80 11.58 23.42
N ALA C 870 12.30 12.83 23.38
CA ALA C 870 11.70 13.89 22.61
C ALA C 870 12.68 14.35 21.55
N GLN C 871 12.21 14.45 20.31
CA GLN C 871 12.99 14.98 19.20
C GLN C 871 12.26 16.19 18.63
N LYS C 872 13.03 17.21 18.30
CA LYS C 872 12.53 18.43 17.69
C LYS C 872 12.79 18.30 16.20
N ARG C 873 11.78 17.88 15.46
CA ARG C 873 11.93 17.60 14.03
C ARG C 873 11.72 18.89 13.25
N LYS C 874 12.73 19.28 12.49
CA LYS C 874 12.54 20.36 11.53
C LYS C 874 11.94 19.80 10.25
N ILE C 875 11.37 20.70 9.44
CA ILE C 875 10.86 20.28 8.14
C ILE C 875 12.05 19.97 7.24
N SER C 876 11.88 18.96 6.37
CA SER C 876 13.02 18.39 5.66
C SER C 876 12.60 17.89 4.28
N ASP C 877 13.60 17.67 3.42
CA ASP C 877 13.38 16.97 2.16
C ASP C 877 12.76 15.61 2.44
N GLY C 878 11.60 15.35 1.85
CA GLY C 878 10.92 14.10 2.02
C GLY C 878 9.71 14.14 2.92
N ASP C 879 9.56 15.21 3.71
CA ASP C 879 8.36 15.37 4.52
C ASP C 879 7.16 15.65 3.61
N LYS C 880 5.98 15.32 4.12
CA LYS C 880 4.73 15.47 3.38
C LYS C 880 3.99 16.72 3.85
N LEU C 881 3.61 17.57 2.91
CA LEU C 881 2.79 18.74 3.18
C LEU C 881 1.53 18.68 2.34
N ALA C 882 0.51 19.40 2.79
CA ALA C 882 -0.70 19.50 1.98
C ALA C 882 -1.55 20.68 2.43
N GLY C 883 -2.28 21.27 1.48
CA GLY C 883 -3.35 22.17 1.82
C GLY C 883 -4.60 21.38 2.13
N ARG C 884 -5.69 22.13 2.32
CA ARG C 884 -6.97 21.52 2.66
C ARG C 884 -7.74 20.97 1.45
N HIS C 885 -7.24 21.12 0.22
CA HIS C 885 -7.97 20.74 -0.98
C HIS C 885 -7.37 19.52 -1.69
N GLY C 886 -6.92 18.53 -0.92
CA GLY C 886 -6.31 17.37 -1.53
C GLY C 886 -5.04 17.65 -2.29
N ASN C 887 -4.36 18.76 -2.00
CA ASN C 887 -3.17 19.13 -2.76
C ASN C 887 -1.92 18.74 -1.98
N LYS C 888 -1.57 17.47 -2.09
CA LYS C 888 -0.47 16.90 -1.32
C LYS C 888 0.82 16.91 -2.13
N GLY C 889 1.94 17.01 -1.42
CA GLY C 889 3.24 16.77 -2.04
C GLY C 889 4.27 16.46 -0.97
N VAL C 890 5.39 15.91 -1.41
CA VAL C 890 6.56 15.84 -0.55
C VAL C 890 7.48 17.00 -0.92
N ILE C 891 8.40 17.31 -0.01
CA ILE C 891 9.29 18.46 -0.20
C ILE C 891 10.46 18.01 -1.06
N GLY C 892 10.64 18.65 -2.21
CA GLY C 892 11.71 18.28 -3.10
C GLY C 892 13.02 18.94 -2.72
N LYS C 893 12.95 20.21 -2.36
CA LYS C 893 14.15 20.97 -2.08
C LYS C 893 13.78 22.12 -1.16
N ILE C 894 14.60 22.32 -0.14
CA ILE C 894 14.53 23.49 0.72
C ILE C 894 15.62 24.44 0.22
N LEU C 895 15.21 25.57 -0.33
CA LEU C 895 16.21 26.48 -0.88
C LEU C 895 16.62 27.54 0.13
N PRO C 896 17.85 28.03 0.05
CA PRO C 896 18.22 29.22 0.82
C PRO C 896 17.26 30.35 0.52
N VAL C 897 17.14 31.28 1.46
CA VAL C 897 16.25 32.41 1.29
C VAL C 897 16.62 33.21 0.04
N GLU C 898 17.91 33.33 -0.23
CA GLU C 898 18.36 34.12 -1.38
C GLU C 898 18.03 33.47 -2.72
N ASP C 899 17.72 32.17 -2.75
CA ASP C 899 17.41 31.49 -4.01
C ASP C 899 15.94 31.57 -4.38
N MET C 900 15.06 31.76 -3.41
CA MET C 900 13.64 31.77 -3.70
C MET C 900 13.29 32.94 -4.61
N PRO C 901 12.34 32.78 -5.51
CA PRO C 901 11.74 33.96 -6.15
C PRO C 901 11.16 34.86 -5.08
N PHE C 902 11.42 36.17 -5.22
CA PHE C 902 10.98 37.16 -4.25
C PHE C 902 10.21 38.29 -4.91
N LEU C 903 9.33 38.91 -4.13
CA LEU C 903 8.53 40.03 -4.58
C LEU C 903 9.40 41.28 -4.77
N ALA C 904 8.75 42.37 -5.21
CA ALA C 904 9.50 43.56 -5.59
C ALA C 904 10.15 44.25 -4.39
N ASP C 905 9.73 43.93 -3.16
CA ASP C 905 10.29 44.55 -1.96
C ASP C 905 11.26 43.64 -1.22
N GLY C 906 11.72 42.55 -1.84
CA GLY C 906 12.69 41.67 -1.23
C GLY C 906 12.11 40.50 -0.47
N THR C 907 10.81 40.46 -0.26
CA THR C 907 10.17 39.37 0.47
C THR C 907 10.26 38.06 -0.30
N PRO C 908 11.01 37.07 0.17
CA PRO C 908 11.07 35.80 -0.54
C PRO C 908 9.80 35.00 -0.27
N VAL C 909 9.30 34.32 -1.30
CA VAL C 909 8.11 33.50 -1.10
C VAL C 909 8.48 32.30 -0.25
N ASP C 910 7.46 31.70 0.36
CA ASP C 910 7.72 30.60 1.28
C ASP C 910 7.68 29.25 0.60
N ILE C 911 6.71 29.02 -0.29
CA ILE C 911 6.50 27.71 -0.88
C ILE C 911 6.13 27.87 -2.35
N ILE C 912 6.70 27.03 -3.20
CA ILE C 912 6.47 27.07 -4.65
C ILE C 912 5.65 25.84 -5.07
N LEU C 913 4.40 26.04 -5.45
CA LEU C 913 3.54 24.95 -5.89
C LEU C 913 3.47 24.90 -7.42
N ASN C 914 3.73 23.73 -7.99
CA ASN C 914 3.81 23.63 -9.45
C ASN C 914 2.45 23.83 -10.09
N THR C 915 2.45 24.59 -11.18
CA THR C 915 1.21 24.97 -11.85
C THR C 915 0.53 23.75 -12.45
N HIS C 916 1.33 22.82 -13.00
CA HIS C 916 0.77 21.69 -13.72
C HIS C 916 -0.09 20.81 -12.82
N GLY C 917 0.07 20.91 -11.51
CA GLY C 917 -0.70 20.07 -10.62
C GLY C 917 -2.11 20.54 -10.39
N VAL C 918 -2.42 21.81 -10.62
CA VAL C 918 -3.74 22.32 -10.20
C VAL C 918 -4.87 21.91 -11.15
N PRO C 919 -4.87 22.31 -12.43
CA PRO C 919 -6.12 22.26 -13.20
C PRO C 919 -6.73 20.88 -13.33
N ARG C 920 -5.93 19.83 -13.53
CA ARG C 920 -6.53 18.53 -13.80
C ARG C 920 -7.07 17.82 -12.56
N ARG C 921 -6.69 18.24 -11.34
CA ARG C 921 -7.25 17.67 -10.13
C ARG C 921 -8.56 18.31 -9.71
N MET C 922 -8.99 19.36 -10.41
CA MET C 922 -10.29 19.98 -10.16
C MET C 922 -10.39 20.52 -8.74
N ASN C 923 -9.30 21.11 -8.26
CA ASN C 923 -9.35 21.79 -6.97
C ASN C 923 -8.77 23.18 -7.16
N ILE C 924 -9.55 24.10 -7.76
CA ILE C 924 -9.12 25.49 -7.79
C ILE C 924 -9.52 26.22 -6.52
N GLY C 925 -10.22 25.53 -5.61
CA GLY C 925 -10.33 26.07 -4.26
C GLY C 925 -8.99 26.53 -3.75
N GLN C 926 -7.95 25.72 -3.98
CA GLN C 926 -6.61 26.08 -3.53
C GLN C 926 -6.16 27.41 -4.13
N ILE C 927 -6.57 27.69 -5.36
CA ILE C 927 -6.24 28.98 -5.96
C ILE C 927 -7.12 30.06 -5.38
N LEU C 928 -8.44 29.81 -5.27
CA LEU C 928 -9.31 30.84 -4.72
C LEU C 928 -8.88 31.21 -3.32
N GLU C 929 -8.65 30.20 -2.47
CA GLU C 929 -8.10 30.43 -1.14
C GLU C 929 -6.86 31.32 -1.23
N THR C 930 -5.93 30.98 -2.13
CA THR C 930 -4.72 31.77 -2.29
C THR C 930 -5.07 33.24 -2.46
N HIS C 931 -5.97 33.55 -3.39
CA HIS C 931 -6.40 34.94 -3.58
C HIS C 931 -6.90 35.52 -2.27
N LEU C 932 -7.89 34.87 -1.66
CA LEU C 932 -8.41 35.40 -0.40
C LEU C 932 -7.30 35.49 0.63
N GLY C 933 -6.40 34.49 0.65
CA GLY C 933 -5.30 34.52 1.60
C GLY C 933 -4.46 35.76 1.45
N TRP C 934 -4.22 36.17 0.19
CA TRP C 934 -3.49 37.41 -0.03
C TRP C 934 -4.29 38.60 0.51
N CYS C 935 -5.59 38.67 0.17
CA CYS C 935 -6.39 39.82 0.58
C CYS C 935 -6.37 39.98 2.09
N ALA C 936 -6.76 38.93 2.81
CA ALA C 936 -6.71 38.96 4.26
C ALA C 936 -5.32 39.31 4.79
N HIS C 937 -4.26 38.86 4.11
CA HIS C 937 -2.93 39.19 4.62
C HIS C 937 -2.66 40.68 4.48
N SER C 938 -3.09 41.28 3.37
CA SER C 938 -2.75 42.67 3.13
C SER C 938 -3.78 43.61 3.72
N GLY C 939 -5.02 43.19 3.82
CA GLY C 939 -6.06 44.10 4.25
C GLY C 939 -6.57 44.91 3.08
N TRP C 940 -7.85 45.27 3.16
CA TRP C 940 -8.51 45.96 2.07
C TRP C 940 -9.44 47.02 2.62
N LYS C 941 -9.86 47.92 1.74
CA LYS C 941 -10.90 48.92 2.04
C LYS C 941 -11.61 49.20 0.74
N VAL C 942 -12.84 48.71 0.60
CA VAL C 942 -13.60 49.00 -0.61
C VAL C 942 -14.01 50.46 -0.60
N ASP C 943 -14.21 51.01 -1.80
CA ASP C 943 -14.33 52.46 -1.95
C ASP C 943 -15.49 53.00 -1.12
N ALA C 944 -16.72 52.62 -1.47
CA ALA C 944 -17.91 52.97 -0.70
C ALA C 944 -18.14 54.47 -0.68
N ALA C 945 -17.26 55.24 -1.33
CA ALA C 945 -17.52 56.64 -1.61
C ALA C 945 -18.34 56.71 -2.89
N LYS C 946 -19.29 57.64 -2.91
CA LYS C 946 -20.26 57.73 -4.01
C LYS C 946 -21.04 56.43 -4.15
N GLY C 947 -21.27 55.74 -3.03
CA GLY C 947 -22.04 54.51 -2.99
C GLY C 947 -21.16 53.27 -2.94
N VAL C 948 -21.74 52.19 -2.42
CA VAL C 948 -21.05 50.90 -2.37
C VAL C 948 -21.15 50.23 -3.73
N PRO C 949 -20.07 49.64 -4.24
CA PRO C 949 -20.11 49.04 -5.58
C PRO C 949 -21.10 47.89 -5.72
N ASP C 950 -21.22 47.35 -6.94
CA ASP C 950 -22.22 46.32 -7.19
C ASP C 950 -21.79 44.96 -6.68
N TRP C 951 -20.53 44.58 -6.91
CA TRP C 951 -20.06 43.28 -6.47
C TRP C 951 -20.13 43.15 -4.96
N ALA C 952 -19.86 44.24 -4.25
CA ALA C 952 -19.91 44.25 -2.79
C ALA C 952 -21.31 44.43 -2.23
N ALA C 953 -22.29 44.77 -3.07
CA ALA C 953 -23.64 45.04 -2.58
C ALA C 953 -24.22 43.82 -1.89
N ARG C 954 -24.14 42.65 -2.53
CA ARG C 954 -24.87 41.49 -2.05
C ARG C 954 -24.38 41.07 -0.66
N LEU C 955 -23.18 40.51 -0.57
CA LEU C 955 -22.74 40.08 0.76
C LEU C 955 -22.08 41.19 1.58
N PRO C 956 -20.94 41.74 1.14
CA PRO C 956 -20.06 42.43 2.09
C PRO C 956 -20.77 43.52 2.89
N ASP C 957 -20.52 43.50 4.20
CA ASP C 957 -21.09 44.42 5.16
C ASP C 957 -20.28 44.23 6.43
N GLU C 958 -19.50 45.24 6.83
CA GLU C 958 -18.37 45.13 7.76
C GLU C 958 -17.24 44.25 7.21
N LEU C 959 -17.40 43.69 6.01
CA LEU C 959 -16.30 43.17 5.22
C LEU C 959 -15.84 44.18 4.18
N LEU C 960 -16.39 45.40 4.26
CA LEU C 960 -16.00 46.48 3.36
C LEU C 960 -14.57 46.94 3.60
N GLU C 961 -14.01 46.62 4.77
CA GLU C 961 -12.60 46.86 5.00
C GLU C 961 -12.10 45.86 6.03
N ALA C 962 -10.77 45.68 6.04
CA ALA C 962 -10.12 44.72 6.91
C ALA C 962 -8.69 45.15 7.17
N GLN C 963 -8.23 44.96 8.40
CA GLN C 963 -6.87 45.28 8.77
C GLN C 963 -5.95 44.15 8.35
N PRO C 964 -4.65 44.42 8.14
CA PRO C 964 -3.74 43.37 7.68
C PRO C 964 -3.80 42.13 8.56
N ASN C 965 -3.48 40.99 7.96
CA ASN C 965 -3.56 39.70 8.62
C ASN C 965 -4.90 39.51 9.33
N ALA C 966 -5.96 39.95 8.67
CA ALA C 966 -7.30 39.73 9.18
C ALA C 966 -7.67 38.24 9.14
N ILE C 967 -8.67 37.87 9.93
CA ILE C 967 -9.10 36.49 10.08
C ILE C 967 -10.53 36.41 9.57
N VAL C 968 -10.73 35.65 8.48
CA VAL C 968 -12.00 35.58 7.78
C VAL C 968 -12.41 34.13 7.58
N SER C 969 -13.71 33.93 7.37
CA SER C 969 -14.22 32.58 7.15
C SER C 969 -15.00 32.50 5.84
N THR C 970 -14.74 31.42 5.09
CA THR C 970 -15.46 31.06 3.87
C THR C 970 -16.27 29.81 4.16
N PRO C 971 -17.49 29.93 4.67
CA PRO C 971 -18.29 28.74 4.93
C PRO C 971 -18.53 27.98 3.64
N VAL C 972 -18.46 26.65 3.72
CA VAL C 972 -18.68 25.85 2.52
C VAL C 972 -20.09 26.07 2.04
N PHE C 973 -20.24 26.23 0.72
CA PHE C 973 -21.49 26.48 0.02
C PHE C 973 -22.14 27.82 0.38
N ASP C 974 -21.50 28.64 1.23
CA ASP C 974 -21.99 29.99 1.49
C ASP C 974 -20.85 31.00 1.59
N GLY C 975 -19.71 30.72 0.99
CA GLY C 975 -18.52 31.51 1.20
C GLY C 975 -18.44 32.73 0.31
N ALA C 976 -17.21 33.13 0.03
CA ALA C 976 -16.96 34.33 -0.76
C ALA C 976 -17.22 34.04 -2.24
N GLN C 977 -18.16 34.75 -2.83
CA GLN C 977 -18.47 34.56 -4.23
C GLN C 977 -17.31 35.00 -5.11
N GLU C 978 -17.36 34.61 -6.39
CA GLU C 978 -16.26 34.89 -7.30
C GLU C 978 -16.09 36.38 -7.54
N ALA C 979 -17.19 37.08 -7.79
CA ALA C 979 -17.14 38.52 -8.05
C ALA C 979 -16.62 39.29 -6.84
N GLU C 980 -17.09 38.93 -5.64
CA GLU C 980 -16.60 39.59 -4.43
C GLU C 980 -15.12 39.33 -4.23
N LEU C 981 -14.69 38.10 -4.52
CA LEU C 981 -13.27 37.77 -4.44
C LEU C 981 -12.45 38.65 -5.39
N GLN C 982 -12.89 38.76 -6.64
CA GLN C 982 -12.19 39.62 -7.61
C GLN C 982 -12.19 41.08 -7.16
N GLY C 983 -13.28 41.53 -6.53
CA GLY C 983 -13.35 42.90 -6.07
C GLY C 983 -12.33 43.20 -4.98
N LEU C 984 -12.20 42.29 -4.00
CA LEU C 984 -11.22 42.51 -2.94
C LEU C 984 -9.81 42.61 -3.49
N LEU C 985 -9.50 41.87 -4.56
CA LEU C 985 -8.16 41.92 -5.15
C LEU C 985 -7.81 43.30 -5.71
N SER C 986 -8.79 44.19 -5.86
CA SER C 986 -8.50 45.54 -6.33
C SER C 986 -8.16 46.49 -5.19
N CYS C 987 -8.93 46.49 -4.12
CA CYS C 987 -8.76 47.44 -3.02
C CYS C 987 -7.80 46.93 -1.93
N THR C 988 -6.91 46.01 -2.28
CA THR C 988 -5.88 45.55 -1.36
C THR C 988 -5.03 46.71 -0.85
N LEU C 989 -4.83 46.77 0.46
CA LEU C 989 -3.93 47.78 1.02
C LEU C 989 -2.49 47.50 0.61
N PRO C 990 -1.65 48.53 0.54
CA PRO C 990 -0.26 48.32 0.11
C PRO C 990 0.65 47.90 1.25
N ASN C 991 1.93 47.79 0.98
CA ASN C 991 2.91 47.51 2.01
C ASN C 991 3.40 48.84 2.60
N ARG C 992 4.48 48.78 3.39
CA ARG C 992 4.95 49.95 4.11
C ARG C 992 5.43 51.07 3.20
N ASP C 993 5.57 50.84 1.89
CA ASP C 993 6.07 51.87 0.99
C ASP C 993 5.01 52.35 0.00
N GLY C 994 3.74 52.06 0.28
CA GLY C 994 2.68 52.43 -0.65
C GLY C 994 2.65 51.63 -1.94
N ASP C 995 3.34 50.50 -1.99
CA ASP C 995 3.39 49.67 -3.18
C ASP C 995 2.30 48.61 -3.14
N VAL C 996 1.57 48.46 -4.24
CA VAL C 996 0.64 47.36 -4.44
C VAL C 996 1.43 46.24 -5.11
N LEU C 997 1.74 45.19 -4.36
CA LEU C 997 2.60 44.13 -4.87
C LEU C 997 1.85 43.08 -5.67
N VAL C 998 0.53 42.96 -5.50
CA VAL C 998 -0.28 41.93 -6.17
C VAL C 998 -1.40 42.63 -6.94
N ASP C 999 -1.45 42.39 -8.26
CA ASP C 999 -2.33 43.12 -9.15
C ASP C 999 -3.76 42.58 -9.03
N ALA C 1000 -4.67 43.06 -9.89
CA ALA C 1000 -6.08 42.74 -9.71
C ALA C 1000 -6.44 41.34 -10.20
N ASP C 1001 -5.47 40.61 -10.75
CA ASP C 1001 -5.66 39.21 -11.11
C ASP C 1001 -5.16 38.26 -10.03
N GLY C 1002 -4.46 38.77 -9.03
CA GLY C 1002 -3.81 37.94 -8.04
C GLY C 1002 -2.38 37.57 -8.37
N LYS C 1003 -1.79 38.19 -9.39
CA LYS C 1003 -0.43 37.87 -9.83
C LYS C 1003 0.53 38.98 -9.42
N ALA C 1004 1.83 38.68 -9.54
CA ALA C 1004 2.87 39.54 -9.02
C ALA C 1004 4.14 39.32 -9.83
N MET C 1005 4.98 40.34 -9.89
CA MET C 1005 6.27 40.22 -10.55
C MET C 1005 7.30 39.75 -9.53
N LEU C 1006 7.95 38.63 -9.84
CA LEU C 1006 8.93 38.01 -8.97
C LEU C 1006 10.31 38.08 -9.60
N PHE C 1007 11.33 38.26 -8.78
CA PHE C 1007 12.71 38.22 -9.23
C PHE C 1007 13.29 36.84 -8.99
N ASP C 1008 14.00 36.29 -9.97
CA ASP C 1008 14.74 35.05 -9.76
C ASP C 1008 15.88 35.33 -8.80
N GLY C 1009 15.78 34.80 -7.57
CA GLY C 1009 16.82 35.01 -6.59
C GLY C 1009 18.17 34.40 -6.96
N ARG C 1010 18.18 33.50 -7.94
CA ARG C 1010 19.43 32.82 -8.27
C ARG C 1010 20.31 33.67 -9.16
N SER C 1011 19.73 34.24 -10.22
CA SER C 1011 20.42 35.11 -11.16
C SER C 1011 20.22 36.59 -10.83
N GLY C 1012 18.98 36.97 -10.51
CA GLY C 1012 18.61 38.35 -10.29
C GLY C 1012 17.65 38.90 -11.32
N GLU C 1013 17.65 38.33 -12.51
CA GLU C 1013 16.74 38.78 -13.55
C GLU C 1013 15.29 38.53 -13.10
N PRO C 1014 14.36 39.42 -13.43
CA PRO C 1014 12.96 39.16 -13.08
C PRO C 1014 12.38 38.04 -13.92
N PHE C 1015 11.47 37.30 -13.32
CA PHE C 1015 10.73 36.31 -14.09
C PHE C 1015 9.83 37.05 -15.09
N PRO C 1016 9.79 36.58 -16.34
CA PRO C 1016 9.16 37.38 -17.40
C PRO C 1016 7.66 37.60 -17.27
N TYR C 1017 6.96 36.78 -16.49
CA TYR C 1017 5.52 36.95 -16.46
C TYR C 1017 4.99 37.04 -15.04
N PRO C 1018 3.88 37.73 -14.84
CA PRO C 1018 3.28 37.80 -13.50
C PRO C 1018 2.82 36.42 -13.03
N VAL C 1019 3.30 36.04 -11.85
CA VAL C 1019 3.00 34.77 -11.23
C VAL C 1019 1.94 35.00 -10.16
N THR C 1020 0.95 34.12 -10.09
CA THR C 1020 0.02 34.14 -8.97
C THR C 1020 0.78 33.89 -7.67
N VAL C 1021 0.72 34.85 -6.75
CA VAL C 1021 1.20 34.62 -5.38
C VAL C 1021 0.10 35.01 -4.40
N GLY C 1022 0.20 34.44 -3.21
CA GLY C 1022 -0.81 34.69 -2.19
C GLY C 1022 -0.47 33.91 -0.94
N TYR C 1023 -1.43 33.82 -0.03
CA TYR C 1023 -1.21 33.06 1.20
C TYR C 1023 -2.09 31.83 1.22
N MET C 1024 -1.48 30.70 1.54
CA MET C 1024 -2.17 29.42 1.58
C MET C 1024 -1.84 28.68 2.87
N TYR C 1025 -2.86 28.07 3.45
CA TYR C 1025 -2.68 27.29 4.66
C TYR C 1025 -2.08 25.94 4.28
N ILE C 1026 -0.88 25.66 4.78
CA ILE C 1026 -0.18 24.41 4.51
C ILE C 1026 0.02 23.65 5.82
N MET C 1027 -0.23 22.34 5.78
CA MET C 1027 -0.15 21.46 6.92
C MET C 1027 1.00 20.49 6.77
N LYS C 1028 1.66 20.19 7.90
CA LYS C 1028 2.73 19.20 8.00
C LYS C 1028 2.07 17.86 8.33
N LEU C 1029 1.96 16.99 7.33
CA LEU C 1029 1.28 15.72 7.49
C LEU C 1029 2.18 14.73 8.20
N HIS C 1030 1.58 13.83 8.98
CA HIS C 1030 2.36 12.88 9.76
C HIS C 1030 2.89 11.74 8.89
N HIS C 1031 3.62 12.13 7.84
CA HIS C 1031 4.39 11.20 7.00
C HIS C 1031 5.72 11.88 6.75
N LEU C 1032 6.69 11.61 7.62
CA LEU C 1032 7.95 12.32 7.67
C LEU C 1032 9.10 11.37 7.36
N VAL C 1033 10.11 11.88 6.66
CA VAL C 1033 11.24 11.04 6.25
C VAL C 1033 11.82 10.31 7.45
N ASP C 1034 11.93 10.99 8.59
CA ASP C 1034 12.59 10.40 9.75
C ASP C 1034 11.94 9.07 10.11
N ASP C 1035 10.62 9.02 10.08
CA ASP C 1035 9.89 7.79 10.34
C ASP C 1035 10.09 6.74 9.25
N LYS C 1036 10.44 7.15 8.04
CA LYS C 1036 10.32 6.25 6.89
C LYS C 1036 11.65 5.75 6.35
N ILE C 1037 12.70 6.56 6.38
CA ILE C 1037 14.00 6.06 5.99
C ILE C 1037 14.31 4.82 6.79
N HIS C 1038 14.87 3.82 6.11
CA HIS C 1038 15.21 2.54 6.71
C HIS C 1038 16.19 1.88 5.78
N ALA C 1039 17.18 1.21 6.36
CA ALA C 1039 18.11 0.40 5.60
C ALA C 1039 18.64 -0.69 6.51
N ARG C 1040 18.88 -1.86 5.94
CA ARG C 1040 19.40 -2.99 6.67
C ARG C 1040 20.46 -3.66 5.82
N SER C 1041 21.66 -3.84 6.39
CA SER C 1041 22.60 -4.77 5.78
C SER C 1041 22.29 -6.20 6.24
N THR C 1042 22.02 -6.39 7.52
CA THR C 1042 21.95 -7.70 8.14
C THR C 1042 21.31 -7.53 9.51
N GLY C 1043 20.51 -8.52 9.93
CA GLY C 1043 19.77 -8.37 11.16
C GLY C 1043 19.09 -9.64 11.62
N PRO C 1044 17.97 -9.46 12.34
CA PRO C 1044 17.22 -10.62 12.85
C PRO C 1044 16.60 -11.43 11.73
N TYR C 1045 16.30 -12.69 12.05
CA TYR C 1045 15.65 -13.61 11.13
C TYR C 1045 14.53 -14.36 11.83
N SER C 1046 13.48 -14.68 11.08
CA SER C 1046 12.38 -15.46 11.61
C SER C 1046 12.83 -16.90 11.89
N MET C 1047 12.45 -17.43 13.05
CA MET C 1047 12.89 -18.77 13.43
C MET C 1047 12.25 -19.85 12.56
N ILE C 1048 11.01 -19.64 12.11
CA ILE C 1048 10.33 -20.66 11.33
C ILE C 1048 10.96 -20.80 9.96
N THR C 1049 11.15 -19.68 9.27
CA THR C 1049 11.56 -19.70 7.88
C THR C 1049 13.03 -19.39 7.65
N GLN C 1050 13.70 -18.75 8.64
CA GLN C 1050 15.06 -18.25 8.54
C GLN C 1050 15.19 -17.09 7.55
N GLN C 1051 14.10 -16.41 7.26
CA GLN C 1051 14.16 -15.24 6.42
C GLN C 1051 14.16 -13.97 7.27
N PRO C 1052 14.76 -12.89 6.75
CA PRO C 1052 14.77 -11.62 7.48
C PRO C 1052 13.40 -11.26 8.04
N LEU C 1053 13.40 -10.66 9.23
CA LEU C 1053 12.17 -10.17 9.82
C LEU C 1053 11.59 -9.05 8.97
N GLY C 1054 10.39 -8.63 9.32
CA GLY C 1054 9.70 -7.58 8.58
C GLY C 1054 9.46 -6.35 9.42
N GLY C 1055 9.63 -5.19 8.80
CA GLY C 1055 9.23 -3.92 9.40
C GLY C 1055 10.39 -3.11 9.92
N LYS C 1056 10.30 -1.78 9.76
CA LYS C 1056 11.35 -0.90 10.29
C LYS C 1056 11.58 -1.19 11.77
N ALA C 1057 10.51 -1.18 12.56
CA ALA C 1057 10.62 -1.38 14.00
C ALA C 1057 11.46 -2.60 14.36
N GLN C 1058 11.39 -3.67 13.56
CA GLN C 1058 12.13 -4.89 13.86
C GLN C 1058 13.48 -4.94 13.14
N PHE C 1059 13.89 -3.86 12.49
CA PHE C 1059 15.11 -3.83 11.67
C PHE C 1059 15.04 -4.87 10.55
N GLY C 1060 13.90 -4.91 9.85
CA GLY C 1060 13.64 -5.94 8.88
C GLY C 1060 14.26 -5.66 7.53
N GLY C 1061 14.09 -6.63 6.64
CA GLY C 1061 14.54 -6.52 5.25
C GLY C 1061 13.36 -6.34 4.32
N GLN C 1062 13.60 -5.70 3.19
CA GLN C 1062 12.54 -5.47 2.21
C GLN C 1062 12.08 -6.79 1.61
N ARG C 1063 10.79 -6.90 1.32
CA ARG C 1063 10.27 -8.12 0.72
C ARG C 1063 10.44 -8.04 -0.79
N PHE C 1064 11.29 -8.92 -1.34
CA PHE C 1064 11.43 -9.07 -2.78
C PHE C 1064 10.39 -10.09 -3.25
N GLY C 1065 9.19 -9.59 -3.55
CA GLY C 1065 8.03 -10.43 -3.75
C GLY C 1065 7.97 -11.10 -5.11
N GLU C 1066 6.81 -11.69 -5.39
CA GLU C 1066 6.67 -12.54 -6.57
C GLU C 1066 6.78 -11.74 -7.86
N MET C 1067 5.99 -10.66 -7.98
CA MET C 1067 6.09 -9.82 -9.16
C MET C 1067 7.50 -9.27 -9.34
N GLU C 1068 8.21 -9.03 -8.24
CA GLU C 1068 9.60 -8.60 -8.33
C GLU C 1068 10.47 -9.69 -8.96
N CYS C 1069 10.22 -10.95 -8.61
CA CYS C 1069 10.97 -12.04 -9.23
C CYS C 1069 10.61 -12.19 -10.70
N TRP C 1070 9.35 -11.91 -11.07
CA TRP C 1070 9.03 -11.89 -12.49
C TRP C 1070 9.83 -10.82 -13.20
N ALA C 1071 9.89 -9.63 -12.61
CA ALA C 1071 10.69 -8.56 -13.20
C ALA C 1071 12.14 -9.02 -13.38
N MET C 1072 12.68 -9.65 -12.35
CA MET C 1072 14.07 -10.08 -12.40
C MET C 1072 14.27 -11.16 -13.46
N GLN C 1073 13.28 -12.04 -13.62
CA GLN C 1073 13.35 -13.11 -14.63
C GLN C 1073 13.27 -12.55 -16.04
N ALA C 1074 12.32 -11.63 -16.26
CA ALA C 1074 12.16 -11.01 -17.58
C ALA C 1074 13.44 -10.33 -18.05
N TYR C 1075 14.22 -9.78 -17.12
CA TYR C 1075 15.54 -9.25 -17.49
C TYR C 1075 16.50 -10.35 -17.88
N GLY C 1076 16.26 -11.58 -17.43
CA GLY C 1076 17.28 -12.60 -17.54
C GLY C 1076 18.41 -12.42 -16.56
N ALA C 1077 18.15 -11.74 -15.45
CA ALA C 1077 19.16 -11.47 -14.43
C ALA C 1077 19.15 -12.64 -13.45
N ALA C 1078 19.76 -13.75 -13.88
CA ALA C 1078 19.68 -14.99 -13.13
C ALA C 1078 20.44 -14.90 -11.81
N TYR C 1079 21.69 -14.42 -11.85
CA TYR C 1079 22.53 -14.45 -10.66
C TYR C 1079 22.01 -13.49 -9.59
N THR C 1080 21.51 -12.32 -10.00
CA THR C 1080 20.89 -11.41 -9.06
C THR C 1080 19.69 -12.07 -8.39
N LEU C 1081 18.88 -12.79 -9.17
CA LEU C 1081 17.69 -13.43 -8.62
C LEU C 1081 18.06 -14.54 -7.64
N GLN C 1082 19.07 -15.35 -7.98
CA GLN C 1082 19.52 -16.40 -7.07
C GLN C 1082 20.07 -15.79 -5.79
N GLU C 1083 20.96 -14.80 -5.92
CA GLU C 1083 21.57 -14.17 -4.76
C GLU C 1083 20.51 -13.55 -3.85
N LEU C 1084 19.51 -12.90 -4.44
CA LEU C 1084 18.40 -12.39 -3.64
C LEU C 1084 17.67 -13.50 -2.92
N LEU C 1085 17.52 -14.66 -3.57
CA LEU C 1085 16.68 -15.70 -2.99
C LEU C 1085 17.43 -16.74 -2.17
N THR C 1086 18.77 -16.71 -2.13
CA THR C 1086 19.49 -17.63 -1.26
C THR C 1086 20.33 -16.93 -0.20
N ILE C 1087 21.34 -16.15 -0.59
CA ILE C 1087 22.30 -15.66 0.39
C ILE C 1087 21.82 -14.39 1.08
N LYS C 1088 20.93 -13.63 0.43
CA LYS C 1088 20.39 -12.44 1.05
C LYS C 1088 19.22 -12.74 1.98
N SER C 1089 18.63 -13.93 1.91
CA SER C 1089 17.62 -14.27 2.91
C SER C 1089 17.84 -15.60 3.64
N ASP C 1090 17.89 -16.67 2.85
CA ASP C 1090 17.48 -18.00 3.32
C ASP C 1090 18.62 -18.96 3.56
N ASP C 1091 19.71 -18.86 2.81
CA ASP C 1091 20.85 -19.75 2.98
C ASP C 1091 21.61 -19.41 4.26
N THR C 1092 21.44 -20.23 5.30
CA THR C 1092 21.96 -19.89 6.61
C THR C 1092 23.48 -19.99 6.72
N VAL C 1093 24.13 -20.80 5.90
CA VAL C 1093 25.59 -20.79 5.90
C VAL C 1093 26.13 -19.77 4.90
N GLY C 1094 25.42 -19.57 3.78
CA GLY C 1094 25.89 -18.61 2.78
C GLY C 1094 25.80 -17.18 3.26
N ARG C 1095 24.81 -16.87 4.09
CA ARG C 1095 24.74 -15.57 4.75
C ARG C 1095 26.07 -15.24 5.43
N VAL C 1096 26.47 -16.11 6.36
CA VAL C 1096 27.65 -15.84 7.15
C VAL C 1096 28.88 -15.84 6.27
N LYS C 1097 28.97 -16.80 5.33
CA LYS C 1097 30.16 -16.84 4.50
C LYS C 1097 30.23 -15.64 3.55
N VAL C 1098 29.08 -15.03 3.23
CA VAL C 1098 29.08 -13.87 2.34
C VAL C 1098 29.51 -12.63 3.09
N TYR C 1099 28.97 -12.42 4.30
CA TYR C 1099 29.44 -11.30 5.10
C TYR C 1099 30.92 -11.42 5.40
N GLU C 1100 31.36 -12.65 5.69
CA GLU C 1100 32.77 -12.93 5.93
C GLU C 1100 33.61 -12.62 4.70
N ALA C 1101 33.12 -12.98 3.51
CA ALA C 1101 33.86 -12.70 2.28
C ALA C 1101 33.99 -11.20 2.06
N ILE C 1102 32.89 -10.46 2.20
CA ILE C 1102 32.92 -9.02 1.98
C ILE C 1102 33.88 -8.36 2.95
N VAL C 1103 33.83 -8.77 4.22
CA VAL C 1103 34.70 -8.18 5.22
C VAL C 1103 36.16 -8.52 4.94
N LYS C 1104 36.45 -9.69 4.40
CA LYS C 1104 37.83 -10.09 4.13
C LYS C 1104 38.32 -9.66 2.76
N GLY C 1105 37.47 -9.05 1.93
CA GLY C 1105 37.89 -8.48 0.67
C GLY C 1105 37.97 -9.44 -0.50
N GLU C 1106 37.33 -10.61 -0.41
CA GLU C 1106 37.42 -11.61 -1.47
C GLU C 1106 36.06 -11.82 -2.12
N ASN C 1107 36.04 -12.69 -3.13
CA ASN C 1107 34.86 -12.88 -3.97
C ASN C 1107 33.71 -13.50 -3.19
N ILE C 1108 32.50 -13.07 -3.52
CA ILE C 1108 31.32 -13.61 -2.85
C ILE C 1108 31.14 -15.08 -3.24
N PRO C 1109 30.91 -15.99 -2.27
CA PRO C 1109 30.85 -17.42 -2.60
C PRO C 1109 29.58 -17.82 -3.31
N GLU C 1110 29.41 -19.13 -3.52
CA GLU C 1110 28.29 -19.72 -4.22
C GLU C 1110 27.15 -20.02 -3.25
N PRO C 1111 25.91 -19.78 -3.66
CA PRO C 1111 24.77 -19.98 -2.77
C PRO C 1111 24.68 -21.41 -2.26
N GLY C 1112 23.90 -21.59 -1.20
CA GLY C 1112 23.55 -22.91 -0.70
C GLY C 1112 22.12 -23.26 -1.05
N ILE C 1113 21.44 -23.93 -0.13
CA ILE C 1113 20.04 -24.30 -0.30
C ILE C 1113 19.19 -23.39 0.57
N PRO C 1114 18.09 -22.83 0.06
CA PRO C 1114 17.18 -22.04 0.91
C PRO C 1114 16.59 -22.90 2.02
N GLU C 1115 16.68 -22.40 3.24
CA GLU C 1115 16.10 -23.10 4.37
C GLU C 1115 14.60 -23.33 4.20
N SER C 1116 13.92 -22.41 3.52
CA SER C 1116 12.47 -22.54 3.38
C SER C 1116 12.09 -23.69 2.48
N PHE C 1117 12.99 -24.11 1.58
CA PHE C 1117 12.70 -25.33 0.83
C PHE C 1117 12.70 -26.55 1.73
N LYS C 1118 13.67 -26.65 2.65
CA LYS C 1118 13.66 -27.73 3.62
C LYS C 1118 12.44 -27.65 4.51
N VAL C 1119 12.00 -26.44 4.85
CA VAL C 1119 10.78 -26.29 5.63
C VAL C 1119 9.58 -26.81 4.84
N LEU C 1120 9.53 -26.51 3.53
CA LEU C 1120 8.44 -27.02 2.70
C LEU C 1120 8.42 -28.54 2.68
N LEU C 1121 9.59 -29.14 2.44
CA LEU C 1121 9.67 -30.60 2.47
C LEU C 1121 9.21 -31.15 3.82
N LYS C 1122 9.57 -30.48 4.92
CA LYS C 1122 9.18 -31.00 6.22
C LYS C 1122 7.67 -30.88 6.43
N GLU C 1123 7.07 -29.81 5.93
CA GLU C 1123 5.61 -29.71 5.97
C GLU C 1123 4.94 -30.81 5.15
N LEU C 1124 5.50 -31.08 3.96
CA LEU C 1124 4.94 -32.13 3.11
C LEU C 1124 5.03 -33.49 3.80
N GLN C 1125 6.20 -33.80 4.38
CA GLN C 1125 6.33 -35.03 5.16
C GLN C 1125 5.33 -35.08 6.30
N SER C 1126 5.08 -33.93 6.94
CA SER C 1126 4.06 -33.89 7.97
C SER C 1126 2.67 -34.15 7.41
N LEU C 1127 2.49 -33.99 6.09
CA LEU C 1127 1.24 -34.39 5.45
C LEU C 1127 1.29 -35.82 4.89
N CYS C 1128 2.22 -36.64 5.38
CA CYS C 1128 2.38 -38.04 4.96
C CYS C 1128 2.78 -38.16 3.49
N LEU C 1129 3.43 -37.14 2.95
CA LEU C 1129 3.93 -37.19 1.58
C LEU C 1129 5.43 -37.46 1.62
N ASN C 1130 5.85 -38.58 1.05
CA ASN C 1130 7.26 -38.95 1.07
C ASN C 1130 7.97 -38.23 -0.07
N VAL C 1131 8.30 -36.96 0.17
CA VAL C 1131 9.03 -36.15 -0.79
C VAL C 1131 10.52 -36.36 -0.54
N GLU C 1132 11.20 -36.96 -1.50
CA GLU C 1132 12.64 -37.05 -1.50
C GLU C 1132 13.19 -36.24 -2.66
N VAL C 1133 14.48 -35.96 -2.60
CA VAL C 1133 15.17 -35.24 -3.65
C VAL C 1133 16.30 -36.15 -4.14
N LEU C 1134 16.35 -36.37 -5.43
CA LEU C 1134 17.32 -37.30 -5.94
C LEU C 1134 18.35 -36.67 -6.79
N SER C 1135 19.41 -37.43 -6.90
CA SER C 1135 20.57 -37.13 -7.64
C SER C 1135 20.41 -37.73 -8.99
N SER C 1136 21.44 -37.57 -9.81
CA SER C 1136 21.43 -38.10 -11.14
C SER C 1136 21.33 -39.62 -11.08
N ASP C 1137 21.96 -40.22 -10.10
CA ASP C 1137 21.92 -41.65 -9.93
C ASP C 1137 20.54 -42.17 -9.65
N GLY C 1138 19.75 -41.41 -8.91
CA GLY C 1138 18.43 -41.85 -8.55
C GLY C 1138 18.41 -42.19 -7.09
N ALA C 1139 19.40 -41.69 -6.39
CA ALA C 1139 19.59 -41.97 -4.99
C ALA C 1139 19.20 -40.77 -4.18
N ALA C 1140 18.46 -40.96 -3.11
CA ALA C 1140 18.02 -39.85 -2.31
C ALA C 1140 19.19 -39.14 -1.79
N ILE C 1141 19.07 -37.84 -1.73
CA ILE C 1141 20.12 -36.97 -1.25
C ILE C 1141 19.84 -36.64 0.18
N GLU C 1142 20.90 -36.57 0.95
CA GLU C 1142 20.83 -36.25 2.37
C GLU C 1142 20.90 -34.74 2.57
N LEU C 1143 19.82 -34.15 3.09
CA LEU C 1143 19.72 -32.71 3.28
C LEU C 1143 20.04 -32.33 4.73
N ARG C 1144 21.32 -32.46 5.07
CA ARG C 1144 21.80 -32.09 6.40
C ARG C 1144 23.20 -31.51 6.27
N GLU C 1145 23.64 -30.84 7.33
CA GLU C 1145 24.95 -30.21 7.41
C GLU C 1145 25.86 -31.00 8.34
N GLY C 1146 27.15 -30.69 8.29
CA GLY C 1146 28.12 -31.37 9.11
C GLY C 1146 28.09 -30.91 10.57
N GLU C 1147 28.84 -31.63 11.40
CA GLU C 1147 28.96 -31.32 12.82
C GLU C 1147 30.23 -30.54 13.14
N ASP C 1148 31.38 -31.02 12.66
CA ASP C 1148 32.68 -30.40 12.92
C ASP C 1148 33.25 -29.74 11.67
N GLU C 1149 32.39 -29.10 10.87
CA GLU C 1149 32.77 -28.55 9.58
C GLU C 1149 33.77 -27.39 9.68
N ASP C 1150 34.16 -26.98 10.89
CA ASP C 1150 34.90 -25.74 11.06
C ASP C 1150 36.04 -25.87 12.07
N LEU C 1151 36.50 -27.08 12.38
CA LEU C 1151 37.35 -27.27 13.55
C LEU C 1151 38.72 -26.62 13.39
N GLU C 1152 39.29 -26.64 12.19
CA GLU C 1152 40.63 -26.11 12.00
C GLU C 1152 40.68 -24.61 12.28
N ARG C 1153 39.71 -23.87 11.75
CA ARG C 1153 39.79 -22.42 11.81
C ARG C 1153 39.47 -21.86 13.20
N ALA C 1154 38.77 -22.61 14.05
CA ALA C 1154 38.54 -22.12 15.42
C ALA C 1154 39.84 -22.10 16.21
N ALA C 1155 40.61 -23.20 16.14
CA ALA C 1155 41.96 -23.22 16.68
C ALA C 1155 42.80 -22.13 16.03
N ALA C 1156 42.71 -21.98 14.71
CA ALA C 1156 43.46 -20.93 14.03
C ALA C 1156 43.14 -19.55 14.60
N ASN C 1157 41.88 -19.32 14.95
CA ASN C 1157 41.45 -18.01 15.45
C ASN C 1157 41.86 -17.78 16.88
N LEU C 1158 41.96 -18.83 17.68
CA LEU C 1158 42.55 -18.68 19.00
C LEU C 1158 44.08 -18.71 18.96
N GLY C 1159 44.67 -18.94 17.78
CA GLY C 1159 46.11 -18.94 17.67
C GLY C 1159 46.78 -20.19 18.20
N ILE C 1160 46.19 -21.36 17.95
CA ILE C 1160 46.77 -22.63 18.38
C ILE C 1160 46.70 -23.65 17.23
N LEU D 3 27.83 -29.49 2.80
CA LEU D 3 27.06 -28.52 2.03
C LEU D 3 26.58 -29.11 0.70
N ASP D 4 25.30 -28.89 0.39
CA ASP D 4 24.70 -29.44 -0.81
C ASP D 4 25.09 -28.62 -2.04
N VAL D 5 25.59 -29.30 -3.08
CA VAL D 5 26.02 -28.61 -4.30
C VAL D 5 24.87 -28.01 -5.08
N ASN D 6 23.63 -28.34 -4.69
CA ASN D 6 22.41 -27.79 -5.27
C ASN D 6 22.19 -28.23 -6.71
N PHE D 7 22.79 -29.35 -7.13
CA PHE D 7 22.45 -29.97 -8.40
C PHE D 7 21.70 -31.26 -8.08
N PHE D 8 20.40 -31.09 -7.82
CA PHE D 8 19.47 -32.19 -7.65
C PHE D 8 18.88 -32.49 -9.01
N ASP D 9 18.92 -33.75 -9.42
CA ASP D 9 18.31 -34.09 -10.70
C ASP D 9 16.80 -33.89 -10.64
N GLU D 10 16.13 -34.62 -9.75
CA GLU D 10 14.68 -34.67 -9.73
C GLU D 10 14.17 -34.57 -8.30
N LEU D 11 12.87 -34.29 -8.18
CA LEU D 11 12.18 -34.17 -6.90
C LEU D 11 10.86 -34.93 -7.03
N ARG D 12 10.64 -35.92 -6.14
CA ARG D 12 9.59 -36.91 -6.33
C ARG D 12 8.72 -37.07 -5.09
N ILE D 13 7.41 -37.18 -5.30
CA ILE D 13 6.48 -37.50 -4.22
C ILE D 13 5.95 -38.91 -4.40
N GLY D 14 5.43 -39.44 -3.30
CA GLY D 14 4.61 -40.63 -3.26
C GLY D 14 3.89 -40.60 -1.94
N LEU D 15 3.07 -41.60 -1.69
CA LEU D 15 2.45 -41.73 -0.38
C LEU D 15 3.45 -42.33 0.60
N ALA D 16 3.43 -41.80 1.82
CA ALA D 16 4.26 -42.36 2.88
C ALA D 16 3.55 -43.55 3.48
N THR D 17 4.32 -44.60 3.75
CA THR D 17 3.77 -45.71 4.50
C THR D 17 3.96 -45.43 5.98
N ALA D 18 3.13 -46.08 6.80
CA ALA D 18 3.35 -45.98 8.25
C ALA D 18 4.76 -46.42 8.61
N GLU D 19 5.33 -47.36 7.87
CA GLU D 19 6.72 -47.73 8.05
C GLU D 19 7.65 -46.57 7.74
N ASP D 20 7.37 -45.82 6.67
CA ASP D 20 8.16 -44.62 6.38
C ASP D 20 8.02 -43.61 7.51
N ILE D 21 6.79 -43.39 7.99
CA ILE D 21 6.53 -42.43 9.04
C ILE D 21 7.29 -42.79 10.31
N ARG D 22 7.46 -44.08 10.57
CA ARG D 22 8.23 -44.49 11.74
C ARG D 22 9.74 -44.46 11.46
N GLN D 23 10.15 -44.64 10.20
CA GLN D 23 11.55 -44.52 9.83
C GLN D 23 12.03 -43.07 9.88
N TRP D 24 11.11 -42.11 9.83
CA TRP D 24 11.48 -40.71 10.02
C TRP D 24 11.55 -40.32 11.49
N SER D 25 10.73 -40.95 12.34
CA SER D 25 10.49 -40.45 13.68
C SER D 25 11.64 -40.77 14.62
N TYR D 26 11.83 -39.87 15.60
CA TYR D 26 12.82 -40.01 16.66
C TYR D 26 12.18 -40.37 17.98
N GLY D 27 10.91 -40.75 17.99
CA GLY D 27 10.20 -41.15 19.19
C GLY D 27 8.76 -40.68 19.13
N GLU D 28 7.91 -41.37 19.88
CA GLU D 28 6.49 -41.04 19.86
C GLU D 28 6.17 -39.95 20.89
N VAL D 29 5.41 -38.95 20.46
CA VAL D 29 4.89 -37.93 21.35
C VAL D 29 3.69 -38.52 22.07
N LYS D 30 3.87 -38.89 23.34
CA LYS D 30 2.79 -39.55 24.07
C LYS D 30 1.97 -38.62 24.95
N LYS D 31 2.51 -37.45 25.34
CA LYS D 31 1.85 -36.57 26.29
C LYS D 31 1.45 -35.25 25.63
N PRO D 32 0.30 -34.69 25.97
CA PRO D 32 -0.11 -33.41 25.36
C PRO D 32 0.54 -32.18 25.95
N GLU D 33 1.14 -32.27 27.14
CA GLU D 33 1.69 -31.10 27.79
C GLU D 33 2.89 -30.54 27.02
N THR D 34 3.01 -29.22 27.00
CA THR D 34 4.05 -28.55 26.20
C THR D 34 5.30 -28.25 27.02
N ILE D 35 5.18 -27.35 28.00
CA ILE D 35 6.32 -26.91 28.80
C ILE D 35 5.80 -26.52 30.18
N ASN D 36 6.66 -26.66 31.18
CA ASN D 36 6.28 -26.39 32.55
C ASN D 36 5.89 -24.92 32.74
N TYR D 37 4.76 -24.69 33.40
CA TYR D 37 4.34 -23.33 33.74
C TYR D 37 5.35 -22.63 34.65
N ARG D 38 6.16 -23.39 35.38
CA ARG D 38 7.14 -22.79 36.29
C ARG D 38 8.51 -22.64 35.63
N THR D 39 9.12 -23.75 35.22
CA THR D 39 10.51 -23.71 34.78
C THR D 39 10.68 -23.41 33.29
N LEU D 40 9.59 -23.26 32.54
CA LEU D 40 9.63 -23.00 31.09
C LEU D 40 10.41 -24.07 30.33
N LYS D 41 10.46 -25.28 30.89
CA LYS D 41 11.24 -26.34 30.25
C LYS D 41 10.32 -27.35 29.58
N PRO D 42 10.76 -27.95 28.47
CA PRO D 42 9.90 -28.87 27.72
C PRO D 42 9.63 -30.15 28.50
N GLU D 43 8.35 -30.44 28.74
CA GLU D 43 7.99 -31.66 29.45
C GLU D 43 8.43 -32.90 28.65
N LYS D 44 8.80 -33.94 29.37
CA LYS D 44 9.21 -35.18 28.71
C LYS D 44 8.02 -35.80 27.99
N ASP D 45 8.31 -36.42 26.85
CA ASP D 45 7.32 -37.11 26.01
C ASP D 45 6.23 -36.20 25.46
N GLY D 46 6.38 -34.88 25.61
CA GLY D 46 5.41 -33.93 25.12
C GLY D 46 5.75 -33.46 23.71
N LEU D 47 5.00 -32.45 23.26
CA LEU D 47 5.19 -31.91 21.92
C LEU D 47 6.49 -31.15 21.75
N PHE D 48 7.19 -30.82 22.83
CA PHE D 48 8.48 -30.16 22.74
C PHE D 48 9.60 -30.93 23.42
N CYS D 49 9.34 -32.18 23.82
CA CYS D 49 10.33 -33.01 24.49
C CYS D 49 11.68 -32.95 23.80
N GLU D 50 12.74 -32.90 24.60
CA GLU D 50 14.10 -32.84 24.08
C GLU D 50 14.69 -34.21 23.78
N LYS D 51 14.15 -35.28 24.39
CA LYS D 51 14.68 -36.62 24.14
C LYS D 51 14.53 -36.98 22.66
N ILE D 52 13.38 -36.70 22.07
CA ILE D 52 13.11 -37.11 20.69
C ILE D 52 13.38 -35.98 19.70
N PHE D 53 12.97 -34.75 20.00
CA PHE D 53 13.11 -33.67 19.03
C PHE D 53 14.53 -33.11 19.02
N GLY D 54 15.09 -32.82 20.19
CA GLY D 54 16.44 -32.30 20.28
C GLY D 54 16.64 -31.33 21.43
N PRO D 55 17.89 -30.98 21.71
CA PRO D 55 18.18 -30.10 22.85
C PRO D 55 17.81 -28.65 22.55
N THR D 56 17.23 -27.99 23.56
CA THR D 56 16.84 -26.58 23.38
C THR D 56 18.06 -25.68 23.30
N ARG D 57 19.10 -25.99 24.06
CA ARG D 57 20.32 -25.19 24.08
C ARG D 57 21.47 -26.01 23.52
N ASP D 58 22.40 -25.31 22.86
CA ASP D 58 23.54 -25.97 22.24
C ASP D 58 24.30 -26.82 23.22
N TRP D 59 24.47 -28.10 22.88
CA TRP D 59 25.31 -29.03 23.63
C TRP D 59 24.89 -29.17 25.10
N GLU D 60 23.60 -29.00 25.40
CA GLU D 60 23.08 -29.11 26.75
C GLU D 60 21.98 -30.16 26.79
N CYS D 61 22.14 -31.16 27.65
CA CYS D 61 21.08 -32.15 27.83
C CYS D 61 20.03 -31.60 28.80
N TYR D 62 19.02 -32.43 29.07
CA TYR D 62 17.85 -31.97 29.82
C TYR D 62 18.17 -31.75 31.30
N CYS D 63 18.91 -32.67 31.92
CA CYS D 63 19.21 -32.61 33.34
C CYS D 63 20.55 -31.94 33.66
N GLY D 64 21.40 -31.75 32.66
CA GLY D 64 22.65 -31.03 32.86
C GLY D 64 23.87 -31.87 33.15
N LYS D 65 23.76 -33.20 33.14
CA LYS D 65 24.92 -34.04 33.39
C LYS D 65 25.99 -33.88 32.31
N TYR D 66 25.59 -33.48 31.10
CA TYR D 66 26.50 -33.32 29.98
C TYR D 66 26.23 -31.95 29.36
N LYS D 67 27.05 -30.96 29.72
CA LYS D 67 26.86 -29.58 29.29
C LYS D 67 28.18 -29.03 28.76
N ARG D 68 28.52 -29.37 27.51
CA ARG D 68 29.79 -28.99 26.91
C ARG D 68 29.82 -29.46 25.46
N VAL D 69 30.71 -28.84 24.67
CA VAL D 69 31.05 -29.35 23.34
C VAL D 69 31.99 -30.54 23.43
N ARG D 70 32.70 -30.71 24.55
CA ARG D 70 33.57 -31.86 24.74
C ARG D 70 32.77 -33.15 24.61
N PHE D 71 31.73 -33.30 25.42
CA PHE D 71 30.76 -34.38 25.24
C PHE D 71 29.93 -34.07 24.01
N LYS D 72 30.21 -34.74 22.90
CA LYS D 72 29.40 -34.56 21.70
C LYS D 72 29.01 -35.91 21.14
N GLY D 73 27.79 -35.99 20.64
CA GLY D 73 27.30 -37.21 20.05
C GLY D 73 26.75 -38.20 21.06
N ILE D 74 27.23 -38.15 22.29
CA ILE D 74 26.79 -39.12 23.28
C ILE D 74 25.36 -38.81 23.72
N ILE D 75 24.62 -39.84 24.07
CA ILE D 75 23.24 -39.70 24.53
C ILE D 75 23.23 -39.91 26.03
N CYS D 76 22.86 -38.86 26.76
CA CYS D 76 22.77 -38.91 28.20
C CYS D 76 21.88 -40.07 28.65
N GLU D 77 22.46 -41.00 29.41
CA GLU D 77 21.72 -42.17 29.85
C GLU D 77 20.70 -41.86 30.95
N ARG D 78 20.75 -40.65 31.52
CA ARG D 78 19.73 -40.23 32.47
C ARG D 78 18.61 -39.45 31.80
N CYS D 79 18.94 -38.66 30.77
CA CYS D 79 18.02 -37.79 30.04
C CYS D 79 17.44 -38.46 28.80
N GLY D 80 18.25 -39.25 28.10
CA GLY D 80 17.89 -39.67 26.77
C GLY D 80 18.04 -38.60 25.72
N VAL D 81 18.71 -37.50 26.04
CA VAL D 81 18.88 -36.36 25.14
C VAL D 81 20.27 -36.43 24.51
N GLU D 82 20.33 -36.25 23.20
CA GLU D 82 21.59 -36.24 22.47
C GLU D 82 22.20 -34.85 22.54
N VAL D 83 23.49 -34.79 22.91
CA VAL D 83 24.18 -33.53 23.10
C VAL D 83 24.69 -33.09 21.72
N THR D 84 23.96 -32.17 21.09
CA THR D 84 24.28 -31.69 19.75
C THR D 84 23.77 -30.26 19.61
N ARG D 85 23.77 -29.74 18.39
CA ARG D 85 23.26 -28.40 18.15
C ARG D 85 21.75 -28.35 18.27
N ALA D 86 21.23 -27.20 18.71
CA ALA D 86 19.79 -27.00 18.76
C ALA D 86 19.16 -26.90 17.38
N LYS D 87 19.97 -26.74 16.33
CA LYS D 87 19.46 -26.72 14.95
C LYS D 87 18.63 -27.95 14.64
N VAL D 88 18.98 -29.11 15.23
CA VAL D 88 18.23 -30.33 14.97
C VAL D 88 16.76 -30.20 15.33
N ARG D 89 16.39 -29.23 16.15
CA ARG D 89 14.97 -29.13 16.46
C ARG D 89 14.14 -28.58 15.30
N ARG D 90 14.74 -28.34 14.14
CA ARG D 90 13.97 -27.93 12.97
C ARG D 90 13.97 -28.99 11.87
N GLU D 91 14.53 -30.18 12.13
CA GLU D 91 14.58 -31.23 11.13
C GLU D 91 14.33 -32.64 11.68
N ARG D 92 13.93 -32.76 12.94
CA ARG D 92 13.70 -34.07 13.56
C ARG D 92 12.22 -34.22 13.86
N MET D 93 11.57 -35.16 13.17
CA MET D 93 10.15 -35.37 13.36
C MET D 93 9.88 -36.39 14.46
N GLY D 94 8.77 -36.18 15.15
CA GLY D 94 8.19 -37.20 16.01
C GLY D 94 7.09 -37.94 15.28
N HIS D 95 6.40 -38.81 16.02
CA HIS D 95 5.22 -39.43 15.45
C HIS D 95 4.26 -39.81 16.57
N ILE D 96 3.10 -40.28 16.16
CA ILE D 96 2.02 -40.68 17.06
C ILE D 96 1.49 -42.01 16.58
N GLU D 97 1.43 -43.00 17.48
CA GLU D 97 0.84 -44.29 17.19
C GLU D 97 -0.64 -44.23 17.50
N LEU D 98 -1.46 -44.38 16.47
CA LEU D 98 -2.91 -44.32 16.62
C LEU D 98 -3.45 -45.65 17.12
N ALA D 99 -4.30 -45.60 18.14
CA ALA D 99 -4.94 -46.80 18.65
C ALA D 99 -5.87 -47.41 17.63
N ALA D 100 -6.48 -46.58 16.78
CA ALA D 100 -7.33 -47.02 15.69
C ALA D 100 -6.85 -46.38 14.39
N PRO D 101 -6.89 -47.10 13.27
CA PRO D 101 -6.47 -46.49 12.01
C PRO D 101 -7.39 -45.33 11.63
N VAL D 102 -6.87 -44.47 10.76
CA VAL D 102 -7.52 -43.23 10.37
C VAL D 102 -7.26 -43.00 8.89
N THR D 103 -8.27 -42.49 8.18
CA THR D 103 -8.10 -42.20 6.76
C THR D 103 -7.54 -40.80 6.58
N HIS D 104 -6.81 -40.62 5.49
CA HIS D 104 -6.25 -39.31 5.15
C HIS D 104 -7.33 -38.51 4.46
N ILE D 105 -7.65 -37.33 5.00
CA ILE D 105 -8.78 -36.59 4.47
C ILE D 105 -8.50 -36.10 3.05
N TRP D 106 -7.24 -36.01 2.66
CA TRP D 106 -6.92 -35.66 1.28
C TRP D 106 -7.51 -36.67 0.31
N TYR D 107 -7.52 -37.95 0.68
CA TYR D 107 -7.96 -39.00 -0.22
C TYR D 107 -9.40 -39.44 0.02
N PHE D 108 -10.02 -39.02 1.12
CA PHE D 108 -11.44 -39.30 1.31
C PHE D 108 -12.33 -38.16 0.81
N LYS D 109 -12.11 -36.95 1.33
CA LYS D 109 -13.00 -35.84 1.03
C LYS D 109 -12.51 -34.97 -0.11
N GLY D 110 -11.24 -35.03 -0.48
CA GLY D 110 -10.76 -34.24 -1.59
C GLY D 110 -11.43 -34.60 -2.90
N VAL D 111 -12.27 -33.70 -3.42
CA VAL D 111 -13.10 -34.01 -4.59
C VAL D 111 -12.24 -34.08 -5.84
N PRO D 112 -12.29 -35.17 -6.62
CA PRO D 112 -13.14 -36.35 -6.45
C PRO D 112 -12.54 -37.36 -5.47
N SER D 113 -13.37 -37.96 -4.62
CA SER D 113 -12.85 -38.90 -3.62
C SER D 113 -12.00 -39.99 -4.26
N ARG D 114 -10.69 -40.01 -3.98
CA ARG D 114 -9.84 -41.05 -4.56
C ARG D 114 -10.17 -42.41 -3.97
N LEU D 115 -10.56 -42.46 -2.69
CA LEU D 115 -11.02 -43.73 -2.13
C LEU D 115 -12.28 -44.19 -2.83
N GLY D 116 -13.20 -43.26 -3.07
CA GLY D 116 -14.43 -43.62 -3.76
C GLY D 116 -14.16 -44.22 -5.12
N TYR D 117 -13.28 -43.58 -5.90
CA TYR D 117 -12.88 -44.15 -7.18
C TYR D 117 -12.12 -45.46 -7.01
N LEU D 118 -11.42 -45.62 -5.89
CA LEU D 118 -10.57 -46.80 -5.69
C LEU D 118 -11.42 -48.03 -5.43
N LEU D 119 -12.37 -47.94 -4.49
CA LEU D 119 -13.21 -49.05 -4.09
C LEU D 119 -14.54 -49.11 -4.81
N ASP D 120 -14.78 -48.18 -5.75
CA ASP D 120 -16.08 -48.02 -6.40
C ASP D 120 -17.19 -47.83 -5.36
N LEU D 121 -16.96 -46.90 -4.45
CA LEU D 121 -17.91 -46.55 -3.40
C LEU D 121 -18.34 -45.10 -3.57
N ALA D 122 -19.61 -44.84 -3.31
CA ALA D 122 -20.10 -43.47 -3.31
C ALA D 122 -19.51 -42.71 -2.12
N PRO D 123 -19.05 -41.48 -2.32
CA PRO D 123 -18.52 -40.70 -1.18
C PRO D 123 -19.53 -40.55 -0.05
N LYS D 124 -20.81 -40.46 -0.36
CA LYS D 124 -21.84 -40.48 0.68
C LYS D 124 -21.70 -41.71 1.57
N ASP D 125 -21.52 -42.89 0.95
CA ASP D 125 -21.41 -44.13 1.72
C ASP D 125 -20.08 -44.19 2.48
N LEU D 126 -19.00 -43.69 1.87
CA LEU D 126 -17.73 -43.59 2.58
C LEU D 126 -17.84 -42.70 3.81
N GLU D 127 -18.59 -41.62 3.70
CA GLU D 127 -18.86 -40.76 4.86
C GLU D 127 -19.61 -41.53 5.93
N LYS D 128 -20.63 -42.31 5.53
CA LYS D 128 -21.34 -43.13 6.50
C LYS D 128 -20.41 -44.11 7.21
N ILE D 129 -19.49 -44.71 6.45
CA ILE D 129 -18.61 -45.75 7.01
C ILE D 129 -17.56 -45.14 7.93
N ILE D 130 -16.78 -44.19 7.41
CA ILE D 130 -15.57 -43.68 8.08
C ILE D 130 -15.91 -42.96 9.38
N TYR D 131 -17.10 -42.36 9.45
CA TYR D 131 -17.51 -41.61 10.62
C TYR D 131 -18.61 -42.31 11.41
N PHE D 132 -18.67 -43.64 11.28
CA PHE D 132 -19.41 -44.52 12.18
C PHE D 132 -20.91 -44.25 12.15
N ALA D 133 -21.46 -44.20 10.94
CA ALA D 133 -22.89 -44.14 10.71
C ALA D 133 -23.46 -45.40 10.07
N ALA D 134 -22.61 -46.32 9.60
CA ALA D 134 -23.06 -47.51 8.91
C ALA D 134 -21.90 -48.48 8.78
N TYR D 135 -22.22 -49.77 8.86
CA TYR D 135 -21.20 -50.81 8.73
C TYR D 135 -20.97 -51.13 7.26
N VAL D 136 -19.84 -51.79 6.99
CA VAL D 136 -19.58 -52.36 5.69
C VAL D 136 -19.07 -53.78 5.87
N ILE D 137 -19.44 -54.65 4.94
CA ILE D 137 -19.00 -56.04 4.93
C ILE D 137 -17.59 -56.08 4.34
N THR D 138 -16.61 -56.43 5.16
CA THR D 138 -15.23 -56.50 4.70
C THR D 138 -14.88 -57.84 4.08
N SER D 139 -15.52 -58.92 4.52
CA SER D 139 -15.28 -60.24 3.96
C SER D 139 -16.51 -61.11 4.19
N VAL D 140 -16.58 -62.21 3.44
CA VAL D 140 -17.65 -63.19 3.58
C VAL D 140 -17.11 -64.57 3.18
N ASP D 141 -17.51 -65.59 3.92
CA ASP D 141 -17.06 -66.96 3.70
C ASP D 141 -18.10 -67.65 2.82
N GLU D 142 -17.88 -67.60 1.50
CA GLU D 142 -18.90 -68.08 0.57
C GLU D 142 -19.03 -69.60 0.61
N GLU D 143 -17.92 -70.31 0.81
CA GLU D 143 -17.98 -71.77 0.88
C GLU D 143 -18.81 -72.22 2.07
N MET D 144 -18.53 -71.67 3.25
CA MET D 144 -19.31 -72.03 4.43
C MET D 144 -20.78 -71.66 4.25
N ARG D 145 -21.05 -70.49 3.64
CA ARG D 145 -22.43 -70.10 3.40
C ARG D 145 -23.12 -71.09 2.46
N HIS D 146 -22.38 -71.63 1.50
CA HIS D 146 -22.98 -72.54 0.54
C HIS D 146 -23.27 -73.90 1.15
N ASN D 147 -22.29 -74.46 1.88
CA ASN D 147 -22.43 -75.77 2.52
C ASN D 147 -23.35 -75.76 3.73
N GLU D 148 -23.94 -74.63 4.08
CA GLU D 148 -24.84 -74.54 5.21
C GLU D 148 -26.15 -73.85 4.84
N LEU D 149 -26.33 -73.51 3.56
CA LEU D 149 -27.48 -72.73 3.14
C LEU D 149 -28.77 -73.49 3.38
N SER D 150 -28.74 -74.82 3.19
CA SER D 150 -29.95 -75.63 3.34
C SER D 150 -30.47 -75.59 4.77
N THR D 151 -29.62 -75.90 5.75
CA THR D 151 -30.09 -75.91 7.13
C THR D 151 -30.41 -74.50 7.65
N LEU D 152 -29.68 -73.48 7.16
CA LEU D 152 -30.01 -72.11 7.55
C LEU D 152 -31.37 -71.70 7.01
N GLU D 153 -31.66 -72.05 5.76
CA GLU D 153 -32.96 -71.77 5.17
C GLU D 153 -34.07 -72.56 5.87
N ALA D 154 -33.78 -73.79 6.30
CA ALA D 154 -34.76 -74.56 7.05
C ALA D 154 -35.12 -73.86 8.36
N GLU D 155 -34.09 -73.45 9.13
CA GLU D 155 -34.32 -72.78 10.40
C GLU D 155 -35.09 -71.48 10.19
N MET D 156 -34.75 -70.73 9.13
CA MET D 156 -35.45 -69.49 8.83
C MET D 156 -36.91 -69.74 8.47
N ALA D 157 -37.17 -70.82 7.70
CA ALA D 157 -38.54 -71.16 7.34
C ALA D 157 -39.37 -71.53 8.57
N VAL D 158 -38.80 -72.33 9.47
CA VAL D 158 -39.50 -72.67 10.71
C VAL D 158 -39.77 -71.42 11.53
N GLU D 159 -38.81 -70.48 11.55
CA GLU D 159 -39.02 -69.25 12.32
C GLU D 159 -40.14 -68.39 11.73
N ARG D 160 -40.16 -68.24 10.40
CA ARG D 160 -41.26 -67.53 9.74
C ARG D 160 -42.59 -68.21 10.02
N LYS D 161 -42.64 -69.54 9.92
CA LYS D 161 -43.86 -70.27 10.27
C LYS D 161 -44.28 -70.00 11.71
N ALA D 162 -43.32 -69.91 12.63
CA ALA D 162 -43.65 -69.61 14.02
C ALA D 162 -44.29 -68.24 14.15
N VAL D 163 -43.75 -67.25 13.44
CA VAL D 163 -44.34 -65.91 13.44
C VAL D 163 -45.76 -65.95 12.89
N GLU D 164 -45.95 -66.66 11.77
CA GLU D 164 -47.27 -66.71 11.12
C GLU D 164 -48.30 -67.45 11.97
N ASP D 165 -47.94 -68.59 12.56
CA ASP D 165 -48.89 -69.32 13.40
C ASP D 165 -49.22 -68.55 14.67
N GLN D 166 -48.24 -67.82 15.24
CA GLN D 166 -48.56 -66.96 16.37
C GLN D 166 -49.53 -65.86 15.97
N ARG D 167 -49.30 -65.24 14.80
CA ARG D 167 -50.23 -64.21 14.33
C ARG D 167 -51.63 -64.77 14.18
N ASP D 168 -51.75 -65.96 13.59
CA ASP D 168 -53.07 -66.53 13.34
C ASP D 168 -53.77 -66.88 14.65
N GLY D 169 -53.02 -67.35 15.65
CA GLY D 169 -53.61 -67.55 16.97
C GLY D 169 -54.12 -66.27 17.60
N GLU D 170 -53.29 -65.21 17.54
CA GLU D 170 -53.72 -63.90 18.07
C GLU D 170 -54.96 -63.38 17.36
N LEU D 171 -55.00 -63.49 16.03
CA LEU D 171 -56.12 -62.94 15.28
C LEU D 171 -57.40 -63.73 15.54
N GLU D 172 -57.29 -65.06 15.63
CA GLU D 172 -58.47 -65.85 15.99
C GLU D 172 -58.98 -65.49 17.39
N ALA D 173 -58.06 -65.31 18.35
CA ALA D 173 -58.47 -64.90 19.68
C ALA D 173 -59.21 -63.56 19.65
N ARG D 174 -58.63 -62.57 18.96
CA ARG D 174 -59.27 -61.25 18.94
C ARG D 174 -60.59 -61.27 18.19
N ALA D 175 -60.71 -62.09 17.13
CA ALA D 175 -61.97 -62.17 16.40
C ALA D 175 -63.05 -62.84 17.24
N GLN D 176 -62.70 -63.89 17.99
CA GLN D 176 -63.66 -64.48 18.91
C GLN D 176 -64.04 -63.49 20.01
N LYS D 177 -63.08 -62.68 20.47
CA LYS D 177 -63.38 -61.66 21.47
C LYS D 177 -64.32 -60.59 20.92
N LEU D 178 -64.12 -60.19 19.66
CA LEU D 178 -65.04 -59.26 19.03
C LEU D 178 -66.44 -59.85 18.93
N GLU D 179 -66.53 -61.13 18.58
CA GLU D 179 -67.83 -61.79 18.49
C GLU D 179 -68.50 -61.83 19.86
N ALA D 180 -67.73 -62.15 20.91
CA ALA D 180 -68.27 -62.14 22.27
C ALA D 180 -68.75 -60.75 22.67
N ASP D 181 -67.96 -59.71 22.36
CA ASP D 181 -68.35 -58.35 22.71
C ASP D 181 -69.61 -57.93 21.99
N LEU D 182 -69.71 -58.25 20.70
CA LEU D 182 -70.89 -57.87 19.93
C LEU D 182 -72.12 -58.61 20.45
N ALA D 183 -71.97 -59.88 20.84
CA ALA D 183 -73.12 -60.59 21.40
C ALA D 183 -73.50 -60.02 22.78
N GLU D 184 -72.49 -59.62 23.57
CA GLU D 184 -72.77 -58.97 24.85
C GLU D 184 -73.57 -57.70 24.66
N LEU D 185 -73.23 -56.92 23.63
CA LEU D 185 -74.05 -55.76 23.30
C LEU D 185 -75.44 -56.18 22.83
N GLU D 186 -75.52 -57.21 21.99
CA GLU D 186 -76.79 -57.64 21.42
C GLU D 186 -77.80 -58.00 22.52
N ALA D 187 -77.42 -58.93 23.40
CA ALA D 187 -78.35 -59.37 24.44
C ALA D 187 -78.69 -58.22 25.39
N GLU D 188 -77.70 -57.43 25.78
CA GLU D 188 -77.92 -56.29 26.65
C GLU D 188 -78.48 -55.12 25.84
N GLY D 189 -78.54 -53.95 26.46
CA GLY D 189 -78.98 -52.75 25.75
C GLY D 189 -77.92 -52.22 24.81
N ALA D 190 -78.23 -52.19 23.51
CA ALA D 190 -77.28 -51.67 22.53
C ALA D 190 -78.01 -51.29 21.25
N LYS D 191 -77.61 -50.16 20.68
CA LYS D 191 -78.05 -49.73 19.35
C LYS D 191 -76.89 -49.82 18.38
N ALA D 192 -77.20 -49.59 17.10
CA ALA D 192 -76.19 -49.72 16.05
C ALA D 192 -74.98 -48.82 16.27
N ASP D 193 -75.11 -47.77 17.06
CA ASP D 193 -73.96 -46.93 17.41
C ASP D 193 -72.90 -47.74 18.14
N ALA D 194 -73.27 -48.34 19.28
CA ALA D 194 -72.30 -49.08 20.07
C ALA D 194 -71.77 -50.29 19.31
N ARG D 195 -72.63 -50.94 18.52
CA ARG D 195 -72.19 -52.06 17.70
C ARG D 195 -71.14 -51.61 16.69
N ARG D 196 -71.39 -50.50 16.00
CA ARG D 196 -70.43 -50.00 15.03
C ARG D 196 -69.12 -49.60 15.70
N LYS D 197 -69.20 -48.99 16.89
CA LYS D 197 -67.99 -48.59 17.61
C LYS D 197 -67.14 -49.81 17.98
N VAL D 198 -67.78 -50.81 18.58
CA VAL D 198 -67.05 -52.01 18.99
C VAL D 198 -66.47 -52.73 17.78
N ARG D 199 -67.23 -52.79 16.69
CA ARG D 199 -66.74 -53.45 15.48
C ARG D 199 -65.53 -52.73 14.90
N ASP D 200 -65.60 -51.40 14.80
CA ASP D 200 -64.46 -50.64 14.30
C ASP D 200 -63.25 -50.82 15.21
N GLY D 201 -63.47 -50.86 16.53
CA GLY D 201 -62.35 -51.05 17.45
C GLY D 201 -61.70 -52.42 17.29
N GLY D 202 -62.53 -53.46 17.20
CA GLY D 202 -62.00 -54.80 17.00
C GLY D 202 -61.26 -54.94 15.68
N GLU D 203 -61.80 -54.35 14.61
CA GLU D 203 -61.12 -54.43 13.33
C GLU D 203 -59.83 -53.63 13.33
N ARG D 204 -59.79 -52.49 14.03
CA ARG D 204 -58.54 -51.75 14.13
C ARG D 204 -57.49 -52.54 14.90
N GLU D 205 -57.88 -53.20 15.99
CA GLU D 205 -56.94 -54.02 16.74
C GLU D 205 -56.46 -55.20 15.90
N MET D 206 -57.34 -55.78 15.08
CA MET D 206 -56.93 -56.89 14.22
C MET D 206 -55.98 -56.42 13.13
N ARG D 207 -56.22 -55.25 12.54
CA ARG D 207 -55.24 -54.64 11.67
C ARG D 207 -53.91 -54.46 12.39
N GLN D 208 -53.94 -54.00 13.64
CA GLN D 208 -52.71 -53.78 14.39
C GLN D 208 -51.93 -55.07 14.56
N ILE D 209 -52.61 -56.14 14.97
CA ILE D 209 -51.94 -57.43 15.14
C ILE D 209 -51.36 -57.90 13.82
N ARG D 210 -52.17 -57.85 12.76
CA ARG D 210 -51.72 -58.32 11.46
C ARG D 210 -50.51 -57.54 10.98
N ASP D 211 -50.53 -56.21 11.15
CA ASP D 211 -49.47 -55.37 10.62
C ASP D 211 -48.20 -55.45 11.45
N ARG D 212 -48.32 -55.70 12.75
CA ARG D 212 -47.15 -55.93 13.58
C ARG D 212 -46.48 -57.25 13.22
N ALA D 213 -47.27 -58.31 13.09
CA ALA D 213 -46.72 -59.59 12.65
C ALA D 213 -46.17 -59.49 11.22
N GLN D 214 -46.77 -58.65 10.39
CA GLN D 214 -46.29 -58.48 9.03
C GLN D 214 -44.98 -57.71 8.98
N ARG D 215 -44.82 -56.72 9.86
CA ARG D 215 -43.54 -56.02 9.94
C ARG D 215 -42.45 -56.97 10.43
N GLU D 216 -42.79 -57.87 11.36
CA GLU D 216 -41.80 -58.86 11.80
C GLU D 216 -41.44 -59.85 10.69
N LEU D 217 -42.45 -60.27 9.91
CA LEU D 217 -42.18 -61.14 8.77
C LEU D 217 -41.29 -60.46 7.73
N ASP D 218 -41.58 -59.18 7.41
CA ASP D 218 -40.74 -58.45 6.45
C ASP D 218 -39.34 -58.23 7.01
N ARG D 219 -39.23 -58.03 8.32
CA ARG D 219 -37.92 -57.96 8.97
C ARG D 219 -37.12 -59.23 8.70
N LEU D 220 -37.71 -60.39 8.99
CA LEU D 220 -37.05 -61.66 8.71
C LEU D 220 -36.72 -61.80 7.22
N GLU D 221 -37.61 -61.33 6.35
CA GLU D 221 -37.38 -61.45 4.91
C GLU D 221 -36.14 -60.69 4.49
N ASP D 222 -36.00 -59.45 4.99
CA ASP D 222 -34.84 -58.66 4.63
C ASP D 222 -33.57 -59.22 5.25
N ILE D 223 -33.66 -59.73 6.49
CA ILE D 223 -32.52 -60.44 7.09
C ILE D 223 -32.04 -61.55 6.16
N TRP D 224 -32.96 -62.39 5.71
CA TRP D 224 -32.59 -63.59 4.97
C TRP D 224 -32.08 -63.25 3.57
N SER D 225 -32.79 -62.37 2.87
CA SER D 225 -32.32 -61.99 1.53
C SER D 225 -30.99 -61.26 1.60
N THR D 226 -30.79 -60.45 2.64
CA THR D 226 -29.53 -59.75 2.80
C THR D 226 -28.39 -60.73 3.05
N PHE D 227 -28.61 -61.71 3.93
CA PHE D 227 -27.56 -62.69 4.19
C PHE D 227 -27.24 -63.50 2.94
N THR D 228 -28.26 -63.89 2.18
CA THR D 228 -28.00 -64.75 1.03
C THR D 228 -27.30 -64.00 -0.09
N LYS D 229 -27.61 -62.71 -0.27
CA LYS D 229 -27.00 -61.88 -1.31
C LYS D 229 -25.82 -61.08 -0.77
N LEU D 230 -25.37 -61.34 0.45
CA LEU D 230 -24.31 -60.57 1.07
C LEU D 230 -23.03 -60.63 0.25
N ALA D 231 -22.29 -59.52 0.21
CA ALA D 231 -21.05 -59.41 -0.53
C ALA D 231 -20.19 -58.32 0.11
N PRO D 232 -18.86 -58.38 -0.07
CA PRO D 232 -18.02 -57.26 0.35
C PRO D 232 -18.34 -55.98 -0.42
N LYS D 233 -18.12 -54.85 0.25
CA LYS D 233 -18.44 -53.48 -0.15
C LYS D 233 -19.92 -53.19 0.02
N GLN D 234 -20.71 -54.11 0.55
CA GLN D 234 -22.12 -53.83 0.82
C GLN D 234 -22.26 -53.04 2.12
N LEU D 235 -23.12 -52.03 2.08
CA LEU D 235 -23.38 -51.20 3.24
C LEU D 235 -24.68 -51.64 3.91
N ILE D 236 -24.62 -51.85 5.23
CA ILE D 236 -25.80 -52.10 6.03
C ILE D 236 -26.02 -50.85 6.87
N VAL D 237 -27.03 -50.07 6.52
CA VAL D 237 -27.20 -48.77 7.15
C VAL D 237 -27.89 -48.91 8.50
N ASP D 238 -28.86 -49.82 8.61
CA ASP D 238 -29.59 -50.02 9.85
C ASP D 238 -28.72 -50.80 10.84
N GLU D 239 -28.31 -50.14 11.92
CA GLU D 239 -27.54 -50.83 12.96
C GLU D 239 -28.31 -52.03 13.50
N ASN D 240 -29.63 -51.91 13.60
CA ASN D 240 -30.45 -52.99 14.13
C ASN D 240 -30.35 -54.24 13.25
N LEU D 241 -30.48 -54.06 11.93
CA LEU D 241 -30.36 -55.19 11.01
C LEU D 241 -28.97 -55.81 11.07
N TYR D 242 -27.93 -54.98 11.20
CA TYR D 242 -26.58 -55.53 11.32
C TYR D 242 -26.45 -56.38 12.57
N ARG D 243 -26.99 -55.90 13.70
CA ARG D 243 -26.94 -56.70 14.92
C ARG D 243 -27.67 -58.03 14.72
N GLU D 244 -28.84 -57.98 14.06
CA GLU D 244 -29.61 -59.20 13.81
C GLU D 244 -28.84 -60.14 12.88
N LEU D 245 -28.12 -59.57 11.91
CA LEU D 245 -27.33 -60.35 10.98
C LEU D 245 -26.06 -60.91 11.61
N VAL D 246 -25.63 -60.40 12.76
CA VAL D 246 -24.43 -60.95 13.41
C VAL D 246 -24.82 -61.98 14.47
N ASP D 247 -25.96 -61.78 15.13
CA ASP D 247 -26.41 -62.73 16.14
C ASP D 247 -26.54 -64.13 15.54
N ARG D 248 -27.26 -64.24 14.43
CA ARG D 248 -27.22 -65.38 13.53
C ARG D 248 -26.22 -65.10 12.41
N TYR D 249 -25.85 -66.15 11.67
CA TYR D 249 -24.97 -66.03 10.52
C TYR D 249 -23.62 -65.36 10.83
N GLY D 250 -23.27 -65.26 12.12
CA GLY D 250 -22.15 -64.42 12.51
C GLY D 250 -20.79 -64.92 12.05
N GLU D 251 -20.60 -66.24 12.03
CA GLU D 251 -19.33 -66.81 11.63
C GLU D 251 -19.21 -66.99 10.13
N TYR D 252 -20.06 -66.34 9.34
CA TYR D 252 -20.04 -66.47 7.89
C TYR D 252 -19.48 -65.24 7.18
N PHE D 253 -19.21 -64.16 7.89
CA PHE D 253 -18.75 -62.91 7.28
C PHE D 253 -18.15 -62.04 8.38
N THR D 254 -17.44 -61.00 7.96
CA THR D 254 -16.93 -59.98 8.86
C THR D 254 -17.43 -58.62 8.41
N GLY D 255 -17.98 -57.85 9.34
CA GLY D 255 -18.38 -56.49 9.06
C GLY D 255 -17.83 -55.55 10.12
N ALA D 256 -17.71 -54.28 9.74
CA ALA D 256 -17.13 -53.30 10.67
C ALA D 256 -17.42 -51.90 10.19
N MET D 257 -17.15 -50.94 11.07
CA MET D 257 -17.29 -49.52 10.80
C MET D 257 -15.92 -48.86 10.73
N GLY D 258 -15.79 -47.86 9.86
CA GLY D 258 -14.70 -46.91 9.93
C GLY D 258 -13.49 -47.21 9.07
N ALA D 259 -12.41 -46.53 9.42
CA ALA D 259 -11.17 -46.62 8.66
C ALA D 259 -10.57 -48.01 8.70
N GLU D 260 -10.75 -48.73 9.83
CA GLU D 260 -10.28 -50.11 9.90
C GLU D 260 -10.96 -50.97 8.84
N SER D 261 -12.27 -50.76 8.63
CA SER D 261 -12.99 -51.44 7.57
C SER D 261 -12.46 -51.06 6.21
N ILE D 262 -12.25 -49.75 5.99
CA ILE D 262 -11.72 -49.33 4.69
C ILE D 262 -10.35 -49.96 4.45
N GLN D 263 -9.56 -50.10 5.51
CA GLN D 263 -8.24 -50.70 5.40
C GLN D 263 -8.36 -52.17 5.03
N LYS D 264 -9.31 -52.89 5.65
CA LYS D 264 -9.53 -54.28 5.26
C LYS D 264 -9.92 -54.38 3.79
N LEU D 265 -10.82 -53.52 3.33
CA LEU D 265 -11.23 -53.55 1.92
C LEU D 265 -10.03 -53.36 1.01
N ILE D 266 -9.20 -52.36 1.32
CA ILE D 266 -7.99 -52.13 0.52
C ILE D 266 -7.06 -53.34 0.57
N GLU D 267 -7.03 -54.02 1.72
CA GLU D 267 -6.23 -55.24 1.85
C GLU D 267 -6.71 -56.32 0.90
N ASN D 268 -8.01 -56.59 0.89
CA ASN D 268 -8.62 -57.58 0.00
C ASN D 268 -8.76 -57.07 -1.43
N PHE D 269 -8.30 -55.86 -1.71
CA PHE D 269 -8.52 -55.26 -3.02
C PHE D 269 -7.57 -55.88 -4.05
N ASP D 270 -8.13 -56.36 -5.15
CA ASP D 270 -7.34 -56.89 -6.27
C ASP D 270 -7.26 -55.80 -7.32
N ILE D 271 -6.09 -55.16 -7.41
CA ILE D 271 -5.94 -54.00 -8.29
C ILE D 271 -5.90 -54.44 -9.75
N ASP D 272 -5.27 -55.59 -10.04
CA ASP D 272 -5.22 -56.07 -11.41
C ASP D 272 -6.61 -56.42 -11.92
N ALA D 273 -7.42 -57.06 -11.06
CA ALA D 273 -8.77 -57.46 -11.46
C ALA D 273 -9.63 -56.23 -11.80
N GLU D 274 -9.64 -55.25 -10.89
CA GLU D 274 -10.46 -54.05 -11.11
C GLU D 274 -9.94 -53.23 -12.29
N ALA D 275 -8.62 -53.15 -12.45
CA ALA D 275 -8.05 -52.45 -13.59
C ALA D 275 -8.46 -53.10 -14.91
N GLU D 276 -8.45 -54.44 -14.95
CA GLU D 276 -8.88 -55.14 -16.16
C GLU D 276 -10.36 -54.94 -16.43
N SER D 277 -11.20 -55.02 -15.40
CA SER D 277 -12.63 -54.74 -15.57
C SER D 277 -12.85 -53.34 -16.14
N LEU D 278 -12.14 -52.35 -15.60
CA LEU D 278 -12.33 -50.98 -16.07
C LEU D 278 -11.83 -50.81 -17.51
N ARG D 279 -10.69 -51.43 -17.85
CA ARG D 279 -10.22 -51.38 -19.22
C ARG D 279 -11.27 -51.97 -20.18
N ASP D 280 -11.86 -53.09 -19.77
CA ASP D 280 -12.93 -53.69 -20.56
C ASP D 280 -14.08 -52.70 -20.74
N VAL D 281 -14.53 -52.09 -19.63
CA VAL D 281 -15.67 -51.18 -19.69
C VAL D 281 -15.38 -50.00 -20.62
N ILE D 282 -14.15 -49.48 -20.58
CA ILE D 282 -13.86 -48.30 -21.40
C ILE D 282 -13.68 -48.68 -22.87
N ARG D 283 -13.21 -49.90 -23.14
CA ARG D 283 -12.98 -50.29 -24.52
C ARG D 283 -14.29 -50.67 -25.22
N ASN D 284 -15.11 -51.51 -24.61
CA ASN D 284 -16.27 -52.06 -25.28
C ASN D 284 -17.57 -51.37 -24.90
N GLY D 285 -17.54 -50.37 -24.02
CA GLY D 285 -18.72 -49.65 -23.62
C GLY D 285 -18.80 -48.28 -24.27
N LYS D 286 -19.87 -47.56 -23.92
CA LYS D 286 -20.09 -46.23 -24.48
C LYS D 286 -20.97 -45.43 -23.52
N GLY D 287 -20.99 -44.12 -23.73
CA GLY D 287 -21.84 -43.23 -22.97
C GLY D 287 -21.20 -42.72 -21.70
N GLN D 288 -22.01 -42.43 -20.69
CA GLN D 288 -21.47 -41.93 -19.44
C GLN D 288 -20.81 -43.03 -18.61
N LYS D 289 -21.18 -44.30 -18.83
CA LYS D 289 -20.45 -45.38 -18.17
C LYS D 289 -19.01 -45.41 -18.62
N LYS D 290 -18.77 -45.14 -19.91
CA LYS D 290 -17.41 -45.05 -20.43
C LYS D 290 -16.63 -43.94 -19.71
N LEU D 291 -17.26 -42.77 -19.54
CA LEU D 291 -16.57 -41.63 -18.94
C LEU D 291 -16.29 -41.86 -17.46
N ARG D 292 -17.30 -42.37 -16.72
CA ARG D 292 -17.09 -42.68 -15.31
C ARG D 292 -16.03 -43.75 -15.12
N ALA D 293 -15.95 -44.72 -16.05
CA ALA D 293 -14.92 -45.75 -15.94
C ALA D 293 -13.54 -45.20 -16.25
N LEU D 294 -13.44 -44.24 -17.18
CA LEU D 294 -12.14 -43.61 -17.45
C LEU D 294 -11.67 -42.81 -16.23
N LYS D 295 -12.57 -42.03 -15.64
CA LYS D 295 -12.31 -41.41 -14.35
C LYS D 295 -11.77 -42.43 -13.35
N ARG D 296 -12.54 -43.49 -13.09
CA ARG D 296 -12.13 -44.47 -12.08
C ARG D 296 -10.79 -45.14 -12.45
N LEU D 297 -10.48 -45.25 -13.73
CA LEU D 297 -9.23 -45.90 -14.12
C LEU D 297 -8.03 -45.01 -13.85
N LYS D 298 -8.19 -43.69 -13.98
CA LYS D 298 -7.05 -42.80 -13.73
C LYS D 298 -6.42 -43.03 -12.36
N VAL D 299 -7.20 -43.48 -11.39
CA VAL D 299 -6.68 -43.76 -10.05
C VAL D 299 -6.01 -45.13 -9.98
N VAL D 300 -6.69 -46.16 -10.50
CA VAL D 300 -6.21 -47.53 -10.36
C VAL D 300 -4.95 -47.75 -11.19
N ALA D 301 -4.94 -47.27 -12.44
CA ALA D 301 -3.75 -47.37 -13.27
C ALA D 301 -2.55 -46.71 -12.60
N ALA D 302 -2.78 -45.61 -11.88
CA ALA D 302 -1.68 -44.94 -11.19
C ALA D 302 -1.20 -45.75 -9.99
N PHE D 303 -2.12 -46.28 -9.19
CA PHE D 303 -1.73 -47.18 -8.12
C PHE D 303 -1.13 -48.48 -8.65
N GLN D 304 -1.21 -48.72 -9.96
CA GLN D 304 -0.70 -49.92 -10.60
C GLN D 304 0.66 -49.71 -11.25
N GLN D 305 1.48 -48.80 -10.72
CA GLN D 305 2.79 -48.50 -11.29
C GLN D 305 3.81 -48.39 -10.17
N SER D 306 4.76 -49.32 -10.14
CA SER D 306 5.91 -49.32 -9.22
C SER D 306 5.48 -49.32 -7.76
N GLY D 307 4.82 -50.41 -7.36
CA GLY D 307 4.37 -50.56 -5.99
C GLY D 307 3.27 -49.56 -5.65
N ASN D 308 3.53 -48.71 -4.66
CA ASN D 308 2.61 -47.64 -4.27
C ASN D 308 1.23 -48.21 -3.97
N SER D 309 1.18 -49.02 -2.91
CA SER D 309 -0.06 -49.68 -2.53
C SER D 309 -1.03 -48.65 -1.94
N PRO D 310 -2.34 -48.80 -2.20
CA PRO D 310 -3.32 -47.83 -1.70
C PRO D 310 -3.45 -47.82 -0.19
N MET D 311 -2.73 -48.72 0.48
CA MET D 311 -2.77 -48.79 1.93
C MET D 311 -2.30 -47.49 2.57
N GLY D 312 -1.41 -46.75 1.89
CA GLY D 312 -0.97 -45.45 2.35
C GLY D 312 -2.09 -44.44 2.52
N MET D 313 -3.28 -44.70 1.95
CA MET D 313 -4.39 -43.76 2.14
C MET D 313 -5.01 -43.88 3.53
N VAL D 314 -4.73 -44.97 4.23
CA VAL D 314 -5.17 -45.16 5.61
C VAL D 314 -3.91 -45.15 6.48
N LEU D 315 -4.00 -44.52 7.64
CA LEU D 315 -2.83 -44.29 8.48
C LEU D 315 -3.01 -44.91 9.84
N ASP D 316 -1.96 -45.57 10.31
CA ASP D 316 -1.86 -46.01 11.69
C ASP D 316 -0.91 -45.15 12.52
N ALA D 317 -0.09 -44.33 11.88
CA ALA D 317 0.86 -43.46 12.56
C ALA D 317 0.87 -42.10 11.89
N VAL D 318 0.76 -41.04 12.70
CA VAL D 318 0.75 -39.67 12.21
C VAL D 318 2.13 -39.05 12.46
N PRO D 319 2.78 -38.47 11.46
CA PRO D 319 4.06 -37.80 11.71
C PRO D 319 3.84 -36.42 12.33
N VAL D 320 4.77 -36.04 13.21
CA VAL D 320 4.71 -34.79 13.97
C VAL D 320 5.88 -33.92 13.53
N ILE D 321 5.55 -32.75 12.98
CA ILE D 321 6.50 -31.80 12.40
C ILE D 321 7.49 -31.33 13.47
N PRO D 322 8.75 -31.04 13.10
CA PRO D 322 9.71 -30.59 14.11
C PRO D 322 9.22 -29.37 14.84
N PRO D 323 9.58 -29.22 16.13
CA PRO D 323 8.94 -28.17 16.95
C PRO D 323 9.41 -26.75 16.61
N GLU D 324 10.56 -26.57 15.97
CA GLU D 324 10.94 -25.22 15.56
C GLU D 324 9.96 -24.66 14.54
N LEU D 325 9.43 -25.51 13.65
CA LEU D 325 8.45 -25.09 12.64
C LEU D 325 7.07 -24.82 13.22
N ARG D 326 6.89 -25.00 14.53
CA ARG D 326 5.62 -24.71 15.22
C ARG D 326 5.94 -24.05 16.55
N PRO D 327 6.42 -22.81 16.52
CA PRO D 327 7.02 -22.22 17.72
C PRO D 327 6.00 -21.90 18.80
N MET D 328 6.53 -21.71 20.00
CA MET D 328 5.77 -21.23 21.15
C MET D 328 6.59 -20.13 21.80
N VAL D 329 6.07 -18.91 21.84
CA VAL D 329 6.87 -17.80 22.34
C VAL D 329 6.16 -17.12 23.51
N GLN D 330 6.93 -16.76 24.53
CA GLN D 330 6.43 -16.03 25.68
C GLN D 330 6.12 -14.59 25.28
N LEU D 331 5.01 -14.09 25.80
CA LEU D 331 4.54 -12.73 25.50
C LEU D 331 4.69 -11.86 26.72
N ASP D 332 4.81 -10.55 26.49
CA ASP D 332 4.66 -9.60 27.58
C ASP D 332 3.32 -9.82 28.24
N GLY D 333 3.34 -10.11 29.53
CA GLY D 333 2.14 -10.47 30.26
C GLY D 333 2.19 -11.82 30.93
N GLY D 334 3.22 -12.64 30.65
CA GLY D 334 3.28 -13.99 31.16
C GLY D 334 2.49 -15.00 30.37
N ARG D 335 1.78 -14.57 29.33
CA ARG D 335 1.04 -15.46 28.45
C ARG D 335 1.92 -15.91 27.30
N PHE D 336 1.48 -16.98 26.63
CA PHE D 336 2.21 -17.57 25.51
C PHE D 336 1.38 -17.50 24.24
N ALA D 337 2.07 -17.43 23.10
CA ALA D 337 1.46 -17.55 21.79
C ALA D 337 2.01 -18.82 21.12
N THR D 338 1.10 -19.73 20.74
CA THR D 338 1.44 -20.97 20.08
C THR D 338 0.87 -20.98 18.68
N SER D 339 1.62 -21.58 17.75
CA SER D 339 1.08 -21.86 16.43
C SER D 339 -0.09 -22.83 16.55
N ASP D 340 -1.04 -22.72 15.60
CA ASP D 340 -2.23 -23.55 15.65
C ASP D 340 -1.87 -25.03 15.60
N LEU D 341 -0.80 -25.38 14.88
CA LEU D 341 -0.38 -26.76 14.73
C LEU D 341 -0.30 -27.49 16.06
N ASN D 342 0.15 -26.79 17.11
CA ASN D 342 0.30 -27.44 18.40
C ASN D 342 -1.05 -27.75 19.04
N ASP D 343 -2.03 -26.85 18.90
CA ASP D 343 -3.36 -27.16 19.40
C ASP D 343 -3.98 -28.33 18.64
N LEU D 344 -3.73 -28.41 17.34
CA LEU D 344 -4.27 -29.53 16.56
C LEU D 344 -3.64 -30.85 16.99
N TYR D 345 -2.29 -30.91 17.04
CA TYR D 345 -1.62 -32.11 17.51
C TYR D 345 -2.05 -32.46 18.93
N ARG D 346 -2.31 -31.45 19.76
CA ARG D 346 -2.69 -31.72 21.13
C ARG D 346 -4.07 -32.36 21.20
N ARG D 347 -4.99 -31.92 20.33
CA ARG D 347 -6.31 -32.58 20.31
C ARG D 347 -6.18 -34.01 19.81
N VAL D 348 -5.33 -34.23 18.80
CA VAL D 348 -5.09 -35.60 18.34
C VAL D 348 -4.57 -36.45 19.49
N ILE D 349 -3.55 -35.96 20.19
CA ILE D 349 -2.93 -36.70 21.29
C ILE D 349 -3.95 -37.01 22.37
N ASN D 350 -4.68 -35.99 22.82
CA ASN D 350 -5.70 -36.17 23.86
C ASN D 350 -6.70 -37.25 23.47
N ARG D 351 -7.23 -37.17 22.25
CA ARG D 351 -8.27 -38.12 21.87
C ARG D 351 -7.71 -39.53 21.69
N ASN D 352 -6.50 -39.65 21.12
CA ASN D 352 -5.86 -40.96 21.02
C ASN D 352 -5.62 -41.58 22.38
N ASN D 353 -5.18 -40.77 23.36
CA ASN D 353 -4.94 -41.30 24.69
C ASN D 353 -6.25 -41.68 25.38
N ARG D 354 -7.29 -40.85 25.21
CA ARG D 354 -8.59 -41.21 25.78
C ARG D 354 -9.14 -42.47 25.15
N LEU D 355 -8.87 -42.68 23.85
CA LEU D 355 -9.27 -43.92 23.21
C LEU D 355 -8.50 -45.10 23.77
N LYS D 356 -7.20 -44.91 24.05
CA LYS D 356 -6.43 -45.94 24.73
C LYS D 356 -7.06 -46.30 26.07
N ARG D 357 -7.45 -45.28 26.83
CA ARG D 357 -8.05 -45.50 28.14
C ARG D 357 -9.36 -46.26 28.00
N LEU D 358 -10.19 -45.89 27.03
CA LEU D 358 -11.46 -46.58 26.82
C LEU D 358 -11.25 -48.04 26.41
N ILE D 359 -10.33 -48.27 25.47
CA ILE D 359 -10.03 -49.64 25.04
C ILE D 359 -9.57 -50.47 26.23
N ASP D 360 -8.75 -49.89 27.10
CA ASP D 360 -8.29 -50.64 28.27
C ASP D 360 -9.44 -50.92 29.23
N LEU D 361 -10.31 -49.93 29.46
CA LEU D 361 -11.44 -50.10 30.38
C LEU D 361 -12.56 -50.94 29.79
N GLY D 362 -12.42 -51.41 28.56
CA GLY D 362 -13.48 -52.17 27.91
C GLY D 362 -14.80 -51.43 27.94
N ALA D 363 -14.80 -50.21 27.43
CA ALA D 363 -15.98 -49.35 27.49
C ALA D 363 -17.04 -49.87 26.53
N PRO D 364 -18.28 -49.38 26.65
CA PRO D 364 -19.30 -49.72 25.66
C PRO D 364 -18.82 -49.44 24.24
N GLU D 365 -19.35 -50.21 23.28
CA GLU D 365 -18.92 -50.02 21.90
C GLU D 365 -19.37 -48.68 21.35
N ILE D 366 -20.51 -48.16 21.81
CA ILE D 366 -20.97 -46.87 21.33
C ILE D 366 -19.99 -45.77 21.74
N ILE D 367 -19.48 -45.85 22.97
CA ILE D 367 -18.57 -44.82 23.45
C ILE D 367 -17.21 -44.92 22.75
N VAL D 368 -16.68 -46.13 22.63
CA VAL D 368 -15.40 -46.30 21.95
C VAL D 368 -15.52 -45.89 20.49
N ASN D 369 -16.68 -46.14 19.86
CA ASN D 369 -16.90 -45.68 18.51
C ASN D 369 -16.95 -44.15 18.44
N ASN D 370 -17.60 -43.52 19.42
CA ASN D 370 -17.56 -42.06 19.51
C ASN D 370 -16.14 -41.54 19.53
N GLU D 371 -15.29 -42.18 20.35
CA GLU D 371 -13.91 -41.73 20.47
C GLU D 371 -13.12 -41.96 19.19
N LYS D 372 -13.37 -43.09 18.51
CA LYS D 372 -12.69 -43.33 17.24
C LYS D 372 -13.10 -42.29 16.19
N ARG D 373 -14.39 -41.95 16.12
CA ARG D 373 -14.83 -40.92 15.21
C ARG D 373 -14.18 -39.58 15.55
N MET D 374 -14.12 -39.24 16.84
CA MET D 374 -13.48 -37.99 17.24
C MET D 374 -12.01 -37.97 16.88
N LEU D 375 -11.32 -39.11 17.00
CA LEU D 375 -9.93 -39.18 16.60
C LEU D 375 -9.77 -38.95 15.11
N GLN D 376 -10.63 -39.59 14.30
CA GLN D 376 -10.62 -39.35 12.86
C GLN D 376 -10.81 -37.87 12.57
N GLU D 377 -11.78 -37.24 13.24
CA GLU D 377 -12.08 -35.84 12.96
C GLU D 377 -10.93 -34.94 13.37
N SER D 378 -10.24 -35.25 14.47
CA SER D 378 -9.12 -34.42 14.88
C SER D 378 -7.94 -34.57 13.94
N VAL D 379 -7.71 -35.77 13.40
CA VAL D 379 -6.65 -35.88 12.39
C VAL D 379 -7.07 -35.20 11.10
N ASP D 380 -8.36 -35.22 10.77
CA ASP D 380 -8.83 -34.48 9.60
C ASP D 380 -8.59 -32.99 9.77
N ALA D 381 -8.83 -32.46 10.96
CA ALA D 381 -8.51 -31.06 11.24
C ALA D 381 -7.02 -30.79 11.11
N LEU D 382 -6.20 -31.62 11.76
CA LEU D 382 -4.75 -31.47 11.67
C LEU D 382 -4.28 -31.39 10.22
N PHE D 383 -4.83 -32.24 9.36
CA PHE D 383 -4.34 -32.29 7.98
C PHE D 383 -4.95 -31.18 7.12
N ASP D 384 -6.27 -31.02 7.17
CA ASP D 384 -6.95 -30.03 6.34
C ASP D 384 -8.21 -29.61 7.09
N ASN D 385 -8.08 -28.55 7.88
CA ASN D 385 -9.20 -28.14 8.73
C ASN D 385 -10.30 -27.51 7.89
N GLY D 386 -11.54 -27.72 8.34
CA GLY D 386 -12.71 -27.21 7.65
C GLY D 386 -13.12 -27.97 6.42
N ARG D 387 -12.25 -28.83 5.88
CA ARG D 387 -12.58 -29.58 4.66
C ARG D 387 -13.82 -30.43 4.85
N ARG D 388 -13.99 -31.04 6.02
CA ARG D 388 -15.22 -31.73 6.37
C ARG D 388 -15.82 -31.10 7.62
N GLY D 389 -17.10 -30.75 7.55
CA GLY D 389 -17.84 -30.22 8.66
C GLY D 389 -17.26 -28.93 9.19
N ARG D 390 -17.44 -28.72 10.50
CA ARG D 390 -16.97 -27.51 11.15
C ARG D 390 -15.45 -27.52 11.28
N PRO D 391 -14.82 -26.35 11.19
CA PRO D 391 -13.39 -26.28 11.50
C PRO D 391 -13.18 -26.12 13.00
N VAL D 392 -12.12 -26.76 13.49
CA VAL D 392 -11.67 -26.50 14.85
C VAL D 392 -11.34 -25.02 14.98
N THR D 393 -11.92 -24.37 15.97
CA THR D 393 -11.78 -22.94 16.14
C THR D 393 -10.97 -22.61 17.38
N GLY D 394 -10.16 -21.55 17.28
CA GLY D 394 -9.57 -20.92 18.42
C GLY D 394 -10.42 -19.75 18.89
N PRO D 395 -9.89 -18.95 19.81
CA PRO D 395 -10.67 -17.82 20.34
C PRO D 395 -11.06 -16.85 19.24
N GLY D 396 -12.23 -16.23 19.41
CA GLY D 396 -12.78 -15.40 18.36
C GLY D 396 -13.39 -16.18 17.22
N ASN D 397 -13.66 -17.46 17.43
CA ASN D 397 -14.19 -18.37 16.41
C ASN D 397 -13.33 -18.35 15.15
N ARG D 398 -12.01 -18.32 15.35
CA ARG D 398 -11.07 -18.31 14.24
C ARG D 398 -10.64 -19.74 13.92
N PRO D 399 -10.89 -20.24 12.71
CA PRO D 399 -10.44 -21.59 12.37
C PRO D 399 -8.92 -21.70 12.40
N LEU D 400 -8.44 -22.69 13.14
CA LEU D 400 -7.01 -22.95 13.23
C LEU D 400 -6.46 -23.36 11.88
N LYS D 401 -5.36 -22.74 11.48
CA LYS D 401 -4.75 -23.06 10.19
C LYS D 401 -4.03 -24.40 10.28
N SER D 402 -4.43 -25.33 9.42
CA SER D 402 -3.92 -26.69 9.43
C SER D 402 -2.63 -26.77 8.63
N LEU D 403 -2.19 -28.01 8.35
CA LEU D 403 -1.00 -28.18 7.51
C LEU D 403 -1.30 -27.91 6.05
N SER D 404 -2.55 -28.04 5.63
CA SER D 404 -2.88 -27.71 4.24
C SER D 404 -2.82 -26.21 4.02
N ASP D 405 -3.31 -25.43 4.98
CA ASP D 405 -3.33 -23.98 4.82
C ASP D 405 -1.91 -23.41 4.74
N LEU D 406 -0.99 -23.97 5.54
CA LEU D 406 0.41 -23.55 5.51
C LEU D 406 1.02 -23.57 4.12
N LEU D 407 0.42 -24.31 3.19
CA LEU D 407 0.95 -24.42 1.83
C LEU D 407 0.17 -23.62 0.79
N LYS D 408 -1.11 -23.34 1.03
CA LYS D 408 -1.97 -22.76 0.01
C LYS D 408 -2.19 -21.26 0.25
N GLY D 409 -2.62 -20.58 -0.81
CA GLY D 409 -2.86 -19.16 -0.76
C GLY D 409 -1.61 -18.36 -1.05
N LYS D 410 -1.76 -17.03 -1.00
CA LYS D 410 -0.63 -16.11 -1.11
C LYS D 410 0.11 -15.95 0.20
N GLN D 411 -0.34 -16.63 1.25
CA GLN D 411 0.36 -16.67 2.53
C GLN D 411 1.08 -18.00 2.76
N GLY D 412 0.77 -19.03 1.99
CA GLY D 412 1.44 -20.31 2.14
C GLY D 412 2.90 -20.24 1.73
N ARG D 413 3.62 -21.34 2.02
CA ARG D 413 5.06 -21.35 1.80
C ARG D 413 5.42 -21.05 0.36
N PHE D 414 4.64 -21.58 -0.59
CA PHE D 414 4.98 -21.38 -2.01
C PHE D 414 5.01 -19.89 -2.36
N ARG D 415 3.88 -19.21 -2.20
CA ARG D 415 3.79 -17.84 -2.66
C ARG D 415 4.42 -16.86 -1.67
N GLN D 416 4.46 -17.19 -0.39
CA GLN D 416 4.95 -16.25 0.60
C GLN D 416 6.42 -16.41 0.94
N ASN D 417 7.01 -17.59 0.70
CA ASN D 417 8.34 -17.86 1.21
C ASN D 417 9.26 -18.54 0.21
N LEU D 418 8.78 -18.90 -0.96
CA LEU D 418 9.67 -19.55 -1.92
C LEU D 418 9.75 -18.80 -3.23
N LEU D 419 8.64 -18.26 -3.71
CA LEU D 419 8.61 -17.48 -4.93
C LEU D 419 8.90 -15.99 -4.66
N GLY D 420 9.23 -15.64 -3.43
CA GLY D 420 9.49 -14.28 -3.00
C GLY D 420 9.75 -14.27 -1.51
N LYS D 421 10.66 -13.41 -1.05
CA LYS D 421 11.06 -13.45 0.35
C LYS D 421 11.71 -12.13 0.73
N ARG D 422 11.85 -11.91 2.04
CA ARG D 422 12.54 -10.72 2.52
C ARG D 422 14.05 -10.92 2.41
N VAL D 423 14.76 -9.84 2.10
CA VAL D 423 16.18 -9.93 1.76
C VAL D 423 16.99 -8.97 2.63
N ASP D 424 18.28 -9.27 2.72
CA ASP D 424 19.25 -8.41 3.37
C ASP D 424 19.80 -7.40 2.36
N TYR D 425 20.59 -6.44 2.87
CA TYR D 425 21.18 -5.38 2.08
C TYR D 425 20.11 -4.66 1.26
N SER D 426 19.05 -4.24 1.95
CA SER D 426 17.94 -3.58 1.28
C SER D 426 17.35 -2.52 2.19
N GLY D 427 16.94 -1.40 1.59
CA GLY D 427 16.35 -0.30 2.34
C GLY D 427 15.13 0.24 1.64
N ARG D 428 14.54 1.27 2.24
CA ARG D 428 13.32 1.86 1.73
C ARG D 428 13.25 3.31 2.18
N SER D 429 12.79 4.19 1.29
CA SER D 429 12.59 5.57 1.72
C SER D 429 11.69 6.32 0.75
N VAL D 430 11.26 7.50 1.20
CA VAL D 430 10.50 8.43 0.36
C VAL D 430 11.36 8.86 -0.82
N ILE D 431 10.71 9.14 -1.95
CA ILE D 431 11.41 9.62 -3.13
C ILE D 431 11.10 11.10 -3.35
N VAL D 432 12.12 11.85 -3.77
CA VAL D 432 11.99 13.22 -4.22
C VAL D 432 12.65 13.34 -5.58
N VAL D 433 12.39 14.45 -6.25
CA VAL D 433 12.57 14.50 -7.69
C VAL D 433 14.06 14.52 -8.06
N GLY D 434 14.82 15.46 -7.54
CA GLY D 434 16.20 15.56 -7.93
C GLY D 434 16.44 15.69 -9.43
N PRO D 435 16.05 16.84 -10.02
CA PRO D 435 16.21 17.01 -11.47
C PRO D 435 17.64 17.21 -11.93
N GLN D 436 18.60 17.38 -11.03
CA GLN D 436 19.98 17.62 -11.41
C GLN D 436 20.73 16.33 -11.77
N LEU D 437 20.11 15.18 -11.59
CA LEU D 437 20.78 13.91 -11.82
C LEU D 437 20.87 13.58 -13.30
N LYS D 438 21.78 12.67 -13.62
CA LYS D 438 21.80 12.07 -14.94
C LYS D 438 20.98 10.78 -14.94
N LEU D 439 20.56 10.37 -16.14
CA LEU D 439 19.65 9.24 -16.28
C LEU D 439 20.13 8.00 -15.54
N HIS D 440 21.44 7.80 -15.44
CA HIS D 440 22.00 6.60 -14.82
C HIS D 440 22.22 6.75 -13.32
N GLN D 441 21.80 7.86 -12.73
CA GLN D 441 22.15 8.20 -11.35
C GLN D 441 20.90 8.33 -10.48
N CYS D 442 21.10 8.09 -9.20
CA CYS D 442 20.07 8.31 -8.19
C CYS D 442 20.70 8.89 -6.94
N GLY D 443 19.93 9.72 -6.23
CA GLY D 443 20.39 10.23 -4.96
C GLY D 443 20.11 9.24 -3.85
N LEU D 444 21.18 8.68 -3.26
CA LEU D 444 21.04 7.75 -2.15
C LEU D 444 21.43 8.45 -0.87
N PRO D 445 20.57 8.51 0.15
CA PRO D 445 20.94 9.18 1.41
C PRO D 445 22.19 8.57 2.04
N LYS D 446 22.88 9.39 2.83
CA LYS D 446 24.12 8.93 3.49
C LYS D 446 23.81 7.83 4.49
N LEU D 447 22.82 8.05 5.36
CA LEU D 447 22.50 7.06 6.37
C LEU D 447 21.94 5.78 5.78
N MET D 448 21.47 5.80 4.53
CA MET D 448 21.11 4.55 3.86
C MET D 448 22.35 3.85 3.31
N ALA D 449 23.19 4.59 2.61
CA ALA D 449 24.40 4.02 2.03
C ALA D 449 25.27 3.38 3.10
N LEU D 450 25.44 4.05 4.24
CA LEU D 450 26.31 3.55 5.29
C LEU D 450 25.85 2.18 5.76
N GLU D 451 24.55 2.01 5.97
CA GLU D 451 24.03 0.71 6.39
C GLU D 451 24.14 -0.32 5.28
N LEU D 452 23.66 0.03 4.07
CA LEU D 452 23.67 -0.90 2.95
C LEU D 452 25.07 -1.45 2.69
N PHE D 453 26.10 -0.60 2.84
CA PHE D 453 27.46 -0.99 2.49
C PHE D 453 28.30 -1.34 3.72
N LYS D 454 27.68 -1.43 4.90
CA LYS D 454 28.40 -1.56 6.18
C LYS D 454 29.61 -2.49 6.13
N PRO D 455 29.52 -3.75 5.69
CA PRO D 455 30.74 -4.57 5.70
C PRO D 455 31.81 -4.06 4.75
N PHE D 456 31.42 -3.49 3.60
CA PHE D 456 32.39 -2.92 2.67
C PHE D 456 33.16 -1.79 3.34
N VAL D 457 32.44 -0.83 3.93
CA VAL D 457 33.12 0.28 4.58
C VAL D 457 33.91 -0.21 5.78
N MET D 458 33.49 -1.31 6.41
CA MET D 458 34.26 -1.85 7.53
C MET D 458 35.61 -2.40 7.05
N LYS D 459 35.59 -3.19 5.96
CA LYS D 459 36.83 -3.69 5.38
C LYS D 459 37.74 -2.54 4.99
N ARG D 460 37.17 -1.46 4.45
CA ARG D 460 38.00 -0.35 4.00
C ARG D 460 38.54 0.46 5.19
N LEU D 461 37.71 0.63 6.22
CA LEU D 461 38.13 1.28 7.45
C LEU D 461 39.32 0.58 8.07
N VAL D 462 39.32 -0.76 8.03
CA VAL D 462 40.50 -1.47 8.51
C VAL D 462 41.64 -1.37 7.49
N ASP D 463 41.31 -1.26 6.21
CA ASP D 463 42.35 -1.14 5.18
C ASP D 463 43.17 0.14 5.35
N LEU D 464 42.49 1.26 5.63
CA LEU D 464 43.15 2.55 5.75
C LEU D 464 43.54 2.89 7.18
N ASN D 465 43.59 1.89 8.07
CA ASN D 465 44.06 1.99 9.45
C ASN D 465 43.22 2.90 10.34
N HIS D 466 42.05 3.35 9.87
CA HIS D 466 41.16 4.10 10.75
C HIS D 466 40.69 3.25 11.92
N ALA D 467 40.68 1.93 11.75
CA ALA D 467 40.34 1.00 12.82
C ALA D 467 41.42 -0.06 12.91
N GLN D 468 41.60 -0.58 14.13
CA GLN D 468 42.69 -1.53 14.37
C GLN D 468 42.28 -2.96 13.99
N ASN D 469 41.02 -3.31 14.25
CA ASN D 469 40.51 -4.64 13.96
C ASN D 469 39.13 -4.49 13.33
N ILE D 470 38.54 -5.63 12.95
CA ILE D 470 37.23 -5.58 12.29
C ILE D 470 36.13 -5.28 13.30
N LYS D 471 36.31 -5.64 14.57
CA LYS D 471 35.31 -5.33 15.58
C LYS D 471 35.27 -3.83 15.86
N SER D 472 36.43 -3.19 15.93
CA SER D 472 36.45 -1.75 16.06
C SER D 472 35.90 -1.07 14.81
N ALA D 473 36.12 -1.66 13.63
CA ALA D 473 35.49 -1.12 12.43
C ALA D 473 33.98 -1.15 12.56
N LYS D 474 33.43 -2.25 13.08
CA LYS D 474 32.00 -2.32 13.28
C LYS D 474 31.52 -1.24 14.24
N ARG D 475 32.20 -1.12 15.38
CA ARG D 475 31.83 -0.08 16.36
C ARG D 475 31.91 1.31 15.75
N MET D 476 32.87 1.53 14.86
CA MET D 476 33.01 2.83 14.21
C MET D 476 31.83 3.12 13.31
N VAL D 477 31.45 2.16 12.48
CA VAL D 477 30.31 2.37 11.58
C VAL D 477 29.02 2.53 12.38
N GLU D 478 28.90 1.84 13.52
CA GLU D 478 27.68 1.93 14.30
C GLU D 478 27.58 3.25 15.06
N ARG D 479 28.72 3.79 15.51
CA ARG D 479 28.76 5.09 16.17
C ARG D 479 28.74 6.25 15.20
N GLN D 480 28.92 5.99 13.90
CA GLN D 480 28.91 7.03 12.86
C GLN D 480 30.04 8.03 13.06
N ARG D 481 31.21 7.52 13.43
CA ARG D 481 32.38 8.37 13.56
C ARG D 481 32.69 9.03 12.21
N PRO D 482 33.23 10.25 12.24
CA PRO D 482 33.36 11.02 10.98
C PRO D 482 34.33 10.43 9.97
N GLN D 483 35.13 9.44 10.34
CA GLN D 483 36.05 8.86 9.37
C GLN D 483 35.32 8.07 8.30
N VAL D 484 34.12 7.58 8.61
CA VAL D 484 33.45 6.63 7.72
C VAL D 484 33.05 7.30 6.41
N TRP D 485 32.65 8.58 6.47
CA TRP D 485 32.05 9.21 5.31
C TRP D 485 33.05 9.33 4.17
N ASP D 486 34.28 9.73 4.47
CA ASP D 486 35.30 9.79 3.43
C ASP D 486 35.49 8.41 2.81
N VAL D 487 35.43 7.36 3.64
CA VAL D 487 35.53 6.00 3.13
C VAL D 487 34.29 5.64 2.32
N LEU D 488 33.11 6.11 2.78
CA LEU D 488 31.87 5.70 2.15
C LEU D 488 31.85 6.05 0.67
N GLU D 489 32.08 7.33 0.35
CA GLU D 489 32.09 7.75 -1.05
C GLU D 489 33.07 6.93 -1.87
N GLU D 490 34.11 6.38 -1.24
CA GLU D 490 35.05 5.55 -1.97
C GLU D 490 34.42 4.22 -2.38
N VAL D 491 33.76 3.53 -1.44
CA VAL D 491 33.23 2.22 -1.78
C VAL D 491 31.98 2.35 -2.65
N ILE D 492 31.15 3.37 -2.39
CA ILE D 492 29.93 3.58 -3.14
C ILE D 492 30.22 3.74 -4.62
N ALA D 493 31.38 4.31 -4.95
CA ALA D 493 31.67 4.71 -6.32
C ALA D 493 31.50 3.54 -7.26
N GLU D 494 30.72 3.77 -8.33
CA GLU D 494 30.51 2.82 -9.42
C GLU D 494 29.91 1.50 -8.97
N HIS D 495 29.32 1.43 -7.77
CA HIS D 495 28.67 0.21 -7.32
C HIS D 495 27.16 0.36 -7.52
N PRO D 496 26.57 -0.27 -8.53
CA PRO D 496 25.17 0.01 -8.85
C PRO D 496 24.24 -0.54 -7.80
N VAL D 497 23.08 0.10 -7.68
CA VAL D 497 22.04 -0.33 -6.77
C VAL D 497 20.73 -0.44 -7.55
N LEU D 498 19.87 -1.37 -7.14
CA LEU D 498 18.59 -1.55 -7.79
C LEU D 498 17.54 -0.74 -7.04
N LEU D 499 16.72 0.00 -7.78
CA LEU D 499 15.56 0.68 -7.25
C LEU D 499 14.31 -0.02 -7.75
N ASN D 500 13.38 -0.27 -6.82
CA ASN D 500 12.10 -0.88 -7.13
C ASN D 500 10.99 0.01 -6.58
N ARG D 501 9.89 0.10 -7.31
CA ARG D 501 8.68 0.70 -6.80
C ARG D 501 7.53 -0.27 -7.02
N ALA D 502 6.84 -0.56 -6.02
CA ALA D 502 5.70 -1.46 -6.11
C ALA D 502 4.44 -0.65 -6.40
N PRO D 503 3.49 -1.22 -7.17
CA PRO D 503 3.51 -2.58 -7.73
C PRO D 503 4.41 -2.72 -8.96
N THR D 504 5.26 -3.74 -8.98
CA THR D 504 6.06 -4.02 -10.16
C THR D 504 5.20 -4.62 -11.26
N LEU D 505 4.69 -3.79 -12.16
CA LEU D 505 3.82 -4.25 -13.23
C LEU D 505 4.59 -4.72 -14.44
N HIS D 506 5.86 -4.34 -14.58
CA HIS D 506 6.72 -4.88 -15.63
C HIS D 506 8.17 -4.67 -15.21
N ARG D 507 9.07 -5.30 -15.97
CA ARG D 507 10.46 -5.40 -15.53
C ARG D 507 11.08 -4.03 -15.31
N LEU D 508 10.59 -3.02 -16.03
CA LEU D 508 11.07 -1.65 -15.83
C LEU D 508 10.63 -1.07 -14.50
N GLY D 509 9.82 -1.78 -13.72
CA GLY D 509 9.55 -1.42 -12.35
C GLY D 509 10.70 -1.73 -11.41
N ILE D 510 11.76 -2.32 -11.92
CA ILE D 510 13.04 -2.44 -11.22
C ILE D 510 14.13 -1.96 -12.16
N GLN D 511 14.94 -1.00 -11.72
CA GLN D 511 15.98 -0.43 -12.57
C GLN D 511 17.22 -0.13 -11.75
N ALA D 512 18.39 -0.32 -12.34
CA ALA D 512 19.63 -0.07 -11.63
C ALA D 512 20.09 1.36 -11.87
N PHE D 513 20.75 1.91 -10.87
CA PHE D 513 21.29 3.25 -10.95
C PHE D 513 22.66 3.27 -10.30
N GLU D 514 23.42 4.28 -10.63
CA GLU D 514 24.63 4.59 -9.91
C GLU D 514 24.28 5.54 -8.76
N PRO D 515 24.64 5.22 -7.52
CA PRO D 515 24.23 6.08 -6.40
C PRO D 515 25.21 7.24 -6.24
N MET D 516 24.66 8.45 -6.17
CA MET D 516 25.37 9.63 -5.69
C MET D 516 24.98 9.85 -4.24
N LEU D 517 25.97 10.02 -3.36
CA LEU D 517 25.64 10.32 -1.97
C LEU D 517 24.91 11.64 -1.89
N VAL D 518 23.81 11.66 -1.14
CA VAL D 518 22.95 12.83 -1.10
C VAL D 518 22.79 13.29 0.34
N GLU D 519 22.57 14.59 0.50
CA GLU D 519 22.24 15.13 1.81
C GLU D 519 20.75 14.96 2.06
N GLY D 520 20.41 14.46 3.25
CA GLY D 520 19.03 14.24 3.60
C GLY D 520 18.71 12.76 3.72
N LYS D 521 17.42 12.48 3.94
CA LYS D 521 16.95 11.15 4.24
C LYS D 521 16.03 10.59 3.15
N ALA D 522 15.98 11.23 1.98
CA ALA D 522 15.11 10.81 0.89
C ALA D 522 15.94 10.32 -0.28
N ILE D 523 15.39 9.37 -1.02
CA ILE D 523 15.96 8.94 -2.29
C ILE D 523 15.60 9.96 -3.36
N GLN D 524 16.60 10.42 -4.11
CA GLN D 524 16.35 11.31 -5.25
C GLN D 524 16.26 10.49 -6.54
N LEU D 525 15.14 10.65 -7.25
CA LEU D 525 14.77 9.79 -8.38
C LEU D 525 14.69 10.61 -9.65
N HIS D 526 15.60 10.34 -10.60
CA HIS D 526 15.68 11.07 -11.85
C HIS D 526 14.28 11.26 -12.46
N PRO D 527 13.94 12.46 -12.94
CA PRO D 527 12.55 12.73 -13.34
C PRO D 527 12.08 11.98 -14.57
N LEU D 528 12.99 11.44 -15.39
CA LEU D 528 12.60 10.79 -16.63
C LEU D 528 12.22 9.33 -16.46
N VAL D 529 12.56 8.72 -15.30
CA VAL D 529 12.20 7.33 -15.05
C VAL D 529 10.84 7.20 -14.37
N CYS D 530 10.23 8.31 -13.96
CA CYS D 530 8.92 8.25 -13.31
C CYS D 530 7.94 7.42 -14.10
N GLU D 531 7.78 7.75 -15.39
CA GLU D 531 6.85 7.03 -16.25
C GLU D 531 7.01 5.52 -16.15
N ALA D 532 8.27 5.04 -16.13
CA ALA D 532 8.51 3.60 -16.07
C ALA D 532 8.01 3.02 -14.75
N PHE D 533 8.32 3.67 -13.63
CA PHE D 533 7.90 3.23 -12.31
C PHE D 533 6.45 3.56 -12.00
N ASN D 534 5.80 4.37 -12.83
CA ASN D 534 4.57 5.06 -12.46
C ASN D 534 4.72 5.70 -11.08
N ALA D 535 5.81 6.44 -10.91
CA ALA D 535 6.10 7.11 -9.66
C ALA D 535 5.86 8.61 -9.79
N ASP D 536 5.09 9.17 -8.87
CA ASP D 536 5.03 10.61 -8.68
C ASP D 536 5.57 10.90 -7.29
N PHE D 537 5.49 12.15 -6.88
CA PHE D 537 6.12 12.55 -5.63
C PHE D 537 5.09 13.08 -4.65
N ASP D 538 3.95 12.40 -4.57
CA ASP D 538 2.94 12.71 -3.57
C ASP D 538 3.08 11.84 -2.33
N GLY D 539 4.28 11.32 -2.06
CA GLY D 539 4.49 10.43 -0.93
C GLY D 539 4.92 9.02 -1.30
N ASP D 540 5.07 8.68 -2.58
CA ASP D 540 5.55 7.37 -2.98
C ASP D 540 6.85 7.05 -2.27
N GLN D 541 7.10 5.77 -2.05
CA GLN D 541 8.36 5.29 -1.51
C GLN D 541 8.91 4.22 -2.43
N MET D 542 10.22 3.99 -2.31
CA MET D 542 10.87 3.02 -3.16
C MET D 542 11.89 2.24 -2.34
N ALA D 543 12.21 1.06 -2.86
CA ALA D 543 13.11 0.12 -2.21
C ALA D 543 14.44 0.09 -2.94
N VAL D 544 15.50 -0.10 -2.16
CA VAL D 544 16.87 -0.12 -2.61
C VAL D 544 17.42 -1.50 -2.32
N HIS D 545 18.12 -2.07 -3.29
CA HIS D 545 18.73 -3.38 -3.13
C HIS D 545 20.17 -3.31 -3.62
N LEU D 546 21.08 -3.87 -2.84
CA LEU D 546 22.49 -3.79 -3.20
C LEU D 546 22.95 -5.12 -3.77
N PRO D 547 23.25 -5.19 -5.06
CA PRO D 547 23.88 -6.42 -5.58
C PRO D 547 25.27 -6.60 -4.97
N LEU D 548 25.59 -7.84 -4.65
CA LEU D 548 26.88 -8.16 -4.02
C LEU D 548 27.86 -8.80 -4.98
N SER D 549 27.47 -9.90 -5.62
CA SER D 549 28.42 -10.67 -6.40
C SER D 549 28.81 -9.93 -7.67
N ALA D 550 30.00 -10.26 -8.19
CA ALA D 550 30.41 -9.72 -9.47
C ALA D 550 29.33 -9.93 -10.50
N GLU D 551 28.71 -11.11 -10.49
CA GLU D 551 27.65 -11.40 -11.46
C GLU D 551 26.44 -10.51 -11.25
N ALA D 552 26.01 -10.32 -10.00
CA ALA D 552 24.84 -9.48 -9.76
C ALA D 552 25.13 -8.02 -10.09
N GLN D 553 26.33 -7.55 -9.78
CA GLN D 553 26.70 -6.18 -10.13
C GLN D 553 26.77 -6.00 -11.63
N ALA D 554 27.28 -7.01 -12.34
CA ALA D 554 27.38 -6.93 -13.79
C ALA D 554 25.99 -6.95 -14.43
N GLU D 555 25.10 -7.81 -13.93
CA GLU D 555 23.73 -7.81 -14.41
C GLU D 555 23.07 -6.46 -14.18
N ALA D 556 23.39 -5.82 -13.05
CA ALA D 556 22.85 -4.49 -12.78
C ALA D 556 23.37 -3.47 -13.79
N ARG D 557 24.69 -3.40 -13.96
CA ARG D 557 25.27 -2.41 -14.88
C ARG D 557 24.80 -2.62 -16.31
N ILE D 558 24.73 -3.86 -16.77
CA ILE D 558 24.52 -4.16 -18.18
C ILE D 558 23.03 -4.36 -18.49
N LEU D 559 22.37 -5.28 -17.79
CA LEU D 559 21.00 -5.64 -18.15
C LEU D 559 19.99 -4.59 -17.70
N MET D 560 20.19 -3.99 -16.52
CA MET D 560 19.13 -3.29 -15.83
C MET D 560 19.35 -1.79 -15.71
N LEU D 561 20.49 -1.26 -16.17
CA LEU D 561 20.79 0.16 -16.03
C LEU D 561 19.70 1.01 -16.69
N SER D 562 19.32 2.09 -16.02
CA SER D 562 18.18 2.88 -16.47
C SER D 562 18.37 3.36 -17.90
N SER D 563 19.56 3.88 -18.23
CA SER D 563 19.81 4.42 -19.56
C SER D 563 19.93 3.33 -20.62
N ASN D 564 19.98 2.06 -20.24
CA ASN D 564 19.88 0.97 -21.20
C ASN D 564 18.45 0.45 -21.34
N ASN D 565 17.51 1.03 -20.60
CA ASN D 565 16.13 0.59 -20.62
C ASN D 565 15.19 1.74 -20.94
N ILE D 566 15.59 2.58 -21.90
CA ILE D 566 14.79 3.72 -22.32
C ILE D 566 13.49 3.27 -22.99
N LEU D 567 13.51 2.15 -23.70
CA LEU D 567 12.36 1.73 -24.50
C LEU D 567 11.45 0.82 -23.70
N SER D 568 10.14 0.99 -23.91
CA SER D 568 9.15 0.13 -23.27
C SER D 568 9.29 -1.30 -23.76
N PRO D 569 9.45 -2.28 -22.88
CA PRO D 569 9.57 -3.67 -23.33
C PRO D 569 8.26 -4.25 -23.83
N ALA D 570 7.16 -3.50 -23.77
CA ALA D 570 5.86 -3.94 -24.28
C ALA D 570 5.57 -3.45 -25.69
N SER D 571 5.89 -2.19 -25.98
CA SER D 571 5.58 -1.60 -27.27
C SER D 571 6.81 -1.30 -28.12
N GLY D 572 8.01 -1.43 -27.58
CA GLY D 572 9.20 -1.08 -28.32
C GLY D 572 9.45 0.41 -28.49
N ARG D 573 8.57 1.27 -27.97
CA ARG D 573 8.76 2.70 -28.06
C ARG D 573 9.43 3.23 -26.80
N PRO D 574 10.04 4.42 -26.87
CA PRO D 574 10.66 4.99 -25.67
C PRO D 574 9.65 5.44 -24.63
N LEU D 575 10.08 5.40 -23.37
CA LEU D 575 9.30 5.89 -22.24
C LEU D 575 9.97 7.04 -21.51
N ALA D 576 11.30 7.06 -21.43
CA ALA D 576 12.04 8.13 -20.76
C ALA D 576 12.03 9.40 -21.61
N MET D 577 10.84 9.93 -21.84
CA MET D 577 10.59 11.11 -22.65
C MET D 577 10.13 12.27 -21.77
N PRO D 578 10.37 13.50 -22.21
CA PRO D 578 9.89 14.65 -21.43
C PRO D 578 8.39 14.53 -21.21
N ARG D 579 7.94 14.77 -19.98
CA ARG D 579 6.57 14.36 -19.66
C ARG D 579 5.62 15.52 -19.41
N LEU D 580 5.83 16.37 -18.40
CA LEU D 580 4.89 17.48 -18.20
C LEU D 580 5.57 18.84 -18.25
N ASP D 581 6.35 19.19 -17.22
CA ASP D 581 6.98 20.50 -17.19
C ASP D 581 7.92 20.63 -18.37
N MET D 582 8.72 19.59 -18.60
CA MET D 582 9.62 19.57 -19.73
C MET D 582 8.87 19.89 -21.02
N VAL D 583 7.71 19.26 -21.21
CA VAL D 583 6.94 19.54 -22.41
C VAL D 583 6.63 21.03 -22.49
N THR D 584 6.05 21.60 -21.41
CA THR D 584 5.71 23.02 -21.47
C THR D 584 6.93 23.88 -21.70
N GLY D 585 8.09 23.45 -21.22
CA GLY D 585 9.30 24.19 -21.50
C GLY D 585 9.52 24.23 -22.99
N LEU D 586 9.62 23.05 -23.60
CA LEU D 586 10.05 22.98 -25.00
C LEU D 586 8.98 23.55 -25.92
N TYR D 587 7.72 23.25 -25.65
CA TYR D 587 6.63 23.86 -26.41
C TYR D 587 6.67 25.37 -26.31
N TYR D 588 7.07 25.91 -25.15
CA TYR D 588 7.21 27.36 -25.05
C TYR D 588 8.46 27.83 -25.79
N LEU D 589 9.52 27.04 -25.73
CA LEU D 589 10.79 27.48 -26.31
C LEU D 589 10.72 27.55 -27.82
N THR D 590 9.97 26.65 -28.45
CA THR D 590 9.99 26.48 -29.90
C THR D 590 8.73 27.01 -30.57
N THR D 591 7.90 27.78 -29.88
CA THR D 591 6.75 28.38 -30.53
C THR D 591 7.15 29.72 -31.15
N GLU D 592 6.63 29.98 -32.35
CA GLU D 592 6.89 31.21 -33.08
C GLU D 592 5.75 32.19 -32.80
N VAL D 593 6.11 33.42 -32.44
CA VAL D 593 5.15 34.44 -32.04
C VAL D 593 5.17 35.55 -33.10
N PRO D 594 4.06 35.78 -33.80
CA PRO D 594 4.02 36.86 -34.79
C PRO D 594 4.08 38.22 -34.12
N GLY D 595 5.11 38.99 -34.46
CA GLY D 595 5.25 40.34 -33.95
C GLY D 595 6.05 40.47 -32.68
N ASP D 596 6.80 39.45 -32.29
CA ASP D 596 7.53 39.49 -31.03
C ASP D 596 8.77 40.37 -31.19
N THR D 597 9.49 40.55 -30.08
CA THR D 597 10.56 41.53 -30.02
C THR D 597 11.74 41.09 -30.88
N GLY D 598 12.21 42.00 -31.74
CA GLY D 598 13.33 41.71 -32.62
C GLY D 598 12.98 40.91 -33.83
N GLU D 599 11.69 40.82 -34.18
CA GLU D 599 11.25 40.04 -35.32
C GLU D 599 11.86 40.56 -36.61
N TYR D 600 12.19 39.65 -37.51
CA TYR D 600 12.66 40.03 -38.84
C TYR D 600 11.53 40.70 -39.61
N GLN D 601 11.78 41.90 -40.13
CA GLN D 601 10.82 42.59 -40.96
C GLN D 601 11.55 43.13 -42.19
N PRO D 602 11.15 42.73 -43.40
CA PRO D 602 12.00 42.95 -44.57
C PRO D 602 12.28 44.42 -44.84
N ALA D 603 13.29 44.67 -45.67
CA ALA D 603 13.72 46.02 -45.98
C ALA D 603 12.62 46.79 -46.70
N SER D 604 12.16 47.89 -46.08
CA SER D 604 11.06 48.69 -46.59
C SER D 604 11.56 50.12 -46.76
N GLY D 605 11.88 50.49 -48.00
CA GLY D 605 12.35 51.85 -48.27
C GLY D 605 13.83 51.99 -47.95
N ASP D 606 14.15 53.02 -47.18
CA ASP D 606 15.52 53.22 -46.72
C ASP D 606 15.91 52.30 -45.57
N HIS D 607 14.94 51.66 -44.92
CA HIS D 607 15.21 50.84 -43.74
C HIS D 607 15.66 49.45 -44.16
N PRO D 608 16.72 48.91 -43.55
CA PRO D 608 17.08 47.50 -43.82
C PRO D 608 16.12 46.53 -43.15
N GLU D 609 16.42 45.24 -43.22
CA GLU D 609 15.49 44.21 -42.75
C GLU D 609 15.59 43.90 -41.26
N THR D 610 16.73 44.17 -40.63
CA THR D 610 16.86 44.20 -39.17
C THR D 610 16.30 42.94 -38.51
N GLY D 611 16.59 41.78 -39.09
CA GLY D 611 16.17 40.54 -38.48
C GLY D 611 17.17 39.41 -38.63
N VAL D 612 18.31 39.69 -39.24
CA VAL D 612 19.26 38.65 -39.63
C VAL D 612 20.45 38.69 -38.70
N TYR D 613 21.00 37.52 -38.38
CA TYR D 613 22.08 37.42 -37.41
C TYR D 613 23.19 36.53 -37.98
N SER D 614 24.43 36.97 -37.80
CA SER D 614 25.57 36.25 -38.35
C SER D 614 25.80 34.90 -37.67
N SER D 615 25.33 34.73 -36.44
CA SER D 615 25.51 33.48 -35.71
C SER D 615 24.43 33.40 -34.63
N PRO D 616 24.16 32.20 -34.11
CA PRO D 616 23.29 32.11 -32.93
C PRO D 616 23.85 32.81 -31.70
N ALA D 617 25.17 32.91 -31.57
CA ALA D 617 25.75 33.70 -30.48
C ALA D 617 25.32 35.16 -30.56
N GLU D 618 25.26 35.72 -31.76
CA GLU D 618 24.80 37.10 -31.91
C GLU D 618 23.34 37.24 -31.50
N ALA D 619 22.51 36.26 -31.84
CA ALA D 619 21.11 36.28 -31.40
C ALA D 619 21.00 36.15 -29.89
N ILE D 620 21.92 35.41 -29.27
CA ILE D 620 21.95 35.33 -27.81
C ILE D 620 22.26 36.70 -27.22
N MET D 621 23.28 37.37 -27.77
CA MET D 621 23.63 38.70 -27.28
C MET D 621 22.48 39.68 -27.48
N ALA D 622 21.78 39.55 -28.60
CA ALA D 622 20.59 40.37 -28.84
C ALA D 622 19.55 40.14 -27.76
N ALA D 623 19.27 38.87 -27.45
CA ALA D 623 18.29 38.53 -26.43
C ALA D 623 18.77 38.91 -25.02
N ASP D 624 20.07 39.11 -24.82
CA ASP D 624 20.55 39.63 -23.54
C ASP D 624 20.06 41.05 -23.30
N ARG D 625 20.18 41.92 -24.30
CA ARG D 625 19.38 43.13 -24.32
C ARG D 625 17.92 42.77 -24.53
N GLY D 626 17.05 43.74 -24.32
CA GLY D 626 15.63 43.48 -24.55
C GLY D 626 15.28 43.53 -26.01
N VAL D 627 16.22 43.17 -26.87
CA VAL D 627 16.08 43.45 -28.30
C VAL D 627 15.44 42.28 -29.03
N LEU D 628 15.89 41.06 -28.75
CA LEU D 628 15.40 39.89 -29.47
C LEU D 628 14.64 38.97 -28.53
N SER D 629 13.46 38.54 -28.97
CA SER D 629 12.68 37.54 -28.26
C SER D 629 13.10 36.14 -28.69
N VAL D 630 13.16 35.23 -27.72
CA VAL D 630 13.52 33.84 -27.99
C VAL D 630 12.54 33.22 -28.99
N ARG D 631 11.32 33.73 -29.06
CA ARG D 631 10.26 33.15 -29.88
C ARG D 631 9.95 33.99 -31.11
N ALA D 632 10.76 35.02 -31.38
CA ALA D 632 10.53 35.88 -32.54
C ALA D 632 11.09 35.24 -33.79
N LYS D 633 10.33 35.30 -34.87
CA LYS D 633 10.78 34.80 -36.17
C LYS D 633 11.89 35.69 -36.70
N ILE D 634 13.05 35.08 -36.99
CA ILE D 634 14.24 35.79 -37.45
C ILE D 634 14.90 34.96 -38.55
N LYS D 635 16.03 35.46 -39.05
CA LYS D 635 16.90 34.73 -39.95
C LYS D 635 18.28 34.65 -39.32
N VAL D 636 18.86 33.45 -39.28
CA VAL D 636 20.17 33.26 -38.68
C VAL D 636 21.02 32.42 -39.62
N ARG D 637 22.33 32.70 -39.58
CA ARG D 637 23.31 31.88 -40.28
C ARG D 637 23.72 30.75 -39.35
N LEU D 638 23.36 29.53 -39.73
CA LEU D 638 23.67 28.35 -38.94
C LEU D 638 24.86 27.62 -39.54
N THR D 639 25.73 27.14 -38.67
CA THR D 639 26.96 26.46 -39.07
C THR D 639 27.07 25.05 -38.52
N GLN D 640 26.61 24.81 -37.29
CA GLN D 640 26.76 23.50 -36.66
C GLN D 640 25.44 22.75 -36.55
N LEU D 641 24.47 23.05 -37.41
CA LEU D 641 23.21 22.33 -37.43
C LEU D 641 22.90 21.90 -38.86
N ARG D 642 22.60 20.63 -39.05
CA ARG D 642 22.31 20.12 -40.38
C ARG D 642 21.01 20.74 -40.90
N PRO D 643 20.97 21.15 -42.17
CA PRO D 643 19.77 21.77 -42.72
C PRO D 643 18.68 20.75 -42.98
N PRO D 644 17.43 21.19 -43.18
CA PRO D 644 16.38 20.27 -43.58
C PRO D 644 16.73 19.56 -44.89
N VAL D 645 16.13 18.38 -45.08
CA VAL D 645 16.44 17.55 -46.25
C VAL D 645 16.30 18.37 -47.54
N GLU D 646 15.30 19.24 -47.60
CA GLU D 646 15.07 20.00 -48.83
C GLU D 646 16.12 21.09 -49.00
N ILE D 647 16.36 21.87 -47.95
CA ILE D 647 17.37 22.92 -48.01
C ILE D 647 18.75 22.31 -48.25
N GLU D 648 19.03 21.17 -47.63
CA GLU D 648 20.34 20.54 -47.81
C GLU D 648 20.50 20.00 -49.22
N ALA D 649 19.42 19.47 -49.79
CA ALA D 649 19.50 19.01 -51.18
C ALA D 649 19.73 20.19 -52.11
N GLU D 650 19.04 21.31 -51.89
CA GLU D 650 19.17 22.46 -52.77
C GLU D 650 20.56 23.07 -52.70
N LEU D 651 21.03 23.39 -51.51
CA LEU D 651 22.24 24.19 -51.38
C LEU D 651 23.51 23.35 -51.28
N PHE D 652 23.41 22.02 -51.36
CA PHE D 652 24.58 21.14 -51.28
C PHE D 652 24.29 19.90 -52.13
N GLY D 653 25.08 18.86 -51.94
CA GLY D 653 24.73 17.54 -52.41
C GLY D 653 23.61 16.98 -51.57
N HIS D 654 23.14 15.78 -51.94
CA HIS D 654 22.01 15.19 -51.23
C HIS D 654 22.37 14.85 -49.79
N SER D 655 23.55 14.26 -49.58
CA SER D 655 24.09 14.06 -48.24
C SER D 655 25.29 14.95 -47.96
N GLY D 656 25.66 15.81 -48.91
CA GLY D 656 26.78 16.71 -48.71
C GLY D 656 26.48 17.77 -47.66
N TRP D 657 27.21 17.75 -46.56
CA TRP D 657 27.16 18.77 -45.52
C TRP D 657 28.28 18.49 -44.55
N GLN D 658 28.71 19.54 -43.86
CA GLN D 658 29.77 19.41 -42.88
C GLN D 658 29.47 20.37 -41.73
N PRO D 659 30.10 20.17 -40.57
CA PRO D 659 29.99 21.16 -39.49
C PRO D 659 30.42 22.58 -39.90
N GLY D 660 31.10 22.75 -41.02
CA GLY D 660 31.50 24.08 -41.43
C GLY D 660 30.50 24.76 -42.33
N ASP D 661 29.78 23.96 -43.14
CA ASP D 661 28.86 24.49 -44.14
C ASP D 661 27.77 25.36 -43.54
N ALA D 662 27.82 26.67 -43.82
CA ALA D 662 26.83 27.61 -43.30
C ALA D 662 25.59 27.61 -44.18
N TRP D 663 24.49 28.11 -43.61
CA TRP D 663 23.27 28.30 -44.38
C TRP D 663 22.37 29.27 -43.65
N MET D 664 21.28 29.67 -44.31
CA MET D 664 20.38 30.69 -43.83
C MET D 664 19.05 30.05 -43.45
N ALA D 665 18.66 30.20 -42.19
CA ALA D 665 17.42 29.63 -41.69
C ALA D 665 16.52 30.75 -41.20
N GLU D 666 15.24 30.70 -41.61
CA GLU D 666 14.23 31.58 -41.03
C GLU D 666 13.51 30.77 -39.95
N THR D 667 13.96 30.94 -38.72
CA THR D 667 13.47 30.18 -37.57
C THR D 667 13.33 31.14 -36.40
N THR D 668 13.23 30.59 -35.21
CA THR D 668 13.33 31.35 -33.98
C THR D 668 14.62 30.94 -33.27
N LEU D 669 15.12 31.82 -32.41
CA LEU D 669 16.30 31.46 -31.63
C LEU D 669 16.02 30.28 -30.71
N GLY D 670 14.78 30.16 -30.24
CA GLY D 670 14.39 29.00 -29.46
C GLY D 670 14.54 27.69 -30.22
N ARG D 671 14.11 27.67 -31.49
CA ARG D 671 14.22 26.44 -32.26
C ARG D 671 15.67 26.12 -32.59
N VAL D 672 16.50 27.16 -32.74
CA VAL D 672 17.94 26.94 -32.86
C VAL D 672 18.45 26.20 -31.62
N MET D 673 18.05 26.66 -30.44
CA MET D 673 18.57 26.04 -29.22
C MET D 673 18.05 24.61 -29.06
N PHE D 674 16.76 24.41 -29.33
CA PHE D 674 16.21 23.06 -29.32
C PHE D 674 17.04 22.13 -30.20
N ASN D 675 17.20 22.48 -31.48
CA ASN D 675 17.95 21.62 -32.38
C ASN D 675 19.39 21.45 -31.92
N GLU D 676 19.94 22.45 -31.24
CA GLU D 676 21.27 22.27 -30.67
C GLU D 676 21.26 21.24 -29.55
N LEU D 677 20.10 20.95 -28.97
CA LEU D 677 20.03 19.86 -28.01
C LEU D 677 20.08 18.48 -28.68
N LEU D 678 19.51 18.36 -29.88
CA LEU D 678 19.49 17.09 -30.60
C LEU D 678 20.90 16.73 -31.09
N PRO D 679 21.13 15.49 -31.50
CA PRO D 679 22.50 15.08 -31.85
C PRO D 679 23.02 15.82 -33.07
N LEU D 680 24.34 15.95 -33.14
CA LEU D 680 24.99 16.61 -34.25
C LEU D 680 24.70 15.87 -35.54
N GLY D 681 24.25 16.60 -36.55
CA GLY D 681 23.91 15.99 -37.82
C GLY D 681 22.49 15.48 -37.92
N TYR D 682 21.62 15.86 -37.00
CA TYR D 682 20.22 15.54 -37.20
C TYR D 682 19.56 16.67 -37.97
N PRO D 683 18.74 16.34 -38.97
CA PRO D 683 18.07 17.37 -39.76
C PRO D 683 17.32 18.36 -38.89
N PHE D 684 17.57 19.65 -39.15
CA PHE D 684 16.98 20.74 -38.38
C PHE D 684 15.46 20.66 -38.40
N VAL D 685 14.85 20.56 -37.22
CA VAL D 685 13.40 20.50 -37.09
C VAL D 685 12.91 21.89 -36.73
N ASN D 686 12.24 22.54 -37.68
CA ASN D 686 11.69 23.88 -37.46
C ASN D 686 10.19 23.75 -37.25
N LYS D 687 9.82 23.40 -36.02
CA LYS D 687 8.42 23.17 -35.67
C LYS D 687 8.21 23.54 -34.21
N GLN D 688 6.97 23.88 -33.87
CA GLN D 688 6.57 23.96 -32.48
C GLN D 688 6.53 22.57 -31.87
N MET D 689 7.17 22.40 -30.71
CA MET D 689 7.37 21.07 -30.12
C MET D 689 6.20 20.69 -29.23
N HIS D 690 5.05 20.45 -29.88
CA HIS D 690 3.99 19.69 -29.22
C HIS D 690 4.58 18.36 -28.75
N LYS D 691 3.93 17.75 -27.76
CA LYS D 691 4.42 16.46 -27.27
C LYS D 691 4.51 15.44 -28.38
N LYS D 692 3.52 15.42 -29.29
CA LYS D 692 3.54 14.45 -30.38
C LYS D 692 4.79 14.61 -31.25
N VAL D 693 5.19 15.86 -31.52
CA VAL D 693 6.38 16.09 -32.33
C VAL D 693 7.64 15.62 -31.62
N GLN D 694 7.74 15.86 -30.31
CA GLN D 694 8.89 15.37 -29.55
C GLN D 694 8.92 13.84 -29.56
N ALA D 695 7.73 13.23 -29.45
CA ALA D 695 7.62 11.78 -29.57
C ALA D 695 8.14 11.31 -30.92
N ALA D 696 7.79 12.02 -31.99
CA ALA D 696 8.30 11.68 -33.32
C ALA D 696 9.82 11.74 -33.36
N ILE D 697 10.39 12.83 -32.85
CA ILE D 697 11.84 12.98 -32.86
C ILE D 697 12.51 11.86 -32.07
N ILE D 698 11.97 11.52 -30.90
CA ILE D 698 12.64 10.54 -30.05
C ILE D 698 12.45 9.14 -30.61
N ASN D 699 11.27 8.84 -31.16
CA ASN D 699 11.08 7.56 -31.85
C ASN D 699 12.08 7.41 -33.00
N ASP D 700 12.28 8.47 -33.78
CA ASP D 700 13.25 8.41 -34.88
C ASP D 700 14.66 8.21 -34.37
N LEU D 701 15.03 8.92 -33.29
CA LEU D 701 16.35 8.71 -32.72
C LEU D 701 16.53 7.27 -32.25
N ALA D 702 15.53 6.72 -31.56
CA ALA D 702 15.64 5.35 -31.08
C ALA D 702 15.69 4.35 -32.22
N GLU D 703 14.99 4.64 -33.33
CA GLU D 703 15.05 3.75 -34.48
C GLU D 703 16.43 3.79 -35.14
N ARG D 704 17.05 4.97 -35.20
CA ARG D 704 18.23 5.15 -36.04
C ARG D 704 19.54 5.39 -35.28
N TYR D 705 19.49 5.73 -34.01
CA TYR D 705 20.69 6.02 -33.23
C TYR D 705 20.86 5.02 -32.09
N PRO D 706 22.07 4.85 -31.57
CA PRO D 706 22.28 3.95 -30.43
C PRO D 706 21.47 4.41 -29.21
N MET D 707 21.42 3.54 -28.22
CA MET D 707 20.67 3.83 -27.01
C MET D 707 21.25 5.03 -26.26
N ILE D 708 22.56 5.01 -26.03
CA ILE D 708 23.23 6.06 -25.28
C ILE D 708 22.95 7.43 -25.89
N VAL D 709 22.81 7.49 -27.21
CA VAL D 709 22.51 8.76 -27.87
C VAL D 709 21.14 9.27 -27.45
N VAL D 710 20.14 8.38 -27.47
CA VAL D 710 18.80 8.79 -27.05
C VAL D 710 18.82 9.21 -25.58
N ALA D 711 19.60 8.52 -24.75
CA ALA D 711 19.62 8.85 -23.32
C ALA D 711 20.21 10.25 -23.09
N GLN D 712 21.34 10.55 -23.73
CA GLN D 712 21.93 11.88 -23.56
C GLN D 712 21.04 12.96 -24.15
N THR D 713 20.40 12.67 -25.29
CA THR D 713 19.45 13.62 -25.86
C THR D 713 18.34 13.95 -24.86
N VAL D 714 17.68 12.93 -24.30
CA VAL D 714 16.53 13.21 -23.44
C VAL D 714 16.97 13.88 -22.15
N ASP D 715 18.20 13.60 -21.69
CA ASP D 715 18.72 14.36 -20.54
C ASP D 715 18.82 15.85 -20.89
N LYS D 716 19.40 16.16 -22.06
CA LYS D 716 19.50 17.56 -22.47
C LYS D 716 18.12 18.19 -22.62
N LEU D 717 17.18 17.46 -23.21
CA LEU D 717 15.82 17.96 -23.35
C LEU D 717 15.21 18.24 -21.99
N LYS D 718 15.44 17.36 -21.01
CA LYS D 718 14.97 17.59 -19.65
C LYS D 718 15.49 18.92 -19.11
N ASP D 719 16.81 19.11 -19.12
CA ASP D 719 17.40 20.36 -18.64
C ASP D 719 16.70 21.57 -19.26
N ALA D 720 16.64 21.60 -20.60
CA ALA D 720 16.07 22.76 -21.27
C ALA D 720 14.59 22.94 -20.94
N GLY D 721 13.84 21.84 -20.91
CA GLY D 721 12.42 21.93 -20.63
C GLY D 721 12.12 22.48 -19.25
N PHE D 722 12.90 22.08 -18.25
CA PHE D 722 12.70 22.64 -16.91
C PHE D 722 13.07 24.12 -16.88
N TYR D 723 14.27 24.47 -17.38
CA TYR D 723 14.69 25.86 -17.35
C TYR D 723 13.67 26.75 -18.03
N TRP D 724 13.08 26.30 -19.15
CA TRP D 724 12.15 27.14 -19.88
C TRP D 724 10.72 27.03 -19.37
N ALA D 725 10.37 25.94 -18.70
CA ALA D 725 9.06 25.88 -18.07
C ALA D 725 8.97 26.92 -16.96
N THR D 726 10.05 27.05 -16.17
CA THR D 726 10.09 28.10 -15.15
C THR D 726 9.75 29.47 -15.74
N ARG D 727 10.30 29.75 -16.93
CA ARG D 727 10.20 31.05 -17.58
C ARG D 727 9.08 31.12 -18.60
N SER D 728 8.25 30.09 -18.67
CA SER D 728 7.16 30.02 -19.63
C SER D 728 5.98 30.90 -19.25
N GLY D 729 5.86 31.24 -17.97
CA GLY D 729 4.72 32.03 -17.51
C GLY D 729 3.42 31.27 -17.35
N VAL D 730 3.46 29.94 -17.24
CA VAL D 730 2.24 29.17 -17.01
C VAL D 730 1.94 29.18 -15.51
N THR D 731 0.85 29.85 -15.13
CA THR D 731 0.38 29.91 -13.76
C THR D 731 -1.13 29.78 -13.79
N VAL D 732 -1.75 29.69 -12.62
CA VAL D 732 -3.20 29.61 -12.53
C VAL D 732 -3.68 30.75 -11.64
N SER D 733 -4.79 31.36 -12.03
CA SER D 733 -5.49 32.32 -11.19
C SER D 733 -6.94 32.32 -11.62
N MET D 734 -7.80 32.79 -10.73
CA MET D 734 -9.23 32.87 -11.04
C MET D 734 -9.49 33.64 -12.32
N ALA D 735 -8.59 34.57 -12.68
CA ALA D 735 -8.77 35.36 -13.89
C ALA D 735 -8.61 34.50 -15.14
N ASP D 736 -7.59 33.63 -15.18
CA ASP D 736 -7.33 32.78 -16.33
C ASP D 736 -8.41 31.74 -16.56
N VAL D 737 -9.29 31.50 -15.59
CA VAL D 737 -10.39 30.57 -15.78
C VAL D 737 -11.53 31.41 -16.37
N LEU D 738 -11.46 31.63 -17.67
CA LEU D 738 -12.50 32.38 -18.36
C LEU D 738 -13.76 31.53 -18.50
N VAL D 739 -14.91 32.17 -18.33
CA VAL D 739 -16.20 31.49 -18.43
C VAL D 739 -16.71 31.66 -19.86
N PRO D 740 -17.54 30.75 -20.38
CA PRO D 740 -18.12 30.96 -21.71
C PRO D 740 -19.16 32.06 -21.68
N PRO D 741 -19.10 33.01 -22.62
CA PRO D 741 -20.03 34.15 -22.54
C PRO D 741 -21.47 33.80 -22.88
N ARG D 742 -21.71 32.88 -23.82
CA ARG D 742 -23.05 32.51 -24.23
C ARG D 742 -23.69 31.43 -23.34
N LYS D 743 -23.08 31.10 -22.19
CA LYS D 743 -23.46 29.89 -21.46
C LYS D 743 -24.92 29.91 -21.04
N LYS D 744 -25.39 31.04 -20.51
CA LYS D 744 -26.79 31.16 -20.12
C LYS D 744 -27.72 30.87 -21.30
N GLU D 745 -27.46 31.49 -22.45
CA GLU D 745 -28.35 31.33 -23.60
C GLU D 745 -28.37 29.90 -24.10
N ILE D 746 -27.19 29.27 -24.21
CA ILE D 746 -27.10 27.86 -24.57
C ILE D 746 -27.92 26.99 -23.62
N LEU D 747 -27.65 27.13 -22.31
CA LEU D 747 -28.32 26.27 -21.34
C LEU D 747 -29.82 26.49 -21.31
N ASP D 748 -30.26 27.74 -21.48
CA ASP D 748 -31.69 28.02 -21.54
C ASP D 748 -32.32 27.37 -22.76
N HIS D 749 -31.60 27.36 -23.90
CA HIS D 749 -32.11 26.70 -25.08
C HIS D 749 -32.33 25.20 -24.83
N TYR D 750 -31.32 24.55 -24.26
CA TYR D 750 -31.49 23.12 -24.05
C TYR D 750 -32.46 22.81 -22.92
N GLU D 751 -32.68 23.76 -22.00
CA GLU D 751 -33.75 23.57 -21.05
C GLU D 751 -35.11 23.67 -21.73
N GLU D 752 -35.23 24.55 -22.72
CA GLU D 752 -36.45 24.62 -23.52
C GLU D 752 -36.74 23.27 -24.18
N ARG D 753 -35.72 22.66 -24.78
CA ARG D 753 -35.90 21.33 -25.35
C ARG D 753 -36.30 20.30 -24.29
N ALA D 754 -35.65 20.34 -23.11
CA ALA D 754 -35.96 19.39 -22.05
C ALA D 754 -37.38 19.57 -21.53
N ASP D 755 -37.85 20.82 -21.46
CA ASP D 755 -39.24 21.08 -21.07
C ASP D 755 -40.21 20.51 -22.09
N LYS D 756 -39.87 20.64 -23.38
CA LYS D 756 -40.69 19.98 -24.40
C LYS D 756 -40.77 18.48 -24.12
N VAL D 757 -39.63 17.86 -23.82
CA VAL D 757 -39.61 16.41 -23.58
C VAL D 757 -40.45 16.04 -22.35
N GLU D 758 -40.41 16.86 -21.31
CA GLU D 758 -41.17 16.50 -20.12
C GLU D 758 -42.67 16.73 -20.30
N LYS D 759 -43.06 17.81 -20.98
CA LYS D 759 -44.47 17.98 -21.36
C LYS D 759 -44.93 16.80 -22.20
N GLN D 760 -44.05 16.27 -23.05
CA GLN D 760 -44.35 15.09 -23.84
C GLN D 760 -44.47 13.85 -22.96
N PHE D 761 -43.75 13.82 -21.84
CA PHE D 761 -43.82 12.70 -20.91
C PHE D 761 -45.15 12.69 -20.15
N GLN D 762 -45.52 13.82 -19.55
CA GLN D 762 -46.77 13.88 -18.79
C GLN D 762 -47.98 13.64 -19.67
N ARG D 763 -47.91 14.01 -20.95
CA ARG D 763 -48.99 13.72 -21.88
C ARG D 763 -49.19 12.22 -22.08
N GLY D 764 -48.21 11.41 -21.69
CA GLY D 764 -48.27 9.98 -21.89
C GLY D 764 -47.56 9.47 -23.12
N ALA D 765 -46.93 10.35 -23.89
CA ALA D 765 -46.33 9.99 -25.18
C ALA D 765 -44.95 9.35 -25.04
N LEU D 766 -44.32 9.44 -23.87
CA LEU D 766 -42.96 8.94 -23.68
C LEU D 766 -42.93 7.97 -22.51
N ASN D 767 -42.32 6.81 -22.74
CA ASN D 767 -41.99 5.88 -21.67
C ASN D 767 -40.92 6.48 -20.77
N HIS D 768 -40.91 6.05 -19.50
CA HIS D 768 -39.96 6.60 -18.54
C HIS D 768 -38.52 6.46 -19.02
N ASP D 769 -38.14 5.26 -19.47
CA ASP D 769 -36.81 5.08 -20.03
C ASP D 769 -36.59 5.95 -21.26
N GLU D 770 -37.65 6.20 -22.04
CA GLU D 770 -37.52 7.05 -23.21
C GLU D 770 -37.40 8.51 -22.82
N ARG D 771 -38.13 8.92 -21.77
CA ARG D 771 -37.94 10.27 -21.21
C ARG D 771 -36.50 10.49 -20.79
N ASN D 772 -35.97 9.59 -19.97
CA ASN D 772 -34.60 9.73 -19.52
C ASN D 772 -33.61 9.69 -20.69
N GLU D 773 -33.92 8.88 -21.70
CA GLU D 773 -33.04 8.78 -22.87
C GLU D 773 -32.98 10.09 -23.64
N ALA D 774 -34.15 10.70 -23.87
CA ALA D 774 -34.19 11.97 -24.59
C ALA D 774 -33.54 13.08 -23.78
N LEU D 775 -33.75 13.07 -22.45
CA LEU D 775 -33.11 14.05 -21.59
C LEU D 775 -31.60 13.92 -21.63
N VAL D 776 -31.10 12.68 -21.59
CA VAL D 776 -29.65 12.50 -21.63
C VAL D 776 -29.09 12.93 -22.98
N GLU D 777 -29.80 12.66 -24.07
CA GLU D 777 -29.35 13.15 -25.37
C GLU D 777 -29.26 14.68 -25.39
N ILE D 778 -30.32 15.35 -24.93
CA ILE D 778 -30.34 16.80 -24.85
C ILE D 778 -29.14 17.31 -24.05
N TRP D 779 -28.91 16.73 -22.87
CA TRP D 779 -27.90 17.32 -22.01
C TRP D 779 -26.48 16.97 -22.44
N LYS D 780 -26.26 15.79 -23.03
CA LYS D 780 -24.98 15.54 -23.71
C LYS D 780 -24.71 16.63 -24.73
N GLU D 781 -25.73 16.98 -25.52
CA GLU D 781 -25.55 17.97 -26.58
C GLU D 781 -25.28 19.35 -26.01
N ALA D 782 -26.02 19.73 -24.96
CA ALA D 782 -25.78 21.02 -24.32
C ALA D 782 -24.38 21.09 -23.76
N THR D 783 -23.93 20.03 -23.09
CA THR D 783 -22.56 20.01 -22.56
C THR D 783 -21.55 20.17 -23.69
N ASP D 784 -21.79 19.50 -24.80
CA ASP D 784 -20.87 19.62 -25.93
C ASP D 784 -20.84 21.05 -26.45
N GLU D 785 -22.00 21.69 -26.57
CA GLU D 785 -22.04 23.05 -27.10
C GLU D 785 -21.38 24.03 -26.14
N VAL D 786 -21.56 23.81 -24.84
CA VAL D 786 -20.90 24.65 -23.84
C VAL D 786 -19.40 24.49 -23.93
N GLY D 787 -18.92 23.25 -23.99
CA GLY D 787 -17.49 23.02 -24.21
C GLY D 787 -16.97 23.72 -25.45
N GLN D 788 -17.73 23.66 -26.55
CA GLN D 788 -17.32 24.33 -27.79
C GLN D 788 -17.22 25.84 -27.57
N ALA D 789 -18.33 26.48 -27.20
CA ALA D 789 -18.35 27.92 -26.95
C ALA D 789 -17.28 28.34 -25.96
N LEU D 790 -16.84 27.43 -25.10
CA LEU D 790 -15.69 27.69 -24.25
C LEU D 790 -14.40 27.73 -25.06
N ARG D 791 -14.17 26.69 -25.87
CA ARG D 791 -12.95 26.64 -26.68
C ARG D 791 -12.87 27.81 -27.65
N GLU D 792 -14.02 28.36 -28.04
CA GLU D 792 -14.09 29.48 -28.96
C GLU D 792 -13.69 30.79 -28.30
N HIS D 793 -13.72 30.84 -26.97
CA HIS D 793 -13.54 32.07 -26.22
C HIS D 793 -12.17 32.17 -25.57
N TYR D 794 -11.43 31.07 -25.49
CA TYR D 794 -10.11 31.09 -24.84
C TYR D 794 -9.05 31.50 -25.85
N PRO D 795 -8.27 32.54 -25.59
CA PRO D 795 -7.08 32.80 -26.40
C PRO D 795 -6.12 31.62 -26.34
N ASP D 796 -5.36 31.44 -27.42
CA ASP D 796 -4.54 30.25 -27.55
C ASP D 796 -3.30 30.25 -26.67
N ASP D 797 -3.05 31.32 -25.90
CA ASP D 797 -1.89 31.38 -25.02
C ASP D 797 -2.26 31.36 -23.54
N ASN D 798 -3.54 31.26 -23.22
CA ASN D 798 -3.97 31.06 -21.85
C ASN D 798 -3.25 29.86 -21.25
N PRO D 799 -2.80 29.92 -19.98
CA PRO D 799 -1.99 28.83 -19.44
C PRO D 799 -2.74 27.50 -19.35
N ILE D 800 -4.06 27.54 -19.13
CA ILE D 800 -4.84 26.30 -19.10
C ILE D 800 -4.89 25.67 -20.49
N ILE D 801 -5.24 26.48 -21.49
CA ILE D 801 -5.27 26.01 -22.87
C ILE D 801 -3.89 25.53 -23.29
N THR D 802 -2.85 26.30 -22.98
CA THR D 802 -1.50 25.91 -23.37
C THR D 802 -1.11 24.57 -22.76
N ILE D 803 -1.38 24.40 -21.46
CA ILE D 803 -0.99 23.18 -20.77
C ILE D 803 -1.72 21.97 -21.37
N VAL D 804 -2.99 22.12 -21.70
CA VAL D 804 -3.70 21.00 -22.31
C VAL D 804 -3.22 20.73 -23.74
N ASP D 805 -3.17 21.77 -24.57
CA ASP D 805 -2.94 21.64 -26.01
C ASP D 805 -1.50 21.36 -26.38
N SER D 806 -0.54 21.67 -25.50
CA SER D 806 0.83 21.26 -25.77
C SER D 806 1.02 19.76 -25.59
N GLY D 807 0.06 19.08 -24.99
CA GLY D 807 0.23 17.70 -24.60
C GLY D 807 0.98 17.50 -23.31
N ALA D 808 1.20 18.56 -22.54
CA ALA D 808 1.95 18.44 -21.29
C ALA D 808 1.18 17.60 -20.26
N THR D 809 -0.02 18.04 -19.89
CA THR D 809 -0.84 17.30 -18.93
C THR D 809 -2.28 17.75 -19.04
N GLY D 810 -3.19 16.79 -18.92
CA GLY D 810 -4.61 17.05 -18.88
C GLY D 810 -5.27 16.89 -20.24
N ASN D 811 -6.59 17.03 -20.23
CA ASN D 811 -7.42 16.98 -21.43
C ASN D 811 -8.47 18.07 -21.34
N PHE D 812 -9.29 18.21 -22.39
CA PHE D 812 -10.18 19.36 -22.45
C PHE D 812 -11.50 19.16 -21.70
N THR D 813 -11.97 17.93 -21.48
CA THR D 813 -13.19 17.83 -20.69
C THR D 813 -12.94 18.25 -19.24
N GLN D 814 -11.70 18.12 -18.77
CA GLN D 814 -11.32 18.72 -17.49
C GLN D 814 -11.49 20.23 -17.51
N THR D 815 -11.00 20.89 -18.58
CA THR D 815 -11.18 22.32 -18.71
C THR D 815 -12.65 22.70 -18.79
N ARG D 816 -13.47 21.84 -19.42
CA ARG D 816 -14.90 22.12 -19.55
C ARG D 816 -15.62 22.01 -18.21
N THR D 817 -15.22 21.07 -17.36
CA THR D 817 -15.81 21.01 -16.03
C THR D 817 -15.26 22.09 -15.11
N LEU D 818 -14.03 22.54 -15.33
CA LEU D 818 -13.48 23.63 -14.52
C LEU D 818 -14.21 24.94 -14.80
N ALA D 819 -14.14 25.42 -16.05
CA ALA D 819 -14.97 26.51 -16.56
C ALA D 819 -15.94 25.94 -17.57
N GLY D 820 -17.20 26.36 -17.53
CA GLY D 820 -18.16 25.65 -18.37
C GLY D 820 -19.22 24.90 -17.61
N MET D 821 -19.14 23.57 -17.56
CA MET D 821 -20.10 22.82 -16.74
C MET D 821 -19.59 21.41 -16.50
N LYS D 822 -19.95 20.85 -15.33
CA LYS D 822 -19.68 19.44 -15.07
C LYS D 822 -20.42 18.56 -16.05
N GLY D 823 -21.74 18.73 -16.15
CA GLY D 823 -22.55 17.96 -17.06
C GLY D 823 -23.38 16.89 -16.38
N LEU D 824 -23.57 15.76 -17.05
CA LEU D 824 -24.35 14.67 -16.47
C LEU D 824 -23.52 13.87 -15.49
N VAL D 825 -24.16 13.40 -14.43
CA VAL D 825 -23.50 12.62 -13.38
C VAL D 825 -24.17 11.25 -13.32
N THR D 826 -23.40 10.23 -12.92
CA THR D 826 -23.93 8.89 -12.87
C THR D 826 -24.69 8.63 -11.58
N ASN D 827 -25.30 7.47 -11.54
CA ASN D 827 -26.04 6.93 -10.40
C ASN D 827 -25.13 6.09 -9.54
N PRO D 828 -25.59 5.72 -8.34
CA PRO D 828 -24.97 4.56 -7.67
C PRO D 828 -25.04 3.30 -8.52
N LYS D 829 -26.05 3.21 -9.40
CA LYS D 829 -26.22 2.11 -10.34
C LYS D 829 -25.51 2.34 -11.68
N GLY D 830 -25.00 3.54 -11.92
CA GLY D 830 -24.29 3.83 -13.15
C GLY D 830 -25.11 4.49 -14.23
N GLU D 831 -26.39 4.78 -13.98
CA GLU D 831 -27.26 5.38 -14.98
C GLU D 831 -27.25 6.89 -14.87
N PHE D 832 -27.04 7.57 -15.99
CA PHE D 832 -26.99 9.04 -16.01
C PHE D 832 -28.22 9.64 -15.33
N ILE D 833 -27.98 10.60 -14.46
CA ILE D 833 -29.09 11.33 -13.86
C ILE D 833 -29.70 12.25 -14.90
N PRO D 834 -31.02 12.26 -15.08
CA PRO D 834 -31.64 13.20 -16.02
C PRO D 834 -31.24 14.66 -15.82
N ARG D 835 -31.14 15.14 -14.57
CA ARG D 835 -30.77 16.55 -14.44
C ARG D 835 -29.24 16.69 -14.40
N PRO D 836 -28.67 17.60 -15.20
CA PRO D 836 -27.23 17.78 -15.23
C PRO D 836 -26.77 18.81 -14.21
N VAL D 837 -25.49 18.72 -13.87
CA VAL D 837 -24.84 19.76 -13.08
C VAL D 837 -24.54 20.91 -14.04
N LYS D 838 -25.36 21.95 -14.00
CA LYS D 838 -25.17 23.11 -14.85
C LYS D 838 -24.02 24.01 -14.40
N SER D 839 -23.39 23.71 -13.27
CA SER D 839 -22.38 24.57 -12.70
C SER D 839 -20.98 24.11 -13.06
N SER D 840 -20.08 25.07 -13.21
CA SER D 840 -18.67 24.75 -13.30
C SER D 840 -18.04 24.86 -11.91
N PHE D 841 -16.94 24.12 -11.71
CA PHE D 841 -16.26 24.20 -10.43
C PHE D 841 -15.65 25.58 -10.21
N ARG D 842 -15.49 26.38 -11.26
CA ARG D 842 -15.13 27.76 -11.05
C ARG D 842 -16.26 28.53 -10.37
N GLU D 843 -17.50 28.33 -10.85
CA GLU D 843 -18.64 28.98 -10.21
C GLU D 843 -18.87 28.45 -8.81
N GLY D 844 -18.61 27.15 -8.60
CA GLY D 844 -18.89 26.52 -7.33
C GLY D 844 -20.22 25.79 -7.35
N LEU D 845 -20.19 24.47 -7.20
CA LEU D 845 -21.40 23.68 -7.30
C LEU D 845 -22.32 23.97 -6.12
N THR D 846 -23.61 23.73 -6.31
CA THR D 846 -24.57 23.90 -5.22
C THR D 846 -24.46 22.70 -4.28
N VAL D 847 -25.38 22.60 -3.31
CA VAL D 847 -25.31 21.47 -2.40
C VAL D 847 -25.77 20.19 -3.08
N LEU D 848 -26.91 20.23 -3.79
CA LEU D 848 -27.40 19.01 -4.42
C LEU D 848 -26.53 18.59 -5.59
N GLU D 849 -26.01 19.55 -6.36
CA GLU D 849 -25.09 19.18 -7.42
C GLU D 849 -23.88 18.43 -6.86
N TYR D 850 -23.34 18.93 -5.74
CA TYR D 850 -22.18 18.31 -5.11
C TYR D 850 -22.52 16.91 -4.59
N PHE D 851 -23.63 16.80 -3.86
CA PHE D 851 -24.08 15.52 -3.35
C PHE D 851 -24.21 14.51 -4.49
N ILE D 852 -24.92 14.91 -5.56
CA ILE D 852 -25.16 14.04 -6.72
C ILE D 852 -23.84 13.62 -7.35
N ASN D 853 -22.89 14.56 -7.50
CA ASN D 853 -21.59 14.25 -8.08
C ASN D 853 -20.84 13.19 -7.26
N THR D 854 -21.12 13.13 -5.96
CA THR D 854 -20.38 12.16 -5.16
C THR D 854 -20.75 10.72 -5.49
N HIS D 855 -22.01 10.45 -5.87
CA HIS D 855 -22.40 9.08 -6.21
C HIS D 855 -21.39 8.45 -7.17
N GLY D 856 -21.20 9.11 -8.32
CA GLY D 856 -20.30 8.60 -9.32
C GLY D 856 -18.84 8.67 -8.89
N ALA D 857 -18.45 9.77 -8.22
CA ALA D 857 -17.07 9.86 -7.75
C ALA D 857 -16.68 8.64 -6.92
N ARG D 858 -17.50 8.33 -5.91
CA ARG D 858 -17.18 7.20 -5.06
C ARG D 858 -17.38 5.87 -5.77
N LYS D 859 -18.36 5.76 -6.67
CA LYS D 859 -18.49 4.51 -7.41
C LYS D 859 -17.20 4.20 -8.15
N GLY D 860 -16.56 5.21 -8.73
CA GLY D 860 -15.32 4.97 -9.45
C GLY D 860 -14.17 4.63 -8.53
N LEU D 861 -14.05 5.37 -7.42
CA LEU D 861 -13.00 5.04 -6.46
C LEU D 861 -13.12 3.61 -5.98
N ALA D 862 -14.34 3.16 -5.69
CA ALA D 862 -14.52 1.79 -5.22
C ALA D 862 -14.21 0.78 -6.31
N ASP D 863 -14.69 1.04 -7.54
CA ASP D 863 -14.43 0.14 -8.66
C ASP D 863 -12.94 -0.13 -8.84
N THR D 864 -12.10 0.87 -8.56
CA THR D 864 -10.67 0.72 -8.87
C THR D 864 -10.05 -0.49 -8.18
N ALA D 865 -10.48 -0.80 -6.94
CA ALA D 865 -9.87 -1.89 -6.19
C ALA D 865 -10.19 -3.25 -6.81
N LEU D 866 -11.47 -3.49 -7.12
CA LEU D 866 -11.85 -4.74 -7.74
C LEU D 866 -11.21 -4.87 -9.11
N ARG D 867 -11.12 -3.77 -9.86
CA ARG D 867 -10.55 -3.87 -11.20
C ARG D 867 -9.06 -4.22 -11.12
N THR D 868 -8.33 -3.60 -10.20
CA THR D 868 -6.90 -3.91 -10.11
C THR D 868 -6.68 -5.34 -9.60
N ALA D 869 -7.56 -5.85 -8.73
CA ALA D 869 -7.45 -7.25 -8.33
C ALA D 869 -7.68 -8.19 -9.51
N ASP D 870 -8.72 -7.92 -10.31
CA ASP D 870 -9.01 -8.76 -11.48
C ASP D 870 -7.84 -8.78 -12.44
N SER D 871 -7.32 -7.60 -12.78
CA SER D 871 -6.18 -7.54 -13.69
C SER D 871 -4.97 -8.26 -13.10
N GLY D 872 -4.77 -8.17 -11.78
CA GLY D 872 -3.63 -8.83 -11.18
C GLY D 872 -3.74 -10.34 -11.24
N TYR D 873 -4.94 -10.86 -10.95
CA TYR D 873 -5.14 -12.30 -11.06
C TYR D 873 -4.89 -12.77 -12.49
N LEU D 874 -5.38 -12.01 -13.47
CA LEU D 874 -5.12 -12.38 -14.86
C LEU D 874 -3.62 -12.35 -15.17
N THR D 875 -2.92 -11.35 -14.66
CA THR D 875 -1.48 -11.27 -14.91
C THR D 875 -0.76 -12.47 -14.29
N ARG D 876 -1.17 -12.89 -13.10
CA ARG D 876 -0.54 -14.05 -12.48
C ARG D 876 -0.78 -15.32 -13.28
N ARG D 877 -2.03 -15.52 -13.74
CA ARG D 877 -2.31 -16.69 -14.57
C ARG D 877 -1.53 -16.67 -15.86
N LEU D 878 -1.36 -15.50 -16.48
CA LEU D 878 -0.61 -15.42 -17.72
C LEU D 878 0.88 -15.68 -17.49
N VAL D 879 1.44 -15.13 -16.42
CA VAL D 879 2.83 -15.43 -16.08
C VAL D 879 3.00 -16.93 -15.90
N ASP D 880 2.06 -17.59 -15.24
CA ASP D 880 2.18 -19.03 -15.03
C ASP D 880 2.10 -19.80 -16.35
N VAL D 881 1.12 -19.47 -17.19
CA VAL D 881 0.93 -20.24 -18.42
C VAL D 881 2.11 -20.04 -19.38
N SER D 882 2.75 -18.87 -19.35
CA SER D 882 3.77 -18.54 -20.34
C SER D 882 5.19 -18.63 -19.83
N GLN D 883 5.40 -19.03 -18.57
CA GLN D 883 6.68 -18.81 -17.91
C GLN D 883 7.83 -19.56 -18.56
N ASP D 884 7.61 -20.83 -18.93
CA ASP D 884 8.70 -21.64 -19.47
C ASP D 884 9.02 -21.31 -20.94
N VAL D 885 8.24 -20.45 -21.58
CA VAL D 885 8.50 -20.06 -22.97
C VAL D 885 9.76 -19.20 -23.01
N ILE D 886 10.85 -19.74 -23.56
CA ILE D 886 12.08 -18.99 -23.73
C ILE D 886 12.55 -19.17 -25.17
N VAL D 887 13.29 -18.17 -25.67
CA VAL D 887 13.97 -18.31 -26.94
C VAL D 887 15.04 -19.38 -26.82
N ARG D 888 15.10 -20.28 -27.80
CA ARG D 888 15.99 -21.42 -27.72
C ARG D 888 17.03 -21.45 -28.82
N GLU D 889 16.70 -20.99 -30.02
CA GLU D 889 17.60 -21.01 -31.15
C GLU D 889 17.42 -19.74 -31.95
N HIS D 890 18.34 -19.50 -32.89
CA HIS D 890 18.31 -18.29 -33.68
C HIS D 890 17.20 -18.31 -34.74
N ASP D 891 16.95 -19.46 -35.35
CA ASP D 891 16.04 -19.54 -36.48
C ASP D 891 15.61 -20.98 -36.70
N CYS D 892 14.30 -21.21 -36.82
CA CYS D 892 13.76 -22.50 -37.22
C CYS D 892 13.64 -22.63 -38.73
N GLN D 893 13.94 -21.57 -39.47
CA GLN D 893 14.03 -21.58 -40.93
C GLN D 893 12.72 -21.97 -41.60
N THR D 894 11.59 -21.66 -40.97
CA THR D 894 10.31 -21.97 -41.55
C THR D 894 9.92 -20.94 -42.61
N GLU D 895 9.01 -21.34 -43.50
CA GLU D 895 8.42 -20.45 -44.48
C GLU D 895 6.99 -20.04 -44.12
N ARG D 896 6.51 -20.46 -42.96
CA ARG D 896 5.15 -20.12 -42.55
C ARG D 896 5.13 -18.76 -41.86
N GLY D 897 4.02 -18.06 -42.04
CA GLY D 897 3.86 -16.75 -41.46
C GLY D 897 2.42 -16.31 -41.55
N ILE D 898 2.19 -15.02 -41.35
CA ILE D 898 0.86 -14.45 -41.49
C ILE D 898 0.97 -13.17 -42.31
N VAL D 899 -0.15 -12.82 -42.94
CA VAL D 899 -0.18 -11.71 -43.89
C VAL D 899 -0.86 -10.52 -43.22
N VAL D 900 -0.16 -9.40 -43.17
CA VAL D 900 -0.66 -8.18 -42.53
C VAL D 900 -0.89 -7.13 -43.60
N GLU D 901 -2.01 -6.43 -43.49
CA GLU D 901 -2.35 -5.37 -44.42
C GLU D 901 -1.68 -4.07 -43.99
N LEU D 902 -1.21 -3.31 -44.98
CA LEU D 902 -0.59 -2.02 -44.73
C LEU D 902 -1.40 -0.84 -45.25
N ALA D 903 -2.39 -1.09 -46.11
CA ALA D 903 -3.23 -0.02 -46.66
C ALA D 903 -4.45 -0.59 -47.38
N ASP D 908 -11.46 5.80 -52.60
CA ASP D 908 -10.85 4.61 -53.19
C ASP D 908 -9.63 5.00 -54.03
N GLY D 909 -9.37 6.31 -54.14
CA GLY D 909 -8.31 6.80 -54.99
C GLY D 909 -6.91 6.63 -54.46
N THR D 910 -6.74 6.52 -53.14
CA THR D 910 -5.41 6.46 -52.54
C THR D 910 -5.39 5.41 -51.44
N LEU D 911 -4.18 5.02 -51.05
CA LEU D 911 -3.97 4.02 -49.99
C LEU D 911 -4.13 4.67 -48.63
N ILE D 912 -4.96 4.06 -47.79
CA ILE D 912 -5.19 4.55 -46.43
C ILE D 912 -4.43 3.64 -45.47
N ARG D 913 -3.43 4.22 -44.80
CA ARG D 913 -2.61 3.48 -43.85
C ARG D 913 -3.48 2.65 -42.91
N ASP D 914 -3.06 1.42 -42.67
CA ASP D 914 -3.85 0.53 -41.82
C ASP D 914 -3.76 0.99 -40.37
N PRO D 915 -4.87 1.02 -39.64
CA PRO D 915 -4.84 1.54 -38.27
C PRO D 915 -4.00 0.71 -37.33
N TYR D 916 -3.68 -0.53 -37.67
CA TYR D 916 -3.08 -1.46 -36.73
C TYR D 916 -1.68 -1.89 -37.15
N ILE D 917 -0.98 -1.07 -37.94
CA ILE D 917 0.40 -1.37 -38.32
C ILE D 917 1.28 -1.46 -37.07
N GLU D 918 1.01 -0.63 -36.06
CA GLU D 918 1.89 -0.53 -34.91
C GLU D 918 2.01 -1.84 -34.14
N THR D 919 0.95 -2.65 -34.11
CA THR D 919 0.93 -3.82 -33.26
C THR D 919 0.98 -5.15 -34.00
N SER D 920 0.82 -5.16 -35.33
CA SER D 920 0.90 -6.42 -36.06
C SER D 920 1.99 -6.46 -37.12
N ALA D 921 2.27 -5.35 -37.80
CA ALA D 921 3.32 -5.31 -38.82
C ALA D 921 4.67 -4.87 -38.26
N TYR D 922 4.69 -3.78 -37.50
CA TYR D 922 5.93 -3.22 -36.99
C TYR D 922 6.61 -4.20 -36.03
N ALA D 923 7.93 -4.21 -36.06
CA ALA D 923 8.81 -5.02 -35.21
C ALA D 923 8.80 -6.50 -35.57
N ARG D 924 8.16 -6.90 -36.67
CA ARG D 924 8.15 -8.28 -37.13
C ARG D 924 9.34 -8.54 -38.05
N THR D 925 9.63 -9.82 -38.24
CA THR D 925 10.60 -10.24 -39.25
C THR D 925 9.85 -10.55 -40.54
N LEU D 926 10.23 -9.88 -41.62
CA LEU D 926 9.55 -10.05 -42.90
C LEU D 926 9.64 -11.49 -43.37
N GLY D 927 8.49 -12.06 -43.74
CA GLY D 927 8.43 -13.46 -44.12
C GLY D 927 8.83 -13.71 -45.55
N THR D 928 8.48 -12.79 -46.45
CA THR D 928 8.80 -12.90 -47.87
C THR D 928 9.07 -11.52 -48.42
N ASP D 929 9.98 -11.46 -49.40
CA ASP D 929 10.39 -10.19 -50.00
C ASP D 929 9.17 -9.34 -50.36
N ALA D 930 9.29 -8.04 -50.12
CA ALA D 930 8.26 -7.07 -50.49
C ALA D 930 8.68 -6.44 -51.81
N VAL D 931 8.00 -6.81 -52.89
CA VAL D 931 8.29 -6.30 -54.23
C VAL D 931 7.16 -5.38 -54.65
N ASP D 932 7.51 -4.21 -55.18
CA ASP D 932 6.53 -3.20 -55.56
C ASP D 932 5.88 -3.57 -56.90
N GLU D 933 5.19 -2.61 -57.51
CA GLU D 933 4.60 -2.84 -58.83
C GLU D 933 5.68 -3.15 -59.86
N ALA D 934 6.83 -2.47 -59.76
CA ALA D 934 8.00 -2.80 -60.57
C ALA D 934 8.73 -3.98 -59.91
N GLY D 935 9.96 -4.24 -60.35
CA GLY D 935 10.72 -5.31 -59.74
C GLY D 935 11.52 -4.95 -58.51
N ASN D 936 11.38 -3.73 -57.99
CA ASN D 936 12.23 -3.27 -56.88
C ASN D 936 12.01 -4.11 -55.63
N VAL D 937 13.12 -4.45 -54.97
CA VAL D 937 13.09 -5.15 -53.70
C VAL D 937 13.12 -4.08 -52.61
N ILE D 938 11.96 -3.80 -52.03
CA ILE D 938 11.86 -2.76 -51.00
C ILE D 938 12.48 -3.25 -49.70
N VAL D 939 11.93 -4.33 -49.13
CA VAL D 939 12.47 -4.94 -47.93
C VAL D 939 12.65 -6.42 -48.19
N GLU D 940 13.80 -6.95 -47.77
CA GLU D 940 14.15 -8.34 -48.03
C GLU D 940 13.62 -9.27 -46.95
N ARG D 941 13.33 -10.51 -47.34
CA ARG D 941 12.87 -11.52 -46.39
C ARG D 941 13.84 -11.62 -45.22
N GLY D 942 13.33 -11.39 -44.02
CA GLY D 942 14.15 -11.42 -42.84
C GLY D 942 14.69 -10.10 -42.36
N GLN D 943 14.02 -8.99 -42.68
CA GLN D 943 14.41 -7.67 -42.17
C GLN D 943 13.49 -7.25 -41.03
N ASP D 944 13.92 -6.23 -40.29
CA ASP D 944 13.30 -5.93 -39.01
C ASP D 944 11.93 -5.29 -39.12
N LEU D 945 11.60 -4.67 -40.25
CA LEU D 945 10.38 -3.87 -40.35
C LEU D 945 10.31 -2.85 -39.22
N GLY D 946 11.40 -2.10 -39.07
CA GLY D 946 11.38 -0.93 -38.22
C GLY D 946 10.58 0.19 -38.87
N ASP D 947 10.70 1.38 -38.28
CA ASP D 947 9.99 2.52 -38.84
C ASP D 947 10.47 2.89 -40.24
N PRO D 948 11.78 2.98 -40.53
CA PRO D 948 12.17 3.27 -41.92
C PRO D 948 11.66 2.24 -42.90
N GLU D 949 11.65 0.96 -42.53
CA GLU D 949 11.20 -0.07 -43.45
C GLU D 949 9.70 0.02 -43.72
N ILE D 950 8.89 0.27 -42.68
CA ILE D 950 7.46 0.43 -42.90
C ILE D 950 7.18 1.68 -43.73
N ASP D 951 7.97 2.74 -43.51
CA ASP D 951 7.81 3.95 -44.31
C ASP D 951 8.10 3.67 -45.79
N ALA D 952 9.24 3.04 -46.06
CA ALA D 952 9.60 2.67 -47.43
C ALA D 952 8.58 1.72 -48.06
N LEU D 953 7.99 0.84 -47.25
CA LEU D 953 6.95 -0.05 -47.77
C LEU D 953 5.73 0.75 -48.22
N LEU D 954 5.21 1.60 -47.35
CA LEU D 954 4.03 2.38 -47.71
C LEU D 954 4.31 3.30 -48.90
N ALA D 955 5.51 3.87 -48.96
CA ALA D 955 5.90 4.77 -50.04
C ALA D 955 5.98 4.09 -51.38
N ALA D 956 5.99 2.75 -51.43
CA ALA D 956 6.15 2.02 -52.68
C ALA D 956 4.87 1.32 -53.11
N GLY D 957 3.74 1.64 -52.49
CA GLY D 957 2.48 1.03 -52.85
C GLY D 957 2.24 -0.36 -52.31
N ILE D 958 3.16 -0.90 -51.52
CA ILE D 958 2.95 -2.22 -50.92
C ILE D 958 1.80 -2.14 -49.93
N THR D 959 0.82 -3.04 -50.10
CA THR D 959 -0.34 -3.03 -49.25
C THR D 959 -0.48 -4.27 -48.38
N GLN D 960 0.39 -5.27 -48.58
CA GLN D 960 0.37 -6.46 -47.74
C GLN D 960 1.81 -6.98 -47.61
N VAL D 961 2.10 -7.56 -46.44
CA VAL D 961 3.40 -8.18 -46.19
C VAL D 961 3.20 -9.49 -45.45
N LYS D 962 4.07 -10.45 -45.73
CA LYS D 962 4.12 -11.70 -44.98
C LYS D 962 5.17 -11.56 -43.89
N VAL D 963 4.80 -11.88 -42.66
CA VAL D 963 5.69 -11.71 -41.51
C VAL D 963 5.74 -13.01 -40.73
N ARG D 964 6.92 -13.30 -40.18
CA ARG D 964 7.07 -14.39 -39.24
C ARG D 964 6.27 -14.10 -37.97
N SER D 965 5.85 -15.16 -37.30
CA SER D 965 5.10 -15.01 -36.07
C SER D 965 5.47 -16.16 -35.14
N VAL D 966 5.06 -16.05 -33.88
CA VAL D 966 5.25 -17.19 -32.99
C VAL D 966 4.13 -18.19 -33.16
N LEU D 967 3.02 -17.80 -33.78
CA LEU D 967 1.99 -18.77 -34.15
C LEU D 967 2.57 -19.83 -35.09
N THR D 968 3.26 -19.37 -36.13
CA THR D 968 3.80 -20.23 -37.17
C THR D 968 5.17 -20.80 -36.83
N CYS D 969 5.70 -20.52 -35.63
CA CYS D 969 7.07 -20.91 -35.32
C CYS D 969 7.15 -22.41 -35.09
N ALA D 970 8.15 -23.03 -35.70
CA ALA D 970 8.24 -24.49 -35.78
C ALA D 970 9.07 -25.12 -34.68
N THR D 971 9.68 -24.33 -33.79
CA THR D 971 10.57 -24.91 -32.79
C THR D 971 9.79 -25.80 -31.84
N SER D 972 10.44 -26.88 -31.40
CA SER D 972 9.79 -27.84 -30.51
C SER D 972 9.35 -27.16 -29.22
N THR D 973 10.32 -26.68 -28.44
CA THR D 973 10.06 -25.98 -27.19
C THR D 973 10.42 -24.51 -27.34
N GLY D 974 9.63 -23.64 -26.71
CA GLY D 974 9.91 -22.24 -26.86
C GLY D 974 9.73 -21.76 -28.30
N VAL D 975 10.44 -20.69 -28.63
CA VAL D 975 10.38 -20.08 -29.95
C VAL D 975 11.80 -19.74 -30.39
N CYS D 976 11.96 -19.48 -31.69
CA CYS D 976 13.22 -19.03 -32.23
C CYS D 976 13.23 -17.52 -32.35
N ALA D 977 14.44 -16.96 -32.38
CA ALA D 977 14.59 -15.51 -32.38
C ALA D 977 13.96 -14.89 -33.62
N THR D 978 14.24 -15.48 -34.78
CA THR D 978 13.81 -14.88 -36.05
C THR D 978 12.29 -14.80 -36.14
N CYS D 979 11.58 -15.83 -35.67
CA CYS D 979 10.13 -15.76 -35.68
C CYS D 979 9.62 -14.68 -34.71
N TYR D 980 10.23 -14.56 -33.53
CA TYR D 980 9.77 -13.58 -32.54
C TYR D 980 10.00 -12.16 -33.02
N GLY D 981 11.15 -11.89 -33.63
CA GLY D 981 11.46 -10.56 -34.09
C GLY D 981 12.39 -9.84 -33.15
N ARG D 982 12.34 -8.51 -33.21
CA ARG D 982 13.16 -7.74 -32.31
C ARG D 982 12.61 -7.83 -30.88
N SER D 983 13.54 -7.79 -29.92
CA SER D 983 13.18 -7.52 -28.53
C SER D 983 12.72 -6.09 -28.39
N MET D 984 11.46 -5.89 -27.98
CA MET D 984 10.90 -4.55 -27.94
C MET D 984 11.70 -3.64 -27.03
N ALA D 985 12.30 -4.20 -25.98
CA ALA D 985 13.04 -3.40 -25.01
C ALA D 985 14.33 -2.85 -25.61
N THR D 986 15.03 -3.66 -26.41
CA THR D 986 16.36 -3.30 -26.89
C THR D 986 16.37 -2.69 -28.29
N GLY D 987 15.39 -3.01 -29.13
CA GLY D 987 15.36 -2.57 -30.50
C GLY D 987 15.98 -3.54 -31.49
N LYS D 988 17.01 -4.28 -31.07
CA LYS D 988 17.65 -5.29 -31.88
C LYS D 988 16.87 -6.62 -31.80
N LEU D 989 17.29 -7.57 -32.63
CA LEU D 989 16.64 -8.89 -32.65
C LEU D 989 16.85 -9.60 -31.30
N VAL D 990 15.82 -10.32 -30.87
CA VAL D 990 15.79 -10.86 -29.51
C VAL D 990 16.95 -11.81 -29.28
N ASP D 991 17.62 -11.66 -28.13
CA ASP D 991 18.77 -12.45 -27.76
C ASP D 991 18.33 -13.86 -27.33
N ILE D 992 19.27 -14.80 -27.45
CA ILE D 992 18.92 -16.22 -27.44
C ILE D 992 18.34 -16.65 -26.10
N GLY D 993 18.68 -15.99 -25.00
CA GLY D 993 18.16 -16.45 -23.73
C GLY D 993 16.88 -15.83 -23.22
N GLU D 994 16.29 -14.88 -23.94
CA GLU D 994 15.23 -14.05 -23.39
C GLU D 994 14.04 -14.88 -22.93
N ALA D 995 13.50 -14.55 -21.76
CA ALA D 995 12.27 -15.16 -21.27
C ALA D 995 11.10 -14.29 -21.72
N VAL D 996 10.67 -14.52 -22.96
CA VAL D 996 9.64 -13.68 -23.56
C VAL D 996 8.24 -14.00 -23.07
N GLY D 997 8.04 -15.14 -22.42
CA GLY D 997 6.75 -15.41 -21.82
C GLY D 997 6.42 -14.45 -20.69
N ILE D 998 7.38 -14.19 -19.81
CA ILE D 998 7.12 -13.26 -18.72
C ILE D 998 6.96 -11.84 -19.25
N VAL D 999 7.79 -11.45 -20.20
CA VAL D 999 7.63 -10.12 -20.78
C VAL D 999 6.27 -9.98 -21.46
N ALA D 1000 5.79 -11.06 -22.10
CA ALA D 1000 4.49 -11.03 -22.75
C ALA D 1000 3.37 -10.90 -21.73
N ALA D 1001 3.43 -11.71 -20.66
CA ALA D 1001 2.41 -11.63 -19.63
C ALA D 1001 2.40 -10.25 -19.00
N GLN D 1002 3.58 -9.68 -18.75
CA GLN D 1002 3.65 -8.35 -18.15
C GLN D 1002 3.10 -7.29 -19.08
N SER D 1003 3.46 -7.37 -20.37
CA SER D 1003 2.98 -6.41 -21.34
C SER D 1003 1.47 -6.47 -21.49
N ILE D 1004 0.87 -7.66 -21.37
CA ILE D 1004 -0.58 -7.74 -21.46
C ILE D 1004 -1.24 -7.28 -20.17
N GLY D 1005 -0.66 -7.63 -19.02
CA GLY D 1005 -1.30 -7.29 -17.76
C GLY D 1005 -1.23 -5.81 -17.45
N GLU D 1006 -0.04 -5.22 -17.58
CA GLU D 1006 0.21 -3.84 -17.15
C GLU D 1006 -0.91 -2.87 -17.46
N PRO D 1007 -1.46 -2.79 -18.69
CA PRO D 1007 -2.57 -1.87 -18.93
C PRO D 1007 -3.94 -2.41 -18.57
N GLY D 1008 -4.03 -3.60 -17.97
CA GLY D 1008 -5.32 -4.20 -17.69
C GLY D 1008 -6.20 -3.33 -16.83
N THR D 1009 -5.61 -2.57 -15.90
CA THR D 1009 -6.40 -1.68 -15.07
C THR D 1009 -7.04 -0.53 -15.84
N GLN D 1010 -6.63 -0.31 -17.10
CA GLN D 1010 -7.31 0.70 -17.91
C GLN D 1010 -8.62 0.20 -18.49
N LEU D 1011 -8.80 -1.11 -18.60
CA LEU D 1011 -10.01 -1.67 -19.19
C LEU D 1011 -11.20 -1.49 -18.24
N THR D 1012 -12.19 -0.73 -18.68
CA THR D 1012 -13.43 -0.49 -17.94
C THR D 1012 -14.62 -1.02 -18.75
N MET D 1013 -15.83 -0.71 -18.29
CA MET D 1013 -17.05 -1.10 -18.99
C MET D 1013 -17.67 0.09 -19.72
N THR D 1026 -20.86 -8.63 -23.46
CA THR D 1026 -20.20 -9.94 -23.40
C THR D 1026 -18.86 -9.83 -22.66
N GLY D 1027 -18.26 -8.65 -22.64
CA GLY D 1027 -17.18 -8.34 -21.71
C GLY D 1027 -16.20 -7.32 -22.23
N GLY D 1028 -15.40 -6.79 -21.30
CA GLY D 1028 -14.17 -6.07 -21.59
C GLY D 1028 -13.00 -6.88 -21.07
N LEU D 1029 -12.49 -6.52 -19.89
CA LEU D 1029 -11.63 -7.45 -19.16
C LEU D 1029 -12.27 -8.81 -18.90
N PRO D 1030 -13.58 -8.90 -18.61
CA PRO D 1030 -14.21 -10.23 -18.61
C PRO D 1030 -14.09 -10.95 -19.93
N ARG D 1031 -14.08 -10.22 -21.05
CA ARG D 1031 -13.96 -10.88 -22.35
C ARG D 1031 -12.52 -11.37 -22.60
N VAL D 1032 -11.53 -10.57 -22.20
CA VAL D 1032 -10.15 -11.03 -22.31
C VAL D 1032 -9.97 -12.32 -21.52
N GLN D 1033 -10.56 -12.36 -20.31
CA GLN D 1033 -10.49 -13.58 -19.51
C GLN D 1033 -11.26 -14.73 -20.17
N GLU D 1034 -12.40 -14.42 -20.79
CA GLU D 1034 -13.20 -15.45 -21.46
C GLU D 1034 -12.43 -16.11 -22.60
N LEU D 1035 -11.69 -15.32 -23.37
CA LEU D 1035 -10.91 -15.88 -24.47
C LEU D 1035 -9.70 -16.66 -23.95
N PHE D 1036 -8.96 -16.08 -23.00
CA PHE D 1036 -7.77 -16.75 -22.50
C PHE D 1036 -8.10 -18.03 -21.72
N GLU D 1037 -9.29 -18.10 -21.14
CA GLU D 1037 -9.70 -19.30 -20.42
C GLU D 1037 -10.34 -20.32 -21.36
N ALA D 1038 -10.49 -19.99 -22.64
CA ALA D 1038 -11.03 -20.90 -23.65
C ALA D 1038 -12.43 -21.40 -23.27
N ARG D 1039 -13.24 -20.50 -22.73
CA ARG D 1039 -14.58 -20.89 -22.35
C ARG D 1039 -15.53 -20.81 -23.54
N VAL D 1040 -16.61 -21.60 -23.45
CA VAL D 1040 -17.75 -21.45 -24.34
C VAL D 1040 -18.35 -20.09 -24.04
N PRO D 1041 -18.39 -19.17 -25.00
CA PRO D 1041 -18.78 -17.80 -24.69
C PRO D 1041 -20.28 -17.66 -24.47
N ARG D 1042 -20.64 -16.69 -23.64
CA ARG D 1042 -22.03 -16.29 -23.55
C ARG D 1042 -22.46 -15.70 -24.89
N GLY D 1043 -23.70 -15.96 -25.28
CA GLY D 1043 -24.19 -15.52 -26.58
C GLY D 1043 -23.31 -15.99 -27.72
N LYS D 1044 -23.20 -17.31 -27.86
CA LYS D 1044 -22.31 -17.89 -28.86
C LYS D 1044 -22.93 -17.80 -30.24
N ALA D 1045 -22.14 -17.33 -31.21
CA ALA D 1045 -22.58 -17.30 -32.60
C ALA D 1045 -22.11 -18.59 -33.27
N PRO D 1046 -23.01 -19.47 -33.68
CA PRO D 1046 -22.57 -20.69 -34.37
C PRO D 1046 -21.96 -20.38 -35.71
N ILE D 1047 -21.06 -21.25 -36.14
CA ILE D 1047 -20.43 -21.12 -37.45
C ILE D 1047 -20.83 -22.30 -38.33
N ALA D 1048 -20.43 -22.22 -39.60
CA ALA D 1048 -20.76 -23.27 -40.56
C ALA D 1048 -19.79 -24.45 -40.41
N ASP D 1049 -20.34 -25.66 -40.41
CA ASP D 1049 -19.50 -26.84 -40.38
C ASP D 1049 -19.06 -27.29 -41.76
N VAL D 1050 -19.66 -26.73 -42.82
CA VAL D 1050 -19.43 -27.19 -44.19
C VAL D 1050 -19.96 -26.11 -45.13
N THR D 1051 -19.49 -26.15 -46.38
CA THR D 1051 -19.90 -25.20 -47.41
C THR D 1051 -21.17 -25.67 -48.11
N GLY D 1052 -22.16 -24.80 -48.23
CA GLY D 1052 -23.38 -25.17 -48.90
C GLY D 1052 -24.42 -24.07 -48.90
N ARG D 1053 -25.68 -24.50 -49.00
CA ARG D 1053 -26.83 -23.61 -49.08
C ARG D 1053 -27.52 -23.55 -47.72
N VAL D 1054 -28.14 -22.41 -47.43
CA VAL D 1054 -28.79 -22.17 -46.14
C VAL D 1054 -30.30 -22.13 -46.34
N ARG D 1055 -31.03 -22.85 -45.50
CA ARG D 1055 -32.47 -22.74 -45.39
C ARG D 1055 -32.77 -22.17 -44.00
N LEU D 1056 -33.49 -21.05 -43.97
CA LEU D 1056 -33.64 -20.23 -42.78
C LEU D 1056 -35.11 -20.25 -42.35
N GLU D 1057 -35.45 -21.09 -41.37
CA GLU D 1057 -36.78 -21.08 -40.78
C GLU D 1057 -36.88 -19.94 -39.78
N ASP D 1058 -37.75 -18.98 -40.08
CA ASP D 1058 -37.95 -17.79 -39.25
C ASP D 1058 -39.26 -17.94 -38.50
N GLY D 1059 -39.18 -18.41 -37.25
CA GLY D 1059 -40.32 -18.43 -36.35
C GLY D 1059 -40.40 -17.15 -35.55
N GLU D 1060 -41.13 -17.23 -34.43
CA GLU D 1060 -41.24 -16.11 -33.51
C GLU D 1060 -40.35 -16.41 -32.31
N ARG D 1061 -39.30 -15.61 -32.12
CA ARG D 1061 -38.26 -15.81 -31.12
C ARG D 1061 -37.53 -17.14 -31.29
N PHE D 1062 -37.61 -17.75 -32.48
CA PHE D 1062 -36.95 -19.02 -32.77
C PHE D 1062 -36.45 -18.99 -34.21
N TYR D 1063 -35.12 -18.92 -34.38
CA TYR D 1063 -34.46 -19.10 -35.67
C TYR D 1063 -33.99 -20.54 -35.80
N LYS D 1064 -34.11 -21.11 -37.00
CA LYS D 1064 -33.68 -22.48 -37.24
C LYS D 1064 -32.91 -22.54 -38.55
N ILE D 1065 -31.63 -22.90 -38.50
CA ILE D 1065 -30.77 -22.84 -39.68
C ILE D 1065 -30.46 -24.27 -40.13
N THR D 1066 -30.54 -24.50 -41.43
CA THR D 1066 -30.14 -25.79 -41.99
C THR D 1066 -29.18 -25.55 -43.15
N ILE D 1067 -28.04 -26.23 -43.13
CA ILE D 1067 -27.04 -26.10 -44.20
C ILE D 1067 -27.01 -27.40 -44.98
N VAL D 1068 -27.30 -27.31 -46.28
CA VAL D 1068 -27.17 -28.43 -47.20
C VAL D 1068 -25.79 -28.35 -47.83
N PRO D 1069 -24.91 -29.35 -47.63
CA PRO D 1069 -23.54 -29.24 -48.10
C PRO D 1069 -23.43 -29.20 -49.61
N ASP D 1070 -22.35 -28.58 -50.10
CA ASP D 1070 -22.03 -28.62 -51.53
C ASP D 1070 -21.61 -30.01 -51.97
N ASP D 1071 -20.96 -30.77 -51.08
CA ASP D 1071 -20.60 -32.15 -51.40
C ASP D 1071 -21.84 -33.02 -51.61
N GLY D 1072 -22.94 -32.68 -50.95
CA GLY D 1072 -24.13 -33.49 -50.97
C GLY D 1072 -24.25 -34.48 -49.83
N GLY D 1073 -23.38 -34.37 -48.83
CA GLY D 1073 -23.45 -35.25 -47.67
C GLY D 1073 -24.64 -34.96 -46.78
N GLU D 1074 -24.56 -35.40 -45.52
CA GLU D 1074 -25.66 -35.16 -44.58
C GLU D 1074 -25.75 -33.68 -44.24
N GLU D 1075 -26.97 -33.16 -44.23
CA GLU D 1075 -27.17 -31.74 -44.00
C GLU D 1075 -27.17 -31.42 -42.52
N VAL D 1076 -26.48 -30.31 -42.17
CA VAL D 1076 -26.24 -29.89 -40.79
C VAL D 1076 -27.41 -29.06 -40.29
N VAL D 1077 -27.76 -29.23 -39.02
CA VAL D 1077 -28.91 -28.57 -38.41
C VAL D 1077 -28.45 -27.79 -37.20
N TYR D 1078 -28.64 -26.47 -37.23
CA TYR D 1078 -28.52 -25.61 -36.06
C TYR D 1078 -29.93 -25.36 -35.56
N ASP D 1079 -30.23 -25.91 -34.38
CA ASP D 1079 -31.60 -26.29 -34.03
C ASP D 1079 -32.41 -25.11 -33.47
N LYS D 1080 -31.80 -24.25 -32.65
CA LYS D 1080 -32.57 -23.19 -32.02
C LYS D 1080 -31.68 -22.01 -31.69
N ILE D 1081 -32.10 -20.81 -32.11
CA ILE D 1081 -31.42 -19.56 -31.78
C ILE D 1081 -32.50 -18.53 -31.44
N SER D 1082 -32.38 -17.92 -30.27
CA SER D 1082 -33.35 -16.90 -29.88
C SER D 1082 -33.19 -15.65 -30.74
N LYS D 1083 -34.33 -15.04 -31.10
CA LYS D 1083 -34.31 -13.84 -31.92
C LYS D 1083 -33.63 -12.66 -31.22
N ARG D 1084 -33.26 -12.81 -29.94
CA ARG D 1084 -32.40 -11.81 -29.31
C ARG D 1084 -31.07 -11.70 -30.03
N GLN D 1085 -30.63 -12.78 -30.68
CA GLN D 1085 -29.42 -12.74 -31.49
C GLN D 1085 -29.72 -12.17 -32.88
N ARG D 1086 -29.00 -11.13 -33.26
CA ARG D 1086 -29.07 -10.61 -34.62
C ARG D 1086 -28.41 -11.58 -35.60
N LEU D 1087 -28.70 -11.41 -36.88
CA LEU D 1087 -28.10 -12.24 -37.92
C LEU D 1087 -26.82 -11.58 -38.45
N ARG D 1088 -25.90 -12.41 -38.93
CA ARG D 1088 -24.58 -11.94 -39.30
C ARG D 1088 -24.61 -11.11 -40.59
N VAL D 1089 -23.76 -10.11 -40.63
CA VAL D 1089 -23.72 -9.15 -41.71
C VAL D 1089 -22.59 -9.20 -42.70
N PHE D 1090 -22.08 -10.36 -42.94
CA PHE D 1090 -20.98 -10.54 -43.84
C PHE D 1090 -21.40 -10.50 -45.27
N LYS D 1091 -20.43 -10.81 -46.12
CA LYS D 1091 -20.67 -11.15 -47.49
C LYS D 1091 -19.55 -11.80 -48.24
N HIS D 1092 -19.89 -12.70 -49.14
CA HIS D 1092 -18.88 -13.41 -49.84
C HIS D 1092 -19.39 -14.01 -51.11
N GLU D 1093 -18.49 -14.38 -52.00
CA GLU D 1093 -18.96 -14.94 -53.27
C GLU D 1093 -19.79 -13.96 -54.07
N ASP D 1094 -19.78 -12.68 -53.68
CA ASP D 1094 -20.62 -11.63 -54.26
C ASP D 1094 -22.03 -12.15 -54.57
N GLY D 1095 -22.67 -12.68 -53.52
CA GLY D 1095 -24.11 -12.88 -53.54
C GLY D 1095 -24.67 -11.58 -53.01
N SER D 1096 -25.38 -11.63 -51.88
CA SER D 1096 -25.71 -10.39 -51.19
C SER D 1096 -24.41 -9.70 -50.76
N GLU D 1097 -24.51 -8.56 -50.07
CA GLU D 1097 -23.38 -7.96 -49.38
C GLU D 1097 -23.80 -7.51 -47.98
N ARG D 1098 -24.85 -8.14 -47.45
CA ARG D 1098 -25.56 -7.66 -46.28
C ARG D 1098 -25.89 -8.86 -45.41
N VAL D 1099 -26.87 -8.68 -44.51
CA VAL D 1099 -27.30 -9.67 -43.54
C VAL D 1099 -27.52 -11.03 -44.18
N LEU D 1100 -27.24 -12.09 -43.43
CA LEU D 1100 -27.39 -13.45 -43.93
C LEU D 1100 -28.75 -13.66 -44.56
N SER D 1101 -28.74 -13.92 -45.86
CA SER D 1101 -29.94 -14.05 -46.66
C SER D 1101 -30.29 -15.53 -46.81
N ASP D 1102 -31.58 -15.85 -46.66
CA ASP D 1102 -32.03 -17.23 -46.87
C ASP D 1102 -31.72 -17.67 -48.29
N GLY D 1103 -31.16 -18.87 -48.42
CA GLY D 1103 -30.69 -19.38 -49.69
C GLY D 1103 -29.29 -19.00 -50.06
N ASP D 1104 -28.67 -18.05 -49.35
CA ASP D 1104 -27.34 -17.55 -49.72
C ASP D 1104 -26.28 -18.64 -49.52
N HIS D 1105 -25.15 -18.45 -50.19
CA HIS D 1105 -24.08 -19.44 -50.15
C HIS D 1105 -23.12 -19.14 -49.00
N VAL D 1106 -22.74 -20.20 -48.29
CA VAL D 1106 -21.94 -20.10 -47.06
C VAL D 1106 -20.73 -21.00 -47.21
N GLU D 1107 -19.54 -20.46 -46.92
CA GLU D 1107 -18.31 -21.23 -46.97
C GLU D 1107 -18.15 -22.05 -45.69
N VAL D 1108 -16.95 -22.58 -45.45
CA VAL D 1108 -16.72 -23.44 -44.29
C VAL D 1108 -16.75 -22.61 -43.00
N GLY D 1109 -15.82 -21.66 -42.88
CA GLY D 1109 -15.71 -20.99 -41.61
C GLY D 1109 -16.64 -19.83 -41.35
N GLN D 1110 -17.67 -19.65 -42.17
CA GLN D 1110 -18.48 -18.43 -42.07
C GLN D 1110 -19.29 -18.42 -40.78
N GLN D 1111 -19.27 -17.29 -40.08
CA GLN D 1111 -20.10 -17.11 -38.90
C GLN D 1111 -21.52 -16.76 -39.34
N LEU D 1112 -22.50 -17.44 -38.74
CA LEU D 1112 -23.89 -17.32 -39.15
C LEU D 1112 -24.68 -16.31 -38.32
N MET D 1113 -24.11 -15.82 -37.23
CA MET D 1113 -24.85 -15.00 -36.28
C MET D 1113 -23.94 -13.90 -35.74
N GLU D 1114 -24.54 -12.77 -35.41
CA GLU D 1114 -23.78 -11.73 -34.72
C GLU D 1114 -23.57 -12.17 -33.28
N GLY D 1115 -22.34 -12.03 -32.79
CA GLY D 1115 -21.99 -12.48 -31.46
C GLY D 1115 -20.54 -12.91 -31.43
N SER D 1116 -20.21 -13.74 -30.45
CA SER D 1116 -18.85 -14.27 -30.32
C SER D 1116 -18.89 -15.77 -30.51
N ALA D 1117 -17.98 -16.27 -31.34
CA ALA D 1117 -17.96 -17.67 -31.74
C ALA D 1117 -17.13 -18.49 -30.76
N ASP D 1118 -17.62 -19.70 -30.46
CA ASP D 1118 -16.87 -20.66 -29.66
C ASP D 1118 -15.56 -21.02 -30.36
N PRO D 1119 -14.40 -20.73 -29.77
CA PRO D 1119 -13.14 -21.04 -30.46
C PRO D 1119 -12.81 -22.52 -30.52
N HIS D 1120 -13.44 -23.36 -29.68
CA HIS D 1120 -13.36 -24.80 -29.89
C HIS D 1120 -14.00 -25.19 -31.20
N GLU D 1121 -15.15 -24.58 -31.50
CA GLU D 1121 -15.83 -24.85 -32.75
C GLU D 1121 -14.96 -24.47 -33.95
N VAL D 1122 -14.38 -23.26 -33.93
CA VAL D 1122 -13.50 -22.86 -35.03
C VAL D 1122 -12.23 -23.69 -35.03
N LEU D 1123 -11.83 -24.25 -33.89
CA LEU D 1123 -10.70 -25.16 -33.89
C LEU D 1123 -11.01 -26.43 -34.67
N ARG D 1124 -12.14 -27.07 -34.35
CA ARG D 1124 -12.46 -28.33 -35.02
C ARG D 1124 -12.87 -28.12 -36.47
N VAL D 1125 -13.36 -26.94 -36.82
CA VAL D 1125 -13.78 -26.70 -38.20
C VAL D 1125 -12.63 -26.22 -39.07
N GLN D 1126 -11.95 -25.13 -38.68
CA GLN D 1126 -10.97 -24.47 -39.55
C GLN D 1126 -9.52 -24.79 -39.19
N GLY D 1127 -9.28 -25.64 -38.20
CA GLY D 1127 -7.93 -26.04 -37.85
C GLY D 1127 -7.25 -25.08 -36.90
N PRO D 1128 -6.16 -25.54 -36.26
CA PRO D 1128 -5.52 -24.74 -35.20
C PRO D 1128 -4.95 -23.40 -35.66
N ARG D 1129 -4.31 -23.38 -36.84
CA ARG D 1129 -3.73 -22.15 -37.35
C ARG D 1129 -4.74 -21.03 -37.44
N GLU D 1130 -6.01 -21.37 -37.68
CA GLU D 1130 -7.04 -20.35 -37.79
C GLU D 1130 -7.59 -19.94 -36.43
N VAL D 1131 -7.64 -20.87 -35.46
CA VAL D 1131 -8.01 -20.52 -34.09
C VAL D 1131 -7.06 -19.48 -33.54
N GLN D 1132 -5.76 -19.67 -33.76
CA GLN D 1132 -4.80 -18.73 -33.22
C GLN D 1132 -5.03 -17.32 -33.76
N ILE D 1133 -5.29 -17.21 -35.07
CA ILE D 1133 -5.66 -15.93 -35.67
C ILE D 1133 -6.90 -15.36 -34.99
N HIS D 1134 -7.93 -16.21 -34.85
CA HIS D 1134 -9.21 -15.79 -34.28
C HIS D 1134 -9.02 -15.20 -32.89
N LEU D 1135 -8.23 -15.86 -32.06
CA LEU D 1135 -8.08 -15.47 -30.66
C LEU D 1135 -7.22 -14.22 -30.52
N VAL D 1136 -6.11 -14.15 -31.25
CA VAL D 1136 -5.29 -12.95 -31.21
C VAL D 1136 -6.12 -11.74 -31.63
N ARG D 1137 -6.90 -11.89 -32.71
CA ARG D 1137 -7.72 -10.76 -33.16
C ARG D 1137 -8.81 -10.41 -32.16
N GLU D 1138 -9.46 -11.41 -31.56
CA GLU D 1138 -10.59 -11.14 -30.67
C GLU D 1138 -10.14 -10.56 -29.34
N VAL D 1139 -8.90 -10.83 -28.92
CA VAL D 1139 -8.35 -10.19 -27.73
C VAL D 1139 -7.91 -8.76 -28.04
N GLN D 1140 -7.18 -8.63 -29.16
CA GLN D 1140 -6.75 -7.31 -29.60
C GLN D 1140 -7.93 -6.37 -29.76
N GLU D 1141 -9.09 -6.89 -30.15
CA GLU D 1141 -10.28 -6.05 -30.30
C GLU D 1141 -10.70 -5.45 -28.96
N VAL D 1142 -10.72 -6.26 -27.90
CA VAL D 1142 -11.06 -5.74 -26.59
C VAL D 1142 -10.08 -4.66 -26.16
N TYR D 1143 -8.79 -4.91 -26.37
CA TYR D 1143 -7.82 -3.89 -25.96
C TYR D 1143 -7.88 -2.66 -26.86
N ARG D 1144 -8.33 -2.81 -28.10
CA ARG D 1144 -8.41 -1.67 -29.00
C ARG D 1144 -9.59 -0.77 -28.65
N ALA D 1145 -10.75 -1.38 -28.35
CA ALA D 1145 -11.93 -0.60 -28.01
C ALA D 1145 -11.71 0.28 -26.78
N GLN D 1146 -10.69 -0.01 -25.96
CA GLN D 1146 -10.35 0.80 -24.80
C GLN D 1146 -9.06 1.59 -25.02
N GLY D 1147 -8.60 1.72 -26.26
CA GLY D 1147 -7.42 2.51 -26.55
C GLY D 1147 -6.14 2.00 -25.92
N VAL D 1148 -5.88 0.70 -26.04
CA VAL D 1148 -4.69 0.08 -25.47
C VAL D 1148 -3.91 -0.61 -26.59
N SER D 1149 -2.63 -0.30 -26.70
CA SER D 1149 -1.77 -0.89 -27.73
C SER D 1149 -0.94 -2.00 -27.09
N ILE D 1150 -1.31 -3.25 -27.38
CA ILE D 1150 -0.49 -4.42 -27.11
C ILE D 1150 0.02 -4.92 -28.45
N HIS D 1151 1.34 -5.12 -28.55
CA HIS D 1151 1.83 -5.71 -29.78
C HIS D 1151 1.30 -7.13 -29.93
N ASP D 1152 1.15 -7.58 -31.17
CA ASP D 1152 0.56 -8.90 -31.37
C ASP D 1152 1.46 -10.01 -30.82
N LYS D 1153 2.79 -9.81 -30.84
CA LYS D 1153 3.67 -10.93 -30.50
C LYS D 1153 3.49 -11.39 -29.05
N HIS D 1154 3.17 -10.47 -28.13
CA HIS D 1154 2.88 -10.89 -26.77
C HIS D 1154 1.64 -11.79 -26.72
N ILE D 1155 0.56 -11.34 -27.35
CA ILE D 1155 -0.68 -12.11 -27.32
C ILE D 1155 -0.49 -13.45 -28.02
N GLU D 1156 0.32 -13.48 -29.07
CA GLU D 1156 0.60 -14.73 -29.76
C GLU D 1156 1.41 -15.67 -28.87
N VAL D 1157 2.38 -15.14 -28.12
CA VAL D 1157 3.11 -15.97 -27.17
C VAL D 1157 2.14 -16.62 -26.20
N ILE D 1158 1.12 -15.89 -25.77
CA ILE D 1158 0.17 -16.52 -24.84
C ILE D 1158 -0.69 -17.56 -25.57
N VAL D 1159 -1.19 -17.22 -26.76
CA VAL D 1159 -2.11 -18.11 -27.47
C VAL D 1159 -1.42 -19.42 -27.84
N ARG D 1160 -0.14 -19.35 -28.22
CA ARG D 1160 0.61 -20.54 -28.56
C ARG D 1160 0.54 -21.60 -27.47
N GLN D 1161 0.56 -21.17 -26.20
CA GLN D 1161 0.51 -22.10 -25.08
C GLN D 1161 -0.87 -22.70 -24.87
N MET D 1162 -1.90 -22.15 -25.50
CA MET D 1162 -3.24 -22.73 -25.43
C MET D 1162 -3.43 -23.90 -26.39
N LEU D 1163 -2.52 -24.07 -27.35
CA LEU D 1163 -2.70 -25.07 -28.40
C LEU D 1163 -1.52 -26.01 -28.48
N ARG D 1164 -1.09 -26.57 -27.36
CA ARG D 1164 0.07 -27.43 -27.36
C ARG D 1164 -0.23 -28.89 -27.08
N ARG D 1165 -1.51 -29.26 -26.91
CA ARG D 1165 -1.87 -30.63 -26.63
C ARG D 1165 -2.87 -31.16 -27.66
N VAL D 1166 -3.09 -32.48 -27.59
CA VAL D 1166 -4.07 -33.16 -28.43
C VAL D 1166 -4.83 -34.17 -27.57
N THR D 1167 -6.13 -34.25 -27.77
CA THR D 1167 -6.96 -35.27 -27.14
C THR D 1167 -6.81 -36.59 -27.90
N ILE D 1168 -6.82 -37.69 -27.16
CA ILE D 1168 -6.72 -39.02 -27.74
C ILE D 1168 -8.12 -39.61 -27.84
N ILE D 1169 -8.53 -39.92 -29.06
CA ILE D 1169 -9.87 -40.44 -29.34
C ILE D 1169 -9.85 -41.96 -29.35
N ASP D 1170 -9.00 -42.54 -30.20
CA ASP D 1170 -8.69 -43.97 -30.15
C ASP D 1170 -7.22 -44.11 -29.76
N SER D 1171 -6.97 -44.86 -28.69
CA SER D 1171 -5.61 -44.99 -28.15
C SER D 1171 -4.73 -45.91 -28.99
N GLY D 1172 -5.30 -46.63 -29.95
CA GLY D 1172 -4.51 -47.44 -30.85
C GLY D 1172 -3.68 -48.47 -30.09
N SER D 1173 -2.37 -48.46 -30.33
CA SER D 1173 -1.45 -49.41 -29.75
C SER D 1173 -0.60 -48.82 -28.62
N THR D 1174 -0.81 -47.55 -28.29
CA THR D 1174 0.01 -46.86 -27.29
C THR D 1174 -0.59 -47.03 -25.90
N GLU D 1175 0.10 -46.48 -24.90
CA GLU D 1175 -0.33 -46.57 -23.51
C GLU D 1175 -1.15 -45.36 -23.06
N PHE D 1176 -1.57 -44.51 -23.99
CA PHE D 1176 -2.34 -43.31 -23.66
C PHE D 1176 -3.79 -43.65 -23.41
N LEU D 1177 -4.32 -43.20 -22.27
CA LEU D 1177 -5.74 -43.39 -21.99
C LEU D 1177 -6.56 -42.49 -22.89
N PRO D 1178 -7.57 -43.02 -23.60
CA PRO D 1178 -8.40 -42.16 -24.46
C PRO D 1178 -9.07 -41.05 -23.66
N GLY D 1179 -9.21 -39.89 -24.29
CA GLY D 1179 -9.73 -38.71 -23.64
C GLY D 1179 -8.69 -37.84 -22.95
N SER D 1180 -7.50 -38.37 -22.68
CA SER D 1180 -6.48 -37.58 -21.99
C SER D 1180 -5.87 -36.55 -22.93
N LEU D 1181 -5.37 -35.47 -22.36
CA LEU D 1181 -4.76 -34.38 -23.10
C LEU D 1181 -3.25 -34.52 -23.00
N ILE D 1182 -2.60 -34.75 -24.14
CA ILE D 1182 -1.19 -35.12 -24.17
C ILE D 1182 -0.43 -34.10 -25.02
N ASP D 1183 0.71 -33.64 -24.50
CA ASP D 1183 1.57 -32.72 -25.23
C ASP D 1183 1.88 -33.29 -26.62
N ARG D 1184 1.81 -32.42 -27.63
CA ARG D 1184 1.94 -32.88 -29.01
C ARG D 1184 3.32 -33.49 -29.26
N ALA D 1185 4.36 -32.93 -28.65
CA ALA D 1185 5.71 -33.46 -28.84
C ALA D 1185 5.82 -34.89 -28.31
N GLU D 1186 5.41 -35.10 -27.05
CA GLU D 1186 5.52 -36.43 -26.47
C GLU D 1186 4.50 -37.40 -27.07
N PHE D 1187 3.31 -36.92 -27.41
CA PHE D 1187 2.33 -37.75 -28.12
C PHE D 1187 2.92 -38.30 -29.41
N GLU D 1188 3.45 -37.40 -30.25
CA GLU D 1188 4.02 -37.84 -31.53
C GLU D 1188 5.28 -38.67 -31.34
N ALA D 1189 6.07 -38.38 -30.29
CA ALA D 1189 7.28 -39.16 -30.05
C ALA D 1189 6.94 -40.60 -29.65
N GLU D 1190 6.02 -40.77 -28.70
CA GLU D 1190 5.60 -42.11 -28.30
C GLU D 1190 4.81 -42.81 -29.40
N ASN D 1191 4.19 -42.05 -30.31
CA ASN D 1191 3.60 -42.67 -31.50
C ASN D 1191 4.69 -43.22 -32.42
N ARG D 1192 5.79 -42.48 -32.59
CA ARG D 1192 6.83 -42.91 -33.52
C ARG D 1192 7.54 -44.19 -33.05
N ARG D 1193 7.60 -44.42 -31.73
CA ARG D 1193 8.31 -45.57 -31.18
C ARG D 1193 7.39 -46.74 -30.87
N VAL D 1194 6.08 -46.59 -31.06
CA VAL D 1194 5.16 -47.72 -30.92
C VAL D 1194 5.00 -48.50 -32.22
N VAL D 1195 5.21 -47.87 -33.37
CA VAL D 1195 5.14 -48.55 -34.66
C VAL D 1195 6.16 -49.69 -34.73
N ALA D 1202 -3.79 -43.88 -31.12
CA ALA D 1202 -2.93 -42.89 -31.73
C ALA D 1202 -3.77 -41.85 -32.47
N ALA D 1203 -5.08 -41.89 -32.23
CA ALA D 1203 -6.03 -40.96 -32.86
C ALA D 1203 -6.07 -39.69 -32.04
N GLY D 1204 -5.31 -38.68 -32.48
CA GLY D 1204 -5.19 -37.44 -31.74
C GLY D 1204 -5.69 -36.21 -32.48
N ARG D 1205 -6.66 -35.51 -31.88
CA ARG D 1205 -7.19 -34.26 -32.42
C ARG D 1205 -6.85 -33.09 -31.50
N PRO D 1206 -6.47 -31.93 -32.05
CA PRO D 1206 -6.01 -30.83 -31.20
C PRO D 1206 -7.03 -30.39 -30.16
N VAL D 1207 -6.53 -29.78 -29.09
CA VAL D 1207 -7.37 -29.24 -28.03
C VAL D 1207 -7.02 -27.78 -27.83
N LEU D 1208 -8.03 -26.96 -27.61
CA LEU D 1208 -7.83 -25.61 -27.09
C LEU D 1208 -7.95 -25.68 -25.57
N MET D 1209 -6.91 -25.23 -24.86
CA MET D 1209 -6.87 -25.25 -23.40
C MET D 1209 -6.85 -23.83 -22.86
N GLY D 1210 -7.70 -23.57 -21.86
CA GLY D 1210 -7.58 -22.34 -21.12
C GLY D 1210 -6.26 -22.26 -20.37
N ILE D 1211 -5.86 -21.03 -20.05
CA ILE D 1211 -4.51 -20.86 -19.51
C ILE D 1211 -4.41 -21.50 -18.12
N THR D 1212 -5.46 -21.38 -17.30
CA THR D 1212 -5.38 -21.97 -15.96
C THR D 1212 -5.24 -23.47 -16.04
N LYS D 1213 -5.96 -24.12 -16.96
CA LYS D 1213 -5.90 -25.58 -17.08
C LYS D 1213 -4.62 -26.03 -17.79
N ALA D 1214 -4.18 -25.28 -18.79
CA ALA D 1214 -2.87 -25.56 -19.38
C ALA D 1214 -1.74 -25.40 -18.36
N SER D 1215 -1.96 -24.58 -17.32
CA SER D 1215 -0.96 -24.37 -16.28
C SER D 1215 -0.98 -25.50 -15.25
N LEU D 1216 -2.17 -25.87 -14.76
CA LEU D 1216 -2.28 -26.93 -13.78
C LEU D 1216 -1.93 -28.31 -14.33
N ALA D 1217 -1.73 -28.45 -15.63
CA ALA D 1217 -1.49 -29.76 -16.24
C ALA D 1217 -0.04 -29.92 -16.69
N THR D 1218 0.89 -29.21 -16.06
CA THR D 1218 2.29 -29.21 -16.49
C THR D 1218 3.04 -30.42 -15.94
N ASP D 1219 4.16 -30.75 -16.60
CA ASP D 1219 5.00 -31.87 -16.18
C ASP D 1219 5.72 -31.62 -14.86
N SER D 1220 5.57 -30.45 -14.27
CA SER D 1220 6.21 -30.11 -13.00
C SER D 1220 5.13 -30.02 -11.93
N TRP D 1221 5.11 -30.99 -11.03
CA TRP D 1221 4.14 -30.92 -9.94
C TRP D 1221 4.48 -29.80 -8.97
N LEU D 1222 5.77 -29.48 -8.83
CA LEU D 1222 6.15 -28.33 -8.01
C LEU D 1222 5.58 -27.05 -8.59
N SER D 1223 5.74 -26.86 -9.91
CA SER D 1223 5.22 -25.67 -10.56
C SER D 1223 3.71 -25.56 -10.40
N ALA D 1224 3.00 -26.68 -10.53
CA ALA D 1224 1.55 -26.65 -10.41
C ALA D 1224 1.11 -26.37 -8.99
N ALA D 1225 1.71 -27.05 -8.01
CA ALA D 1225 1.27 -26.90 -6.62
C ALA D 1225 1.51 -25.49 -6.11
N SER D 1226 2.59 -24.83 -6.55
CA SER D 1226 2.88 -23.47 -6.16
C SER D 1226 2.01 -22.45 -6.89
N PHE D 1227 1.30 -22.86 -7.94
CA PHE D 1227 0.49 -21.90 -8.68
C PHE D 1227 -0.89 -21.75 -8.08
N GLN D 1228 -1.57 -22.86 -7.86
CA GLN D 1228 -2.98 -22.78 -7.52
C GLN D 1228 -3.48 -24.19 -7.21
N GLU D 1229 -4.55 -24.28 -6.41
CA GLU D 1229 -5.20 -25.55 -6.08
C GLU D 1229 -4.19 -26.58 -5.58
N THR D 1230 -3.49 -26.19 -4.51
CA THR D 1230 -2.32 -26.93 -4.07
C THR D 1230 -2.69 -28.33 -3.55
N THR D 1231 -3.77 -28.42 -2.77
CA THR D 1231 -4.12 -29.71 -2.17
C THR D 1231 -4.40 -30.75 -3.25
N ARG D 1232 -5.18 -30.38 -4.26
CA ARG D 1232 -5.55 -31.31 -5.31
C ARG D 1232 -4.33 -31.76 -6.10
N VAL D 1233 -3.52 -30.81 -6.57
CA VAL D 1233 -2.31 -31.13 -7.30
C VAL D 1233 -1.44 -32.09 -6.50
N LEU D 1234 -1.30 -31.83 -5.19
CA LEU D 1234 -0.39 -32.65 -4.39
C LEU D 1234 -0.96 -34.04 -4.15
N THR D 1235 -2.27 -34.17 -3.91
CA THR D 1235 -2.88 -35.49 -3.81
C THR D 1235 -2.60 -36.32 -5.06
N ASP D 1236 -2.84 -35.72 -6.23
CA ASP D 1236 -2.63 -36.45 -7.48
C ASP D 1236 -1.15 -36.83 -7.65
N ALA D 1237 -0.26 -35.85 -7.46
CA ALA D 1237 1.17 -36.12 -7.58
C ALA D 1237 1.60 -37.25 -6.66
N ALA D 1238 1.00 -37.35 -5.49
CA ALA D 1238 1.31 -38.46 -4.59
C ALA D 1238 0.82 -39.77 -5.18
N ILE D 1239 -0.46 -39.83 -5.55
CA ILE D 1239 -1.04 -41.04 -6.11
C ILE D 1239 -0.22 -41.53 -7.31
N ASN D 1240 0.24 -40.60 -8.14
CA ASN D 1240 0.91 -40.94 -9.39
C ASN D 1240 2.42 -41.05 -9.28
N CYS D 1241 2.99 -40.92 -8.08
CA CYS D 1241 4.44 -40.96 -7.88
C CYS D 1241 5.16 -40.08 -8.91
N ARG D 1242 4.59 -38.92 -9.16
CA ARG D 1242 5.17 -37.98 -10.12
C ARG D 1242 6.57 -37.59 -9.68
N SER D 1243 7.47 -37.49 -10.66
CA SER D 1243 8.84 -37.08 -10.43
C SER D 1243 9.09 -35.80 -11.22
N ASP D 1244 9.37 -34.70 -10.50
CA ASP D 1244 9.55 -33.40 -11.13
C ASP D 1244 10.97 -33.32 -11.70
N LYS D 1245 11.07 -33.10 -13.02
CA LYS D 1245 12.38 -32.97 -13.62
C LYS D 1245 13.12 -31.71 -13.16
N LEU D 1246 12.45 -30.81 -12.43
CA LEU D 1246 13.06 -29.56 -11.94
C LEU D 1246 13.73 -28.78 -13.06
N ASN D 1247 13.05 -28.61 -14.17
CA ASN D 1247 13.65 -27.90 -15.28
C ASN D 1247 13.11 -26.56 -15.60
N GLY D 1248 11.97 -26.21 -15.05
CA GLY D 1248 11.40 -24.92 -15.32
C GLY D 1248 12.10 -23.87 -14.52
N LEU D 1249 11.95 -22.61 -14.85
CA LEU D 1249 12.58 -21.57 -14.07
C LEU D 1249 12.00 -21.35 -12.70
N LYS D 1250 10.70 -21.44 -12.59
CA LYS D 1250 10.04 -21.27 -11.33
C LYS D 1250 10.50 -22.32 -10.38
N GLU D 1251 10.69 -23.51 -10.88
CA GLU D 1251 11.13 -24.59 -10.07
C GLU D 1251 12.52 -24.31 -9.62
N ASN D 1252 13.34 -23.83 -10.50
CA ASN D 1252 14.70 -23.44 -10.16
C ASN D 1252 14.69 -22.27 -9.17
N VAL D 1253 13.73 -21.36 -9.31
CA VAL D 1253 13.56 -20.28 -8.34
C VAL D 1253 13.28 -20.85 -6.95
N ILE D 1254 12.35 -21.82 -6.89
CA ILE D 1254 11.93 -22.37 -5.60
C ILE D 1254 13.10 -23.04 -4.89
N ILE D 1255 13.89 -23.84 -5.61
CA ILE D 1255 14.99 -24.55 -4.95
C ILE D 1255 16.26 -23.74 -4.81
N GLY D 1256 16.37 -22.60 -5.47
CA GLY D 1256 17.57 -21.78 -5.39
C GLY D 1256 18.61 -22.00 -6.47
N LYS D 1257 18.24 -22.58 -7.61
CA LYS D 1257 19.17 -22.79 -8.71
C LYS D 1257 18.98 -21.70 -9.77
N LEU D 1258 20.05 -21.43 -10.53
CA LEU D 1258 19.97 -20.42 -11.58
C LEU D 1258 18.90 -20.78 -12.59
N ILE D 1259 18.01 -19.83 -12.86
CA ILE D 1259 16.89 -20.07 -13.77
C ILE D 1259 17.44 -20.40 -15.15
N PRO D 1260 16.77 -21.26 -15.91
CA PRO D 1260 17.19 -21.53 -17.30
C PRO D 1260 16.71 -20.45 -18.27
N ALA D 1261 17.24 -19.24 -18.08
CA ALA D 1261 16.90 -18.11 -18.93
C ALA D 1261 17.94 -17.04 -18.70
N GLY D 1262 18.12 -16.19 -19.70
CA GLY D 1262 19.12 -15.14 -19.59
C GLY D 1262 20.48 -15.71 -19.26
N THR D 1263 21.12 -15.11 -18.26
CA THR D 1263 22.49 -15.47 -17.93
C THR D 1263 22.63 -16.84 -17.32
N GLY D 1264 21.52 -17.52 -17.01
CA GLY D 1264 21.56 -18.84 -16.42
C GLY D 1264 21.61 -19.98 -17.41
N ILE D 1265 21.56 -19.66 -18.71
CA ILE D 1265 21.64 -20.66 -19.76
C ILE D 1265 23.07 -21.19 -19.86
N ASN D 1266 23.20 -22.49 -20.13
CA ASN D 1266 24.52 -23.11 -20.24
C ASN D 1266 25.38 -22.41 -21.29
N ARG D 1267 24.76 -21.99 -22.40
CA ARG D 1267 25.51 -21.28 -23.44
C ARG D 1267 26.31 -20.12 -22.87
N TYR D 1268 25.71 -19.32 -21.98
CA TYR D 1268 26.36 -18.18 -21.36
C TYR D 1268 26.97 -18.50 -20.00
N ARG D 1269 26.36 -19.41 -19.23
CA ARG D 1269 26.82 -19.68 -17.88
C ARG D 1269 28.25 -20.20 -17.85
N ASN D 1270 28.67 -20.95 -18.87
CA ASN D 1270 29.95 -21.64 -18.89
C ASN D 1270 30.99 -20.96 -19.77
N ILE D 1271 30.93 -19.63 -19.91
CA ILE D 1271 31.93 -18.94 -20.70
C ILE D 1271 33.30 -19.07 -20.05
N ALA D 1272 34.32 -19.34 -20.86
CA ALA D 1272 35.70 -19.41 -20.42
C ALA D 1272 36.41 -18.11 -20.80
N VAL D 1273 36.97 -17.42 -19.81
CA VAL D 1273 37.56 -16.10 -19.99
C VAL D 1273 39.03 -16.17 -19.64
N GLN D 1274 39.87 -15.68 -20.54
CA GLN D 1274 41.30 -15.56 -20.29
C GLN D 1274 41.87 -14.51 -21.23
N PRO D 1275 42.94 -13.83 -20.85
CA PRO D 1275 43.50 -12.79 -21.72
C PRO D 1275 44.09 -13.38 -22.99
N THR D 1276 44.35 -12.51 -23.96
CA THR D 1276 45.01 -12.92 -25.18
C THR D 1276 46.51 -12.98 -24.97
N GLU D 1277 47.18 -13.85 -25.75
CA GLU D 1277 48.63 -14.01 -25.62
C GLU D 1277 49.33 -12.68 -25.89
N GLU D 1278 48.83 -11.91 -26.85
CA GLU D 1278 49.42 -10.62 -27.18
C GLU D 1278 49.31 -9.64 -26.01
N ALA D 1279 48.12 -9.54 -25.43
CA ALA D 1279 47.91 -8.66 -24.29
C ALA D 1279 48.53 -9.23 -23.01
N ARG D 1280 48.62 -10.57 -22.92
CA ARG D 1280 49.27 -11.17 -21.76
C ARG D 1280 50.78 -10.94 -21.79
N ALA D 1281 51.36 -10.82 -22.98
CA ALA D 1281 52.78 -10.46 -23.09
C ALA D 1281 53.05 -9.10 -22.47
N ALA D 1282 52.44 -8.05 -23.02
CA ALA D 1282 52.58 -6.71 -22.47
C ALA D 1282 51.47 -6.43 -21.45
N SER E 26 35.08 7.13 -31.87
CA SER E 26 33.88 6.71 -32.60
C SER E 26 33.25 7.89 -33.34
N GLY E 27 33.90 9.05 -33.27
CA GLY E 27 33.40 10.24 -33.91
C GLY E 27 33.01 11.34 -32.94
N GLY E 28 31.90 12.02 -33.21
CA GLY E 28 31.41 13.04 -32.31
C GLY E 28 30.35 12.56 -31.34
N TYR E 29 30.76 12.21 -30.13
CA TYR E 29 29.86 11.81 -29.05
C TYR E 29 30.37 12.40 -27.75
N ASP E 30 29.46 12.71 -26.85
CA ASP E 30 29.84 13.16 -25.52
C ASP E 30 30.44 12.01 -24.73
N THR E 31 31.51 12.29 -24.00
CA THR E 31 32.24 11.25 -23.28
C THR E 31 31.42 10.75 -22.09
N PRO E 32 31.01 9.49 -22.07
CA PRO E 32 30.10 9.01 -21.01
C PRO E 32 30.72 9.08 -19.62
N LEU E 33 29.83 9.06 -18.61
CA LEU E 33 30.21 9.32 -17.23
C LEU E 33 29.96 8.08 -16.37
N GLY E 34 31.01 7.64 -15.66
CA GLY E 34 30.85 6.59 -14.68
C GLY E 34 30.36 5.29 -15.29
N ILE E 35 29.28 4.75 -14.73
CA ILE E 35 28.78 3.41 -15.10
C ILE E 35 28.47 3.33 -16.58
N THR E 36 27.99 4.41 -17.18
CA THR E 36 27.63 4.35 -18.58
C THR E 36 28.86 4.36 -19.52
N ASN E 37 30.05 4.18 -18.95
CA ASN E 37 31.29 4.08 -19.70
C ASN E 37 32.07 2.84 -19.27
N PRO E 38 32.62 2.09 -20.23
CA PRO E 38 32.50 2.28 -21.68
C PRO E 38 31.08 2.02 -22.17
N PRO E 39 30.71 2.61 -23.31
CA PRO E 39 29.32 2.49 -23.78
C PRO E 39 28.96 1.06 -24.12
N ILE E 40 27.68 0.73 -23.93
CA ILE E 40 27.26 -0.66 -24.02
C ILE E 40 27.17 -1.13 -25.47
N ASP E 41 27.06 -0.22 -26.45
CA ASP E 41 26.98 -0.64 -27.85
C ASP E 41 28.32 -1.15 -28.35
N GLU E 42 29.40 -0.40 -28.08
CA GLU E 42 30.72 -0.88 -28.45
C GLU E 42 31.08 -2.16 -27.72
N LEU E 43 30.57 -2.34 -26.50
CA LEU E 43 30.82 -3.59 -25.78
C LEU E 43 30.03 -4.74 -26.38
N LEU E 44 28.78 -4.49 -26.78
CA LEU E 44 27.96 -5.50 -27.43
C LEU E 44 28.47 -5.83 -28.83
N ASP E 45 29.32 -4.97 -29.41
CA ASP E 45 30.02 -5.35 -30.64
C ASP E 45 30.99 -6.49 -30.40
N ARG E 46 31.53 -6.61 -29.19
CA ARG E 46 32.56 -7.58 -28.86
C ARG E 46 31.99 -8.93 -28.40
N VAL E 47 30.67 -9.05 -28.27
CA VAL E 47 30.02 -10.27 -27.79
C VAL E 47 28.69 -10.45 -28.51
N SER E 48 28.09 -11.63 -28.33
CA SER E 48 26.88 -11.98 -29.06
C SER E 48 25.64 -11.39 -28.42
N SER E 49 25.49 -11.54 -27.11
CA SER E 49 24.32 -11.03 -26.42
C SER E 49 24.73 -10.44 -25.09
N LYS E 50 23.89 -9.54 -24.58
CA LYS E 50 24.11 -8.92 -23.29
C LYS E 50 24.40 -9.94 -22.19
N TYR E 51 23.79 -11.14 -22.28
CA TYR E 51 24.01 -12.17 -21.27
C TYR E 51 25.45 -12.69 -21.32
N ALA E 52 25.93 -12.96 -22.53
CA ALA E 52 27.34 -13.34 -22.70
C ALA E 52 28.26 -12.30 -22.10
N LEU E 53 27.93 -11.02 -22.29
CA LEU E 53 28.79 -9.95 -21.76
C LEU E 53 28.77 -9.92 -20.23
N VAL E 54 27.59 -10.11 -19.64
CA VAL E 54 27.51 -10.19 -18.18
C VAL E 54 28.46 -11.25 -17.65
N ILE E 55 28.37 -12.47 -18.20
CA ILE E 55 29.20 -13.55 -17.68
C ILE E 55 30.69 -13.28 -17.96
N TYR E 56 31.00 -12.83 -19.17
CA TYR E 56 32.36 -12.46 -19.56
C TYR E 56 32.99 -11.52 -18.53
N ALA E 57 32.35 -10.36 -18.33
CA ALA E 57 32.89 -9.35 -17.44
C ALA E 57 32.96 -9.84 -16.00
N ALA E 58 31.93 -10.54 -15.53
CA ALA E 58 31.91 -10.93 -14.11
C ALA E 58 32.96 -11.99 -13.80
N LYS E 59 33.16 -12.94 -14.72
CA LYS E 59 34.21 -13.93 -14.50
C LYS E 59 35.58 -13.28 -14.53
N ARG E 60 35.80 -12.35 -15.48
CA ARG E 60 37.07 -11.61 -15.46
C ARG E 60 37.24 -10.84 -14.16
N ALA E 61 36.17 -10.25 -13.65
CA ALA E 61 36.25 -9.47 -12.41
C ALA E 61 36.61 -10.35 -11.22
N ARG E 62 36.01 -11.54 -11.15
CA ARG E 62 36.40 -12.51 -10.14
C ARG E 62 37.89 -12.82 -10.25
N GLN E 63 38.39 -13.01 -11.47
CA GLN E 63 39.82 -13.24 -11.65
C GLN E 63 40.64 -12.08 -11.10
N ILE E 64 40.26 -10.86 -11.45
CA ILE E 64 41.02 -9.68 -11.02
C ILE E 64 41.07 -9.60 -9.51
N ASN E 65 39.92 -9.77 -8.86
CA ASN E 65 39.89 -9.65 -7.40
C ASN E 65 40.65 -10.79 -6.73
N ASP E 66 40.67 -11.97 -7.34
CA ASP E 66 41.51 -13.05 -6.81
C ASP E 66 42.99 -12.74 -6.98
N TYR E 67 43.35 -12.00 -8.04
CA TYR E 67 44.75 -11.63 -8.25
C TYR E 67 45.30 -10.85 -7.07
N TYR E 68 44.49 -9.95 -6.50
CA TYR E 68 44.92 -9.16 -5.35
C TYR E 68 44.99 -9.97 -4.05
N ASN E 69 44.83 -11.30 -4.07
CA ASN E 69 44.97 -12.09 -2.85
C ASN E 69 45.85 -13.30 -3.10
N TYR E 78 45.03 -16.54 -12.61
CA TYR E 78 45.16 -15.38 -11.73
C TYR E 78 46.10 -14.33 -12.34
N VAL E 79 45.65 -13.71 -13.43
CA VAL E 79 46.45 -12.70 -14.12
C VAL E 79 45.74 -11.36 -14.04
N GLY E 80 46.37 -10.31 -14.57
CA GLY E 80 45.77 -9.01 -14.65
C GLY E 80 46.02 -8.17 -13.42
N PRO E 81 45.50 -6.93 -13.40
CA PRO E 81 44.73 -6.29 -14.48
C PRO E 81 45.56 -5.97 -15.71
N LEU E 82 44.90 -5.83 -16.85
CA LEU E 82 45.57 -5.67 -18.13
C LEU E 82 45.61 -4.22 -18.61
N VAL E 83 44.81 -3.33 -18.02
CA VAL E 83 44.82 -1.92 -18.37
C VAL E 83 45.23 -1.13 -17.13
N GLU E 84 45.56 0.14 -17.34
CA GLU E 84 45.88 1.04 -16.23
C GLU E 84 44.69 1.16 -15.31
N PRO E 85 44.79 0.65 -14.07
CA PRO E 85 43.66 0.78 -13.15
C PRO E 85 43.53 2.19 -12.62
N GLY E 86 42.29 2.61 -12.42
CA GLY E 86 42.03 3.92 -11.83
C GLY E 86 42.59 4.04 -10.44
N LEU E 87 42.45 5.24 -9.86
CA LEU E 87 42.95 5.50 -8.51
C LEU E 87 42.53 4.41 -7.53
N GLN E 88 41.21 4.24 -7.38
CA GLN E 88 40.66 3.10 -6.64
C GLN E 88 39.46 2.62 -7.46
N GLU E 89 39.72 1.69 -8.37
CA GLU E 89 38.75 1.22 -9.35
C GLU E 89 38.26 -0.15 -8.95
N LYS E 90 36.94 -0.35 -9.01
CA LYS E 90 36.38 -1.66 -8.73
C LYS E 90 36.80 -2.64 -9.83
N PRO E 91 37.06 -3.90 -9.49
CA PRO E 91 37.59 -4.83 -10.50
C PRO E 91 36.67 -5.04 -11.69
N LEU E 92 35.35 -4.88 -11.52
CA LEU E 92 34.43 -5.03 -12.64
C LEU E 92 34.59 -3.90 -13.65
N SER E 93 34.86 -2.69 -13.18
CA SER E 93 35.12 -1.57 -14.09
C SER E 93 36.39 -1.82 -14.90
N ILE E 94 37.43 -2.34 -14.24
CA ILE E 94 38.65 -2.72 -14.94
C ILE E 94 38.35 -3.78 -16.00
N ALA E 95 37.57 -4.79 -15.62
CA ALA E 95 37.27 -5.88 -16.54
C ALA E 95 36.48 -5.38 -17.74
N LEU E 96 35.56 -4.44 -17.52
CA LEU E 96 34.80 -3.89 -18.63
C LEU E 96 35.71 -3.10 -19.57
N ARG E 97 36.59 -2.27 -19.01
CA ARG E 97 37.54 -1.55 -19.86
C ARG E 97 38.44 -2.51 -20.63
N GLU E 98 38.85 -3.61 -19.98
CA GLU E 98 39.59 -4.66 -20.67
C GLU E 98 38.83 -5.18 -21.87
N ILE E 99 37.57 -5.57 -21.65
CA ILE E 99 36.75 -6.11 -22.74
C ILE E 99 36.60 -5.09 -23.86
N HIS E 100 36.56 -3.81 -23.51
CA HIS E 100 36.42 -2.77 -24.53
C HIS E 100 37.67 -2.70 -25.40
N ALA E 101 38.85 -2.74 -24.79
CA ALA E 101 40.12 -2.69 -25.51
C ALA E 101 40.52 -4.04 -26.11
N ASP E 102 39.65 -5.05 -26.05
CA ASP E 102 39.90 -6.37 -26.62
C ASP E 102 41.14 -7.03 -26.03
N LEU E 103 41.43 -6.74 -24.76
CA LEU E 103 42.61 -7.29 -24.10
C LEU E 103 42.41 -8.71 -23.60
N LEU E 104 41.30 -9.35 -23.93
CA LEU E 104 41.05 -10.71 -23.48
C LEU E 104 40.05 -11.38 -24.40
N GLU E 105 40.03 -12.71 -24.35
CA GLU E 105 39.26 -13.55 -25.26
C GLU E 105 38.30 -14.44 -24.47
N HIS E 106 37.30 -14.97 -25.18
CA HIS E 106 36.29 -15.79 -24.54
C HIS E 106 35.73 -16.80 -25.53
N THR E 107 35.18 -17.88 -24.99
CA THR E 107 34.46 -18.89 -25.77
C THR E 107 33.18 -19.25 -25.02
N GLU E 108 32.26 -19.88 -25.73
CA GLU E 108 30.98 -20.28 -25.14
C GLU E 108 30.77 -21.79 -25.14
N THR F 23 -21.74 -60.37 37.48
CA THR F 23 -22.76 -59.60 36.75
C THR F 23 -22.14 -58.40 36.06
N ASP F 24 -20.87 -58.55 35.64
CA ASP F 24 -20.13 -57.43 35.05
C ASP F 24 -20.73 -57.04 33.70
N GLU F 25 -20.85 -58.01 32.78
CA GLU F 25 -21.48 -57.75 31.49
C GLU F 25 -22.93 -57.31 31.65
N GLU F 26 -23.59 -57.79 32.70
CA GLU F 26 -24.93 -57.30 33.02
C GLU F 26 -24.90 -55.82 33.38
N LEU F 27 -23.86 -55.40 34.11
CA LEU F 27 -23.71 -53.98 34.45
C LEU F 27 -23.48 -53.14 33.20
N THR F 28 -22.61 -53.59 32.29
CA THR F 28 -22.37 -52.80 31.08
C THR F 28 -23.59 -52.79 30.15
N ALA F 29 -24.39 -53.85 30.16
CA ALA F 29 -25.62 -53.84 29.37
C ALA F 29 -26.65 -52.90 29.98
N ARG F 30 -26.78 -52.89 31.32
CA ARG F 30 -27.60 -51.89 31.99
C ARG F 30 -27.13 -50.49 31.63
N PHE F 31 -25.81 -50.30 31.47
CA PHE F 31 -25.28 -49.01 31.06
C PHE F 31 -25.78 -48.64 29.67
N GLU F 32 -25.55 -49.53 28.69
CA GLU F 32 -26.00 -49.26 27.33
C GLU F 32 -27.51 -49.05 27.23
N ARG F 33 -28.28 -49.60 28.17
CA ARG F 33 -29.72 -49.37 28.17
C ARG F 33 -30.09 -48.01 28.76
N ASP F 34 -29.52 -47.67 29.93
CA ASP F 34 -29.96 -46.50 30.68
C ASP F 34 -29.20 -45.23 30.33
N ALA F 35 -27.86 -45.28 30.40
CA ALA F 35 -27.07 -44.05 30.34
C ALA F 35 -26.95 -43.50 28.93
N ILE F 36 -26.86 -44.38 27.92
CA ILE F 36 -26.60 -43.91 26.55
C ILE F 36 -27.71 -43.01 26.02
N PRO F 37 -29.00 -43.31 26.21
CA PRO F 37 -30.03 -42.35 25.77
C PRO F 37 -29.95 -40.98 26.44
N LEU F 38 -29.15 -40.81 27.50
CA LEU F 38 -28.96 -39.50 28.12
C LEU F 38 -27.90 -38.65 27.42
N LEU F 39 -27.21 -39.21 26.42
CA LEU F 39 -26.06 -38.56 25.82
C LEU F 39 -26.43 -37.25 25.13
N ASP F 40 -27.63 -37.18 24.54
CA ASP F 40 -28.01 -35.96 23.82
C ASP F 40 -28.17 -34.78 24.78
N GLN F 41 -28.85 -35.00 25.90
CA GLN F 41 -29.01 -33.93 26.89
C GLN F 41 -27.68 -33.60 27.56
N LEU F 42 -26.87 -34.61 27.85
CA LEU F 42 -25.56 -34.35 28.45
C LEU F 42 -24.68 -33.54 27.50
N TYR F 43 -24.77 -33.82 26.20
CA TYR F 43 -24.00 -33.06 25.22
C TYR F 43 -24.53 -31.64 25.08
N GLY F 44 -25.84 -31.47 25.15
CA GLY F 44 -26.40 -30.13 25.19
C GLY F 44 -25.83 -29.32 26.35
N GLY F 45 -25.75 -29.93 27.53
CA GLY F 45 -25.19 -29.23 28.68
C GLY F 45 -23.71 -28.94 28.52
N ALA F 46 -22.95 -29.92 28.00
CA ALA F 46 -21.53 -29.69 27.78
C ALA F 46 -21.30 -28.57 26.78
N LEU F 47 -22.16 -28.47 25.77
CA LEU F 47 -22.07 -27.36 24.82
C LEU F 47 -22.42 -26.04 25.49
N ARG F 48 -23.41 -26.04 26.37
CA ARG F 48 -23.72 -24.84 27.14
C ARG F 48 -22.49 -24.34 27.87
N MET F 49 -21.78 -25.24 28.55
CA MET F 49 -20.73 -24.79 29.46
C MET F 49 -19.32 -24.82 28.85
N THR F 50 -19.16 -25.22 27.59
CA THR F 50 -17.87 -25.08 26.93
C THR F 50 -17.87 -24.11 25.75
N ARG F 51 -18.99 -24.00 25.06
CA ARG F 51 -19.18 -23.10 23.91
C ARG F 51 -18.27 -23.43 22.74
N ASN F 52 -17.58 -24.57 22.79
CA ASN F 52 -16.74 -25.04 21.68
C ASN F 52 -17.10 -26.50 21.45
N PRO F 53 -17.67 -26.85 20.29
CA PRO F 53 -18.17 -28.23 20.11
C PRO F 53 -17.11 -29.31 20.27
N ALA F 54 -15.88 -29.09 19.80
CA ALA F 54 -14.84 -30.07 20.03
C ALA F 54 -14.55 -30.22 21.52
N ASP F 55 -14.51 -29.10 22.25
CA ASP F 55 -14.33 -29.18 23.70
C ASP F 55 -15.49 -29.92 24.35
N ALA F 56 -16.72 -29.68 23.90
CA ALA F 56 -17.86 -30.37 24.49
C ALA F 56 -17.80 -31.87 24.25
N GLU F 57 -17.39 -32.28 23.05
CA GLU F 57 -17.22 -33.71 22.79
C GLU F 57 -16.13 -34.31 23.68
N ASP F 58 -15.00 -33.61 23.82
CA ASP F 58 -13.94 -34.08 24.71
C ASP F 58 -14.45 -34.25 26.13
N LEU F 59 -15.19 -33.25 26.63
CA LEU F 59 -15.66 -33.26 28.00
C LEU F 59 -16.73 -34.32 28.20
N LEU F 60 -17.58 -34.55 27.20
CA LEU F 60 -18.60 -35.58 27.31
C LEU F 60 -17.98 -36.97 27.33
N GLN F 61 -16.98 -37.21 26.48
CA GLN F 61 -16.29 -38.48 26.53
C GLN F 61 -15.52 -38.67 27.84
N GLU F 62 -14.96 -37.58 28.37
CA GLU F 62 -14.33 -37.67 29.70
C GLU F 62 -15.37 -38.04 30.76
N THR F 63 -16.53 -37.40 30.71
CA THR F 63 -17.62 -37.74 31.62
C THR F 63 -18.00 -39.21 31.48
N MET F 64 -18.03 -39.73 30.25
CA MET F 64 -18.41 -41.12 30.06
C MET F 64 -17.37 -42.08 30.61
N VAL F 65 -16.09 -41.75 30.43
CA VAL F 65 -15.04 -42.55 31.06
C VAL F 65 -15.24 -42.57 32.57
N LYS F 66 -15.36 -41.39 33.18
CA LYS F 66 -15.48 -41.29 34.62
C LYS F 66 -16.78 -41.91 35.15
N ALA F 67 -17.80 -42.05 34.30
CA ALA F 67 -19.08 -42.62 34.69
C ALA F 67 -19.14 -44.13 34.51
N TYR F 68 -18.60 -44.65 33.41
CA TYR F 68 -18.50 -46.09 33.25
C TYR F 68 -17.47 -46.71 34.18
N ALA F 69 -16.49 -45.94 34.63
CA ALA F 69 -15.54 -46.48 35.60
C ALA F 69 -16.23 -46.86 36.91
N GLY F 70 -17.12 -45.99 37.40
CA GLY F 70 -17.78 -46.22 38.67
C GLY F 70 -19.28 -46.35 38.60
N PHE F 71 -19.79 -47.12 37.63
CA PHE F 71 -21.23 -47.28 37.46
C PHE F 71 -21.85 -48.22 38.50
N ARG F 72 -21.04 -49.10 39.11
CA ARG F 72 -21.52 -49.85 40.25
C ARG F 72 -21.88 -48.92 41.41
N SER F 73 -21.11 -47.85 41.59
CA SER F 73 -21.31 -46.86 42.65
C SER F 73 -22.57 -46.01 42.46
N PHE F 74 -23.29 -46.19 41.37
CA PHE F 74 -24.57 -45.54 41.17
C PHE F 74 -25.69 -46.47 41.65
N ARG F 75 -26.63 -45.90 42.40
CA ARG F 75 -27.72 -46.67 42.98
C ARG F 75 -28.83 -46.81 41.93
N HIS F 76 -28.96 -48.00 41.36
CA HIS F 76 -29.97 -48.27 40.34
C HIS F 76 -31.36 -47.85 40.82
N GLY F 77 -32.13 -47.25 39.92
CA GLY F 77 -33.48 -46.84 40.23
C GLY F 77 -33.71 -45.34 40.30
N THR F 78 -32.77 -44.62 40.92
CA THR F 78 -32.87 -43.18 41.01
C THR F 78 -32.61 -42.53 39.65
N ASN F 79 -32.73 -41.21 39.60
CA ASN F 79 -32.53 -40.48 38.36
C ASN F 79 -31.03 -40.41 38.04
N LEU F 80 -30.62 -41.09 36.96
CA LEU F 80 -29.23 -41.04 36.53
C LEU F 80 -28.93 -39.81 35.67
N LYS F 81 -29.95 -39.10 35.21
CA LYS F 81 -29.73 -37.83 34.53
C LYS F 81 -28.98 -36.85 35.43
N ALA F 82 -29.46 -36.66 36.65
CA ALA F 82 -28.80 -35.71 37.56
C ALA F 82 -27.43 -36.21 37.99
N TRP F 83 -27.28 -37.52 38.17
CA TRP F 83 -25.98 -38.08 38.54
C TRP F 83 -24.94 -37.84 37.45
N LEU F 84 -25.29 -38.20 36.20
CA LEU F 84 -24.37 -37.95 35.10
C LEU F 84 -24.11 -36.47 34.90
N TYR F 85 -25.12 -35.62 35.15
CA TYR F 85 -24.92 -34.19 35.02
C TYR F 85 -23.92 -33.68 36.06
N ARG F 86 -23.98 -34.22 37.27
CA ARG F 86 -22.99 -33.83 38.28
C ARG F 86 -21.60 -34.32 37.89
N ILE F 87 -21.49 -35.52 37.33
CA ILE F 87 -20.19 -35.97 36.84
C ILE F 87 -19.66 -35.03 35.78
N LEU F 88 -20.55 -34.54 34.90
CA LEU F 88 -20.18 -33.60 33.85
C LEU F 88 -19.66 -32.30 34.45
N THR F 89 -20.42 -31.72 35.36
CA THR F 89 -20.01 -30.44 35.97
C THR F 89 -18.70 -30.59 36.73
N ASN F 90 -18.49 -31.75 37.37
CA ASN F 90 -17.25 -31.94 38.14
C ASN F 90 -16.04 -32.11 37.23
N THR F 91 -16.19 -32.84 36.12
CA THR F 91 -15.07 -32.94 35.18
C THR F 91 -14.78 -31.59 34.52
N TYR F 92 -15.81 -30.77 34.28
CA TYR F 92 -15.57 -29.42 33.78
C TYR F 92 -14.80 -28.58 34.80
N ILE F 93 -15.18 -28.66 36.08
CA ILE F 93 -14.48 -27.89 37.11
C ILE F 93 -13.03 -28.32 37.23
N ASN F 94 -12.78 -29.63 37.20
CA ASN F 94 -11.40 -30.11 37.21
C ASN F 94 -10.64 -29.64 35.97
N SER F 95 -11.32 -29.57 34.83
CA SER F 95 -10.68 -29.07 33.61
C SER F 95 -10.26 -27.61 33.76
N TYR F 96 -11.14 -26.77 34.32
CA TYR F 96 -10.81 -25.36 34.57
C TYR F 96 -9.64 -25.23 35.53
N ARG F 97 -9.66 -26.02 36.62
CA ARG F 97 -8.58 -25.96 37.60
C ARG F 97 -7.26 -26.43 37.02
N LYS F 98 -7.29 -27.43 36.13
CA LYS F 98 -6.05 -27.92 35.53
C LYS F 98 -5.52 -26.93 34.49
N LYS F 99 -6.41 -26.28 33.74
CA LYS F 99 -5.96 -25.26 32.79
C LYS F 99 -5.41 -24.04 33.50
N GLN F 100 -5.91 -23.73 34.70
CA GLN F 100 -5.32 -22.65 35.48
C GLN F 100 -3.88 -22.97 35.91
N ARG F 101 -3.49 -24.24 35.90
CA ARG F 101 -2.15 -24.66 36.28
C ARG F 101 -1.26 -24.96 35.07
N GLN F 102 -1.71 -24.62 33.87
CA GLN F 102 -0.94 -24.81 32.65
C GLN F 102 -0.44 -23.46 32.13
N PRO F 103 0.60 -23.46 31.30
CA PRO F 103 0.97 -22.22 30.61
C PRO F 103 -0.19 -21.73 29.75
N ALA F 104 -0.58 -20.47 29.96
CA ALA F 104 -1.71 -19.88 29.25
C ALA F 104 -1.33 -19.67 27.79
N GLU F 105 -1.96 -20.43 26.89
CA GLU F 105 -1.62 -20.44 25.47
C GLU F 105 -2.72 -19.75 24.68
N TYR F 106 -2.32 -18.83 23.79
CA TYR F 106 -3.22 -18.25 22.81
C TYR F 106 -2.78 -18.71 21.42
N PRO F 107 -3.62 -19.41 20.67
CA PRO F 107 -3.19 -19.90 19.35
C PRO F 107 -3.31 -18.81 18.29
N THR F 108 -2.23 -18.64 17.53
CA THR F 108 -2.22 -17.66 16.46
C THR F 108 -1.96 -18.34 15.13
N GLU F 109 -2.57 -17.78 14.08
CA GLU F 109 -2.37 -18.26 12.73
C GLU F 109 -0.94 -18.05 12.26
N GLN F 110 -0.27 -17.01 12.77
CA GLN F 110 1.11 -16.70 12.44
C GLN F 110 1.76 -15.96 13.59
N ILE F 111 3.00 -16.36 13.90
CA ILE F 111 3.78 -15.69 14.91
C ILE F 111 4.41 -14.45 14.29
N THR F 112 4.17 -13.30 14.91
CA THR F 112 4.54 -12.00 14.36
C THR F 112 6.03 -11.75 14.52
N ASP F 113 6.61 -11.04 13.55
CA ASP F 113 8.00 -10.60 13.69
C ASP F 113 8.18 -9.76 14.94
N TRP F 114 7.23 -8.85 15.22
CA TRP F 114 7.26 -8.12 16.47
C TRP F 114 7.26 -9.07 17.66
N GLN F 115 6.53 -10.19 17.56
CA GLN F 115 6.52 -11.14 18.66
C GLN F 115 7.83 -11.90 18.75
N LEU F 116 8.41 -12.29 17.61
CA LEU F 116 9.70 -12.94 17.65
C LEU F 116 10.75 -12.06 18.31
N ALA F 117 10.77 -10.77 17.94
CA ALA F 117 11.76 -9.85 18.48
C ALA F 117 11.50 -9.56 19.96
N SER F 118 10.24 -9.31 20.32
CA SER F 118 9.88 -9.09 21.71
C SER F 118 10.33 -10.25 22.57
N ASN F 119 10.09 -11.48 22.12
CA ASN F 119 10.57 -12.64 22.85
C ASN F 119 12.09 -12.67 22.91
N ALA F 120 12.75 -12.33 21.80
CA ALA F 120 14.20 -12.33 21.79
C ALA F 120 14.79 -11.35 22.79
N GLU F 121 14.01 -10.34 23.19
CA GLU F 121 14.54 -9.34 24.12
C GLU F 121 14.86 -9.93 25.50
N HIS F 122 14.27 -11.07 25.87
CA HIS F 122 14.48 -11.66 27.19
C HIS F 122 15.03 -13.07 27.12
N SER F 123 15.67 -13.45 26.03
CA SER F 123 16.15 -14.81 25.83
C SER F 123 17.67 -14.87 25.98
N SER F 124 18.14 -16.06 26.37
CA SER F 124 19.58 -16.25 26.58
C SER F 124 20.40 -16.03 25.32
N THR F 125 19.79 -16.20 24.15
CA THR F 125 20.46 -15.87 22.90
C THR F 125 19.48 -15.11 22.03
N GLY F 126 19.95 -14.01 21.44
CA GLY F 126 19.07 -13.17 20.68
C GLY F 126 18.88 -13.66 19.26
N LEU F 127 18.04 -12.95 18.52
CA LEU F 127 17.96 -13.20 17.09
C LEU F 127 19.24 -12.68 16.47
N ARG F 128 20.24 -13.54 16.34
CA ARG F 128 21.55 -13.10 15.92
C ARG F 128 21.58 -12.90 14.41
N SER F 129 22.36 -11.91 13.99
CA SER F 129 22.48 -11.53 12.59
C SER F 129 23.62 -12.30 11.93
N ALA F 130 23.61 -12.29 10.61
CA ALA F 130 24.70 -12.93 9.86
C ALA F 130 26.03 -12.28 10.18
N GLU F 131 26.03 -10.96 10.38
CA GLU F 131 27.27 -10.25 10.71
C GLU F 131 27.83 -10.70 12.05
N VAL F 132 26.99 -10.85 13.08
CA VAL F 132 27.49 -11.34 14.36
C VAL F 132 28.13 -12.70 14.20
N GLU F 133 27.45 -13.62 13.51
CA GLU F 133 28.01 -14.95 13.29
C GLU F 133 29.34 -14.85 12.55
N ALA F 134 29.40 -14.00 11.52
CA ALA F 134 30.62 -13.86 10.73
C ALA F 134 31.77 -13.37 11.59
N LEU F 135 31.54 -12.34 12.39
CA LEU F 135 32.59 -11.83 13.26
C LEU F 135 33.03 -12.89 14.26
N GLU F 136 32.08 -13.67 14.79
CA GLU F 136 32.43 -14.70 15.75
C GLU F 136 33.26 -15.81 15.11
N ALA F 137 33.09 -16.04 13.81
CA ALA F 137 33.89 -16.99 13.07
C ALA F 137 35.18 -16.40 12.52
N LEU F 138 35.38 -15.10 12.68
CA LEU F 138 36.61 -14.42 12.31
C LEU F 138 37.49 -14.22 13.54
N PRO F 139 38.78 -13.94 13.36
CA PRO F 139 39.66 -13.80 14.53
C PRO F 139 39.22 -12.64 15.42
N ASP F 140 39.49 -12.80 16.71
CA ASP F 140 39.39 -11.71 17.68
C ASP F 140 40.83 -11.23 17.88
N THR F 141 41.20 -10.21 17.10
CA THR F 141 42.62 -9.89 16.90
C THR F 141 43.32 -9.59 18.22
N GLU F 142 42.69 -8.81 19.08
CA GLU F 142 43.31 -8.47 20.36
C GLU F 142 43.57 -9.72 21.20
N ILE F 143 42.67 -10.70 21.13
CA ILE F 143 42.80 -11.92 21.92
C ILE F 143 43.79 -12.88 21.28
N LYS F 144 43.71 -13.05 19.96
CA LYS F 144 44.61 -13.96 19.25
C LYS F 144 46.06 -13.53 19.39
N GLU F 145 46.34 -12.22 19.26
CA GLU F 145 47.71 -11.74 19.42
C GLU F 145 48.21 -11.97 20.85
N ALA F 146 47.36 -11.73 21.84
CA ALA F 146 47.75 -11.97 23.22
C ALA F 146 48.09 -13.44 23.45
N LEU F 147 47.24 -14.34 22.93
CA LEU F 147 47.52 -15.76 23.09
C LEU F 147 48.81 -16.15 22.37
N GLN F 148 49.04 -15.61 21.18
CA GLN F 148 50.27 -15.91 20.45
C GLN F 148 51.50 -15.34 21.12
N ALA F 149 51.35 -14.34 22.00
CA ALA F 149 52.50 -13.84 22.73
C ALA F 149 53.03 -14.86 23.73
N LEU F 150 52.12 -15.64 24.34
CA LEU F 150 52.53 -16.66 25.30
C LEU F 150 53.45 -17.68 24.65
N PRO F 151 54.26 -18.37 25.45
CA PRO F 151 54.98 -19.54 24.94
C PRO F 151 54.01 -20.68 24.68
N GLU F 152 54.48 -21.66 23.90
CA GLU F 152 53.62 -22.74 23.43
C GLU F 152 53.00 -23.51 24.59
N GLU F 153 53.82 -23.91 25.57
CA GLU F 153 53.31 -24.71 26.68
C GLU F 153 52.23 -23.95 27.46
N PHE F 154 52.44 -22.67 27.71
CA PHE F 154 51.49 -21.87 28.47
C PHE F 154 50.19 -21.66 27.70
N ARG F 155 50.31 -21.31 26.42
CA ARG F 155 49.12 -21.12 25.60
C ARG F 155 48.32 -22.39 25.51
N MET F 156 48.98 -23.53 25.33
CA MET F 156 48.28 -24.81 25.26
C MET F 156 47.61 -25.14 26.59
N ALA F 157 48.29 -24.89 27.71
CA ALA F 157 47.68 -25.18 29.01
C ALA F 157 46.45 -24.34 29.25
N VAL F 158 46.50 -23.04 28.94
CA VAL F 158 45.34 -22.19 29.18
C VAL F 158 44.21 -22.52 28.22
N TYR F 159 44.54 -22.85 26.97
CA TYR F 159 43.52 -23.21 26.00
C TYR F 159 42.80 -24.50 26.42
N TYR F 160 43.55 -25.56 26.69
CA TYR F 160 42.94 -26.80 27.15
C TYR F 160 42.16 -26.60 28.44
N ALA F 161 42.65 -25.73 29.34
CA ALA F 161 42.05 -25.62 30.66
C ALA F 161 40.75 -24.84 30.66
N ASP F 162 40.78 -23.60 30.18
CA ASP F 162 39.60 -22.74 30.33
C ASP F 162 39.09 -22.17 29.00
N VAL F 163 39.38 -22.83 27.89
CA VAL F 163 38.65 -22.65 26.65
C VAL F 163 37.85 -23.91 26.28
N GLU F 164 38.50 -25.07 26.36
CA GLU F 164 37.84 -26.35 26.16
C GLU F 164 37.27 -26.92 27.44
N GLY F 165 37.74 -26.45 28.59
CA GLY F 165 37.16 -26.83 29.87
C GLY F 165 37.51 -28.21 30.37
N PHE F 166 38.52 -28.86 29.80
CA PHE F 166 38.89 -30.20 30.23
C PHE F 166 39.25 -30.22 31.71
N PRO F 167 39.05 -31.35 32.39
CA PRO F 167 39.52 -31.48 33.76
C PRO F 167 41.04 -31.64 33.78
N TYR F 168 41.65 -31.25 34.91
CA TYR F 168 43.09 -31.07 34.94
C TYR F 168 43.84 -32.39 34.66
N LYS F 169 43.29 -33.51 35.13
CA LYS F 169 43.92 -34.80 34.82
C LYS F 169 43.91 -35.07 33.32
N GLU F 170 42.82 -34.69 32.63
CA GLU F 170 42.79 -34.86 31.17
C GLU F 170 43.79 -33.94 30.49
N ILE F 171 43.89 -32.69 30.95
CA ILE F 171 44.88 -31.77 30.38
C ILE F 171 46.28 -32.36 30.55
N ALA F 172 46.54 -32.98 31.71
CA ALA F 172 47.79 -33.69 31.90
C ALA F 172 47.97 -34.78 30.85
N GLU F 173 46.97 -35.65 30.72
CA GLU F 173 47.08 -36.80 29.81
C GLU F 173 47.24 -36.38 28.36
N ILE F 174 46.79 -35.17 27.98
CA ILE F 174 46.98 -34.72 26.62
C ILE F 174 48.40 -34.20 26.40
N MET F 175 48.94 -33.49 27.39
CA MET F 175 50.30 -32.95 27.31
C MET F 175 51.34 -33.83 28.00
N ASP F 176 50.95 -35.02 28.48
CA ASP F 176 51.81 -35.99 29.17
C ASP F 176 52.83 -35.31 30.10
N THR F 177 52.32 -34.44 30.96
CA THR F 177 53.06 -33.90 32.08
C THR F 177 52.22 -34.08 33.34
N PRO F 178 52.85 -34.22 34.51
CA PRO F 178 52.08 -34.39 35.74
C PRO F 178 51.08 -33.26 35.95
N ILE F 179 50.16 -33.51 36.88
CA ILE F 179 49.10 -32.54 37.15
C ILE F 179 49.70 -31.24 37.69
N GLY F 180 50.70 -31.35 38.56
CA GLY F 180 51.27 -30.16 39.17
C GLY F 180 51.86 -29.19 38.18
N THR F 181 52.53 -29.71 37.15
CA THR F 181 53.18 -28.81 36.19
C THR F 181 52.21 -28.25 35.17
N VAL F 182 51.13 -28.98 34.88
CA VAL F 182 50.04 -28.36 34.11
C VAL F 182 49.41 -27.23 34.90
N MET F 183 49.20 -27.43 36.20
CA MET F 183 48.64 -26.37 37.05
C MET F 183 49.59 -25.17 37.13
N SER F 184 50.89 -25.43 37.24
CA SER F 184 51.88 -24.36 37.20
C SER F 184 51.80 -23.57 35.90
N ARG F 185 51.91 -24.28 34.76
CA ARG F 185 51.80 -23.64 33.45
C ARG F 185 50.50 -22.86 33.32
N LEU F 186 49.41 -23.40 33.87
CA LEU F 186 48.11 -22.74 33.78
C LEU F 186 48.08 -21.43 34.55
N HIS F 187 48.42 -21.47 35.83
CA HIS F 187 48.35 -20.25 36.65
C HIS F 187 49.31 -19.19 36.12
N ARG F 188 50.49 -19.60 35.66
CA ARG F 188 51.43 -18.60 35.18
C ARG F 188 51.07 -18.06 33.79
N GLY F 189 50.47 -18.88 32.91
CA GLY F 189 49.96 -18.35 31.66
C GLY F 189 48.76 -17.44 31.86
N ARG F 190 47.91 -17.73 32.85
CA ARG F 190 46.84 -16.81 33.20
C ARG F 190 47.41 -15.46 33.65
N ARG F 191 48.44 -15.49 34.51
CA ARG F 191 49.09 -14.23 34.91
C ARG F 191 49.62 -13.47 33.70
N GLN F 192 50.40 -14.15 32.85
CA GLN F 192 51.00 -13.48 31.70
C GLN F 192 49.94 -12.88 30.79
N LEU F 193 48.82 -13.59 30.59
CA LEU F 193 47.76 -13.06 29.72
C LEU F 193 47.03 -11.90 30.39
N ARG F 194 46.80 -11.98 31.70
CA ARG F 194 46.23 -10.86 32.44
C ARG F 194 47.07 -9.61 32.26
N GLY F 195 48.39 -9.77 32.24
CA GLY F 195 49.26 -8.66 31.92
C GLY F 195 49.12 -8.23 30.47
N LEU F 196 49.01 -9.19 29.56
CA LEU F 196 49.02 -8.86 28.13
C LEU F 196 47.73 -8.19 27.68
N LEU F 197 46.63 -8.41 28.40
CA LEU F 197 45.32 -7.92 27.97
C LEU F 197 44.97 -6.65 28.75
N ALA F 198 45.34 -5.50 28.18
CA ALA F 198 44.86 -4.22 28.69
C ALA F 198 43.50 -3.84 28.12
N ASP F 199 43.00 -4.58 27.15
CA ASP F 199 41.66 -4.40 26.59
C ASP F 199 40.57 -5.09 27.42
N VAL F 200 40.93 -5.68 28.56
CA VAL F 200 39.91 -6.09 29.53
C VAL F 200 39.11 -4.86 29.98
N ALA F 201 39.80 -3.75 30.24
CA ALA F 201 39.11 -2.52 30.60
C ALA F 201 38.12 -2.09 29.52
N ARG F 202 38.42 -2.39 28.25
CA ARG F 202 37.48 -2.08 27.19
C ARG F 202 36.25 -2.97 27.23
N ASP F 203 36.34 -4.16 27.84
CA ASP F 203 35.24 -5.12 27.86
C ASP F 203 34.69 -5.42 29.25
N ARG F 204 35.46 -5.19 30.31
CA ARG F 204 35.11 -5.69 31.65
C ARG F 204 33.79 -5.12 32.15
ZN ZN J . 10.49 -19.64 -35.66
ZN ZN K . 21.17 -35.58 30.97
MG MG L . 1.84 8.47 -6.02
#